data_7MLY
#
_entry.id   7MLY
#
loop_
_entity.id
_entity.type
_entity.pdbx_description
1 polymer '3D1 Fab Light Chain'
2 polymer '3D1 Fab Heavy Chain'
3 polymer 'Glycine receptor alpha 1'
4 polymer 'Glycine receptor beta'
5 branched alpha-D-mannopyranose-(1-2)-alpha-D-mannopyranose-(1-3)-beta-D-mannopyranose-(1-4)-2-acetamido-2-deoxy-beta-D-glucopyranose-(1-4)-2-acetamido-2-deoxy-beta-D-glucopyranose
6 branched alpha-D-mannopyranose-(1-3)-[alpha-D-mannopyranose-(1-6)]beta-D-mannopyranose-(1-4)-2-acetamido-2-deoxy-beta-D-glucopyranose-(1-4)-2-acetamido-2-deoxy-beta-D-glucopyranose
7 branched alpha-D-mannopyranose-(1-6)-beta-D-mannopyranose-(1-4)-2-acetamido-2-deoxy-beta-D-glucopyranose-(1-4)-2-acetamido-2-deoxy-beta-D-glucopyranose
8 branched beta-D-mannopyranose-(1-4)-2-acetamido-2-deoxy-beta-D-glucopyranose-(1-4)-2-acetamido-2-deoxy-beta-D-glucopyranose
9 non-polymer HEPTANE
10 non-polymer nonane
11 non-polymer PENTANE
12 non-polymer PENTADECANE
13 non-polymer DECANE
14 non-polymer N-BUTANE
15 non-polymer GLYCINE
16 non-polymer DODECANE
17 non-polymer N-OCTANE
18 non-polymer HEXANE
19 non-polymer UNDECANE
#
loop_
_entity_poly.entity_id
_entity_poly.type
_entity_poly.pdbx_seq_one_letter_code
_entity_poly.pdbx_strand_id
1 'polypeptide(L)'
;DIVMTQSHKFMSTSVGDRVSITCKASQDVSTAVAWYQQKPGQSPKLLIYWASTRHTGVPGRFTGSGSGTDYTLTISSVQA
EDLSLYYCQQHYSTPRTFGGGTKLEIK
;
J,K,M,I
2 'polypeptide(L)'
;QVQLQQSGAELMKPGAAVKISCKATGHTISRYWIDWLKQRPGHGLEWIGEILPGSGSTNYNEKFKGKATFTAEKSSNTAY
MQLSSLTSEDSAVYYCAMGVRGNYFDYWGQGTTLTVSS
;
G,F,L,H
3 'polypeptide(L)'
;MYRFNTLRLYLWETIVFFSLAASKEAEAARSASKPMSPSDFLDKLMGRTSGYDARIRPNFKGPPVNVSCNIFINSFGSIA
ETTMDYRVNIFLRQQWNDPRLAYNEYPDDSLDLDPSMLDSIWKPDLFFANEKGAHFHEITTDNKLLRISRNGNVLYSIRI
TLTLACPMDLKNFPMDVQTCIMQLESFGYTMNDLIFEWQEQGAVQVADGLTLPQFILKEEKDLRYCTKHYNTGKFTCIEA
RFHLERQMGYYLIQMYIPSLLIVILSWISFWINMDAAPARVGLGITTVLTMTTQSSGSRASLPKVSYVKAIDIWMAVCLL
FVFSALLEYAAVNFVSRQHKELLRFRRKRRHHKSPMLNLFQEDEAGEGRFNFSAYGMGPACLQAKDGISVKGANNTTTNP
PPAPSKSPEEMRKLFIQRAKKIDKISRIGFPMAFLIFNMFYWIIYKI
;
D,A,B,C
4 'polypeptide(L)'
;MKFLLAVAFFILISLWVEEAYSKEKSSKKGKGKKKQYLCPSQQSAEDLARVPANSTSNILNRLLVSYDPRIRPNFKGIPV
DVVVNIFINSFGSIQETTMDYRVNIFLRQKWNDPRLKLPSDFRGSDALTVDPTMYKCLWKPDLFFANEKSANFHDVTQEN
ILLFIFRDGDVLVSMRLSITLSCPLDLTLFPMDTQRCKMQLESFGYTTDDLRFIWQSGDPVQLEKIALPQFDIKKEDIEY
GNCTKYYKGTGYYTCVEVIFTLRRQVGFYMMGVYAPTLLIVVLSWLSFWINPDASAARVPLGIFSVLSLASECTTLAAEL
PKVSYVKALDVWLIACLLFGFASLVEYAVVQVMLNNPKRVEAEKARIAKAEQADGKGANAVKKNTVNGTGTPVHISTLQV
GETRCKKVCTSKSDLRSNDFSIVGSLPRDFELSNYDCYGKPIEVNNGLGKSQAKNNKKPPPAKPVIPTAAKRIDLYARAL
FPFCFLFFNVIYWSIYL
;
E
#
loop_
_chem_comp.id
_chem_comp.type
_chem_comp.name
_chem_comp.formula
BMA D-saccharide, beta linking beta-D-mannopyranose 'C6 H12 O6'
D10 non-polymer DECANE 'C10 H22'
D12 non-polymer DODECANE 'C12 H26'
DD9 non-polymer nonane 'C9 H20'
HEX non-polymer HEXANE 'C6 H14'
HP6 non-polymer HEPTANE 'C7 H16'
LNK non-polymer PENTANE 'C5 H12'
MAN D-saccharide, alpha linking alpha-D-mannopyranose 'C6 H12 O6'
MYS non-polymer PENTADECANE 'C15 H32'
NAG D-saccharide, beta linking 2-acetamido-2-deoxy-beta-D-glucopyranose 'C8 H15 N O6'
NBU non-polymer N-BUTANE 'C4 H10'
OCT non-polymer N-OCTANE 'C8 H18'
UND non-polymer UNDECANE 'C11 H24'
#
# COMPACT_ATOMS: atom_id res chain seq x y z
N ILE A 2 -28.73 -24.24 34.13
CA ILE A 2 -28.88 -23.36 35.28
C ILE A 2 -30.35 -23.20 35.64
N VAL A 3 -30.65 -23.31 36.93
CA VAL A 3 -32.02 -23.28 37.44
C VAL A 3 -32.25 -21.95 38.13
N MET A 4 -33.31 -21.26 37.73
CA MET A 4 -33.71 -19.98 38.32
C MET A 4 -34.95 -20.24 39.16
N THR A 5 -34.74 -20.44 40.46
CA THR A 5 -35.80 -20.89 41.37
C THR A 5 -36.35 -19.70 42.13
N GLN A 6 -37.50 -19.19 41.71
CA GLN A 6 -38.22 -18.21 42.51
C GLN A 6 -38.90 -18.90 43.68
N SER A 7 -38.90 -18.24 44.84
CA SER A 7 -39.39 -18.88 46.05
C SER A 7 -40.91 -19.01 46.02
N HIS A 8 -41.61 -17.89 45.95
CA HIS A 8 -43.06 -17.87 46.06
C HIS A 8 -43.70 -17.75 44.69
N LYS A 9 -44.83 -18.44 44.51
CA LYS A 9 -45.54 -18.40 43.24
C LYS A 9 -46.50 -17.21 43.17
N PHE A 10 -47.27 -16.98 44.22
CA PHE A 10 -48.26 -15.93 44.25
C PHE A 10 -47.88 -14.88 45.29
N MET A 11 -48.19 -13.62 44.98
CA MET A 11 -47.97 -12.52 45.91
C MET A 11 -49.02 -11.45 45.64
N SER A 12 -49.71 -11.02 46.69
CA SER A 12 -50.78 -10.03 46.56
C SER A 12 -50.66 -9.01 47.68
N THR A 13 -50.97 -7.76 47.35
CA THR A 13 -50.93 -6.66 48.31
C THR A 13 -51.58 -5.44 47.66
N SER A 14 -51.99 -4.50 48.50
CA SER A 14 -52.71 -3.33 48.03
C SER A 14 -51.77 -2.35 47.35
N VAL A 15 -52.33 -1.24 46.87
CA VAL A 15 -51.53 -0.22 46.20
C VAL A 15 -50.56 0.41 47.19
N GLY A 16 -49.40 0.79 46.68
CA GLY A 16 -48.39 1.44 47.51
C GLY A 16 -47.78 0.53 48.56
N ASP A 17 -47.15 -0.55 48.12
CA ASP A 17 -46.52 -1.50 49.03
C ASP A 17 -45.15 -1.88 48.50
N ARG A 18 -44.33 -2.44 49.39
CA ARG A 18 -42.98 -2.88 49.06
C ARG A 18 -42.95 -4.39 49.02
N VAL A 19 -42.58 -4.96 47.87
CA VAL A 19 -42.56 -6.40 47.66
C VAL A 19 -41.21 -6.80 47.10
N SER A 20 -40.64 -7.88 47.64
CA SER A 20 -39.35 -8.40 47.22
C SER A 20 -39.57 -9.74 46.55
N ILE A 21 -39.33 -9.79 45.24
CA ILE A 21 -39.57 -10.99 44.44
C ILE A 21 -38.22 -11.68 44.26
N THR A 22 -37.91 -12.60 45.17
CA THR A 22 -36.60 -13.23 45.17
C THR A 22 -36.45 -14.21 44.02
N CYS A 23 -35.26 -14.24 43.43
CA CYS A 23 -34.93 -15.18 42.36
C CYS A 23 -33.53 -15.72 42.63
N LYS A 24 -33.46 -16.91 43.20
CA LYS A 24 -32.20 -17.51 43.62
C LYS A 24 -31.75 -18.53 42.59
N ALA A 25 -30.59 -18.29 42.00
CA ALA A 25 -30.04 -19.17 40.96
C ALA A 25 -29.15 -20.24 41.57
N SER A 26 -28.91 -21.29 40.79
CA SER A 26 -28.08 -22.40 41.24
C SER A 26 -26.60 -22.11 41.10
N GLN A 27 -26.22 -21.16 40.23
CA GLN A 27 -24.82 -20.82 40.02
C GLN A 27 -24.67 -19.31 40.01
N ASP A 28 -23.54 -18.84 40.54
CA ASP A 28 -23.20 -17.42 40.52
C ASP A 28 -22.73 -17.05 39.12
N VAL A 29 -23.72 -16.90 38.23
CA VAL A 29 -23.43 -16.61 36.83
C VAL A 29 -22.78 -15.23 36.69
N SER A 30 -23.51 -14.19 37.04
CA SER A 30 -23.06 -12.80 37.00
C SER A 30 -24.14 -11.98 37.70
N THR A 31 -24.06 -10.66 37.55
CA THR A 31 -25.21 -9.83 37.86
C THR A 31 -26.24 -9.81 36.74
N ALA A 32 -26.13 -10.74 35.79
CA ALA A 32 -27.01 -10.80 34.61
C ALA A 32 -28.33 -11.46 35.00
N VAL A 33 -29.35 -10.65 35.23
CA VAL A 33 -30.70 -11.14 35.50
C VAL A 33 -31.70 -10.16 34.91
N ALA A 34 -32.68 -10.68 34.18
CA ALA A 34 -33.71 -9.87 33.58
C ALA A 34 -35.05 -10.17 34.23
N TRP A 35 -35.92 -9.17 34.27
CA TRP A 35 -37.23 -9.27 34.91
C TRP A 35 -38.28 -8.85 33.91
N TYR A 36 -39.22 -9.75 33.62
CA TYR A 36 -40.23 -9.55 32.59
C TYR A 36 -41.61 -9.44 33.22
N GLN A 37 -42.44 -8.58 32.64
CA GLN A 37 -43.84 -8.44 33.04
C GLN A 37 -44.71 -8.87 31.88
N GLN A 38 -45.60 -9.82 32.13
CA GLN A 38 -46.51 -10.34 31.10
C GLN A 38 -47.94 -10.17 31.60
N LYS A 39 -48.63 -9.18 31.07
CA LYS A 39 -50.05 -9.04 31.34
C LYS A 39 -50.82 -10.16 30.64
N PRO A 40 -51.92 -10.62 31.23
CA PRO A 40 -52.61 -11.81 30.69
C PRO A 40 -53.13 -11.58 29.28
N GLY A 41 -52.59 -12.35 28.34
CA GLY A 41 -53.05 -12.33 26.97
C GLY A 41 -52.16 -11.61 25.99
N GLN A 42 -50.95 -11.21 26.38
CA GLN A 42 -50.07 -10.48 25.49
C GLN A 42 -48.63 -10.95 25.69
N SER A 43 -47.75 -10.45 24.84
CA SER A 43 -46.34 -10.80 24.92
C SER A 43 -45.72 -10.22 26.18
N PRO A 44 -44.76 -10.93 26.78
CA PRO A 44 -44.04 -10.36 27.92
C PRO A 44 -43.29 -9.10 27.51
N LYS A 45 -42.90 -8.32 28.51
CA LYS A 45 -42.20 -7.07 28.27
C LYS A 45 -41.00 -7.00 29.20
N LEU A 46 -39.91 -6.40 28.72
CA LEU A 46 -38.69 -6.30 29.50
C LEU A 46 -38.80 -5.13 30.47
N LEU A 47 -38.40 -5.36 31.72
CA LEU A 47 -38.38 -4.33 32.74
C LEU A 47 -36.96 -4.02 33.20
N ILE A 48 -36.23 -5.03 33.64
CA ILE A 48 -34.88 -4.86 34.17
C ILE A 48 -33.97 -5.86 33.47
N TYR A 49 -32.79 -5.41 33.08
CA TYR A 49 -31.76 -6.29 32.56
C TYR A 49 -30.43 -5.96 33.19
N TRP A 50 -29.61 -7.00 33.37
CA TRP A 50 -28.39 -6.95 34.18
C TRP A 50 -28.69 -6.70 35.65
N ALA A 51 -29.94 -6.94 36.06
CA ALA A 51 -30.37 -6.91 37.46
C ALA A 51 -30.49 -5.50 38.02
N SER A 52 -30.07 -4.49 37.27
CA SER A 52 -30.15 -3.12 37.77
C SER A 52 -30.67 -2.09 36.78
N THR A 53 -30.53 -2.30 35.47
CA THR A 53 -30.88 -1.26 34.51
C THR A 53 -32.36 -1.31 34.18
N ARG A 54 -32.83 -0.28 33.46
CA ARG A 54 -34.22 -0.16 33.08
C ARG A 54 -34.33 -0.09 31.56
N HIS A 55 -35.26 -0.86 31.00
CA HIS A 55 -35.51 -0.79 29.57
C HIS A 55 -36.21 0.53 29.24
N THR A 56 -36.07 0.94 27.99
CA THR A 56 -36.70 2.17 27.49
C THR A 56 -38.21 2.13 27.66
N GLY A 57 -38.75 2.97 28.54
CA GLY A 57 -40.17 3.04 28.75
C GLY A 57 -40.67 2.43 30.04
N VAL A 58 -39.79 2.08 30.96
CA VAL A 58 -40.20 1.53 32.25
C VAL A 58 -40.17 2.64 33.29
N PRO A 59 -41.28 3.35 33.51
CA PRO A 59 -41.22 4.56 34.34
C PRO A 59 -41.19 4.26 35.83
N GLY A 60 -40.01 4.40 36.44
CA GLY A 60 -39.87 4.32 37.88
C GLY A 60 -40.39 3.07 38.53
N ARG A 61 -40.33 3.03 39.87
CA ARG A 61 -40.89 1.97 40.72
C ARG A 61 -40.51 0.56 40.27
N PHE A 62 -39.37 0.40 39.61
CA PHE A 62 -38.83 -0.90 39.23
C PHE A 62 -37.33 -0.86 39.46
N THR A 63 -36.85 -1.57 40.48
CA THR A 63 -35.44 -1.55 40.84
C THR A 63 -35.00 -2.98 41.14
N GLY A 64 -33.96 -3.43 40.46
CA GLY A 64 -33.34 -4.70 40.77
C GLY A 64 -32.20 -4.53 41.77
N SER A 65 -31.63 -5.66 42.16
CA SER A 65 -30.53 -5.66 43.12
C SER A 65 -29.98 -7.08 43.20
N GLY A 66 -29.01 -7.27 44.09
CA GLY A 66 -28.44 -8.57 44.35
C GLY A 66 -27.25 -8.89 43.45
N SER A 67 -26.63 -10.03 43.72
CA SER A 67 -25.49 -10.51 42.97
C SER A 67 -25.28 -11.97 43.35
N GLY A 68 -24.25 -12.59 42.75
CA GLY A 68 -23.97 -13.97 43.01
C GLY A 68 -25.08 -14.89 42.56
N THR A 69 -25.83 -15.43 43.52
CA THR A 69 -26.97 -16.28 43.22
C THR A 69 -28.28 -15.76 43.81
N ASP A 70 -28.27 -14.66 44.54
CA ASP A 70 -29.47 -14.08 45.11
C ASP A 70 -29.79 -12.76 44.45
N TYR A 71 -31.07 -12.54 44.14
CA TYR A 71 -31.52 -11.34 43.45
C TYR A 71 -32.82 -10.87 44.08
N THR A 72 -33.39 -9.80 43.51
CA THR A 72 -34.63 -9.23 44.02
C THR A 72 -35.14 -8.20 43.03
N LEU A 73 -36.46 -8.15 42.85
CA LEU A 73 -37.13 -7.12 42.05
C LEU A 73 -38.10 -6.40 42.97
N THR A 74 -37.69 -5.24 43.47
CA THR A 74 -38.44 -4.50 44.47
C THR A 74 -39.31 -3.44 43.81
N ILE A 75 -40.52 -3.26 44.35
CA ILE A 75 -41.46 -2.25 43.88
C ILE A 75 -42.12 -1.63 45.10
N SER A 76 -42.21 -0.30 45.12
CA SER A 76 -42.79 0.42 46.24
C SER A 76 -44.12 1.08 45.89
N SER A 77 -44.19 1.81 44.78
CA SER A 77 -45.44 2.45 44.35
C SER A 77 -46.26 1.50 43.48
N VAL A 78 -46.67 0.39 44.10
CA VAL A 78 -47.38 -0.68 43.39
C VAL A 78 -48.77 -0.19 43.01
N GLN A 79 -48.96 0.12 41.73
CA GLN A 79 -50.28 0.46 41.23
C GLN A 79 -51.08 -0.82 41.02
N ALA A 80 -52.34 -0.66 40.57
CA ALA A 80 -53.15 -1.82 40.28
C ALA A 80 -52.67 -2.55 39.03
N GLU A 81 -51.92 -1.88 38.16
CA GLU A 81 -51.43 -2.47 36.92
C GLU A 81 -50.10 -3.18 37.10
N ASP A 82 -49.70 -3.47 38.33
CA ASP A 82 -48.47 -4.19 38.61
C ASP A 82 -48.70 -5.60 39.14
N LEU A 83 -49.95 -6.04 39.23
CA LEU A 83 -50.26 -7.41 39.64
C LEU A 83 -50.39 -8.24 38.37
N SER A 84 -49.33 -8.95 38.01
CA SER A 84 -49.26 -9.74 36.80
C SER A 84 -48.19 -10.79 36.98
N LEU A 85 -47.75 -11.39 35.88
CA LEU A 85 -46.68 -12.38 35.91
C LEU A 85 -45.33 -11.69 35.83
N TYR A 86 -44.42 -12.06 36.73
CA TYR A 86 -43.07 -11.51 36.79
C TYR A 86 -42.06 -12.64 36.68
N TYR A 87 -41.26 -12.61 35.63
CA TYR A 87 -40.29 -13.64 35.34
C TYR A 87 -38.88 -13.10 35.48
N CYS A 88 -38.05 -13.80 36.24
CA CYS A 88 -36.63 -13.51 36.33
C CYS A 88 -35.88 -14.40 35.35
N GLN A 89 -34.94 -13.80 34.62
CA GLN A 89 -34.27 -14.48 33.53
C GLN A 89 -32.76 -14.31 33.67
N GLN A 90 -32.05 -15.42 33.72
CA GLN A 90 -30.59 -15.41 33.72
C GLN A 90 -30.09 -15.47 32.28
N HIS A 91 -29.26 -14.51 31.90
CA HIS A 91 -28.68 -14.46 30.57
C HIS A 91 -27.15 -14.44 30.65
N TYR A 92 -26.61 -15.29 31.52
CA TYR A 92 -25.17 -15.45 31.68
C TYR A 92 -24.78 -16.90 31.44
N SER A 93 -25.38 -17.52 30.43
CA SER A 93 -25.13 -18.93 30.10
C SER A 93 -25.78 -19.21 28.77
N THR A 94 -25.42 -20.37 28.18
CA THR A 94 -25.98 -20.72 26.88
C THR A 94 -27.43 -21.13 26.98
N PRO A 95 -27.81 -22.14 27.76
CA PRO A 95 -29.24 -22.46 27.90
C PRO A 95 -29.95 -21.45 28.77
N ARG A 96 -30.73 -20.56 28.16
CA ARG A 96 -31.40 -19.50 28.89
C ARG A 96 -32.65 -20.06 29.57
N THR A 97 -32.84 -19.71 30.83
CA THR A 97 -33.94 -20.22 31.62
C THR A 97 -34.57 -19.09 32.41
N PHE A 98 -35.90 -19.04 32.44
CA PHE A 98 -36.56 -18.03 33.24
C PHE A 98 -36.77 -18.59 34.64
N GLY A 99 -37.58 -17.90 35.44
CA GLY A 99 -37.94 -18.38 36.77
C GLY A 99 -39.23 -19.18 36.73
N GLY A 100 -39.88 -19.24 37.89
CA GLY A 100 -41.14 -19.93 38.04
C GLY A 100 -42.36 -19.03 38.01
N GLY A 101 -42.23 -17.79 37.56
CA GLY A 101 -43.35 -16.88 37.51
C GLY A 101 -43.80 -16.42 38.89
N THR A 102 -44.49 -15.28 38.94
CA THR A 102 -45.00 -14.76 40.20
C THR A 102 -46.11 -13.75 39.97
N VAL B 2 -38.49 -1.51 15.58
CA VAL B 2 -38.36 -2.94 15.38
C VAL B 2 -39.60 -3.66 15.86
N GLN B 3 -40.05 -4.64 15.08
CA GLN B 3 -41.27 -5.37 15.37
C GLN B 3 -41.17 -6.77 14.79
N LEU B 4 -41.89 -7.71 15.39
CA LEU B 4 -41.88 -9.10 14.97
C LEU B 4 -43.32 -9.59 14.86
N GLN B 5 -43.74 -9.97 13.66
CA GLN B 5 -45.08 -10.45 13.39
C GLN B 5 -45.03 -11.95 13.15
N GLN B 6 -45.68 -12.72 14.01
CA GLN B 6 -45.69 -14.17 13.87
C GLN B 6 -46.85 -14.59 12.98
N SER B 7 -47.12 -15.89 12.94
CA SER B 7 -48.25 -16.44 12.22
C SER B 7 -49.48 -16.44 13.11
N GLY B 8 -50.60 -16.91 12.57
CA GLY B 8 -51.84 -17.00 13.32
C GLY B 8 -51.87 -18.22 14.20
N ALA B 9 -53.07 -18.50 14.72
CA ALA B 9 -53.26 -19.66 15.56
C ALA B 9 -53.08 -20.95 14.76
N GLU B 10 -52.46 -21.94 15.38
CA GLU B 10 -52.22 -23.23 14.75
C GLU B 10 -53.04 -24.31 15.44
N LEU B 11 -53.37 -25.36 14.67
CA LEU B 11 -54.15 -26.48 15.19
C LEU B 11 -53.68 -27.73 14.44
N MET B 12 -52.89 -28.56 15.12
CA MET B 12 -52.31 -29.75 14.52
C MET B 12 -52.67 -30.98 15.34
N LYS B 13 -52.55 -32.16 14.70
CA LYS B 13 -52.90 -33.44 15.26
C LYS B 13 -51.67 -34.16 15.79
N PRO B 14 -51.84 -35.01 16.80
CA PRO B 14 -50.69 -35.67 17.44
C PRO B 14 -49.91 -36.55 16.49
N GLY B 15 -48.68 -36.15 16.18
CA GLY B 15 -47.82 -36.87 15.26
C GLY B 15 -47.41 -36.09 14.03
N ALA B 16 -48.10 -35.01 13.71
CA ALA B 16 -47.79 -34.22 12.53
C ALA B 16 -46.66 -33.23 12.87
N ALA B 17 -46.39 -32.31 11.96
CA ALA B 17 -45.38 -31.28 12.17
C ALA B 17 -45.92 -29.94 11.73
N VAL B 18 -45.49 -28.89 12.42
CA VAL B 18 -45.95 -27.53 12.17
C VAL B 18 -44.75 -26.61 12.05
N LYS B 19 -44.84 -25.62 11.16
CA LYS B 19 -43.80 -24.64 10.94
C LYS B 19 -44.32 -23.26 11.30
N ILE B 20 -43.73 -22.64 12.31
CA ILE B 20 -44.12 -21.31 12.77
C ILE B 20 -43.17 -20.29 12.17
N SER B 21 -43.72 -19.16 11.74
CA SER B 21 -42.94 -18.09 11.15
C SER B 21 -42.74 -16.96 12.15
N CYS B 22 -41.84 -16.04 11.79
CA CYS B 22 -41.59 -14.83 12.59
C CYS B 22 -41.20 -13.73 11.62
N LYS B 23 -42.19 -12.95 11.19
CA LYS B 23 -41.97 -11.90 10.21
C LYS B 23 -41.30 -10.70 10.86
N ALA B 24 -40.19 -10.25 10.27
CA ALA B 24 -39.46 -9.09 10.77
C ALA B 24 -39.86 -7.87 9.95
N THR B 25 -40.43 -6.87 10.61
CA THR B 25 -40.91 -5.65 9.96
C THR B 25 -40.23 -4.46 10.64
N GLY B 26 -39.10 -4.05 10.10
CA GLY B 26 -38.36 -2.93 10.66
C GLY B 26 -36.86 -3.10 10.56
N HIS B 27 -36.41 -4.31 10.20
CA HIS B 27 -34.99 -4.56 10.05
C HIS B 27 -34.81 -5.78 9.16
N THR B 28 -33.64 -5.84 8.52
CA THR B 28 -33.30 -7.01 7.73
C THR B 28 -33.23 -8.24 8.63
N ILE B 29 -33.86 -9.33 8.17
CA ILE B 29 -33.95 -10.52 9.02
C ILE B 29 -32.58 -11.14 9.28
N SER B 30 -31.63 -10.93 8.37
CA SER B 30 -30.29 -11.49 8.52
C SER B 30 -29.39 -10.64 9.39
N ARG B 31 -29.96 -9.76 10.21
CA ARG B 31 -29.21 -8.79 10.98
C ARG B 31 -28.96 -9.24 12.42
N TYR B 32 -30.01 -9.65 13.13
CA TYR B 32 -29.91 -9.98 14.54
C TYR B 32 -30.22 -11.45 14.76
N TRP B 33 -29.80 -11.96 15.91
CA TRP B 33 -30.20 -13.30 16.33
C TRP B 33 -31.68 -13.31 16.70
N ILE B 34 -32.43 -14.25 16.12
CA ILE B 34 -33.84 -14.43 16.41
C ILE B 34 -33.97 -15.59 17.39
N ASP B 35 -34.46 -15.33 18.58
CA ASP B 35 -34.63 -16.34 19.62
C ASP B 35 -36.06 -16.87 19.60
N TRP B 36 -36.21 -18.14 19.93
CA TRP B 36 -37.50 -18.81 19.97
C TRP B 36 -37.76 -19.33 21.38
N LEU B 37 -38.87 -18.91 21.97
CA LEU B 37 -39.22 -19.31 23.32
C LEU B 37 -40.49 -20.15 23.30
N LYS B 38 -40.87 -20.66 24.47
CA LYS B 38 -42.02 -21.54 24.62
C LYS B 38 -42.71 -21.23 25.94
N GLN B 39 -43.95 -20.78 25.88
CA GLN B 39 -44.75 -20.51 27.07
C GLN B 39 -45.91 -21.49 27.13
N ARG B 40 -45.90 -22.35 28.15
CA ARG B 40 -46.95 -23.32 28.36
C ARG B 40 -47.65 -23.04 29.68
N PRO B 41 -48.98 -23.07 29.73
CA PRO B 41 -49.68 -22.83 31.00
C PRO B 41 -49.35 -23.91 32.01
N GLY B 42 -49.09 -23.48 33.25
CA GLY B 42 -48.58 -24.36 34.28
C GLY B 42 -47.09 -24.24 34.49
N HIS B 43 -46.39 -23.56 33.60
CA HIS B 43 -44.96 -23.32 33.72
C HIS B 43 -44.65 -21.95 33.14
N GLY B 44 -43.46 -21.45 33.43
CA GLY B 44 -43.01 -20.19 32.87
C GLY B 44 -42.59 -20.34 31.42
N LEU B 45 -41.83 -19.37 30.95
CA LEU B 45 -41.29 -19.48 29.61
C LEU B 45 -40.17 -20.53 29.58
N GLU B 46 -39.68 -20.78 28.37
CA GLU B 46 -38.59 -21.73 28.16
C GLU B 46 -37.95 -21.43 26.82
N TRP B 47 -36.63 -21.33 26.81
CA TRP B 47 -35.90 -20.92 25.62
C TRP B 47 -35.66 -22.13 24.71
N ILE B 48 -36.10 -22.02 23.46
CA ILE B 48 -35.93 -23.11 22.50
C ILE B 48 -34.54 -23.08 21.89
N GLY B 49 -34.22 -22.01 21.18
CA GLY B 49 -32.93 -21.87 20.54
C GLY B 49 -32.70 -20.50 19.96
N GLU B 50 -31.89 -20.43 18.90
CA GLU B 50 -31.62 -19.16 18.24
C GLU B 50 -31.10 -19.45 16.85
N ILE B 51 -31.42 -18.57 15.90
CA ILE B 51 -30.97 -18.70 14.52
C ILE B 51 -30.59 -17.32 14.00
N LEU B 52 -29.40 -17.23 13.42
CA LEU B 52 -28.99 -16.03 12.72
C LEU B 52 -29.39 -16.19 11.26
N PRO B 53 -30.45 -15.52 10.78
CA PRO B 53 -31.03 -15.88 9.49
C PRO B 53 -30.14 -15.64 8.27
N GLY B 54 -28.92 -15.13 8.44
CA GLY B 54 -28.06 -14.91 7.30
C GLY B 54 -26.95 -15.93 7.18
N SER B 55 -26.54 -16.51 8.30
CA SER B 55 -25.43 -17.44 8.33
C SER B 55 -25.84 -18.88 8.57
N GLY B 56 -27.13 -19.14 8.78
CA GLY B 56 -27.58 -20.49 9.04
C GLY B 56 -27.04 -21.12 10.29
N SER B 57 -26.54 -20.32 11.23
CA SER B 57 -26.07 -20.82 12.51
C SER B 57 -27.22 -20.90 13.49
N THR B 58 -27.19 -21.91 14.36
CA THR B 58 -28.25 -22.12 15.33
C THR B 58 -27.67 -22.64 16.63
N ASN B 59 -28.38 -22.38 17.73
CA ASN B 59 -28.03 -22.90 19.05
C ASN B 59 -29.32 -23.39 19.69
N TYR B 60 -29.59 -24.68 19.57
CA TYR B 60 -30.79 -25.27 20.14
C TYR B 60 -30.56 -25.62 21.61
N ASN B 61 -31.63 -25.51 22.40
CA ASN B 61 -31.57 -26.02 23.75
C ASN B 61 -31.49 -27.55 23.71
N GLU B 62 -30.95 -28.13 24.77
CA GLU B 62 -30.77 -29.58 24.81
C GLU B 62 -32.09 -30.31 24.71
N LYS B 63 -33.13 -29.78 25.39
CA LYS B 63 -34.42 -30.46 25.41
C LYS B 63 -35.13 -30.43 24.06
N PHE B 64 -34.79 -29.49 23.19
CA PHE B 64 -35.54 -29.27 21.96
C PHE B 64 -34.77 -29.68 20.71
N LYS B 65 -33.63 -30.34 20.86
CA LYS B 65 -32.91 -30.84 19.69
C LYS B 65 -33.69 -31.96 19.04
N GLY B 66 -33.80 -31.91 17.71
CA GLY B 66 -34.62 -32.85 16.99
C GLY B 66 -36.10 -32.55 17.00
N LYS B 67 -36.56 -31.64 17.86
CA LYS B 67 -37.96 -31.24 17.95
C LYS B 67 -38.24 -29.95 17.20
N ALA B 68 -37.34 -28.97 17.28
CA ALA B 68 -37.48 -27.71 16.58
C ALA B 68 -36.40 -27.59 15.51
N THR B 69 -36.78 -27.06 14.35
CA THR B 69 -35.87 -26.89 13.22
C THR B 69 -35.96 -25.43 12.76
N PHE B 70 -34.86 -24.70 12.91
CA PHE B 70 -34.83 -23.28 12.60
C PHE B 70 -34.36 -23.08 11.16
N THR B 71 -35.05 -22.23 10.42
CA THR B 71 -34.65 -21.86 9.07
C THR B 71 -34.90 -20.37 8.91
N ALA B 72 -34.79 -19.89 7.67
CA ALA B 72 -35.02 -18.48 7.38
C ALA B 72 -35.17 -18.32 5.88
N GLU B 73 -35.58 -17.13 5.47
CA GLU B 73 -35.79 -16.83 4.05
C GLU B 73 -35.60 -15.32 3.88
N LYS B 74 -34.44 -14.94 3.35
CA LYS B 74 -34.15 -13.53 3.14
C LYS B 74 -35.11 -12.88 2.14
N SER B 75 -35.75 -13.67 1.28
CA SER B 75 -36.74 -13.14 0.36
C SER B 75 -37.96 -12.58 1.07
N SER B 76 -38.24 -13.05 2.29
CA SER B 76 -39.40 -12.62 3.04
C SER B 76 -39.08 -12.02 4.40
N ASN B 77 -37.79 -11.92 4.77
CA ASN B 77 -37.37 -11.35 6.04
C ASN B 77 -37.96 -12.11 7.23
N THR B 78 -38.20 -13.41 7.06
CA THR B 78 -38.90 -14.18 8.08
C THR B 78 -38.08 -15.39 8.49
N ALA B 79 -38.06 -15.67 9.79
CA ALA B 79 -37.46 -16.87 10.33
C ALA B 79 -38.54 -17.90 10.60
N TYR B 80 -38.18 -19.17 10.40
CA TYR B 80 -39.12 -20.28 10.49
C TYR B 80 -38.68 -21.25 11.57
N MET B 81 -39.59 -21.60 12.47
CA MET B 81 -39.39 -22.71 13.39
C MET B 81 -40.37 -23.82 13.03
N GLN B 82 -39.88 -25.06 13.07
CA GLN B 82 -40.68 -26.22 12.65
C GLN B 82 -40.60 -27.28 13.73
N LEU B 83 -41.72 -27.53 14.40
CA LEU B 83 -41.82 -28.61 15.37
C LEU B 83 -42.32 -29.87 14.67
N SER B 84 -41.66 -30.99 14.97
CA SER B 84 -42.02 -32.27 14.37
C SER B 84 -42.30 -33.28 15.47
N SER B 85 -43.07 -34.31 15.11
CA SER B 85 -43.48 -35.34 16.05
C SER B 85 -44.28 -34.73 17.21
N LEU B 86 -45.34 -34.00 16.86
CA LEU B 86 -46.13 -33.29 17.85
C LEU B 86 -46.81 -34.27 18.79
N THR B 87 -46.86 -33.92 20.06
CA THR B 87 -47.55 -34.71 21.08
C THR B 87 -48.43 -33.82 21.93
N SER B 88 -48.99 -34.36 23.01
CA SER B 88 -49.81 -33.56 23.90
C SER B 88 -49.01 -32.61 24.77
N GLU B 89 -47.69 -32.71 24.75
CA GLU B 89 -46.82 -31.83 25.52
C GLU B 89 -46.38 -30.60 24.75
N ASP B 90 -46.92 -30.40 23.55
CA ASP B 90 -46.57 -29.23 22.74
C ASP B 90 -47.61 -28.12 22.81
N SER B 91 -48.75 -28.35 23.44
CA SER B 91 -49.76 -27.32 23.58
C SER B 91 -49.21 -26.20 24.46
N ALA B 92 -48.89 -25.07 23.85
CA ALA B 92 -48.32 -23.93 24.55
C ALA B 92 -48.32 -22.74 23.61
N VAL B 93 -47.71 -21.64 24.04
CA VAL B 93 -47.54 -20.44 23.23
C VAL B 93 -46.08 -20.31 22.88
N TYR B 94 -45.78 -20.08 21.61
CA TYR B 94 -44.42 -20.01 21.11
C TYR B 94 -44.11 -18.59 20.66
N TYR B 95 -43.07 -18.00 21.23
CA TYR B 95 -42.66 -16.64 20.92
C TYR B 95 -41.35 -16.64 20.14
N CYS B 96 -41.07 -15.50 19.51
CA CYS B 96 -39.80 -15.27 18.82
C CYS B 96 -39.28 -13.92 19.29
N ALA B 97 -38.55 -13.93 20.40
CA ALA B 97 -37.96 -12.72 20.94
C ALA B 97 -36.65 -12.42 20.20
N MET B 98 -36.05 -11.27 20.52
CA MET B 98 -34.82 -10.87 19.86
C MET B 98 -34.07 -9.90 20.78
N GLY B 99 -33.05 -10.40 21.47
CA GLY B 99 -32.22 -9.57 22.30
C GLY B 99 -31.10 -8.93 21.50
N VAL B 100 -31.04 -7.60 21.48
CA VAL B 100 -30.10 -6.89 20.62
C VAL B 100 -28.80 -6.61 21.36
N ARG B 101 -28.88 -5.93 22.50
CA ARG B 101 -27.70 -5.52 23.26
C ARG B 101 -27.39 -6.49 24.40
N GLY B 102 -27.68 -7.76 24.23
CA GLY B 102 -27.39 -8.73 25.26
C GLY B 102 -28.23 -9.98 25.08
N ASN B 103 -28.06 -10.90 26.04
CA ASN B 103 -28.75 -12.18 26.03
C ASN B 103 -30.12 -12.12 26.68
N TYR B 104 -30.69 -10.93 26.84
CA TYR B 104 -32.06 -10.78 27.31
C TYR B 104 -32.99 -10.71 26.10
N PHE B 105 -34.27 -10.42 26.34
CA PHE B 105 -35.29 -10.44 25.28
C PHE B 105 -36.08 -9.14 25.37
N ASP B 106 -35.61 -8.11 24.67
CA ASP B 106 -36.27 -6.81 24.70
C ASP B 106 -37.29 -6.63 23.58
N TYR B 107 -37.28 -7.48 22.57
CA TYR B 107 -38.26 -7.47 21.50
C TYR B 107 -38.99 -8.80 21.45
N TRP B 108 -40.27 -8.76 21.08
CA TRP B 108 -41.13 -9.93 21.16
C TRP B 108 -42.12 -9.93 20.01
N GLY B 109 -42.71 -11.09 19.76
CA GLY B 109 -43.84 -11.21 18.85
C GLY B 109 -45.12 -11.39 19.64
N GLN B 110 -46.25 -11.33 18.92
CA GLN B 110 -47.54 -11.44 19.58
C GLN B 110 -47.75 -12.80 20.23
N GLY B 111 -47.06 -13.84 19.75
CA GLY B 111 -47.21 -15.16 20.32
C GLY B 111 -48.16 -16.04 19.54
N THR B 112 -47.68 -17.19 19.09
CA THR B 112 -48.47 -18.14 18.33
C THR B 112 -48.97 -19.24 19.26
N THR B 113 -50.26 -19.56 19.15
CA THR B 113 -50.89 -20.55 20.02
C THR B 113 -50.96 -21.89 19.30
N LEU B 114 -50.35 -22.91 19.89
CA LEU B 114 -50.36 -24.26 19.34
C LEU B 114 -51.26 -25.15 20.20
N THR B 115 -51.93 -26.09 19.54
CA THR B 115 -52.86 -27.00 20.22
C THR B 115 -52.71 -28.39 19.62
N VAL B 116 -52.12 -29.30 20.38
CA VAL B 116 -51.95 -30.68 19.95
C VAL B 116 -52.34 -31.65 21.05
N ILE C 2 50.56 -21.61 5.01
CA ILE C 2 50.40 -23.01 4.66
C ILE C 2 51.54 -23.44 3.74
N VAL C 3 52.04 -24.65 3.94
CA VAL C 3 53.14 -25.19 3.14
C VAL C 3 52.68 -26.56 2.62
N MET C 4 52.11 -26.55 1.42
CA MET C 4 51.74 -27.81 0.78
C MET C 4 53.00 -28.51 0.30
N THR C 5 53.02 -29.85 0.42
CA THR C 5 54.23 -30.61 0.15
C THR C 5 53.89 -31.89 -0.61
N GLN C 6 54.71 -32.20 -1.61
CA GLN C 6 54.62 -33.45 -2.34
C GLN C 6 55.97 -34.14 -2.20
N SER C 7 56.01 -35.24 -1.44
CA SER C 7 57.25 -35.91 -1.10
C SER C 7 57.74 -36.86 -2.18
N HIS C 8 57.24 -36.74 -3.41
CA HIS C 8 57.68 -37.58 -4.52
C HIS C 8 57.75 -36.70 -5.77
N LYS C 9 58.95 -36.16 -6.04
CA LYS C 9 59.15 -35.33 -7.22
C LYS C 9 58.93 -36.15 -8.49
N PHE C 10 59.35 -37.41 -8.49
CA PHE C 10 59.23 -38.28 -9.65
C PHE C 10 58.60 -39.59 -9.22
N MET C 11 57.55 -40.00 -9.94
CA MET C 11 56.92 -41.29 -9.72
C MET C 11 56.99 -42.12 -11.00
N SER C 12 57.12 -43.43 -10.83
CA SER C 12 57.19 -44.37 -11.94
C SER C 12 55.87 -45.12 -12.04
N THR C 13 55.36 -45.26 -13.26
CA THR C 13 54.09 -45.92 -13.47
C THR C 13 54.00 -46.39 -14.92
N SER C 14 53.46 -47.60 -15.11
CA SER C 14 53.24 -48.13 -16.43
C SER C 14 51.85 -47.75 -16.93
N VAL C 15 51.65 -47.86 -18.24
CA VAL C 15 50.38 -47.48 -18.85
C VAL C 15 49.31 -48.45 -18.35
N GLY C 16 48.40 -47.97 -17.51
CA GLY C 16 47.36 -48.80 -16.98
C GLY C 16 47.58 -49.20 -15.53
N ASP C 17 48.10 -48.28 -14.74
CA ASP C 17 48.36 -48.52 -13.33
C ASP C 17 47.60 -47.53 -12.47
N ARG C 18 47.57 -47.80 -11.17
CA ARG C 18 46.96 -46.93 -10.18
C ARG C 18 48.07 -46.30 -9.34
N VAL C 19 48.14 -44.97 -9.35
CA VAL C 19 49.18 -44.23 -8.66
C VAL C 19 48.53 -43.16 -7.80
N SER C 20 49.08 -42.98 -6.59
CA SER C 20 48.58 -42.02 -5.62
C SER C 20 49.65 -40.98 -5.34
N ILE C 21 49.28 -39.71 -5.44
CA ILE C 21 50.19 -38.59 -5.27
C ILE C 21 49.79 -37.86 -4.00
N THR C 22 50.61 -37.97 -2.96
CA THR C 22 50.29 -37.39 -1.65
C THR C 22 50.77 -35.95 -1.58
N CYS C 23 49.87 -35.05 -1.18
CA CYS C 23 50.16 -33.64 -0.99
C CYS C 23 49.81 -33.30 0.46
N LYS C 24 50.76 -33.55 1.37
CA LYS C 24 50.52 -33.38 2.80
C LYS C 24 50.55 -31.90 3.15
N ALA C 25 49.39 -31.34 3.48
CA ALA C 25 49.31 -29.93 3.84
C ALA C 25 50.07 -29.66 5.13
N SER C 26 50.25 -28.37 5.42
CA SER C 26 50.94 -27.95 6.64
C SER C 26 49.99 -27.85 7.82
N GLN C 27 48.86 -27.17 7.63
CA GLN C 27 47.83 -27.07 8.67
C GLN C 27 46.51 -27.61 8.09
N ASP C 28 45.45 -27.46 8.86
CA ASP C 28 44.16 -28.06 8.53
C ASP C 28 43.37 -27.13 7.62
N VAL C 29 43.30 -27.49 6.34
CA VAL C 29 42.34 -26.89 5.41
C VAL C 29 41.13 -27.79 5.21
N SER C 30 41.38 -29.09 5.09
CA SER C 30 40.39 -30.16 5.20
C SER C 30 39.47 -30.30 3.99
N THR C 31 39.45 -29.33 3.09
CA THR C 31 38.84 -29.60 1.79
C THR C 31 39.54 -28.82 0.67
N ALA C 32 40.31 -27.81 1.04
CA ALA C 32 40.81 -26.84 0.07
C ALA C 32 42.06 -27.37 -0.60
N VAL C 33 41.87 -28.13 -1.68
CA VAL C 33 42.96 -28.68 -2.47
C VAL C 33 42.52 -28.78 -3.91
N ALA C 34 43.40 -28.38 -4.83
CA ALA C 34 43.16 -28.51 -6.26
C ALA C 34 44.39 -29.15 -6.90
N TRP C 35 44.16 -29.84 -8.01
CA TRP C 35 45.22 -30.59 -8.69
C TRP C 35 45.30 -30.13 -10.13
N TYR C 36 46.52 -29.80 -10.58
CA TYR C 36 46.75 -29.23 -11.90
C TYR C 36 47.65 -30.15 -12.72
N GLN C 37 47.51 -30.07 -14.03
CA GLN C 37 48.34 -30.83 -14.96
C GLN C 37 48.94 -29.86 -15.96
N GLN C 38 50.27 -29.86 -16.05
CA GLN C 38 51.00 -28.94 -16.92
C GLN C 38 51.90 -29.75 -17.84
N LYS C 39 51.42 -30.03 -19.05
CA LYS C 39 52.29 -30.62 -20.04
C LYS C 39 53.38 -29.62 -20.43
N PRO C 40 54.52 -30.08 -20.95
CA PRO C 40 55.65 -29.18 -21.21
C PRO C 40 55.31 -28.10 -22.21
N GLY C 41 55.43 -26.84 -21.76
CA GLY C 41 55.21 -25.70 -22.62
C GLY C 41 53.79 -25.18 -22.66
N GLN C 42 52.98 -25.46 -21.65
CA GLN C 42 51.60 -25.00 -21.64
C GLN C 42 51.19 -24.65 -20.21
N SER C 43 50.05 -23.98 -20.09
CA SER C 43 49.57 -23.55 -18.79
C SER C 43 49.03 -24.75 -18.00
N PRO C 44 49.25 -24.79 -16.69
CA PRO C 44 48.68 -25.87 -15.88
C PRO C 44 47.16 -25.86 -15.90
N LYS C 45 46.56 -26.88 -16.49
CA LYS C 45 45.11 -26.96 -16.56
C LYS C 45 44.56 -27.60 -15.29
N LEU C 46 43.36 -27.18 -14.91
CA LEU C 46 42.74 -27.64 -13.68
C LEU C 46 42.15 -29.03 -13.84
N LEU C 47 42.33 -29.86 -12.82
CA LEU C 47 41.76 -31.21 -12.80
C LEU C 47 40.72 -31.35 -11.70
N ILE C 48 41.09 -31.06 -10.45
CA ILE C 48 40.23 -31.26 -9.29
C ILE C 48 40.25 -29.98 -8.47
N TYR C 49 39.10 -29.63 -7.89
CA TYR C 49 39.03 -28.54 -6.94
C TYR C 49 38.12 -28.94 -5.79
N TRP C 50 38.48 -28.48 -4.59
CA TRP C 50 37.91 -28.95 -3.33
C TRP C 50 38.24 -30.41 -3.06
N ALA C 51 39.27 -30.92 -3.73
CA ALA C 51 39.88 -32.22 -3.46
C ALA C 51 39.04 -33.40 -3.93
N SER C 52 37.81 -33.16 -4.39
CA SER C 52 36.98 -34.26 -4.87
C SER C 52 36.16 -33.96 -6.11
N THR C 53 36.15 -32.73 -6.60
CA THR C 53 35.31 -32.39 -7.73
C THR C 53 36.14 -32.30 -9.01
N ARG C 54 35.48 -32.49 -10.14
CA ARG C 54 36.14 -32.44 -11.44
C ARG C 54 35.76 -31.17 -12.18
N HIS C 55 36.62 -30.78 -13.11
CA HIS C 55 36.43 -29.59 -13.91
C HIS C 55 35.71 -29.93 -15.21
N THR C 56 35.09 -28.93 -15.81
CA THR C 56 34.32 -29.12 -17.04
C THR C 56 35.22 -29.58 -18.18
N GLY C 57 35.09 -30.85 -18.57
CA GLY C 57 35.87 -31.40 -19.64
C GLY C 57 37.07 -32.22 -19.22
N VAL C 58 37.02 -32.86 -18.07
CA VAL C 58 38.14 -33.67 -17.58
C VAL C 58 37.76 -35.14 -17.65
N PRO C 59 38.66 -36.03 -18.06
CA PRO C 59 38.32 -37.46 -18.09
C PRO C 59 38.07 -38.00 -16.69
N GLY C 60 37.17 -38.98 -16.63
CA GLY C 60 36.70 -39.49 -15.36
C GLY C 60 37.66 -40.40 -14.62
N ARG C 61 38.88 -40.58 -15.12
CA ARG C 61 39.84 -41.43 -14.42
C ARG C 61 40.60 -40.68 -13.33
N PHE C 62 40.44 -39.37 -13.23
CA PHE C 62 41.06 -38.58 -12.17
C PHE C 62 40.11 -38.51 -10.98
N THR C 63 40.61 -38.89 -9.80
CA THR C 63 39.80 -38.93 -8.60
C THR C 63 40.61 -38.35 -7.44
N GLY C 64 40.04 -37.34 -6.78
CA GLY C 64 40.64 -36.78 -5.58
C GLY C 64 40.04 -37.40 -4.33
N SER C 65 40.82 -37.41 -3.26
CA SER C 65 40.39 -38.02 -2.02
C SER C 65 41.08 -37.29 -0.86
N GLY C 66 41.04 -37.90 0.32
CA GLY C 66 41.72 -37.35 1.48
C GLY C 66 41.03 -36.14 2.07
N SER C 67 41.43 -35.75 3.28
CA SER C 67 40.87 -34.60 3.94
C SER C 67 41.79 -34.22 5.10
N GLY C 68 41.46 -33.09 5.74
CA GLY C 68 42.29 -32.60 6.82
C GLY C 68 43.63 -32.11 6.32
N THR C 69 44.70 -32.86 6.60
CA THR C 69 46.03 -32.53 6.13
C THR C 69 46.47 -33.40 4.96
N ASP C 70 46.35 -34.72 5.09
CA ASP C 70 46.81 -35.64 4.06
C ASP C 70 45.81 -35.71 2.92
N TYR C 71 46.25 -35.35 1.72
CA TYR C 71 45.44 -35.42 0.51
C TYR C 71 46.06 -36.42 -0.46
N THR C 72 45.34 -36.69 -1.55
CA THR C 72 45.82 -37.64 -2.55
C THR C 72 45.06 -37.53 -3.86
N LEU C 73 45.78 -37.45 -4.97
CA LEU C 73 45.22 -37.61 -6.29
C LEU C 73 45.32 -39.08 -6.70
N THR C 74 44.46 -39.49 -7.62
CA THR C 74 44.43 -40.88 -8.05
C THR C 74 44.02 -40.98 -9.50
N ILE C 75 44.80 -41.70 -10.28
CA ILE C 75 44.49 -42.00 -11.68
C ILE C 75 44.30 -43.50 -11.77
N SER C 76 43.08 -43.92 -12.10
CA SER C 76 42.76 -45.35 -12.13
C SER C 76 43.55 -46.06 -13.21
N SER C 77 43.35 -45.67 -14.47
CA SER C 77 44.01 -46.29 -15.62
C SER C 77 44.84 -45.21 -16.30
N VAL C 78 46.15 -45.24 -16.08
CA VAL C 78 47.05 -44.25 -16.66
C VAL C 78 47.08 -44.42 -18.17
N GLN C 79 46.71 -43.38 -18.90
CA GLN C 79 46.87 -43.38 -20.35
C GLN C 79 48.22 -42.78 -20.72
N ALA C 80 48.42 -42.49 -22.00
CA ALA C 80 49.69 -41.95 -22.45
C ALA C 80 49.81 -40.45 -22.18
N GLU C 81 48.67 -39.75 -22.10
CA GLU C 81 48.68 -38.31 -21.85
C GLU C 81 48.92 -37.97 -20.40
N ASP C 82 48.84 -38.94 -19.49
CA ASP C 82 49.04 -38.71 -18.06
C ASP C 82 50.51 -38.67 -17.66
N LEU C 83 51.42 -38.51 -18.62
CA LEU C 83 52.85 -38.45 -18.35
C LEU C 83 53.27 -36.98 -18.41
N SER C 84 53.06 -36.28 -17.30
CA SER C 84 53.32 -34.85 -17.22
C SER C 84 53.49 -34.46 -15.75
N LEU C 85 53.45 -33.16 -15.48
CA LEU C 85 53.58 -32.65 -14.13
C LEU C 85 52.22 -32.45 -13.48
N TYR C 86 52.12 -32.80 -12.20
CA TYR C 86 50.89 -32.69 -11.43
C TYR C 86 51.14 -31.82 -10.21
N TYR C 87 50.43 -30.70 -10.12
CA TYR C 87 50.55 -29.77 -9.02
C TYR C 87 49.32 -29.83 -8.13
N CYS C 88 49.54 -29.93 -6.82
CA CYS C 88 48.47 -29.74 -5.85
C CYS C 88 48.45 -28.28 -5.42
N GLN C 89 47.32 -27.84 -4.91
CA GLN C 89 47.13 -26.43 -4.61
C GLN C 89 46.07 -26.28 -3.55
N GLN C 90 46.39 -25.56 -2.47
CA GLN C 90 45.41 -25.21 -1.47
C GLN C 90 44.81 -23.85 -1.79
N HIS C 91 43.49 -23.75 -1.69
CA HIS C 91 42.78 -22.49 -1.88
C HIS C 91 41.93 -22.19 -0.65
N TYR C 92 42.55 -22.33 0.52
CA TYR C 92 41.94 -22.07 1.81
C TYR C 92 42.32 -20.72 2.38
N SER C 93 43.58 -20.31 2.25
CA SER C 93 44.08 -19.06 2.80
C SER C 93 44.44 -18.09 1.67
N THR C 94 44.99 -16.94 2.05
CA THR C 94 45.33 -15.90 1.08
C THR C 94 46.63 -16.22 0.35
N PRO C 95 47.76 -16.45 1.04
CA PRO C 95 48.98 -16.85 0.31
C PRO C 95 48.84 -18.27 -0.19
N ARG C 96 48.65 -18.42 -1.51
CA ARG C 96 48.25 -19.70 -2.09
C ARG C 96 49.48 -20.44 -2.61
N THR C 97 50.19 -21.09 -1.71
CA THR C 97 51.28 -21.96 -2.09
C THR C 97 50.72 -23.18 -2.84
N PHE C 98 51.57 -23.83 -3.62
CA PHE C 98 51.16 -25.02 -4.35
C PHE C 98 51.78 -26.29 -3.78
N GLY C 99 53.11 -26.35 -3.68
CA GLY C 99 53.73 -27.55 -3.14
C GLY C 99 54.72 -28.27 -4.03
N GLY C 100 55.40 -27.53 -4.90
CA GLY C 100 56.51 -28.10 -5.64
C GLY C 100 56.17 -28.75 -6.96
N GLY C 101 55.56 -29.92 -6.91
CA GLY C 101 55.20 -30.64 -8.13
C GLY C 101 55.65 -32.08 -8.12
N THR C 102 54.85 -32.94 -8.77
CA THR C 102 55.12 -34.37 -8.85
C THR C 102 55.18 -34.78 -10.31
N LYS C 103 56.12 -35.67 -10.63
CA LYS C 103 56.34 -36.09 -12.00
C LYS C 103 56.26 -37.60 -12.14
N VAL D 2 35.44 -17.50 -22.30
CA VAL D 2 36.40 -16.75 -21.50
C VAL D 2 37.82 -17.18 -21.84
N GLN D 3 38.69 -16.20 -22.06
CA GLN D 3 40.07 -16.48 -22.45
C GLN D 3 40.96 -15.35 -21.99
N LEU D 4 42.24 -15.65 -21.78
CA LEU D 4 43.21 -14.67 -21.31
C LEU D 4 44.43 -14.72 -22.23
N GLN D 5 44.62 -13.65 -23.01
CA GLN D 5 45.69 -13.57 -23.99
C GLN D 5 46.76 -12.61 -23.48
N GLN D 6 47.91 -13.15 -23.08
CA GLN D 6 48.98 -12.32 -22.57
C GLN D 6 49.77 -11.70 -23.71
N SER D 7 50.83 -10.98 -23.33
CA SER D 7 51.77 -10.41 -24.29
C SER D 7 52.76 -11.48 -24.72
N GLY D 8 53.83 -11.08 -25.40
CA GLY D 8 54.85 -12.00 -25.85
C GLY D 8 55.97 -12.16 -24.82
N ALA D 9 56.99 -12.92 -25.23
CA ALA D 9 58.14 -13.11 -24.37
C ALA D 9 58.85 -11.79 -24.11
N GLU D 10 59.57 -11.73 -22.99
CA GLU D 10 60.25 -10.51 -22.58
C GLU D 10 61.68 -10.82 -22.18
N LEU D 11 62.58 -9.89 -22.48
CA LEU D 11 63.99 -9.98 -22.12
C LEU D 11 64.40 -8.63 -21.54
N MET D 12 64.83 -8.63 -20.29
CA MET D 12 65.21 -7.40 -19.60
C MET D 12 66.59 -7.56 -18.97
N LYS D 13 67.14 -6.43 -18.55
CA LYS D 13 68.41 -6.36 -17.86
C LYS D 13 68.20 -6.03 -16.39
N PRO D 14 69.18 -6.27 -15.54
CA PRO D 14 69.00 -6.01 -14.11
C PRO D 14 68.75 -4.54 -13.84
N GLY D 15 68.04 -4.28 -12.74
CA GLY D 15 67.66 -2.93 -12.37
C GLY D 15 66.48 -2.37 -13.11
N ALA D 16 66.14 -2.89 -14.28
CA ALA D 16 65.02 -2.38 -15.05
C ALA D 16 63.70 -2.90 -14.50
N ALA D 17 62.61 -2.58 -15.19
CA ALA D 17 61.28 -3.01 -14.78
C ALA D 17 60.43 -3.23 -16.03
N VAL D 18 59.75 -4.37 -16.07
CA VAL D 18 58.93 -4.74 -17.22
C VAL D 18 57.48 -4.82 -16.77
N LYS D 19 56.57 -4.56 -17.71
CA LYS D 19 55.13 -4.61 -17.46
C LYS D 19 54.51 -5.65 -18.38
N ILE D 20 53.92 -6.68 -17.78
CA ILE D 20 53.28 -7.77 -18.51
C ILE D 20 51.78 -7.51 -18.53
N SER D 21 51.15 -7.67 -19.69
CA SER D 21 49.73 -7.46 -19.84
C SER D 21 48.99 -8.80 -19.82
N CYS D 22 47.67 -8.71 -19.63
CA CYS D 22 46.80 -9.89 -19.66
C CYS D 22 45.51 -9.46 -20.35
N LYS D 23 45.45 -9.64 -21.66
CA LYS D 23 44.33 -9.18 -22.48
C LYS D 23 43.16 -10.15 -22.29
N ALA D 24 42.13 -9.72 -21.56
CA ALA D 24 40.95 -10.55 -21.32
C ALA D 24 40.03 -10.44 -22.52
N THR D 25 40.01 -11.47 -23.35
CA THR D 25 39.19 -11.50 -24.57
C THR D 25 38.03 -12.46 -24.33
N GLY D 26 36.86 -11.91 -24.01
CA GLY D 26 35.69 -12.73 -23.79
C GLY D 26 34.80 -12.23 -22.67
N HIS D 27 35.30 -11.31 -21.85
CA HIS D 27 34.52 -10.75 -20.77
C HIS D 27 35.10 -9.40 -20.38
N THR D 28 34.27 -8.59 -19.71
CA THR D 28 34.74 -7.31 -19.21
C THR D 28 35.81 -7.52 -18.15
N ILE D 29 36.91 -6.77 -18.25
CA ILE D 29 38.03 -7.00 -17.36
C ILE D 29 37.67 -6.65 -15.92
N SER D 30 36.73 -5.72 -15.72
CA SER D 30 36.33 -5.30 -14.38
C SER D 30 35.33 -6.24 -13.73
N ARG D 31 35.21 -7.46 -14.24
CA ARG D 31 34.21 -8.41 -13.79
C ARG D 31 34.74 -9.41 -12.77
N TYR D 32 35.90 -10.01 -13.04
CA TYR D 32 36.44 -11.07 -12.19
C TYR D 32 37.81 -10.67 -11.66
N TRP D 33 38.23 -11.32 -10.57
CA TRP D 33 39.59 -11.17 -10.08
C TRP D 33 40.56 -11.74 -11.11
N ILE D 34 41.64 -11.01 -11.36
CA ILE D 34 42.71 -11.46 -12.24
C ILE D 34 43.92 -11.81 -11.36
N ASP D 35 44.24 -13.09 -11.25
CA ASP D 35 45.35 -13.53 -10.44
C ASP D 35 46.63 -13.57 -11.27
N TRP D 36 47.77 -13.51 -10.58
CA TRP D 36 49.07 -13.48 -11.21
C TRP D 36 49.98 -14.51 -10.53
N LEU D 37 50.61 -15.36 -11.33
CA LEU D 37 51.42 -16.45 -10.79
C LEU D 37 52.82 -16.39 -11.38
N LYS D 38 53.73 -17.15 -10.77
CA LYS D 38 55.12 -17.18 -11.18
C LYS D 38 55.59 -18.63 -11.21
N GLN D 39 56.13 -19.05 -12.36
CA GLN D 39 56.67 -20.39 -12.52
C GLN D 39 58.16 -20.29 -12.83
N ARG D 40 58.99 -20.58 -11.82
CA ARG D 40 60.43 -20.56 -11.99
C ARG D 40 60.95 -21.98 -12.13
N PRO D 41 61.67 -22.31 -13.20
CA PRO D 41 62.11 -23.69 -13.39
C PRO D 41 63.08 -24.13 -12.32
N GLY D 42 62.99 -25.40 -11.96
CA GLY D 42 63.74 -25.94 -10.84
C GLY D 42 62.90 -25.92 -9.58
N HIS D 43 62.16 -24.83 -9.40
CA HIS D 43 61.19 -24.69 -8.34
C HIS D 43 59.79 -24.89 -8.91
N GLY D 44 58.77 -24.67 -8.08
CA GLY D 44 57.39 -24.82 -8.51
C GLY D 44 56.71 -23.48 -8.76
N LEU D 45 55.40 -23.55 -8.96
CA LEU D 45 54.61 -22.34 -9.15
C LEU D 45 54.59 -21.52 -7.87
N GLU D 46 54.01 -20.32 -7.96
CA GLU D 46 53.94 -19.43 -6.82
C GLU D 46 52.96 -18.31 -7.13
N TRP D 47 52.16 -17.93 -6.13
CA TRP D 47 51.09 -16.96 -6.32
C TRP D 47 51.62 -15.56 -6.04
N ILE D 48 51.49 -14.67 -7.01
CA ILE D 48 51.95 -13.29 -6.84
C ILE D 48 50.91 -12.46 -6.10
N GLY D 49 49.69 -12.41 -6.65
CA GLY D 49 48.62 -11.66 -6.01
C GLY D 49 47.32 -11.68 -6.78
N GLU D 50 46.52 -10.64 -6.63
CA GLU D 50 45.25 -10.55 -7.34
C GLU D 50 44.85 -9.08 -7.43
N ILE D 51 44.12 -8.76 -8.49
CA ILE D 51 43.63 -7.40 -8.72
C ILE D 51 42.24 -7.50 -9.33
N LEU D 52 41.26 -6.87 -8.68
CA LEU D 52 39.96 -6.74 -9.32
C LEU D 52 40.04 -5.52 -10.22
N PRO D 53 40.08 -5.71 -11.55
CA PRO D 53 40.45 -4.61 -12.44
C PRO D 53 39.50 -3.42 -12.48
N GLY D 54 38.39 -3.49 -11.76
CA GLY D 54 37.46 -2.38 -11.74
C GLY D 54 37.58 -1.49 -10.53
N SER D 55 37.72 -2.10 -9.36
CA SER D 55 37.79 -1.37 -8.09
C SER D 55 39.22 -1.06 -7.68
N GLY D 56 40.22 -1.49 -8.45
CA GLY D 56 41.60 -1.23 -8.09
C GLY D 56 42.02 -1.85 -6.78
N SER D 57 41.37 -2.94 -6.38
CA SER D 57 41.75 -3.64 -5.15
C SER D 57 42.75 -4.73 -5.47
N THR D 58 43.77 -4.84 -4.63
CA THR D 58 44.85 -5.80 -4.86
C THR D 58 45.23 -6.44 -3.53
N ASN D 59 45.61 -7.72 -3.59
CA ASN D 59 46.03 -8.48 -2.42
C ASN D 59 47.32 -9.20 -2.80
N TYR D 60 48.44 -8.53 -2.62
CA TYR D 60 49.73 -9.08 -2.99
C TYR D 60 50.17 -10.14 -2.00
N ASN D 61 50.98 -11.08 -2.48
CA ASN D 61 51.63 -12.02 -1.59
C ASN D 61 52.68 -11.29 -0.77
N GLU D 62 52.87 -11.74 0.48
CA GLU D 62 53.81 -11.07 1.36
C GLU D 62 55.24 -11.16 0.86
N LYS D 63 55.56 -12.15 0.02
CA LYS D 63 56.89 -12.25 -0.55
C LYS D 63 57.10 -11.31 -1.73
N PHE D 64 56.03 -10.83 -2.35
CA PHE D 64 56.12 -10.02 -3.56
C PHE D 64 55.66 -8.58 -3.34
N LYS D 65 55.56 -8.15 -2.09
CA LYS D 65 55.17 -6.77 -1.81
C LYS D 65 56.26 -5.81 -2.29
N GLY D 66 55.86 -4.84 -3.10
CA GLY D 66 56.80 -3.90 -3.69
C GLY D 66 57.45 -4.40 -4.96
N LYS D 67 57.82 -5.68 -4.97
CA LYS D 67 58.40 -6.28 -6.16
C LYS D 67 57.43 -6.31 -7.33
N ALA D 68 56.13 -6.37 -7.05
CA ALA D 68 55.10 -6.46 -8.07
C ALA D 68 54.06 -5.36 -7.85
N THR D 69 53.55 -4.82 -8.96
CA THR D 69 52.54 -3.77 -8.93
C THR D 69 51.45 -4.12 -9.94
N PHE D 70 50.22 -4.22 -9.47
CA PHE D 70 49.09 -4.60 -10.31
C PHE D 70 48.32 -3.36 -10.74
N THR D 71 47.98 -3.29 -12.02
CA THR D 71 47.19 -2.19 -12.55
C THR D 71 46.18 -2.74 -13.55
N ALA D 72 45.28 -1.88 -13.98
CA ALA D 72 44.26 -2.26 -14.95
C ALA D 72 43.93 -1.08 -15.84
N GLU D 73 43.26 -1.38 -16.95
CA GLU D 73 42.90 -0.34 -17.92
C GLU D 73 41.65 -0.82 -18.66
N LYS D 74 40.49 -0.29 -18.29
CA LYS D 74 39.24 -0.68 -18.91
C LYS D 74 39.07 -0.16 -20.33
N SER D 75 40.01 0.66 -20.82
CA SER D 75 39.92 1.13 -22.20
C SER D 75 40.11 0.00 -23.20
N SER D 76 40.81 -1.07 -22.79
CA SER D 76 41.08 -2.20 -23.67
C SER D 76 40.85 -3.55 -23.00
N ASN D 77 40.34 -3.56 -21.77
CA ASN D 77 40.08 -4.79 -21.03
C ASN D 77 41.36 -5.60 -20.86
N THR D 78 42.32 -5.02 -20.14
CA THR D 78 43.60 -5.68 -19.92
C THR D 78 44.10 -5.36 -18.52
N ALA D 79 44.66 -6.37 -17.86
CA ALA D 79 45.23 -6.22 -16.53
C ALA D 79 46.75 -6.33 -16.63
N TYR D 80 47.44 -5.38 -16.00
CA TYR D 80 48.89 -5.25 -16.11
C TYR D 80 49.56 -5.70 -14.82
N MET D 81 50.82 -6.09 -14.94
CA MET D 81 51.69 -6.33 -13.80
C MET D 81 53.07 -5.77 -14.11
N GLN D 82 53.66 -5.11 -13.13
CA GLN D 82 54.97 -4.48 -13.30
C GLN D 82 55.94 -5.03 -12.27
N LEU D 83 57.07 -5.53 -12.74
CA LEU D 83 58.11 -6.09 -11.90
C LEU D 83 59.26 -5.09 -11.82
N SER D 84 59.50 -4.57 -10.62
CA SER D 84 60.54 -3.57 -10.40
C SER D 84 61.77 -4.20 -9.78
N SER D 85 62.93 -3.66 -10.12
CA SER D 85 64.22 -4.14 -9.61
C SER D 85 64.45 -5.59 -10.03
N LEU D 86 64.47 -5.80 -11.34
CA LEU D 86 64.66 -7.14 -11.88
C LEU D 86 66.05 -7.66 -11.54
N THR D 87 66.11 -8.93 -11.16
CA THR D 87 67.36 -9.61 -10.85
C THR D 87 67.35 -10.98 -11.54
N SER D 88 68.45 -11.72 -11.39
CA SER D 88 68.53 -13.04 -11.99
C SER D 88 67.52 -14.00 -11.38
N GLU D 89 67.06 -13.73 -10.16
CA GLU D 89 66.04 -14.57 -9.54
C GLU D 89 64.70 -14.47 -10.25
N ASP D 90 64.47 -13.40 -11.01
CA ASP D 90 63.19 -13.17 -11.67
C ASP D 90 63.05 -13.95 -12.97
N SER D 91 64.05 -14.73 -13.36
CA SER D 91 63.96 -15.55 -14.57
C SER D 91 62.93 -16.64 -14.35
N ALA D 92 61.76 -16.49 -14.97
CA ALA D 92 60.69 -17.47 -14.82
C ALA D 92 59.59 -17.11 -15.81
N VAL D 93 58.53 -17.93 -15.82
CA VAL D 93 57.35 -17.70 -16.63
C VAL D 93 56.26 -17.14 -15.73
N TYR D 94 55.55 -16.14 -16.23
CA TYR D 94 54.53 -15.44 -15.45
C TYR D 94 53.17 -15.63 -16.10
N TYR D 95 52.20 -16.10 -15.31
CA TYR D 95 50.85 -16.35 -15.79
C TYR D 95 49.88 -15.36 -15.16
N CYS D 96 48.68 -15.28 -15.76
CA CYS D 96 47.58 -14.49 -15.23
C CYS D 96 46.35 -15.41 -15.21
N ALA D 97 46.23 -16.17 -14.12
CA ALA D 97 45.12 -17.09 -13.96
C ALA D 97 43.86 -16.31 -13.58
N MET D 98 42.77 -17.04 -13.34
CA MET D 98 41.53 -16.41 -12.92
C MET D 98 40.61 -17.48 -12.38
N GLY D 99 40.20 -17.35 -11.12
CA GLY D 99 39.28 -18.30 -10.52
C GLY D 99 37.89 -17.72 -10.36
N VAL D 100 36.90 -18.32 -11.00
CA VAL D 100 35.57 -17.74 -11.08
C VAL D 100 34.72 -18.21 -9.90
N ARG D 101 34.58 -19.53 -9.74
CA ARG D 101 33.74 -20.10 -8.68
C ARG D 101 34.55 -20.57 -7.49
N GLY D 102 35.65 -19.89 -7.17
CA GLY D 102 36.45 -20.28 -6.05
C GLY D 102 37.86 -19.73 -6.17
N ASN D 103 38.68 -20.06 -5.16
CA ASN D 103 40.06 -19.60 -5.10
C ASN D 103 41.02 -20.54 -5.83
N TYR D 104 40.52 -21.34 -6.76
CA TYR D 104 41.36 -22.13 -7.63
C TYR D 104 41.61 -21.37 -8.94
N PHE D 105 42.40 -21.95 -9.83
CA PHE D 105 42.82 -21.28 -11.06
C PHE D 105 42.38 -22.13 -12.24
N ASP D 106 41.17 -21.90 -12.72
CA ASP D 106 40.61 -22.68 -13.82
C ASP D 106 40.77 -22.03 -15.18
N TYR D 107 41.11 -20.74 -15.23
CA TYR D 107 41.39 -20.04 -16.48
C TYR D 107 42.81 -19.51 -16.41
N TRP D 108 43.62 -19.82 -17.43
CA TRP D 108 45.04 -19.52 -17.42
C TRP D 108 45.42 -18.76 -18.68
N GLY D 109 46.63 -18.20 -18.66
CA GLY D 109 47.20 -17.55 -19.82
C GLY D 109 48.28 -18.39 -20.45
N GLN D 110 48.61 -18.15 -21.71
CA GLN D 110 49.59 -19.00 -22.40
C GLN D 110 50.96 -18.90 -21.76
N GLY D 111 51.27 -17.77 -21.12
CA GLY D 111 52.56 -17.60 -20.49
C GLY D 111 53.38 -16.48 -21.09
N THR D 112 54.27 -15.90 -20.28
CA THR D 112 55.11 -14.79 -20.72
C THR D 112 56.50 -15.00 -20.13
N THR D 113 57.41 -15.54 -20.94
CA THR D 113 58.75 -15.86 -20.46
C THR D 113 59.52 -14.60 -20.14
N LEU D 114 60.18 -14.58 -18.99
CA LEU D 114 61.02 -13.46 -18.58
C LEU D 114 62.43 -13.97 -18.28
N THR D 115 63.43 -13.22 -18.74
CA THR D 115 64.83 -13.62 -18.62
C THR D 115 65.65 -12.39 -18.27
N VAL D 116 66.02 -12.25 -17.01
CA VAL D 116 66.84 -11.14 -16.56
C VAL D 116 68.31 -11.43 -16.85
N ILE E 2 -6.75 20.81 50.18
CA ILE E 2 -5.59 21.62 50.53
C ILE E 2 -6.06 22.91 51.19
N VAL E 3 -5.36 23.31 52.24
CA VAL E 3 -5.71 24.49 53.02
C VAL E 3 -4.52 25.44 53.03
N MET E 4 -4.58 26.50 52.22
CA MET E 4 -3.56 27.53 52.28
C MET E 4 -3.62 28.27 53.61
N THR E 5 -2.66 29.17 53.81
CA THR E 5 -2.59 29.92 55.06
C THR E 5 -1.68 31.12 54.86
N GLN E 6 -2.04 32.23 55.48
CA GLN E 6 -1.17 33.39 55.57
C GLN E 6 -1.14 33.87 57.02
N SER E 7 0.03 34.33 57.45
CA SER E 7 0.24 34.61 58.87
C SER E 7 -0.66 35.74 59.35
N HIS E 8 -0.49 36.93 58.78
CA HIS E 8 -1.17 38.13 59.24
C HIS E 8 -2.03 38.71 58.12
N LYS E 9 -3.27 39.06 58.45
CA LYS E 9 -4.16 39.68 57.47
C LYS E 9 -3.71 41.08 57.11
N PHE E 10 -2.94 41.74 57.97
CA PHE E 10 -2.47 43.10 57.74
C PHE E 10 -1.00 43.19 58.10
N MET E 11 -0.26 43.98 57.32
CA MET E 11 1.16 44.18 57.56
C MET E 11 1.53 45.57 57.05
N SER E 12 2.21 46.34 57.88
CA SER E 12 2.53 47.73 57.56
C SER E 12 3.98 47.85 57.10
N THR E 13 4.21 48.82 56.20
CA THR E 13 5.54 49.09 55.67
C THR E 13 5.49 50.39 54.88
N SER E 14 6.55 51.18 54.97
CA SER E 14 6.59 52.48 54.32
C SER E 14 6.93 52.30 52.84
N VAL E 15 7.18 53.40 52.15
CA VAL E 15 7.48 53.37 50.72
C VAL E 15 8.92 52.91 50.53
N GLY E 16 9.12 51.96 49.61
CA GLY E 16 10.44 51.45 49.31
C GLY E 16 11.09 50.74 50.49
N ASP E 17 10.51 49.62 50.91
CA ASP E 17 11.02 48.86 52.05
C ASP E 17 10.97 47.39 51.71
N ARG E 18 11.25 46.54 52.71
CA ARG E 18 11.21 45.10 52.55
C ARG E 18 9.99 44.54 53.27
N VAL E 19 9.43 43.46 52.71
CA VAL E 19 8.22 42.87 53.25
C VAL E 19 8.12 41.43 52.76
N SER E 20 7.65 40.55 53.64
CA SER E 20 7.45 39.14 53.32
C SER E 20 6.02 38.75 53.64
N ILE E 21 5.47 37.85 52.83
CA ILE E 21 4.10 37.36 52.99
C ILE E 21 4.20 35.84 53.00
N THR E 22 4.30 35.26 54.19
CA THR E 22 4.59 33.84 54.35
C THR E 22 3.32 33.02 54.15
N CYS E 23 3.06 32.63 52.91
CA CYS E 23 2.00 31.68 52.63
C CYS E 23 2.42 30.30 53.12
N LYS E 24 1.51 29.34 53.00
CA LYS E 24 1.82 28.00 53.48
C LYS E 24 0.70 27.05 53.05
N ALA E 25 1.05 25.79 52.90
CA ALA E 25 0.12 24.76 52.47
C ALA E 25 0.02 23.67 53.53
N SER E 26 -1.13 22.99 53.53
CA SER E 26 -1.32 21.87 54.44
C SER E 26 -0.43 20.69 54.04
N GLN E 27 -0.43 20.33 52.77
CA GLN E 27 0.38 19.25 52.25
C GLN E 27 1.27 19.77 51.13
N ASP E 28 2.43 19.13 50.96
CA ASP E 28 3.34 19.53 49.90
C ASP E 28 2.71 19.29 48.53
N VAL E 29 2.58 20.36 47.75
CA VAL E 29 1.96 20.26 46.43
C VAL E 29 3.03 20.25 45.34
N SER E 30 3.74 21.36 45.19
CA SER E 30 4.81 21.54 44.22
C SER E 30 5.46 22.88 44.56
N THR E 31 6.27 23.39 43.64
CA THR E 31 6.63 24.80 43.67
C THR E 31 5.48 25.69 43.15
N ALA E 32 4.33 25.10 42.87
CA ALA E 32 3.21 25.82 42.25
C ALA E 32 2.56 26.74 43.26
N VAL E 33 2.78 28.05 43.09
CA VAL E 33 2.12 29.08 43.88
C VAL E 33 1.92 30.30 43.00
N ALA E 34 0.77 30.94 43.14
CA ALA E 34 0.43 32.13 42.36
C ALA E 34 0.02 33.24 43.31
N TRP E 35 0.63 34.41 43.14
CA TRP E 35 0.37 35.57 43.98
C TRP E 35 -0.35 36.62 43.16
N TYR E 36 -1.46 37.12 43.69
CA TYR E 36 -2.32 38.07 42.99
C TYR E 36 -2.35 39.40 43.73
N GLN E 37 -2.73 40.44 43.00
CA GLN E 37 -2.89 41.78 43.57
C GLN E 37 -4.24 42.32 43.15
N GLN E 38 -5.18 42.37 44.09
CA GLN E 38 -6.53 42.85 43.83
C GLN E 38 -6.71 44.20 44.49
N LYS E 39 -6.41 45.26 43.74
CA LYS E 39 -6.62 46.61 44.27
C LYS E 39 -8.12 46.84 44.49
N PRO E 40 -8.48 47.73 45.41
CA PRO E 40 -9.88 47.85 45.83
C PRO E 40 -10.78 48.29 44.68
N GLY E 41 -11.69 47.40 44.31
CA GLY E 41 -12.67 47.70 43.27
C GLY E 41 -12.32 47.20 41.88
N GLN E 42 -11.47 46.19 41.75
CA GLN E 42 -11.10 45.67 40.45
C GLN E 42 -10.81 44.18 40.57
N SER E 43 -10.52 43.56 39.43
CA SER E 43 -10.21 42.14 39.40
C SER E 43 -8.79 41.90 39.89
N PRO E 44 -8.55 40.77 40.54
CA PRO E 44 -7.17 40.44 40.95
C PRO E 44 -6.28 40.27 39.73
N LYS E 45 -5.09 40.83 39.83
CA LYS E 45 -4.08 40.72 38.78
C LYS E 45 -3.04 39.69 39.20
N LEU E 46 -2.58 38.89 38.23
CA LEU E 46 -1.57 37.88 38.51
C LEU E 46 -0.19 38.51 38.59
N LEU E 47 0.60 38.06 39.56
CA LEU E 47 1.97 38.52 39.72
C LEU E 47 2.98 37.41 39.49
N ILE E 48 2.84 36.28 40.19
CA ILE E 48 3.80 35.20 40.14
C ILE E 48 3.05 33.89 39.92
N TYR E 49 3.68 32.98 39.18
CA TYR E 49 3.15 31.63 39.04
C TYR E 49 4.30 30.65 39.06
N TRP E 50 4.06 29.49 39.69
CA TRP E 50 5.09 28.55 40.09
C TRP E 50 6.03 29.12 41.14
N ALA E 51 5.60 30.18 41.82
CA ALA E 51 6.28 30.76 42.99
C ALA E 51 7.51 31.57 42.62
N SER E 52 7.95 31.52 41.36
CA SER E 52 9.12 32.30 40.96
C SER E 52 8.99 33.02 39.64
N THR E 53 8.15 32.57 38.71
CA THR E 53 8.12 33.12 37.36
C THR E 53 7.15 34.28 37.30
N ARG E 54 7.66 35.47 36.96
CA ARG E 54 6.81 36.64 36.86
C ARG E 54 5.84 36.51 35.69
N HIS E 55 4.96 37.50 35.57
CA HIS E 55 3.94 37.55 34.54
C HIS E 55 4.26 38.67 33.56
N THR E 56 3.68 38.58 32.37
CA THR E 56 3.90 39.59 31.33
C THR E 56 3.50 40.97 31.81
N GLY E 57 4.45 41.91 31.75
CA GLY E 57 4.19 43.28 32.16
C GLY E 57 4.21 43.51 33.65
N VAL E 58 4.57 42.53 34.45
CA VAL E 58 4.57 42.66 35.90
C VAL E 58 5.67 43.63 36.32
N PRO E 59 5.50 44.38 37.40
CA PRO E 59 6.58 45.22 37.91
C PRO E 59 7.81 44.40 38.29
N GLY E 60 8.91 45.11 38.54
CA GLY E 60 10.19 44.44 38.74
C GLY E 60 10.46 43.96 40.15
N ARG E 61 9.96 44.68 41.15
CA ARG E 61 10.30 44.40 42.54
C ARG E 61 9.52 43.23 43.14
N PHE E 62 8.87 42.40 42.33
CA PHE E 62 8.13 41.25 42.80
C PHE E 62 8.97 40.00 42.59
N THR E 63 9.30 39.31 43.68
CA THR E 63 10.18 38.14 43.63
C THR E 63 9.63 37.07 44.56
N GLY E 64 9.16 35.96 43.99
CA GLY E 64 8.74 34.83 44.81
C GLY E 64 9.91 33.92 45.15
N SER E 65 9.69 33.07 46.14
CA SER E 65 10.70 32.11 46.58
C SER E 65 9.99 30.98 47.32
N GLY E 66 10.77 30.17 48.03
CA GLY E 66 10.23 29.10 48.83
C GLY E 66 9.78 27.91 48.01
N SER E 67 9.60 26.77 48.67
CA SER E 67 9.17 25.54 48.00
C SER E 67 8.77 24.54 49.06
N GLY E 68 8.06 23.50 48.63
CA GLY E 68 7.58 22.49 49.55
C GLY E 68 6.23 22.86 50.14
N THR E 69 6.26 23.42 51.36
CA THR E 69 5.03 23.93 51.97
C THR E 69 5.26 25.28 52.66
N ASP E 70 6.32 26.00 52.29
CA ASP E 70 6.61 27.30 52.88
C ASP E 70 7.08 28.23 51.78
N TYR E 71 6.28 29.26 51.49
CA TYR E 71 6.55 30.17 50.38
C TYR E 71 6.78 31.57 50.94
N THR E 72 6.98 32.53 50.03
CA THR E 72 7.23 33.91 50.41
C THR E 72 7.16 34.79 49.18
N LEU E 73 6.60 35.98 49.34
CA LEU E 73 6.59 37.02 48.32
C LEU E 73 7.29 38.25 48.88
N THR E 74 8.23 38.80 48.12
CA THR E 74 9.07 39.90 48.59
C THR E 74 8.92 41.10 47.66
N ILE E 75 8.70 42.26 48.25
CA ILE E 75 8.62 43.53 47.54
C ILE E 75 9.65 44.45 48.16
N SER E 76 10.73 44.72 47.43
CA SER E 76 11.82 45.53 47.97
C SER E 76 11.62 47.03 47.75
N SER E 77 10.82 47.42 46.76
CA SER E 77 10.58 48.83 46.45
C SER E 77 9.07 49.09 46.47
N VAL E 78 8.53 49.36 47.65
CA VAL E 78 7.11 49.65 47.77
C VAL E 78 6.84 51.05 47.23
N GLN E 79 5.71 51.19 46.53
CA GLN E 79 5.34 52.49 45.98
C GLN E 79 3.89 52.84 46.30
N ALA E 80 3.40 53.92 45.70
CA ALA E 80 2.01 54.33 45.93
C ALA E 80 1.04 53.41 45.20
N GLU E 81 1.41 52.98 44.00
CA GLU E 81 0.56 52.09 43.21
C GLU E 81 0.65 50.64 43.63
N ASP E 82 1.37 50.33 44.71
CA ASP E 82 1.50 48.96 45.20
C ASP E 82 0.72 48.72 46.50
N LEU E 83 -0.23 49.58 46.82
CA LEU E 83 -1.04 49.44 48.01
C LEU E 83 -2.29 48.64 47.65
N SER E 84 -2.35 47.39 48.12
CA SER E 84 -3.45 46.51 47.77
C SER E 84 -3.33 45.22 48.57
N LEU E 85 -4.21 44.27 48.29
CA LEU E 85 -4.15 42.94 48.87
C LEU E 85 -3.32 42.02 47.99
N TYR E 86 -2.91 40.89 48.57
CA TYR E 86 -2.10 39.90 47.86
C TYR E 86 -2.50 38.51 48.32
N TYR E 87 -3.02 37.72 47.39
CA TYR E 87 -3.48 36.37 47.67
C TYR E 87 -2.48 35.35 47.13
N CYS E 88 -2.22 34.30 47.91
CA CYS E 88 -1.39 33.20 47.48
C CYS E 88 -2.27 32.02 47.06
N GLN E 89 -2.04 31.54 45.83
CA GLN E 89 -2.78 30.41 45.28
C GLN E 89 -1.90 29.17 45.24
N GLN E 90 -2.54 28.01 45.35
CA GLN E 90 -1.92 26.73 45.03
C GLN E 90 -2.61 26.18 43.79
N HIS E 91 -1.84 25.96 42.73
CA HIS E 91 -2.37 25.39 41.50
C HIS E 91 -1.72 24.03 41.21
N TYR E 92 -1.51 23.25 42.27
CA TYR E 92 -0.99 21.89 42.17
C TYR E 92 -2.02 20.85 42.60
N SER E 93 -3.30 21.17 42.44
CA SER E 93 -4.38 20.26 42.80
C SER E 93 -5.66 20.73 42.11
N THR E 94 -6.75 20.02 42.38
CA THR E 94 -8.02 20.33 41.74
C THR E 94 -8.71 21.53 42.40
N PRO E 95 -8.85 21.55 43.74
CA PRO E 95 -9.40 22.75 44.38
C PRO E 95 -8.36 23.87 44.40
N ARG E 96 -8.55 24.87 43.55
CA ARG E 96 -7.63 26.00 43.47
C ARG E 96 -7.92 26.95 44.64
N THR E 97 -7.57 26.49 45.83
CA THR E 97 -7.82 27.26 47.05
C THR E 97 -6.78 28.37 47.17
N PHE E 98 -7.23 29.61 47.29
CA PHE E 98 -6.30 30.71 47.49
C PHE E 98 -5.96 30.79 48.98
N GLY E 99 -5.26 31.85 49.38
CA GLY E 99 -4.94 32.03 50.77
C GLY E 99 -6.06 32.68 51.55
N GLY E 100 -5.74 33.56 52.47
CA GLY E 100 -6.74 34.30 53.22
C GLY E 100 -6.75 35.76 52.85
N GLY E 101 -5.63 36.25 52.34
CA GLY E 101 -5.50 37.63 51.94
C GLY E 101 -4.58 38.40 52.87
N THR E 102 -3.90 39.39 52.30
CA THR E 102 -2.99 40.24 53.07
C THR E 102 -3.01 41.63 52.46
N LYS E 103 -3.33 42.63 53.26
CA LYS E 103 -3.37 44.02 52.81
C LYS E 103 -2.06 44.70 53.15
N LEU E 104 -1.69 45.66 52.30
CA LEU E 104 -0.43 46.38 52.46
C LEU E 104 -0.49 47.36 53.62
N VAL F 2 -6.54 38.90 24.87
CA VAL F 2 -7.71 38.15 25.32
C VAL F 2 -8.44 38.94 26.40
N GLN F 3 -9.77 38.94 26.34
CA GLN F 3 -10.60 39.69 27.28
C GLN F 3 -11.82 38.86 27.62
N LEU F 4 -12.39 39.12 28.80
CA LEU F 4 -13.59 38.44 29.26
C LEU F 4 -14.57 39.48 29.79
N GLN F 5 -15.69 39.66 29.09
CA GLN F 5 -16.69 40.65 29.45
C GLN F 5 -17.88 39.94 30.10
N GLN F 6 -18.19 40.32 31.33
CA GLN F 6 -19.32 39.75 32.06
C GLN F 6 -20.55 40.64 31.89
N SER F 7 -21.59 40.33 32.65
CA SER F 7 -22.82 41.11 32.68
C SER F 7 -22.84 42.01 33.91
N GLY F 8 -23.80 42.93 33.92
CA GLY F 8 -23.94 43.86 35.03
C GLY F 8 -24.28 43.18 36.34
N ALA F 9 -24.37 43.97 37.41
CA ALA F 9 -24.71 43.42 38.71
C ALA F 9 -26.11 42.82 38.69
N GLU F 10 -26.38 41.96 39.67
CA GLU F 10 -27.65 41.24 39.74
C GLU F 10 -28.18 41.32 41.17
N LEU F 11 -29.40 41.82 41.31
CA LEU F 11 -30.10 41.87 42.59
C LEU F 11 -31.21 40.82 42.55
N MET F 12 -30.97 39.69 43.20
CA MET F 12 -31.90 38.57 43.16
C MET F 12 -32.45 38.30 44.55
N LYS F 13 -33.72 37.88 44.59
CA LYS F 13 -34.37 37.52 45.84
C LYS F 13 -33.94 36.13 46.30
N PRO F 14 -34.02 35.85 47.60
CA PRO F 14 -33.63 34.53 48.09
C PRO F 14 -34.52 33.44 47.53
N GLY F 15 -33.90 32.30 47.21
CA GLY F 15 -34.61 31.18 46.64
C GLY F 15 -34.69 31.17 45.13
N ALA F 16 -34.44 32.31 44.48
CA ALA F 16 -34.46 32.38 43.03
C ALA F 16 -33.15 31.84 42.47
N ALA F 17 -32.91 32.06 41.19
CA ALA F 17 -31.69 31.60 40.53
C ALA F 17 -31.28 32.62 39.48
N VAL F 18 -30.01 33.00 39.51
CA VAL F 18 -29.45 33.96 38.56
C VAL F 18 -28.44 33.25 37.69
N LYS F 19 -28.30 33.73 36.46
CA LYS F 19 -27.35 33.17 35.50
C LYS F 19 -26.40 34.27 35.04
N ILE F 20 -25.12 34.11 35.37
CA ILE F 20 -24.09 35.09 35.04
C ILE F 20 -23.43 34.66 33.73
N SER F 21 -23.04 35.66 32.92
CA SER F 21 -22.45 35.41 31.62
C SER F 21 -21.03 35.94 31.58
N CYS F 22 -20.19 35.25 30.80
CA CYS F 22 -18.78 35.62 30.60
C CYS F 22 -18.55 35.69 29.10
N LYS F 23 -18.73 36.88 28.53
CA LYS F 23 -18.59 37.08 27.09
C LYS F 23 -17.11 37.15 26.72
N ALA F 24 -16.65 36.17 25.94
CA ALA F 24 -15.24 36.10 25.54
C ALA F 24 -15.08 36.85 24.22
N THR F 25 -14.65 38.11 24.31
CA THR F 25 -14.40 38.94 23.14
C THR F 25 -12.90 38.93 22.87
N GLY F 26 -12.47 38.12 21.91
CA GLY F 26 -11.07 38.02 21.58
C GLY F 26 -10.63 36.62 21.20
N HIS F 27 -11.40 35.62 21.59
CA HIS F 27 -11.10 34.24 21.24
C HIS F 27 -12.38 33.43 21.25
N THR F 28 -12.36 32.31 20.53
CA THR F 28 -13.49 31.41 20.52
C THR F 28 -13.69 30.81 21.92
N ILE F 29 -14.93 30.82 22.40
CA ILE F 29 -15.20 30.41 23.76
C ILE F 29 -14.92 28.93 23.96
N SER F 30 -15.03 28.13 22.91
CA SER F 30 -14.79 26.69 22.99
C SER F 30 -13.31 26.33 22.92
N ARG F 31 -12.43 27.30 23.15
CA ARG F 31 -10.99 27.10 22.98
C ARG F 31 -10.28 26.78 24.30
N TYR F 32 -10.49 27.60 25.33
CA TYR F 32 -9.80 27.45 26.60
C TYR F 32 -10.79 27.09 27.70
N TRP F 33 -10.24 26.59 28.80
CA TRP F 33 -11.03 26.36 30.00
C TRP F 33 -11.45 27.69 30.62
N ILE F 34 -12.73 27.86 30.87
CA ILE F 34 -13.25 29.02 31.58
C ILE F 34 -13.44 28.63 33.04
N ASP F 35 -12.95 29.48 33.94
CA ASP F 35 -13.02 29.25 35.37
C ASP F 35 -13.97 30.26 36.01
N TRP F 36 -14.50 29.90 37.19
CA TRP F 36 -15.42 30.75 37.91
C TRP F 36 -14.98 30.82 39.37
N LEU F 37 -14.83 32.04 39.89
CA LEU F 37 -14.37 32.24 41.25
C LEU F 37 -15.35 33.13 42.00
N LYS F 38 -15.44 32.91 43.31
CA LYS F 38 -16.33 33.65 44.19
C LYS F 38 -15.52 34.35 45.26
N GLN F 39 -15.73 35.65 45.42
CA GLN F 39 -15.01 36.46 46.39
C GLN F 39 -16.02 37.12 47.32
N ARG F 40 -16.33 36.44 48.42
CA ARG F 40 -17.22 37.20 49.28
C ARG F 40 -16.40 38.01 50.28
N PRO F 41 -16.79 39.25 50.56
CA PRO F 41 -16.03 40.06 51.51
C PRO F 41 -16.06 39.44 52.90
N GLY F 42 -15.02 39.71 53.67
CA GLY F 42 -14.81 39.03 54.94
C GLY F 42 -13.96 37.79 54.78
N HIS F 43 -14.30 36.97 53.79
CA HIS F 43 -13.48 35.83 53.42
C HIS F 43 -12.56 36.23 52.27
N GLY F 44 -11.87 35.25 51.69
CA GLY F 44 -11.04 35.46 50.53
C GLY F 44 -11.70 34.96 49.25
N LEU F 45 -10.89 34.79 48.22
CA LEU F 45 -11.40 34.21 46.99
C LEU F 45 -11.74 32.74 47.19
N GLU F 46 -12.35 32.16 46.16
CA GLU F 46 -12.78 30.77 46.24
C GLU F 46 -13.12 30.25 44.84
N TRP F 47 -12.59 29.09 44.49
CA TRP F 47 -12.72 28.54 43.15
C TRP F 47 -14.03 27.77 43.04
N ILE F 48 -14.93 28.23 42.18
CA ILE F 48 -16.20 27.54 41.98
C ILE F 48 -15.99 26.28 41.14
N GLY F 49 -15.53 26.44 39.91
CA GLY F 49 -15.29 25.30 39.05
C GLY F 49 -14.61 25.66 37.75
N GLU F 50 -14.86 24.87 36.71
CA GLU F 50 -14.27 25.10 35.40
C GLU F 50 -15.13 24.40 34.36
N ILE F 51 -15.18 24.97 33.17
CA ILE F 51 -15.96 24.41 32.08
C ILE F 51 -15.23 24.67 30.77
N LEU F 52 -15.23 23.68 29.88
CA LEU F 52 -14.73 23.87 28.54
C LEU F 52 -15.93 24.10 27.63
N PRO F 53 -16.14 25.32 27.12
CA PRO F 53 -17.43 25.64 26.49
C PRO F 53 -17.70 24.95 25.16
N GLY F 54 -16.85 24.03 24.73
CA GLY F 54 -17.09 23.32 23.49
C GLY F 54 -17.39 21.85 23.68
N SER F 55 -16.82 21.26 24.71
CA SER F 55 -16.96 19.83 24.97
C SER F 55 -17.96 19.52 26.07
N GLY F 56 -18.56 20.52 26.68
CA GLY F 56 -19.52 20.27 27.74
C GLY F 56 -18.94 19.59 28.97
N SER F 57 -17.64 19.69 29.18
CA SER F 57 -16.99 19.11 30.35
C SER F 57 -16.86 20.17 31.44
N THR F 58 -17.07 19.75 32.69
CA THR F 58 -17.03 20.66 33.82
C THR F 58 -16.35 19.97 35.00
N ASN F 59 -15.86 20.78 35.93
CA ASN F 59 -15.24 20.29 37.16
C ASN F 59 -15.63 21.25 38.28
N TYR F 60 -16.61 20.87 39.07
CA TYR F 60 -17.11 21.70 40.15
C TYR F 60 -16.35 21.42 41.44
N ASN F 61 -16.19 22.45 42.25
CA ASN F 61 -15.66 22.28 43.58
C ASN F 61 -16.65 21.49 44.43
N GLU F 62 -16.12 20.72 45.39
CA GLU F 62 -16.97 19.91 46.24
C GLU F 62 -17.93 20.77 47.06
N LYS F 63 -17.51 21.99 47.40
CA LYS F 63 -18.35 22.89 48.18
C LYS F 63 -19.44 23.53 47.34
N PHE F 64 -19.35 23.47 46.01
CA PHE F 64 -20.30 24.12 45.13
C PHE F 64 -21.00 23.13 44.21
N LYS F 65 -21.05 21.85 44.59
CA LYS F 65 -21.70 20.84 43.77
C LYS F 65 -23.21 21.02 43.84
N GLY F 66 -23.83 21.26 42.68
CA GLY F 66 -25.26 21.49 42.62
C GLY F 66 -25.62 22.95 42.81
N LYS F 67 -24.81 23.67 43.58
CA LYS F 67 -25.06 25.10 43.79
C LYS F 67 -24.89 25.88 42.50
N ALA F 68 -23.86 25.56 41.71
CA ALA F 68 -23.59 26.22 40.46
C ALA F 68 -23.66 25.22 39.32
N THR F 69 -24.08 25.70 38.15
CA THR F 69 -24.22 24.85 36.97
C THR F 69 -23.69 25.60 35.77
N PHE F 70 -22.72 25.01 35.07
CA PHE F 70 -21.98 25.67 34.00
C PHE F 70 -22.57 25.27 32.65
N THR F 71 -22.69 26.24 31.76
CA THR F 71 -23.20 26.01 30.41
C THR F 71 -22.31 26.76 29.43
N ALA F 72 -22.74 26.84 28.18
CA ALA F 72 -21.99 27.55 27.15
C ALA F 72 -22.89 27.73 25.93
N GLU F 73 -22.45 28.59 25.03
CA GLU F 73 -23.19 28.87 23.80
C GLU F 73 -22.19 29.35 22.75
N LYS F 74 -21.87 28.49 21.79
CA LYS F 74 -20.90 28.84 20.77
C LYS F 74 -21.40 29.92 19.83
N SER F 75 -22.72 30.14 19.75
CA SER F 75 -23.26 31.16 18.86
C SER F 75 -22.94 32.56 19.33
N SER F 76 -22.65 32.74 20.62
CA SER F 76 -22.33 34.05 21.17
C SER F 76 -20.98 34.12 21.85
N ASN F 77 -20.26 33.01 21.97
CA ASN F 77 -18.97 32.96 22.64
C ASN F 77 -19.08 33.41 24.10
N THR F 78 -19.87 32.66 24.86
CA THR F 78 -20.10 33.02 26.25
C THR F 78 -20.32 31.78 27.08
N ALA F 79 -19.84 31.80 28.33
CA ALA F 79 -20.03 30.73 29.28
C ALA F 79 -20.86 31.24 30.45
N TYR F 80 -21.91 30.50 30.79
CA TYR F 80 -22.86 30.91 31.82
C TYR F 80 -22.63 30.13 33.11
N MET F 81 -22.92 30.78 34.24
CA MET F 81 -22.97 30.12 35.53
C MET F 81 -24.29 30.46 36.18
N GLN F 82 -25.14 29.46 36.37
CA GLN F 82 -26.47 29.66 36.94
C GLN F 82 -26.45 29.18 38.38
N LEU F 83 -26.56 30.11 39.32
CA LEU F 83 -26.61 29.79 40.74
C LEU F 83 -28.06 29.57 41.15
N SER F 84 -28.32 28.43 41.79
CA SER F 84 -29.65 28.07 42.24
C SER F 84 -29.72 28.11 43.76
N SER F 85 -30.93 28.33 44.27
CA SER F 85 -31.17 28.42 45.71
C SER F 85 -30.39 29.59 46.32
N LEU F 86 -30.62 30.77 45.75
CA LEU F 86 -29.92 31.96 46.18
C LEU F 86 -30.27 32.31 47.62
N THR F 87 -29.25 32.56 48.42
CA THR F 87 -29.42 33.00 49.81
C THR F 87 -28.60 34.27 50.02
N SER F 88 -28.67 34.82 51.24
CA SER F 88 -27.85 35.97 51.57
C SER F 88 -26.37 35.62 51.60
N GLU F 89 -26.02 34.36 51.81
CA GLU F 89 -24.63 33.93 51.80
C GLU F 89 -23.99 34.09 50.43
N ASP F 90 -24.78 34.12 49.37
CA ASP F 90 -24.26 34.26 48.02
C ASP F 90 -23.99 35.70 47.63
N SER F 91 -23.94 36.61 48.60
CA SER F 91 -23.62 38.01 48.33
C SER F 91 -22.10 38.13 48.18
N ALA F 92 -21.63 38.15 46.95
CA ALA F 92 -20.19 38.22 46.69
C ALA F 92 -19.99 38.71 45.26
N VAL F 93 -18.74 38.65 44.80
CA VAL F 93 -18.39 39.01 43.43
C VAL F 93 -17.97 37.73 42.72
N TYR F 94 -18.48 37.53 41.50
CA TYR F 94 -18.28 36.30 40.76
C TYR F 94 -17.47 36.60 39.50
N TYR F 95 -16.20 36.20 39.52
CA TYR F 95 -15.31 36.39 38.39
C TYR F 95 -15.29 35.16 37.50
N CYS F 96 -14.89 35.36 36.25
CA CYS F 96 -14.68 34.27 35.31
C CYS F 96 -13.23 34.35 34.85
N ALA F 97 -12.34 33.75 35.63
CA ALA F 97 -10.93 33.75 35.31
C ALA F 97 -10.64 32.77 34.18
N MET F 98 -9.36 32.60 33.86
CA MET F 98 -8.96 31.64 32.84
C MET F 98 -7.45 31.45 32.86
N GLY F 99 -7.01 30.20 32.92
CA GLY F 99 -5.58 29.91 32.92
C GLY F 99 -5.16 29.21 31.64
N VAL F 100 -4.34 29.88 30.83
CA VAL F 100 -3.97 29.33 29.53
C VAL F 100 -2.79 28.38 29.65
N ARG F 101 -1.69 28.84 30.24
CA ARG F 101 -0.48 28.03 30.37
C ARG F 101 -0.33 27.42 31.76
N GLY F 102 -1.43 27.09 32.41
CA GLY F 102 -1.36 26.48 33.73
C GLY F 102 -2.65 26.66 34.48
N ASN F 103 -2.64 26.16 35.72
CA ASN F 103 -3.81 26.24 36.59
C ASN F 103 -3.92 27.56 37.32
N TYR F 104 -3.02 28.50 37.09
CA TYR F 104 -3.17 29.86 37.61
C TYR F 104 -4.27 30.59 36.83
N PHE F 105 -4.58 31.81 37.26
CA PHE F 105 -5.64 32.60 36.65
C PHE F 105 -5.02 33.90 36.15
N ASP F 106 -4.74 33.99 34.85
CA ASP F 106 -4.11 35.19 34.32
C ASP F 106 -5.04 36.06 33.50
N TYR F 107 -6.22 35.58 33.13
CA TYR F 107 -7.22 36.37 32.41
C TYR F 107 -8.49 36.41 33.25
N TRP F 108 -8.93 37.61 33.60
CA TRP F 108 -10.03 37.81 34.54
C TRP F 108 -11.14 38.63 33.89
N GLY F 109 -12.33 38.55 34.48
CA GLY F 109 -13.43 39.42 34.12
C GLY F 109 -13.54 40.58 35.09
N GLN F 110 -14.38 41.56 34.71
CA GLN F 110 -14.50 42.74 35.56
C GLN F 110 -15.16 42.42 36.89
N GLY F 111 -15.98 41.39 36.94
CA GLY F 111 -16.64 41.00 38.18
C GLY F 111 -18.11 41.35 38.15
N THR F 112 -18.92 40.49 38.76
CA THR F 112 -20.37 40.66 38.78
C THR F 112 -20.85 40.52 40.21
N THR F 113 -21.28 41.63 40.81
CA THR F 113 -21.75 41.61 42.18
C THR F 113 -23.12 40.94 42.27
N LEU F 114 -23.30 40.12 43.30
CA LEU F 114 -24.57 39.42 43.53
C LEU F 114 -25.11 39.86 44.88
N THR F 115 -26.17 40.65 44.88
CA THR F 115 -26.78 41.15 46.10
C THR F 115 -28.04 40.35 46.39
N VAL F 116 -28.06 39.66 47.52
CA VAL F 116 -29.21 38.86 47.90
C VAL F 116 -29.58 39.11 49.36
N ILE G 2 7.58 -50.15 6.25
CA ILE G 2 6.37 -50.49 6.98
C ILE G 2 5.64 -51.60 6.27
N VAL G 3 5.22 -52.61 7.03
CA VAL G 3 4.62 -53.83 6.49
C VAL G 3 3.22 -53.97 7.06
N MET G 4 2.22 -53.98 6.17
CA MET G 4 0.86 -54.30 6.56
C MET G 4 0.67 -55.81 6.47
N THR G 5 -0.34 -56.31 7.18
CA THR G 5 -0.53 -57.76 7.26
C THR G 5 -2.00 -58.08 7.48
N GLN G 6 -2.66 -58.60 6.45
CA GLN G 6 -3.97 -59.20 6.60
C GLN G 6 -3.78 -60.71 6.76
N SER G 7 -3.99 -61.21 7.96
CA SER G 7 -3.69 -62.60 8.29
C SER G 7 -4.74 -63.58 7.81
N HIS G 8 -5.65 -63.16 6.93
CA HIS G 8 -6.68 -64.05 6.40
C HIS G 8 -6.81 -63.78 4.90
N LYS G 9 -6.28 -64.70 4.08
CA LYS G 9 -6.42 -64.57 2.63
C LYS G 9 -7.87 -64.76 2.21
N PHE G 10 -8.58 -65.68 2.87
CA PHE G 10 -9.98 -65.94 2.57
C PHE G 10 -10.78 -65.89 3.88
N MET G 11 -12.04 -65.48 3.77
CA MET G 11 -12.95 -65.47 4.89
C MET G 11 -14.32 -65.95 4.47
N SER G 12 -14.98 -66.69 5.35
CA SER G 12 -16.32 -67.18 5.08
C SER G 12 -17.35 -66.13 5.48
N THR G 13 -18.46 -66.12 4.75
CA THR G 13 -19.52 -65.15 4.99
C THR G 13 -20.80 -65.65 4.34
N SER G 14 -21.85 -64.84 4.45
CA SER G 14 -23.14 -65.15 3.84
C SER G 14 -23.84 -63.84 3.50
N VAL G 15 -24.76 -63.91 2.54
CA VAL G 15 -25.46 -62.72 2.08
C VAL G 15 -26.28 -62.12 3.21
N GLY G 16 -26.22 -60.79 3.34
CA GLY G 16 -26.96 -60.09 4.36
C GLY G 16 -26.36 -60.11 5.74
N ASP G 17 -25.25 -60.85 5.94
CA ASP G 17 -24.65 -60.97 7.26
C ASP G 17 -23.59 -59.91 7.48
N ARG G 18 -22.81 -60.05 8.55
CA ARG G 18 -21.81 -59.08 8.95
C ARG G 18 -20.45 -59.77 9.05
N VAL G 19 -19.40 -59.06 8.66
CA VAL G 19 -18.05 -59.60 8.65
C VAL G 19 -17.07 -58.50 9.00
N SER G 20 -16.01 -58.86 9.72
CA SER G 20 -14.98 -57.93 10.15
C SER G 20 -13.65 -58.35 9.56
N ILE G 21 -13.08 -57.50 8.70
CA ILE G 21 -11.82 -57.76 8.04
C ILE G 21 -10.73 -56.99 8.77
N THR G 22 -9.66 -57.68 9.13
CA THR G 22 -8.59 -57.10 9.92
C THR G 22 -7.38 -56.78 9.05
N CYS G 23 -6.61 -55.79 9.48
CA CYS G 23 -5.35 -55.44 8.83
C CYS G 23 -4.40 -54.93 9.93
N LYS G 24 -3.60 -55.85 10.46
CA LYS G 24 -2.75 -55.56 11.62
C LYS G 24 -1.39 -55.08 11.13
N ALA G 25 -1.20 -53.76 11.11
CA ALA G 25 0.06 -53.18 10.67
C ALA G 25 1.18 -53.54 11.64
N SER G 26 2.40 -53.16 11.28
CA SER G 26 3.56 -53.42 12.13
C SER G 26 3.83 -52.25 13.07
N GLN G 27 4.07 -51.06 12.50
CA GLN G 27 4.30 -49.87 13.30
C GLN G 27 2.98 -49.17 13.60
N ASP G 28 3.05 -48.13 14.43
CA ASP G 28 1.90 -47.28 14.71
C ASP G 28 2.04 -46.01 13.86
N VAL G 29 1.64 -46.14 12.60
CA VAL G 29 1.82 -45.05 11.65
C VAL G 29 0.90 -43.88 11.99
N SER G 30 -0.41 -44.10 11.89
CA SER G 30 -1.43 -43.11 12.20
C SER G 30 -2.76 -43.86 12.14
N THR G 31 -3.86 -43.11 12.14
CA THR G 31 -5.13 -43.68 11.74
C THR G 31 -5.32 -43.67 10.23
N ALA G 32 -4.22 -43.58 9.48
CA ALA G 32 -4.24 -43.50 8.02
C ALA G 32 -4.22 -44.90 7.43
N VAL G 33 -5.39 -45.38 7.04
CA VAL G 33 -5.52 -46.69 6.39
C VAL G 33 -6.69 -46.61 5.42
N ALA G 34 -6.45 -46.96 4.16
CA ALA G 34 -7.50 -47.01 3.16
C ALA G 34 -7.95 -48.45 2.93
N TRP G 35 -9.05 -48.59 2.20
CA TRP G 35 -9.63 -49.90 1.93
C TRP G 35 -10.19 -49.89 0.51
N TYR G 36 -9.72 -50.82 -0.31
CA TYR G 36 -10.05 -50.86 -1.73
C TYR G 36 -10.84 -52.11 -2.05
N GLN G 37 -11.59 -52.03 -3.15
CA GLN G 37 -12.40 -53.14 -3.65
C GLN G 37 -12.12 -53.31 -5.14
N GLN G 38 -11.64 -54.48 -5.54
CA GLN G 38 -11.32 -54.76 -6.92
C GLN G 38 -12.17 -55.93 -7.41
N LYS G 39 -13.19 -55.63 -8.21
CA LYS G 39 -13.91 -56.68 -8.89
C LYS G 39 -13.00 -57.32 -9.94
N PRO G 40 -13.07 -58.64 -10.12
CA PRO G 40 -12.17 -59.30 -11.07
C PRO G 40 -12.31 -58.78 -12.50
N GLY G 41 -11.26 -58.13 -13.00
CA GLY G 41 -11.24 -57.58 -14.33
C GLY G 41 -11.23 -56.07 -14.39
N GLN G 42 -11.38 -55.38 -13.25
CA GLN G 42 -11.47 -53.93 -13.24
C GLN G 42 -10.51 -53.37 -12.19
N SER G 43 -10.26 -52.06 -12.30
CA SER G 43 -9.38 -51.39 -11.36
C SER G 43 -10.00 -51.37 -9.96
N PRO G 44 -9.17 -51.40 -8.92
CA PRO G 44 -9.70 -51.24 -7.56
C PRO G 44 -10.38 -49.89 -7.39
N LYS G 45 -11.17 -49.78 -6.33
CA LYS G 45 -11.88 -48.55 -6.03
C LYS G 45 -11.76 -48.25 -4.55
N LEU G 46 -11.65 -46.97 -4.22
CA LEU G 46 -11.47 -46.54 -2.84
C LEU G 46 -12.79 -46.63 -2.09
N LEU G 47 -12.72 -47.11 -0.85
CA LEU G 47 -13.90 -47.21 0.01
C LEU G 47 -13.77 -46.38 1.27
N ILE G 48 -12.69 -46.56 2.03
CA ILE G 48 -12.55 -45.92 3.34
C ILE G 48 -11.14 -45.38 3.51
N TYR G 49 -10.96 -44.08 3.30
CA TYR G 49 -9.66 -43.46 3.50
C TYR G 49 -9.58 -42.81 4.87
N TRP G 50 -8.39 -42.85 5.47
CA TRP G 50 -8.14 -42.47 6.85
C TRP G 50 -8.81 -43.41 7.85
N ALA G 51 -9.16 -44.61 7.40
CA ALA G 51 -9.62 -45.71 8.23
C ALA G 51 -11.04 -45.53 8.76
N SER G 52 -11.62 -44.35 8.59
CA SER G 52 -13.00 -44.13 9.04
C SER G 52 -13.88 -43.35 8.08
N THR G 53 -13.33 -42.65 7.10
CA THR G 53 -14.12 -41.82 6.21
C THR G 53 -14.45 -42.58 4.93
N ARG G 54 -15.50 -42.14 4.25
CA ARG G 54 -15.98 -42.81 3.06
C ARG G 54 -15.70 -41.96 1.83
N HIS G 55 -15.64 -42.63 0.68
CA HIS G 55 -15.42 -41.98 -0.59
C HIS G 55 -16.76 -41.61 -1.23
N THR G 56 -16.72 -40.67 -2.16
CA THR G 56 -17.94 -40.20 -2.83
C THR G 56 -18.50 -41.34 -3.67
N GLY G 57 -19.57 -41.96 -3.19
CA GLY G 57 -20.22 -43.04 -3.90
C GLY G 57 -20.25 -44.35 -3.15
N VAL G 58 -19.49 -44.52 -2.08
CA VAL G 58 -19.46 -45.79 -1.36
C VAL G 58 -20.79 -45.99 -0.64
N PRO G 59 -21.36 -47.18 -0.64
CA PRO G 59 -22.61 -47.42 0.08
C PRO G 59 -22.44 -47.22 1.57
N GLY G 60 -23.57 -47.11 2.27
CA GLY G 60 -23.55 -46.86 3.70
C GLY G 60 -23.13 -48.05 4.53
N ARG G 61 -23.16 -49.26 3.97
CA ARG G 61 -22.87 -50.47 4.72
C ARG G 61 -21.38 -50.69 4.96
N PHE G 62 -20.52 -49.81 4.46
CA PHE G 62 -19.08 -49.93 4.66
C PHE G 62 -18.66 -49.02 5.81
N THR G 63 -17.99 -49.60 6.81
CA THR G 63 -17.56 -48.85 7.98
C THR G 63 -16.12 -49.23 8.32
N GLY G 64 -15.33 -48.23 8.67
CA GLY G 64 -13.97 -48.46 9.12
C GLY G 64 -13.80 -48.09 10.58
N SER G 65 -12.78 -48.64 11.22
CA SER G 65 -12.52 -48.36 12.63
C SER G 65 -11.06 -48.68 12.93
N GLY G 66 -10.73 -48.73 14.21
CA GLY G 66 -9.41 -49.12 14.65
C GLY G 66 -8.41 -47.97 14.58
N SER G 67 -7.34 -48.12 15.35
CA SER G 67 -6.27 -47.13 15.40
C SER G 67 -4.99 -47.83 15.83
N GLY G 68 -3.89 -47.08 15.77
CA GLY G 68 -2.60 -47.65 16.11
C GLY G 68 -2.12 -48.64 15.07
N THR G 69 -2.16 -49.93 15.42
CA THR G 69 -1.78 -50.99 14.50
C THR G 69 -3.00 -51.75 13.95
N ASP G 70 -3.92 -52.16 14.82
CA ASP G 70 -5.08 -52.92 14.38
C ASP G 70 -6.09 -52.00 13.70
N TYR G 71 -6.73 -52.53 12.65
CA TYR G 71 -7.78 -51.81 11.95
C TYR G 71 -8.85 -52.82 11.55
N THR G 72 -9.92 -52.34 10.91
CA THR G 72 -11.01 -53.21 10.50
C THR G 72 -11.96 -52.53 9.53
N LEU G 73 -12.26 -53.21 8.42
CA LEU G 73 -13.39 -52.86 7.57
C LEU G 73 -14.58 -53.73 7.96
N THR G 74 -15.78 -53.25 7.65
CA THR G 74 -16.99 -53.94 8.09
C THR G 74 -18.14 -53.62 7.16
N ILE G 75 -18.82 -54.66 6.69
CA ILE G 75 -20.05 -54.52 5.94
C ILE G 75 -21.22 -54.88 6.85
N SER G 76 -22.43 -54.52 6.41
CA SER G 76 -23.65 -54.83 7.17
C SER G 76 -24.62 -55.69 6.38
N SER G 77 -24.95 -55.30 5.15
CA SER G 77 -25.97 -55.98 4.34
C SER G 77 -25.38 -56.23 2.95
N VAL G 78 -24.76 -57.38 2.77
CA VAL G 78 -24.12 -57.70 1.50
C VAL G 78 -25.16 -57.80 0.40
N GLN G 79 -24.93 -57.12 -0.71
CA GLN G 79 -25.71 -57.28 -1.92
C GLN G 79 -24.99 -58.26 -2.85
N ALA G 80 -25.44 -58.33 -4.09
CA ALA G 80 -24.85 -59.21 -5.08
C ALA G 80 -23.53 -58.68 -5.64
N GLU G 81 -22.98 -57.61 -5.07
CA GLU G 81 -21.75 -56.99 -5.54
C GLU G 81 -20.83 -56.68 -4.37
N ASP G 82 -20.61 -57.66 -3.49
CA ASP G 82 -19.72 -57.47 -2.35
C ASP G 82 -18.69 -58.58 -2.16
N LEU G 83 -18.76 -59.67 -2.91
CA LEU G 83 -17.80 -60.76 -2.79
C LEU G 83 -16.66 -60.50 -3.79
N SER G 84 -15.60 -59.86 -3.30
CA SER G 84 -14.46 -59.53 -4.14
C SER G 84 -13.23 -59.40 -3.24
N LEU G 85 -12.17 -58.81 -3.77
CA LEU G 85 -10.94 -58.63 -3.01
C LEU G 85 -10.93 -57.27 -2.32
N TYR G 86 -10.45 -57.27 -1.08
CA TYR G 86 -10.40 -56.07 -0.24
C TYR G 86 -8.98 -55.86 0.24
N TYR G 87 -8.39 -54.72 -0.13
CA TYR G 87 -7.02 -54.38 0.19
C TYR G 87 -6.97 -53.25 1.20
N CYS G 88 -6.12 -53.40 2.21
CA CYS G 88 -5.85 -52.35 3.18
C CYS G 88 -4.54 -51.66 2.83
N GLN G 89 -4.55 -50.33 2.81
CA GLN G 89 -3.40 -49.55 2.39
C GLN G 89 -3.05 -48.56 3.47
N GLN G 90 -1.79 -48.55 3.89
CA GLN G 90 -1.29 -47.56 4.84
C GLN G 90 -0.68 -46.40 4.05
N HIS G 91 -1.17 -45.20 4.31
CA HIS G 91 -0.69 -44.01 3.62
C HIS G 91 -0.11 -43.00 4.61
N TYR G 92 0.70 -43.50 5.53
CA TYR G 92 1.41 -42.69 6.51
C TYR G 92 2.91 -42.96 6.44
N SER G 93 3.44 -43.07 5.23
CA SER G 93 4.85 -43.34 5.01
C SER G 93 5.14 -43.20 3.52
N THR G 94 6.42 -43.32 3.16
CA THR G 94 6.84 -43.16 1.78
C THR G 94 6.49 -44.38 0.93
N PRO G 95 6.90 -45.60 1.33
CA PRO G 95 6.48 -46.79 0.59
C PRO G 95 5.05 -47.16 0.92
N ARG G 96 4.13 -46.89 -0.02
CA ARG G 96 2.71 -47.12 0.21
C ARG G 96 2.43 -48.61 -0.03
N THR G 97 2.73 -49.40 1.00
CA THR G 97 2.57 -50.85 0.93
C THR G 97 1.16 -51.26 1.30
N PHE G 98 0.54 -52.09 0.47
CA PHE G 98 -0.82 -52.54 0.77
C PHE G 98 -0.74 -53.74 1.70
N GLY G 99 -1.86 -54.44 1.87
CA GLY G 99 -1.88 -55.70 2.57
C GLY G 99 -1.97 -56.88 1.61
N GLY G 100 -2.11 -58.06 2.20
CA GLY G 100 -2.16 -59.28 1.41
C GLY G 100 -3.46 -59.49 0.65
N GLY G 101 -4.48 -58.67 0.92
CA GLY G 101 -5.76 -58.85 0.27
C GLY G 101 -6.58 -59.96 0.90
N THR G 102 -7.90 -59.82 0.86
CA THR G 102 -8.79 -60.82 1.47
C THR G 102 -9.98 -61.03 0.55
N LYS G 103 -10.07 -62.22 -0.04
CA LYS G 103 -11.19 -62.57 -0.90
C LYS G 103 -12.39 -62.93 -0.04
N LEU G 104 -13.50 -62.22 -0.23
CA LEU G 104 -14.67 -62.38 0.62
C LEU G 104 -15.51 -63.57 0.18
N VAL H 2 -12.28 -36.11 -13.54
CA VAL H 2 -10.92 -36.64 -13.68
C VAL H 2 -10.96 -38.12 -14.03
N GLN H 3 -10.40 -38.46 -15.19
CA GLN H 3 -10.41 -39.83 -15.70
C GLN H 3 -9.05 -40.12 -16.32
N LEU H 4 -8.29 -41.01 -15.70
CA LEU H 4 -7.00 -41.42 -16.23
C LEU H 4 -7.16 -42.56 -17.22
N GLN H 5 -6.31 -42.54 -18.24
CA GLN H 5 -6.37 -43.52 -19.33
C GLN H 5 -4.96 -44.04 -19.60
N GLN H 6 -4.84 -45.36 -19.75
CA GLN H 6 -3.58 -46.01 -20.02
C GLN H 6 -3.53 -46.51 -21.45
N SER H 7 -2.46 -47.23 -21.77
CA SER H 7 -2.28 -47.85 -23.07
C SER H 7 -2.75 -49.31 -23.03
N GLY H 8 -2.80 -49.93 -24.19
CA GLY H 8 -3.25 -51.30 -24.29
C GLY H 8 -2.27 -52.26 -23.65
N ALA H 9 -2.57 -53.55 -23.81
CA ALA H 9 -1.73 -54.60 -23.24
C ALA H 9 -0.36 -54.60 -23.93
N GLU H 10 0.56 -55.34 -23.33
CA GLU H 10 1.93 -55.40 -23.83
C GLU H 10 2.41 -56.84 -23.84
N LEU H 11 3.23 -57.16 -24.84
CA LEU H 11 3.90 -58.47 -24.94
C LEU H 11 5.36 -58.20 -25.27
N MET H 12 6.24 -58.35 -24.28
CA MET H 12 7.65 -58.04 -24.43
C MET H 12 8.49 -59.25 -24.05
N LYS H 13 9.69 -59.32 -24.63
CA LYS H 13 10.63 -60.41 -24.43
C LYS H 13 11.58 -60.09 -23.28
N PRO H 14 12.10 -61.12 -22.62
CA PRO H 14 12.99 -60.90 -21.47
C PRO H 14 14.23 -60.14 -21.88
N GLY H 15 14.46 -59.00 -21.22
CA GLY H 15 15.60 -58.16 -21.47
C GLY H 15 15.28 -56.88 -22.19
N ALA H 16 14.12 -56.78 -22.83
CA ALA H 16 13.73 -55.58 -23.55
C ALA H 16 13.23 -54.54 -22.56
N ALA H 17 12.63 -53.47 -23.07
CA ALA H 17 12.09 -52.40 -22.25
C ALA H 17 10.80 -51.88 -22.87
N VAL H 18 9.81 -51.62 -22.03
CA VAL H 18 8.50 -51.18 -22.47
C VAL H 18 8.16 -49.86 -21.77
N LYS H 19 7.39 -49.03 -22.44
CA LYS H 19 6.99 -47.72 -21.94
C LYS H 19 5.47 -47.67 -21.84
N ILE H 20 4.95 -47.77 -20.61
CA ILE H 20 3.52 -47.68 -20.35
C ILE H 20 3.16 -46.23 -20.12
N SER H 21 2.15 -45.74 -20.84
CA SER H 21 1.69 -44.37 -20.71
C SER H 21 0.48 -44.31 -19.78
N CYS H 22 0.15 -43.09 -19.36
CA CYS H 22 -1.02 -42.83 -18.52
C CYS H 22 -1.61 -41.50 -18.98
N LYS H 23 -2.55 -41.57 -19.92
CA LYS H 23 -3.18 -40.37 -20.46
C LYS H 23 -4.03 -39.70 -19.39
N ALA H 24 -3.97 -38.37 -19.33
CA ALA H 24 -4.69 -37.59 -18.34
C ALA H 24 -5.80 -36.83 -19.05
N THR H 25 -6.97 -37.46 -19.13
CA THR H 25 -8.14 -36.87 -19.78
C THR H 25 -9.04 -36.30 -18.69
N GLY H 26 -8.95 -35.00 -18.46
CA GLY H 26 -9.79 -34.36 -17.46
C GLY H 26 -9.09 -33.27 -16.69
N HIS H 27 -7.76 -33.28 -16.69
CA HIS H 27 -7.00 -32.28 -15.96
C HIS H 27 -5.61 -32.18 -16.56
N THR H 28 -4.93 -31.07 -16.28
CA THR H 28 -3.56 -30.89 -16.74
C THR H 28 -2.66 -31.88 -16.04
N ILE H 29 -1.79 -32.55 -16.81
CA ILE H 29 -0.96 -33.61 -16.26
C ILE H 29 0.04 -33.06 -15.25
N SER H 30 0.43 -31.79 -15.38
CA SER H 30 1.40 -31.18 -14.49
C SER H 30 0.75 -30.60 -13.24
N ARG H 31 -0.44 -31.08 -12.89
CA ARG H 31 -1.21 -30.53 -11.78
C ARG H 31 -1.16 -31.39 -10.53
N TYR H 32 -1.35 -32.70 -10.67
CA TYR H 32 -1.40 -33.61 -9.54
C TYR H 32 -0.25 -34.60 -9.62
N TRP H 33 0.03 -35.25 -8.49
CA TRP H 33 1.00 -36.34 -8.46
C TRP H 33 0.39 -37.58 -9.09
N ILE H 34 1.02 -38.08 -10.15
CA ILE H 34 0.63 -39.34 -10.77
C ILE H 34 1.43 -40.46 -10.12
N ASP H 35 0.75 -41.53 -9.74
CA ASP H 35 1.37 -42.67 -9.08
C ASP H 35 1.37 -43.87 -10.01
N TRP H 36 2.14 -44.89 -9.64
CA TRP H 36 2.28 -46.10 -10.45
C TRP H 36 2.34 -47.31 -9.53
N LEU H 37 1.45 -48.27 -9.77
CA LEU H 37 1.32 -49.42 -8.90
C LEU H 37 1.52 -50.72 -9.69
N LYS H 38 1.89 -51.76 -8.96
CA LYS H 38 2.10 -53.10 -9.53
C LYS H 38 1.16 -54.08 -8.85
N GLN H 39 0.54 -54.95 -9.65
CA GLN H 39 -0.37 -55.99 -9.13
C GLN H 39 0.00 -57.30 -9.82
N ARG H 40 0.88 -58.05 -9.21
CA ARG H 40 1.22 -59.33 -9.83
C ARG H 40 0.32 -60.42 -9.28
N PRO H 41 -0.32 -61.21 -10.15
CA PRO H 41 -1.22 -62.26 -9.67
C PRO H 41 -0.49 -63.27 -8.81
N GLY H 42 -1.19 -63.77 -7.79
CA GLY H 42 -0.59 -64.53 -6.72
C GLY H 42 -0.24 -63.67 -5.52
N HIS H 43 0.12 -62.42 -5.76
CA HIS H 43 0.36 -61.42 -4.72
C HIS H 43 -0.63 -60.26 -4.91
N GLY H 44 -0.54 -59.28 -4.02
CA GLY H 44 -1.40 -58.12 -4.07
C GLY H 44 -0.76 -56.95 -4.79
N LEU H 45 -1.35 -55.78 -4.60
CA LEU H 45 -0.82 -54.57 -5.20
C LEU H 45 0.51 -54.19 -4.53
N GLU H 46 1.20 -53.24 -5.14
CA GLU H 46 2.50 -52.79 -4.66
C GLU H 46 2.82 -51.46 -5.32
N TRP H 47 3.13 -50.46 -4.50
CA TRP H 47 3.38 -49.11 -4.99
C TRP H 47 4.77 -49.04 -5.61
N ILE H 48 4.85 -48.63 -6.88
CA ILE H 48 6.14 -48.46 -7.52
C ILE H 48 6.77 -47.12 -7.14
N GLY H 49 6.09 -46.04 -7.49
CA GLY H 49 6.60 -44.72 -7.18
C GLY H 49 5.63 -43.64 -7.62
N GLU H 50 6.09 -42.39 -7.53
CA GLU H 50 5.27 -41.25 -7.90
C GLU H 50 6.10 -40.27 -8.71
N ILE H 51 5.43 -39.52 -9.57
CA ILE H 51 6.06 -38.48 -10.37
C ILE H 51 5.12 -37.30 -10.46
N LEU H 52 5.68 -36.09 -10.38
CA LEU H 52 4.91 -34.88 -10.63
C LEU H 52 5.25 -34.41 -12.03
N PRO H 53 4.34 -34.52 -12.99
CA PRO H 53 4.72 -34.37 -14.42
C PRO H 53 5.13 -32.97 -14.85
N GLY H 54 5.18 -32.02 -13.93
CA GLY H 54 5.58 -30.67 -14.30
C GLY H 54 6.94 -30.28 -13.77
N SER H 55 7.28 -30.75 -12.57
CA SER H 55 8.52 -30.40 -11.91
C SER H 55 9.62 -31.44 -12.09
N GLY H 56 9.32 -32.55 -12.75
CA GLY H 56 10.32 -33.59 -12.91
C GLY H 56 10.75 -34.26 -11.63
N SER H 57 9.99 -34.11 -10.56
CA SER H 57 10.30 -34.76 -9.29
C SER H 57 9.68 -36.15 -9.26
N THR H 58 10.39 -37.10 -8.66
CA THR H 58 9.92 -38.47 -8.57
C THR H 58 10.28 -39.02 -7.21
N ASN H 59 9.61 -40.12 -6.84
CA ASN H 59 9.89 -40.81 -5.59
C ASN H 59 9.68 -42.30 -5.85
N TYR H 60 10.77 -43.00 -6.14
CA TYR H 60 10.72 -44.43 -6.42
C TYR H 60 10.80 -45.24 -5.14
N ASN H 61 10.11 -46.38 -5.14
CA ASN H 61 10.29 -47.33 -4.06
C ASN H 61 11.69 -47.92 -4.11
N GLU H 62 12.24 -48.23 -2.94
CA GLU H 62 13.58 -48.81 -2.89
C GLU H 62 13.64 -50.14 -3.63
N LYS H 63 12.56 -50.91 -3.59
CA LYS H 63 12.54 -52.20 -4.26
C LYS H 63 12.50 -52.07 -5.79
N PHE H 64 12.15 -50.89 -6.31
CA PHE H 64 11.98 -50.71 -7.75
C PHE H 64 12.94 -49.66 -8.32
N LYS H 65 14.00 -49.32 -7.59
CA LYS H 65 14.97 -48.34 -8.07
C LYS H 65 15.68 -48.89 -9.30
N GLY H 66 15.78 -48.07 -10.34
CA GLY H 66 16.44 -48.49 -11.56
C GLY H 66 15.52 -49.25 -12.50
N LYS H 67 14.72 -50.15 -11.94
CA LYS H 67 13.76 -50.91 -12.75
C LYS H 67 12.72 -49.99 -13.38
N ALA H 68 12.24 -49.01 -12.63
CA ALA H 68 11.21 -48.09 -13.11
C ALA H 68 11.83 -46.73 -13.43
N THR H 69 11.39 -46.14 -14.52
CA THR H 69 11.87 -44.82 -14.96
C THR H 69 10.67 -43.97 -15.32
N PHE H 70 10.37 -42.98 -14.48
CA PHE H 70 9.22 -42.12 -14.66
C PHE H 70 9.58 -40.92 -15.52
N THR H 71 8.69 -40.59 -16.46
CA THR H 71 8.85 -39.42 -17.30
C THR H 71 7.49 -38.75 -17.45
N ALA H 72 7.41 -37.77 -18.35
CA ALA H 72 6.16 -37.06 -18.57
C ALA H 72 6.31 -36.20 -19.82
N GLU H 73 5.17 -35.83 -20.38
CA GLU H 73 5.15 -35.01 -21.59
C GLU H 73 3.91 -34.14 -21.55
N LYS H 74 4.08 -32.85 -21.27
CA LYS H 74 2.95 -31.93 -21.21
C LYS H 74 2.36 -31.62 -22.58
N SER H 75 3.01 -32.05 -23.66
CA SER H 75 2.48 -31.79 -24.98
C SER H 75 1.16 -32.51 -25.23
N SER H 76 0.90 -33.61 -24.53
CA SER H 76 -0.36 -34.33 -24.70
C SER H 76 -1.01 -34.73 -23.38
N ASN H 77 -0.54 -34.18 -22.25
CA ASN H 77 -1.10 -34.49 -20.94
C ASN H 77 -1.02 -35.98 -20.64
N THR H 78 0.20 -36.49 -20.57
CA THR H 78 0.40 -37.90 -20.31
C THR H 78 1.71 -38.10 -19.55
N ALA H 79 1.72 -39.07 -18.64
CA ALA H 79 2.88 -39.42 -17.85
C ALA H 79 3.29 -40.85 -18.21
N TYR H 80 4.57 -41.05 -18.49
CA TYR H 80 5.08 -42.32 -18.97
C TYR H 80 5.84 -43.05 -17.88
N MET H 81 5.82 -44.37 -17.95
CA MET H 81 6.71 -45.22 -17.16
C MET H 81 7.39 -46.21 -18.08
N GLN H 82 8.67 -46.45 -17.83
CA GLN H 82 9.47 -47.32 -18.67
C GLN H 82 10.13 -48.39 -17.81
N LEU H 83 9.81 -49.65 -18.09
CA LEU H 83 10.40 -50.79 -17.39
C LEU H 83 11.56 -51.30 -18.22
N SER H 84 12.75 -51.27 -17.63
CA SER H 84 13.97 -51.69 -18.30
C SER H 84 14.44 -53.04 -17.76
N SER H 85 14.99 -53.86 -18.64
CA SER H 85 15.49 -55.19 -18.27
C SER H 85 14.36 -56.06 -17.70
N LEU H 86 13.35 -56.29 -18.54
CA LEU H 86 12.23 -57.13 -18.15
C LEU H 86 12.70 -58.55 -17.86
N THR H 87 11.96 -59.24 -16.99
CA THR H 87 12.25 -60.62 -16.64
C THR H 87 10.92 -61.37 -16.52
N SER H 88 10.97 -62.59 -15.97
CA SER H 88 9.76 -63.35 -15.75
C SER H 88 8.98 -62.85 -14.54
N GLU H 89 9.64 -62.16 -13.61
CA GLU H 89 8.99 -61.61 -12.43
C GLU H 89 8.39 -60.24 -12.69
N ASP H 90 8.14 -59.88 -13.95
CA ASP H 90 7.54 -58.61 -14.30
C ASP H 90 6.21 -58.80 -15.02
N SER H 91 5.56 -59.94 -14.83
CA SER H 91 4.27 -60.23 -15.46
C SER H 91 3.19 -59.84 -14.47
N ALA H 92 2.54 -58.71 -14.72
CA ALA H 92 1.55 -58.19 -13.78
C ALA H 92 0.76 -57.08 -14.46
N VAL H 93 -0.11 -56.44 -13.70
CA VAL H 93 -0.92 -55.32 -14.16
C VAL H 93 -0.41 -54.06 -13.48
N TYR H 94 -0.08 -53.05 -14.28
CA TYR H 94 0.50 -51.82 -13.78
C TYR H 94 -0.53 -50.69 -13.90
N TYR H 95 -0.94 -50.16 -12.75
CA TYR H 95 -1.91 -49.07 -12.68
C TYR H 95 -1.21 -47.75 -12.46
N CYS H 96 -1.92 -46.67 -12.77
CA CYS H 96 -1.45 -45.30 -12.55
C CYS H 96 -2.54 -44.55 -11.78
N ALA H 97 -2.50 -44.68 -10.45
CA ALA H 97 -3.46 -44.01 -9.60
C ALA H 97 -3.07 -42.55 -9.39
N MET H 98 -3.94 -41.81 -8.72
CA MET H 98 -3.69 -40.40 -8.46
C MET H 98 -4.50 -39.98 -7.23
N GLY H 99 -3.85 -39.90 -6.08
CA GLY H 99 -4.50 -39.43 -4.87
C GLY H 99 -4.42 -37.92 -4.79
N VAL H 100 -5.56 -37.28 -4.57
CA VAL H 100 -5.64 -35.83 -4.55
C VAL H 100 -5.58 -35.31 -3.13
N ARG H 101 -6.52 -35.74 -2.28
CA ARG H 101 -6.62 -35.25 -0.92
C ARG H 101 -5.86 -36.13 0.08
N GLY H 102 -4.81 -36.81 -0.35
CA GLY H 102 -4.03 -37.64 0.55
C GLY H 102 -3.16 -38.60 -0.23
N ASN H 103 -2.56 -39.52 0.51
CA ASN H 103 -1.69 -40.55 -0.06
C ASN H 103 -2.45 -41.79 -0.51
N TYR H 104 -3.78 -41.79 -0.40
CA TYR H 104 -4.57 -42.89 -0.94
C TYR H 104 -4.65 -42.77 -2.46
N PHE H 105 -5.38 -43.70 -3.08
CA PHE H 105 -5.47 -43.77 -4.54
C PHE H 105 -6.94 -43.80 -4.91
N ASP H 106 -7.55 -42.62 -5.05
CA ASP H 106 -8.97 -42.53 -5.35
C ASP H 106 -9.26 -42.50 -6.85
N TYR H 107 -8.26 -42.24 -7.69
CA TYR H 107 -8.40 -42.26 -9.13
C TYR H 107 -7.49 -43.33 -9.70
N TRP H 108 -7.93 -44.00 -10.76
CA TRP H 108 -7.26 -45.19 -11.26
C TRP H 108 -7.34 -45.26 -12.77
N GLY H 109 -6.39 -45.99 -13.36
CA GLY H 109 -6.44 -46.32 -14.77
C GLY H 109 -7.01 -47.73 -14.97
N GLN H 110 -7.33 -48.02 -16.24
CA GLN H 110 -7.95 -49.31 -16.53
C GLN H 110 -7.02 -50.48 -16.29
N GLY H 111 -5.71 -50.25 -16.29
CA GLY H 111 -4.76 -51.30 -16.01
C GLY H 111 -4.03 -51.82 -17.24
N THR H 112 -2.72 -51.64 -17.26
CA THR H 112 -1.88 -52.09 -18.37
C THR H 112 -1.30 -53.45 -18.03
N THR H 113 -1.71 -54.47 -18.78
CA THR H 113 -1.22 -55.82 -18.56
C THR H 113 0.09 -56.02 -19.31
N LEU H 114 1.08 -56.60 -18.63
CA LEU H 114 2.40 -56.82 -19.22
C LEU H 114 2.80 -58.27 -18.99
N THR H 115 3.01 -59.00 -20.08
CA THR H 115 3.43 -60.39 -20.05
C THR H 115 4.81 -60.49 -20.70
N VAL H 116 5.81 -60.80 -19.90
CA VAL H 116 7.18 -60.90 -20.39
C VAL H 116 7.53 -62.34 -20.70
N SER I 37 10.54 -41.90 24.64
CA SER I 37 10.98 -40.52 24.43
C SER I 37 9.82 -39.62 24.04
N PRO I 38 9.61 -38.54 24.80
CA PRO I 38 8.50 -37.63 24.48
C PRO I 38 8.78 -36.79 23.26
N SER I 39 7.88 -35.85 22.97
CA SER I 39 8.04 -34.94 21.84
C SER I 39 8.87 -33.71 22.19
N ASP I 40 9.65 -33.75 23.26
CA ASP I 40 10.66 -32.74 23.55
C ASP I 40 11.94 -32.97 22.75
N PHE I 41 11.89 -33.88 21.78
CA PHE I 41 13.01 -34.11 20.87
C PHE I 41 13.45 -32.84 20.17
N LEU I 42 12.53 -31.90 19.94
CA LEU I 42 12.89 -30.61 19.38
C LEU I 42 13.86 -29.85 20.28
N ASP I 43 13.86 -30.12 21.57
CA ASP I 43 14.79 -29.48 22.49
C ASP I 43 16.14 -30.18 22.54
N LYS I 44 16.19 -31.48 22.24
CA LYS I 44 17.44 -32.20 22.15
C LYS I 44 18.06 -32.11 20.76
N LEU I 45 17.32 -31.62 19.77
CA LEU I 45 17.85 -31.39 18.44
C LEU I 45 18.25 -29.94 18.20
N MET I 46 17.68 -29.02 18.98
CA MET I 46 17.85 -27.59 18.77
C MET I 46 17.64 -26.89 20.10
N GLY I 47 17.53 -25.57 20.05
CA GLY I 47 17.08 -24.77 21.17
C GLY I 47 17.80 -24.94 22.49
N ARG I 48 17.11 -25.51 23.48
CA ARG I 48 17.58 -25.46 24.86
C ARG I 48 18.75 -26.39 25.12
N THR I 49 18.91 -27.47 24.36
CA THR I 49 19.95 -28.43 24.63
C THR I 49 20.65 -28.81 23.33
N SER I 50 21.66 -29.68 23.45
CA SER I 50 22.50 -30.22 22.39
C SER I 50 23.55 -29.24 21.90
N GLY I 51 23.53 -27.98 22.36
CA GLY I 51 24.57 -27.04 21.98
C GLY I 51 24.61 -26.71 20.51
N TYR I 52 23.49 -26.86 19.80
CA TYR I 52 23.43 -26.46 18.41
C TYR I 52 23.60 -24.94 18.32
N ASP I 53 24.73 -24.50 17.77
CA ASP I 53 25.00 -23.08 17.61
C ASP I 53 24.50 -22.66 16.24
N ALA I 54 23.38 -21.92 16.22
CA ALA I 54 22.74 -21.52 14.98
C ALA I 54 23.49 -20.43 14.23
N ARG I 55 24.62 -19.97 14.76
CA ARG I 55 25.40 -18.92 14.10
C ARG I 55 26.61 -19.47 13.34
N ILE I 56 27.01 -20.71 13.61
CA ILE I 56 28.12 -21.34 12.93
C ILE I 56 27.58 -22.19 11.79
N ARG I 57 28.09 -21.96 10.58
CA ARG I 57 27.68 -22.71 9.41
C ARG I 57 27.96 -24.20 9.58
N PRO I 58 27.22 -25.05 8.87
CA PRO I 58 27.54 -26.48 8.87
C PRO I 58 28.91 -26.73 8.25
N ASN I 59 29.53 -27.83 8.68
CA ASN I 59 30.86 -28.19 8.19
C ASN I 59 31.87 -27.07 8.47
N PHE I 60 31.82 -26.55 9.69
CA PHE I 60 32.77 -25.51 10.07
C PHE I 60 34.18 -26.08 10.05
N LYS I 61 35.09 -25.35 9.40
CA LYS I 61 36.43 -25.86 9.10
C LYS I 61 36.34 -27.08 8.18
N GLY I 62 35.53 -26.96 7.14
CA GLY I 62 35.33 -28.03 6.19
C GLY I 62 34.91 -27.50 4.83
N PRO I 63 34.28 -28.36 4.03
CA PRO I 63 33.87 -27.96 2.69
C PRO I 63 32.85 -26.84 2.74
N PRO I 64 32.58 -26.19 1.62
CA PRO I 64 31.51 -25.18 1.60
C PRO I 64 30.15 -25.86 1.54
N VAL I 65 29.27 -25.46 2.45
CA VAL I 65 27.89 -25.94 2.44
C VAL I 65 27.22 -25.45 1.18
N ASN I 66 26.87 -26.36 0.27
CA ASN I 66 26.17 -25.94 -0.92
C ASN I 66 24.70 -26.34 -0.86
N VAL I 67 23.87 -25.50 -1.50
CA VAL I 67 22.45 -25.44 -1.27
C VAL I 67 21.76 -25.53 -2.62
N SER I 68 21.30 -26.73 -2.98
CA SER I 68 20.52 -26.88 -4.20
C SER I 68 19.14 -26.27 -3.99
N CYS I 69 18.83 -25.21 -4.74
CA CYS I 69 17.61 -24.45 -4.54
C CYS I 69 16.82 -24.36 -5.83
N ASN I 70 15.49 -24.36 -5.70
CA ASN I 70 14.57 -24.28 -6.81
C ASN I 70 13.47 -23.27 -6.50
N ILE I 71 12.72 -22.90 -7.54
CA ILE I 71 11.74 -21.82 -7.45
C ILE I 71 10.40 -22.31 -7.99
N PHE I 72 9.31 -21.84 -7.38
CA PHE I 72 7.97 -22.06 -7.89
C PHE I 72 7.28 -20.69 -7.95
N ILE I 73 7.07 -20.17 -9.15
CA ILE I 73 6.49 -18.85 -9.33
C ILE I 73 4.97 -18.97 -9.38
N ASN I 74 4.29 -18.25 -8.48
CA ASN I 74 2.83 -18.27 -8.48
C ASN I 74 2.26 -17.36 -9.56
N SER I 75 2.88 -16.21 -9.79
CA SER I 75 2.31 -15.26 -10.73
C SER I 75 3.28 -14.15 -11.11
N PHE I 76 3.37 -13.85 -12.41
CA PHE I 76 3.99 -12.63 -12.87
C PHE I 76 2.93 -11.53 -12.88
N GLY I 77 3.24 -10.40 -13.51
CA GLY I 77 2.30 -9.32 -13.61
C GLY I 77 2.90 -7.98 -13.28
N SER I 78 2.24 -6.90 -13.68
CA SER I 78 2.73 -5.55 -13.45
C SER I 78 4.11 -5.35 -14.06
N ILE I 79 4.32 -5.92 -15.25
CA ILE I 79 5.57 -5.75 -15.98
C ILE I 79 5.55 -4.34 -16.56
N ALA I 80 6.17 -3.40 -15.86
CA ALA I 80 6.11 -2.00 -16.21
C ALA I 80 7.34 -1.62 -17.03
N GLU I 81 7.10 -1.16 -18.26
CA GLU I 81 8.19 -0.62 -19.06
C GLU I 81 8.66 0.71 -18.50
N THR I 82 7.76 1.50 -17.93
CA THR I 82 8.14 2.76 -17.32
C THR I 82 9.01 2.53 -16.09
N THR I 83 8.47 1.83 -15.10
CA THR I 83 9.26 1.51 -13.91
C THR I 83 10.40 0.56 -14.22
N MET I 84 10.30 -0.22 -15.30
CA MET I 84 11.35 -1.11 -15.76
C MET I 84 11.57 -2.25 -14.75
N ASP I 85 10.48 -2.93 -14.40
CA ASP I 85 10.52 -4.02 -13.43
C ASP I 85 9.31 -4.91 -13.63
N TYR I 86 9.19 -5.91 -12.77
CA TYR I 86 8.06 -6.83 -12.80
C TYR I 86 7.92 -7.46 -11.43
N ARG I 87 6.68 -7.78 -11.06
CA ARG I 87 6.39 -8.37 -9.76
C ARG I 87 6.12 -9.86 -9.91
N VAL I 88 6.51 -10.61 -8.88
CA VAL I 88 6.32 -12.06 -8.85
C VAL I 88 6.47 -12.53 -7.42
N ASN I 89 5.66 -13.51 -7.05
CA ASN I 89 5.83 -14.21 -5.79
C ASN I 89 6.19 -15.67 -6.06
N ILE I 90 7.11 -16.20 -5.26
CA ILE I 90 7.70 -17.51 -5.49
C ILE I 90 7.78 -18.24 -4.16
N PHE I 91 8.04 -19.54 -4.24
CA PHE I 91 8.30 -20.35 -3.06
C PHE I 91 9.76 -20.78 -3.15
N LEU I 92 10.66 -19.94 -2.64
CA LEU I 92 12.09 -20.21 -2.70
C LEU I 92 12.40 -21.39 -1.78
N ARG I 93 12.61 -22.55 -2.37
CA ARG I 93 13.06 -23.73 -1.64
C ARG I 93 14.56 -23.86 -1.77
N GLN I 94 15.19 -24.48 -0.77
CA GLN I 94 16.63 -24.66 -0.81
C GLN I 94 17.02 -25.72 0.22
N GLN I 95 17.85 -26.66 -0.21
CA GLN I 95 18.23 -27.81 0.61
C GLN I 95 19.74 -27.81 0.81
N TRP I 96 20.16 -28.23 2.01
CA TRP I 96 21.56 -28.33 2.34
C TRP I 96 21.71 -29.39 3.41
N ASN I 97 22.93 -29.89 3.56
CA ASN I 97 23.19 -30.86 4.61
C ASN I 97 23.70 -30.14 5.86
N ASP I 98 23.30 -30.67 7.02
CA ASP I 98 23.71 -30.10 8.30
C ASP I 98 23.97 -31.27 9.24
N PRO I 99 25.22 -31.72 9.33
CA PRO I 99 25.49 -33.03 9.97
C PRO I 99 25.11 -33.11 11.44
N ARG I 100 24.88 -31.98 12.12
CA ARG I 100 24.49 -31.99 13.51
C ARG I 100 22.98 -31.89 13.69
N LEU I 101 22.21 -32.27 12.67
CA LEU I 101 20.77 -32.45 12.78
C LEU I 101 20.35 -33.88 12.51
N ALA I 102 21.28 -34.77 12.17
CA ALA I 102 20.94 -36.17 11.98
C ALA I 102 20.55 -36.80 13.30
N TYR I 103 19.52 -37.64 13.27
CA TYR I 103 18.95 -38.21 14.49
C TYR I 103 18.68 -39.70 14.32
N ASN I 104 18.75 -40.41 15.44
CA ASN I 104 18.42 -41.82 15.50
C ASN I 104 17.20 -42.10 16.38
N GLU I 105 16.49 -41.06 16.80
CA GLU I 105 15.35 -41.24 17.69
C GLU I 105 14.10 -41.66 16.92
N TYR I 106 13.69 -40.86 15.95
CA TYR I 106 12.51 -41.28 15.20
C TYR I 106 12.91 -42.08 13.97
N PRO I 107 12.13 -43.10 13.63
CA PRO I 107 12.41 -43.93 12.45
C PRO I 107 11.93 -43.34 11.13
N ASP I 108 11.60 -42.05 11.09
CA ASP I 108 11.05 -41.43 9.90
C ASP I 108 12.16 -40.88 9.01
N ASP I 109 12.02 -41.10 7.70
CA ASP I 109 12.99 -40.57 6.75
C ASP I 109 13.02 -39.05 6.79
N SER I 110 11.92 -38.42 6.41
CA SER I 110 11.74 -37.00 6.55
C SER I 110 10.85 -36.71 7.76
N LEU I 111 10.86 -35.44 8.20
CA LEU I 111 10.15 -35.10 9.43
C LEU I 111 9.82 -33.60 9.38
N ASP I 112 8.57 -33.28 9.06
CA ASP I 112 8.12 -31.90 9.05
C ASP I 112 8.19 -31.32 10.46
N LEU I 113 8.27 -29.99 10.53
CA LEU I 113 8.40 -29.31 11.80
C LEU I 113 7.61 -28.01 11.78
N ASP I 114 7.51 -27.41 12.96
CA ASP I 114 6.86 -26.12 13.08
C ASP I 114 7.77 -25.04 12.50
N PRO I 115 7.26 -24.17 11.61
CA PRO I 115 8.09 -23.07 11.10
C PRO I 115 8.62 -22.13 12.18
N SER I 116 8.06 -22.17 13.40
CA SER I 116 8.66 -21.42 14.49
C SER I 116 10.02 -21.97 14.87
N MET I 117 10.27 -23.26 14.64
CA MET I 117 11.58 -23.84 14.83
C MET I 117 12.57 -23.43 13.76
N LEU I 118 12.10 -22.77 12.70
CA LEU I 118 12.95 -22.36 11.59
C LEU I 118 13.86 -21.20 11.94
N ASP I 119 13.69 -20.57 13.10
CA ASP I 119 14.50 -19.44 13.51
C ASP I 119 15.65 -19.84 14.42
N SER I 120 15.88 -21.14 14.61
CA SER I 120 16.96 -21.61 15.47
C SER I 120 18.01 -22.42 14.74
N ILE I 121 17.88 -22.62 13.43
CA ILE I 121 18.85 -23.37 12.65
C ILE I 121 19.62 -22.41 11.76
N TRP I 122 20.75 -22.88 11.24
CA TRP I 122 21.48 -22.11 10.24
C TRP I 122 20.66 -22.02 8.95
N LYS I 123 20.80 -20.88 8.26
CA LYS I 123 20.10 -20.70 7.01
C LYS I 123 20.97 -19.88 6.07
N PRO I 124 21.08 -20.27 4.81
CA PRO I 124 21.86 -19.46 3.87
C PRO I 124 21.18 -18.12 3.62
N ASP I 125 21.98 -17.07 3.63
CA ASP I 125 21.48 -15.70 3.52
C ASP I 125 21.51 -15.23 2.07
N LEU I 126 20.78 -15.92 1.21
CA LEU I 126 20.74 -15.52 -0.18
C LEU I 126 19.84 -14.29 -0.34
N PHE I 127 20.21 -13.44 -1.28
CA PHE I 127 19.40 -12.30 -1.66
C PHE I 127 19.23 -12.30 -3.17
N PHE I 128 18.31 -11.48 -3.65
CA PHE I 128 18.08 -11.30 -5.07
C PHE I 128 18.80 -10.03 -5.49
N ALA I 129 19.88 -10.19 -6.27
CA ALA I 129 20.74 -9.07 -6.61
C ALA I 129 20.02 -7.95 -7.33
N ASN I 130 18.90 -8.25 -7.99
CA ASN I 130 18.09 -7.24 -8.67
C ASN I 130 16.66 -7.26 -8.15
N GLU I 131 16.49 -7.47 -6.84
CA GLU I 131 15.16 -7.68 -6.30
C GLU I 131 14.36 -6.38 -6.24
N LYS I 132 15.00 -5.25 -5.95
CA LYS I 132 14.39 -3.93 -6.05
C LYS I 132 13.22 -3.74 -5.10
N GLY I 133 13.05 -4.63 -4.12
CA GLY I 133 11.91 -4.59 -3.24
C GLY I 133 11.29 -5.96 -3.05
N ALA I 134 11.18 -6.39 -1.80
CA ALA I 134 10.70 -7.73 -1.49
C ALA I 134 10.15 -7.73 -0.08
N HIS I 135 9.43 -8.79 0.26
CA HIS I 135 8.85 -8.88 1.59
C HIS I 135 8.32 -10.28 1.81
N PHE I 136 8.58 -10.82 3.00
CA PHE I 136 7.95 -12.05 3.42
C PHE I 136 6.44 -11.89 3.48
N HIS I 137 5.74 -13.01 3.56
CA HIS I 137 4.29 -13.02 3.76
C HIS I 137 4.00 -13.53 5.17
N GLU I 138 3.34 -12.70 5.97
CA GLU I 138 3.05 -12.97 7.36
C GLU I 138 1.58 -13.26 7.62
N ILE I 139 0.80 -13.51 6.57
CA ILE I 139 -0.65 -13.58 6.70
C ILE I 139 -1.02 -14.83 7.50
N THR I 140 -1.52 -14.63 8.71
CA THR I 140 -2.06 -15.65 9.61
C THR I 140 -0.97 -16.53 10.22
N THR I 141 0.26 -16.41 9.74
CA THR I 141 1.39 -17.18 10.27
C THR I 141 2.61 -16.82 9.44
N ASP I 142 3.75 -17.35 9.84
CA ASP I 142 4.93 -17.33 8.99
C ASP I 142 4.73 -18.33 7.85
N ASN I 143 4.85 -17.86 6.60
CA ASN I 143 4.76 -18.74 5.44
C ASN I 143 6.13 -19.36 5.19
N LYS I 144 6.54 -20.20 6.14
CA LYS I 144 7.83 -20.88 6.10
C LYS I 144 7.61 -22.38 6.23
N LEU I 145 8.55 -23.14 5.67
CA LEU I 145 8.48 -24.60 5.71
C LEU I 145 9.82 -25.14 6.21
N LEU I 146 9.78 -26.27 6.89
CA LEU I 146 11.00 -26.88 7.42
C LEU I 146 10.76 -28.35 7.65
N ARG I 147 11.47 -29.20 6.92
CA ARG I 147 11.50 -30.64 7.19
C ARG I 147 12.94 -31.09 7.24
N ILE I 148 13.36 -31.58 8.41
CA ILE I 148 14.73 -32.00 8.64
C ILE I 148 14.81 -33.49 8.39
N SER I 149 15.40 -33.89 7.28
CA SER I 149 15.60 -35.31 6.99
C SER I 149 16.49 -35.93 8.06
N ARG I 150 16.40 -37.25 8.18
CA ARG I 150 17.02 -37.95 9.29
C ARG I 150 18.52 -38.18 9.11
N ASN I 151 19.12 -37.60 8.07
CA ASN I 151 20.57 -37.58 7.92
C ASN I 151 21.14 -36.17 7.99
N GLY I 152 20.30 -35.15 8.11
CA GLY I 152 20.73 -33.77 8.17
C GLY I 152 20.16 -32.89 7.07
N ASN I 153 19.66 -33.49 5.99
CA ASN I 153 19.13 -32.72 4.87
C ASN I 153 18.00 -31.80 5.30
N VAL I 154 18.22 -30.49 5.23
CA VAL I 154 17.24 -29.51 5.68
C VAL I 154 16.56 -28.91 4.46
N LEU I 155 15.24 -29.05 4.39
CA LEU I 155 14.45 -28.35 3.40
C LEU I 155 13.96 -27.02 3.98
N TYR I 156 13.82 -26.04 3.10
CA TYR I 156 13.51 -24.67 3.53
C TYR I 156 12.76 -23.98 2.41
N SER I 157 11.45 -23.85 2.56
CA SER I 157 10.59 -23.20 1.58
C SER I 157 9.93 -22.01 2.23
N ILE I 158 10.09 -20.83 1.63
CA ILE I 158 9.48 -19.61 2.13
C ILE I 158 8.86 -18.87 0.96
N ARG I 159 7.70 -18.27 1.20
CA ARG I 159 7.01 -17.49 0.18
C ARG I 159 7.58 -16.08 0.17
N ILE I 160 7.85 -15.55 -1.01
CA ILE I 160 8.46 -14.24 -1.17
C ILE I 160 7.85 -13.55 -2.38
N THR I 161 7.57 -12.27 -2.25
CA THR I 161 7.10 -11.43 -3.35
C THR I 161 8.23 -10.51 -3.77
N LEU I 162 8.54 -10.49 -5.07
CA LEU I 162 9.70 -9.78 -5.59
C LEU I 162 9.28 -8.83 -6.69
N THR I 163 9.66 -7.57 -6.55
CA THR I 163 9.52 -6.60 -7.64
C THR I 163 10.83 -6.44 -8.39
N LEU I 164 11.22 -7.55 -9.02
CA LEU I 164 12.51 -7.63 -9.72
C LEU I 164 12.57 -6.60 -10.85
N ALA I 165 13.77 -6.11 -11.10
CA ALA I 165 14.02 -5.12 -12.14
C ALA I 165 14.82 -5.75 -13.27
N CYS I 166 14.29 -5.66 -14.49
CA CYS I 166 14.96 -6.20 -15.67
C CYS I 166 15.06 -5.09 -16.71
N PRO I 167 16.27 -4.68 -17.08
CA PRO I 167 16.41 -3.64 -18.12
C PRO I 167 15.86 -4.14 -19.45
N MET I 168 15.02 -3.31 -20.07
CA MET I 168 14.32 -3.67 -21.28
C MET I 168 14.92 -2.93 -22.47
N ASP I 169 15.23 -3.68 -23.53
CA ASP I 169 15.72 -3.11 -24.78
C ASP I 169 14.52 -2.93 -25.70
N LEU I 170 14.03 -1.69 -25.80
CA LEU I 170 12.80 -1.37 -26.51
C LEU I 170 13.08 -0.88 -27.93
N LYS I 171 14.11 -1.42 -28.58
CA LYS I 171 14.43 -0.99 -29.94
C LYS I 171 13.31 -1.31 -30.92
N ASN I 172 12.51 -2.32 -30.62
CA ASN I 172 11.36 -2.73 -31.43
C ASN I 172 10.15 -2.96 -30.53
N PHE I 173 9.85 -1.94 -29.70
CA PHE I 173 8.93 -1.93 -28.57
C PHE I 173 7.63 -2.72 -28.75
N PRO I 174 6.80 -2.41 -29.76
CA PRO I 174 5.48 -3.04 -29.81
C PRO I 174 5.54 -4.54 -29.99
N MET I 175 6.60 -5.05 -30.62
CA MET I 175 6.71 -6.45 -30.96
C MET I 175 8.11 -6.95 -30.59
N ASP I 176 8.53 -6.63 -29.38
CA ASP I 176 9.85 -7.02 -28.89
C ASP I 176 9.75 -8.35 -28.13
N VAL I 177 10.88 -8.77 -27.57
CA VAL I 177 10.97 -9.98 -26.76
C VAL I 177 11.94 -9.69 -25.62
N GLN I 178 11.46 -9.77 -24.38
CA GLN I 178 12.26 -9.42 -23.23
C GLN I 178 12.85 -10.65 -22.57
N THR I 179 13.87 -10.43 -21.74
CA THR I 179 14.53 -11.49 -20.99
C THR I 179 14.85 -10.94 -19.61
N CYS I 180 13.93 -11.14 -18.67
CA CYS I 180 14.08 -10.65 -17.31
C CYS I 180 14.66 -11.77 -16.43
N ILE I 181 15.61 -11.41 -15.59
CA ILE I 181 16.42 -12.38 -14.88
C ILE I 181 16.05 -12.39 -13.40
N MET I 182 16.62 -13.35 -12.67
CA MET I 182 16.36 -13.50 -11.24
C MET I 182 17.63 -14.09 -10.61
N GLN I 183 18.44 -13.23 -10.00
CA GLN I 183 19.76 -13.62 -9.49
C GLN I 183 19.65 -13.96 -8.01
N LEU I 184 19.80 -15.24 -7.69
CA LEU I 184 19.85 -15.69 -6.30
C LEU I 184 21.31 -15.70 -5.86
N GLU I 185 21.67 -14.75 -5.00
CA GLU I 185 23.07 -14.51 -4.67
C GLU I 185 23.27 -14.52 -3.16
N SER I 186 24.41 -15.04 -2.74
CA SER I 186 24.82 -14.98 -1.34
C SER I 186 25.45 -13.63 -1.04
N PHE I 187 25.39 -13.24 0.23
CA PHE I 187 25.87 -11.91 0.62
C PHE I 187 26.98 -11.96 1.65
N GLY I 188 26.83 -12.74 2.71
CA GLY I 188 27.76 -12.67 3.82
C GLY I 188 28.79 -13.78 3.88
N TYR I 189 28.67 -14.75 2.98
CA TYR I 189 29.57 -15.89 2.94
C TYR I 189 30.29 -15.93 1.60
N THR I 190 31.61 -16.04 1.65
CA THR I 190 32.40 -16.10 0.43
C THR I 190 32.17 -17.43 -0.29
N MET I 191 32.84 -17.59 -1.43
CA MET I 191 32.62 -18.77 -2.25
C MET I 191 33.19 -20.04 -1.62
N ASN I 192 34.06 -19.93 -0.63
CA ASN I 192 34.56 -21.09 0.09
C ASN I 192 33.86 -21.28 1.43
N ASP I 193 32.66 -20.73 1.58
CA ASP I 193 31.80 -21.02 2.72
C ASP I 193 30.35 -21.28 2.35
N LEU I 194 29.90 -20.96 1.14
CA LEU I 194 28.51 -21.15 0.75
C LEU I 194 28.43 -21.12 -0.77
N ILE I 195 27.99 -22.23 -1.37
CA ILE I 195 27.91 -22.36 -2.82
C ILE I 195 26.47 -22.70 -3.18
N PHE I 196 25.88 -21.91 -4.07
CA PHE I 196 24.53 -22.15 -4.54
C PHE I 196 24.58 -22.88 -5.88
N GLU I 197 23.63 -23.80 -6.07
CA GLU I 197 23.50 -24.52 -7.33
C GLU I 197 22.04 -24.86 -7.55
N TRP I 198 21.59 -24.73 -8.80
CA TRP I 198 20.22 -25.08 -9.11
C TRP I 198 19.99 -26.57 -8.91
N GLN I 199 18.74 -26.92 -8.62
CA GLN I 199 18.33 -28.32 -8.62
C GLN I 199 18.45 -28.88 -10.03
N GLU I 200 19.08 -30.04 -10.17
CA GLU I 200 19.38 -30.55 -11.50
C GLU I 200 18.11 -30.94 -12.26
N GLN I 201 17.07 -31.36 -11.56
CA GLN I 201 15.83 -31.81 -12.17
C GLN I 201 14.74 -30.78 -11.89
N GLY I 202 14.41 -29.97 -12.88
CA GLY I 202 13.31 -29.03 -12.76
C GLY I 202 13.50 -27.99 -11.67
N ALA I 203 14.45 -27.08 -11.86
CA ALA I 203 14.70 -26.06 -10.86
C ALA I 203 13.55 -25.05 -10.80
N VAL I 204 13.29 -24.37 -11.91
CA VAL I 204 12.22 -23.38 -11.96
C VAL I 204 10.91 -24.06 -12.29
N GLN I 205 9.85 -23.65 -11.60
CA GLN I 205 8.55 -24.28 -11.70
C GLN I 205 7.48 -23.20 -11.82
N VAL I 206 6.48 -23.44 -12.66
CA VAL I 206 5.44 -22.46 -12.94
C VAL I 206 4.09 -23.07 -12.64
N ALA I 207 3.23 -22.28 -12.00
CA ALA I 207 1.86 -22.72 -11.75
C ALA I 207 1.11 -22.89 -13.07
N ASP I 208 0.28 -23.93 -13.15
CA ASP I 208 -0.41 -24.24 -14.40
C ASP I 208 -1.37 -23.13 -14.80
N GLY I 209 -2.11 -22.58 -13.85
CA GLY I 209 -3.07 -21.55 -14.16
C GLY I 209 -2.45 -20.16 -14.17
N LEU I 210 -1.37 -19.99 -14.92
CA LEU I 210 -0.62 -18.73 -14.95
C LEU I 210 -0.66 -18.17 -16.36
N THR I 211 -1.12 -16.92 -16.50
CA THR I 211 -1.15 -16.23 -17.77
C THR I 211 -0.65 -14.81 -17.57
N LEU I 212 -0.56 -14.06 -18.66
CA LEU I 212 -0.06 -12.69 -18.60
C LEU I 212 -0.63 -11.88 -19.75
N PRO I 213 -1.22 -10.72 -19.49
CA PRO I 213 -1.56 -9.81 -20.59
C PRO I 213 -0.30 -9.20 -21.18
N GLN I 214 -0.31 -9.02 -22.50
CA GLN I 214 0.80 -8.45 -23.26
C GLN I 214 1.97 -9.40 -23.44
N PHE I 215 1.96 -10.54 -22.77
CA PHE I 215 3.14 -11.39 -22.74
C PHE I 215 2.75 -12.86 -22.69
N ILE I 216 3.54 -13.69 -23.35
CA ILE I 216 3.42 -15.14 -23.26
C ILE I 216 4.73 -15.67 -22.70
N LEU I 217 4.70 -16.17 -21.47
CA LEU I 217 5.90 -16.70 -20.82
C LEU I 217 6.32 -17.98 -21.54
N LYS I 218 7.45 -17.92 -22.24
CA LYS I 218 7.91 -19.07 -22.98
C LYS I 218 8.28 -20.22 -22.05
N GLU I 219 8.19 -21.44 -22.57
CA GLU I 219 8.36 -22.63 -21.73
C GLU I 219 9.80 -22.76 -21.24
N GLU I 220 10.77 -22.65 -22.15
CA GLU I 220 12.17 -22.82 -21.78
C GLU I 220 12.63 -21.65 -20.93
N LYS I 221 13.23 -21.97 -19.78
CA LYS I 221 13.75 -20.98 -18.85
C LYS I 221 15.25 -21.21 -18.70
N ASP I 222 16.04 -20.25 -19.16
CA ASP I 222 17.49 -20.42 -19.24
C ASP I 222 18.10 -20.26 -17.85
N LEU I 223 18.62 -21.35 -17.31
CA LEU I 223 19.36 -21.33 -16.05
C LEU I 223 20.85 -21.23 -16.34
N ARG I 224 21.58 -20.62 -15.41
CA ARG I 224 23.02 -20.44 -15.59
C ARG I 224 23.59 -19.87 -14.30
N TYR I 225 24.91 -19.71 -14.28
CA TYR I 225 25.61 -19.09 -13.16
C TYR I 225 25.81 -17.60 -13.42
N CYS I 226 25.88 -16.84 -12.33
CA CYS I 226 26.10 -15.41 -12.39
C CYS I 226 27.06 -14.96 -11.29
N THR I 227 28.00 -15.83 -10.92
CA THR I 227 28.87 -15.60 -9.77
C THR I 227 29.60 -14.26 -9.87
N LYS I 228 29.62 -13.53 -8.76
CA LYS I 228 30.05 -12.15 -8.73
C LYS I 228 31.24 -11.99 -7.81
N HIS I 229 32.25 -11.26 -8.27
CA HIS I 229 33.45 -10.96 -7.49
C HIS I 229 33.39 -9.50 -7.08
N TYR I 230 33.43 -9.26 -5.78
CA TYR I 230 33.41 -7.91 -5.24
C TYR I 230 34.76 -7.58 -4.62
N ASN I 231 34.85 -6.39 -4.05
CA ASN I 231 36.05 -5.98 -3.34
C ASN I 231 36.36 -6.88 -2.15
N THR I 232 35.34 -7.55 -1.60
CA THR I 232 35.49 -8.39 -0.43
C THR I 232 35.70 -9.87 -0.76
N GLY I 233 35.66 -10.24 -2.04
CA GLY I 233 35.99 -11.61 -2.40
C GLY I 233 35.05 -12.28 -3.39
N LYS I 234 35.02 -13.61 -3.34
CA LYS I 234 34.17 -14.42 -4.21
C LYS I 234 32.81 -14.62 -3.55
N PHE I 235 31.75 -14.45 -4.33
CA PHE I 235 30.40 -14.63 -3.81
C PHE I 235 29.56 -15.38 -4.83
N THR I 236 28.71 -16.27 -4.34
CA THR I 236 27.96 -17.17 -5.21
C THR I 236 26.75 -16.46 -5.81
N CYS I 237 26.39 -16.87 -7.03
CA CYS I 237 25.24 -16.32 -7.72
C CYS I 237 24.75 -17.37 -8.70
N ILE I 238 23.44 -17.48 -8.83
CA ILE I 238 22.80 -18.35 -9.81
C ILE I 238 21.51 -17.67 -10.27
N GLU I 239 21.40 -17.43 -11.57
CA GLU I 239 20.25 -16.74 -12.12
C GLU I 239 19.43 -17.67 -13.00
N ALA I 240 18.14 -17.35 -13.13
CA ALA I 240 17.21 -18.08 -13.98
C ALA I 240 16.50 -17.07 -14.85
N ARG I 241 16.86 -17.00 -16.13
CA ARG I 241 16.29 -16.02 -17.03
C ARG I 241 14.91 -16.46 -17.51
N PHE I 242 14.01 -15.50 -17.62
CA PHE I 242 12.66 -15.72 -18.13
C PHE I 242 12.53 -14.99 -19.46
N HIS I 243 11.99 -15.68 -20.46
CA HIS I 243 11.84 -15.12 -21.79
C HIS I 243 10.37 -14.75 -21.99
N LEU I 244 10.09 -13.45 -22.04
CA LEU I 244 8.75 -12.93 -22.20
C LEU I 244 8.59 -12.41 -23.62
N GLU I 245 7.66 -12.99 -24.38
CA GLU I 245 7.36 -12.57 -25.74
C GLU I 245 6.12 -11.69 -25.70
N ARG I 246 6.28 -10.44 -26.14
CA ARG I 246 5.21 -9.47 -26.04
C ARG I 246 4.10 -9.80 -27.03
N GLN I 247 2.86 -9.86 -26.52
CA GLN I 247 1.68 -10.07 -27.37
C GLN I 247 1.24 -8.70 -27.88
N MET I 248 1.35 -8.49 -29.19
CA MET I 248 1.05 -7.19 -29.78
C MET I 248 -0.40 -7.04 -30.19
N GLY I 249 -1.31 -7.81 -29.58
CA GLY I 249 -2.72 -7.65 -29.89
C GLY I 249 -3.25 -6.28 -29.52
N TYR I 250 -2.87 -5.79 -28.33
CA TYR I 250 -3.32 -4.48 -27.89
C TYR I 250 -2.81 -3.38 -28.80
N TYR I 251 -1.52 -3.40 -29.12
CA TYR I 251 -0.91 -2.32 -29.88
C TYR I 251 -1.34 -2.30 -31.34
N LEU I 252 -1.92 -3.38 -31.85
CA LEU I 252 -2.43 -3.39 -33.22
C LEU I 252 -3.83 -2.81 -33.31
N ILE I 253 -4.59 -2.84 -32.21
CA ILE I 253 -5.89 -2.18 -32.17
C ILE I 253 -5.79 -0.78 -31.60
N GLN I 254 -4.74 -0.48 -30.84
CA GLN I 254 -4.59 0.80 -30.15
C GLN I 254 -3.95 1.87 -31.03
N MET I 255 -2.74 1.62 -31.52
CA MET I 255 -1.95 2.62 -32.22
C MET I 255 -1.94 2.44 -33.73
N TYR I 256 -1.85 1.20 -34.22
CA TYR I 256 -1.63 0.98 -35.64
C TYR I 256 -2.88 1.27 -36.46
N ILE I 257 -4.01 0.65 -36.10
CA ILE I 257 -5.23 0.84 -36.88
C ILE I 257 -5.72 2.28 -36.87
N PRO I 258 -5.84 2.95 -35.71
CA PRO I 258 -6.27 4.36 -35.75
C PRO I 258 -5.33 5.26 -36.54
N SER I 259 -4.02 5.10 -36.36
CA SER I 259 -3.08 5.88 -37.16
C SER I 259 -3.13 5.46 -38.63
N LEU I 260 -3.26 4.16 -38.89
CA LEU I 260 -3.45 3.69 -40.26
C LEU I 260 -4.70 4.28 -40.88
N LEU I 261 -5.76 4.45 -40.09
CA LEU I 261 -6.99 5.00 -40.61
C LEU I 261 -6.84 6.49 -40.95
N ILE I 262 -5.92 7.19 -40.29
CA ILE I 262 -5.77 8.62 -40.53
C ILE I 262 -4.95 8.86 -41.79
N VAL I 263 -3.90 8.07 -42.00
CA VAL I 263 -3.13 8.19 -43.23
C VAL I 263 -3.97 7.80 -44.44
N ILE I 264 -4.85 6.82 -44.26
CA ILE I 264 -5.69 6.36 -45.36
C ILE I 264 -6.85 7.31 -45.62
N LEU I 265 -7.14 8.23 -44.68
CA LEU I 265 -8.22 9.17 -44.89
C LEU I 265 -7.75 10.51 -45.46
N SER I 266 -6.52 10.91 -45.15
CA SER I 266 -5.99 12.15 -45.70
C SER I 266 -5.83 12.08 -47.22
N TRP I 267 -5.77 10.88 -47.78
CA TRP I 267 -5.58 10.74 -49.22
C TRP I 267 -6.80 11.16 -50.01
N ILE I 268 -7.97 11.24 -49.37
CA ILE I 268 -9.19 11.60 -50.08
C ILE I 268 -9.18 13.05 -50.55
N SER I 269 -8.24 13.86 -50.06
CA SER I 269 -8.14 15.24 -50.53
C SER I 269 -7.96 15.30 -52.03
N PHE I 270 -7.27 14.32 -52.61
CA PHE I 270 -7.11 14.29 -54.06
C PHE I 270 -8.41 13.91 -54.75
N TRP I 271 -9.34 13.28 -54.04
CA TRP I 271 -10.69 13.02 -54.55
C TRP I 271 -11.63 14.16 -54.19
N ILE I 272 -11.19 15.39 -54.47
CA ILE I 272 -11.97 16.59 -54.25
C ILE I 272 -11.55 17.61 -55.30
N ASN I 273 -12.48 18.47 -55.71
CA ASN I 273 -12.18 19.48 -56.71
C ASN I 273 -11.06 20.39 -56.21
N MET I 274 -10.21 20.84 -57.14
CA MET I 274 -9.07 21.67 -56.78
C MET I 274 -9.45 23.08 -56.36
N ASP I 275 -10.74 23.43 -56.42
CA ASP I 275 -11.19 24.75 -56.01
C ASP I 275 -11.50 24.82 -54.52
N ALA I 276 -11.84 23.68 -53.90
CA ALA I 276 -12.21 23.63 -52.49
C ALA I 276 -10.95 23.72 -51.62
N ALA I 277 -10.38 24.93 -51.59
CA ALA I 277 -9.23 25.19 -50.71
C ALA I 277 -9.56 24.97 -49.25
N PRO I 278 -10.66 25.50 -48.70
CA PRO I 278 -10.99 25.20 -47.30
C PRO I 278 -11.22 23.72 -47.04
N ALA I 279 -11.67 22.97 -48.03
CA ALA I 279 -11.91 21.54 -47.84
C ALA I 279 -10.59 20.77 -47.72
N ARG I 280 -9.72 20.91 -48.73
CA ARG I 280 -8.47 20.17 -48.73
C ARG I 280 -7.55 20.62 -47.59
N VAL I 281 -7.39 21.94 -47.43
CA VAL I 281 -6.53 22.46 -46.38
C VAL I 281 -7.11 22.14 -45.01
N GLY I 282 -8.43 22.26 -44.87
CA GLY I 282 -9.07 21.83 -43.64
C GLY I 282 -8.90 20.35 -43.39
N LEU I 283 -8.80 19.56 -44.46
CA LEU I 283 -8.55 18.13 -44.29
C LEU I 283 -7.09 17.88 -43.97
N GLY I 284 -6.18 18.57 -44.66
CA GLY I 284 -4.76 18.41 -44.39
C GLY I 284 -4.33 18.89 -43.03
N ILE I 285 -5.13 19.74 -42.39
CA ILE I 285 -4.82 20.20 -41.04
C ILE I 285 -5.49 19.33 -39.99
N THR I 286 -6.71 18.86 -40.27
CA THR I 286 -7.38 17.96 -39.33
C THR I 286 -6.65 16.64 -39.21
N THR I 287 -6.09 16.15 -40.33
CA THR I 287 -5.36 14.89 -40.29
C THR I 287 -4.08 15.02 -39.48
N VAL I 288 -3.36 16.14 -39.64
CA VAL I 288 -2.16 16.36 -38.85
C VAL I 288 -2.49 16.69 -37.40
N LEU I 289 -3.74 17.03 -37.12
CA LEU I 289 -4.19 17.17 -35.73
C LEU I 289 -4.00 15.87 -34.97
N THR I 290 -4.68 14.80 -35.40
CA THR I 290 -4.70 13.58 -34.62
C THR I 290 -3.35 12.86 -34.68
N MET I 291 -2.60 13.00 -35.78
CA MET I 291 -1.32 12.32 -35.89
C MET I 291 -0.35 12.81 -34.83
N THR I 292 -0.29 14.13 -34.61
CA THR I 292 0.52 14.65 -33.51
C THR I 292 -0.06 14.20 -32.17
N THR I 293 -1.37 14.04 -32.09
CA THR I 293 -1.98 13.53 -30.87
C THR I 293 -1.78 12.02 -30.75
N GLN I 294 -1.95 11.29 -31.84
CA GLN I 294 -1.69 9.86 -31.82
C GLN I 294 -0.23 9.57 -31.51
N SER I 295 0.69 10.30 -32.14
CA SER I 295 2.11 10.07 -31.89
C SER I 295 2.47 10.45 -30.46
N SER I 296 1.85 11.50 -29.92
CA SER I 296 2.11 11.86 -28.53
C SER I 296 1.63 10.78 -27.57
N GLY I 297 0.47 10.18 -27.88
CA GLY I 297 -0.03 9.09 -27.05
C GLY I 297 0.79 7.82 -27.16
N SER I 298 1.56 7.66 -28.23
CA SER I 298 2.38 6.47 -28.40
C SER I 298 3.42 6.33 -27.31
N ARG I 299 3.87 7.43 -26.72
CA ARG I 299 4.84 7.42 -25.64
C ARG I 299 4.19 7.56 -24.27
N ALA I 300 2.95 7.08 -24.13
CA ALA I 300 2.22 7.24 -22.87
C ALA I 300 2.91 6.50 -21.74
N SER I 301 2.99 5.17 -21.86
CA SER I 301 3.57 4.34 -20.80
C SER I 301 4.99 3.90 -21.14
N LEU I 302 5.63 4.56 -22.09
CA LEU I 302 7.00 4.16 -22.39
C LEU I 302 7.99 5.05 -21.66
N PRO I 303 9.11 4.49 -21.20
CA PRO I 303 10.13 5.32 -20.56
C PRO I 303 10.78 6.27 -21.55
N LYS I 304 11.28 7.39 -21.03
CA LYS I 304 11.96 8.37 -21.86
C LYS I 304 13.29 7.78 -22.30
N VAL I 305 13.33 7.27 -23.53
CA VAL I 305 14.46 6.50 -24.03
C VAL I 305 15.12 7.28 -25.16
N SER I 306 16.45 7.20 -25.23
CA SER I 306 17.19 7.97 -26.22
C SER I 306 17.00 7.42 -27.62
N TYR I 307 17.26 6.12 -27.80
CA TYR I 307 17.20 5.54 -29.13
C TYR I 307 15.76 5.50 -29.65
N VAL I 308 15.64 5.23 -30.95
CA VAL I 308 14.34 5.20 -31.62
C VAL I 308 13.79 3.78 -31.57
N LYS I 309 12.47 3.68 -31.42
CA LYS I 309 11.80 2.40 -31.25
C LYS I 309 11.17 1.96 -32.58
N ALA I 310 10.42 0.86 -32.53
CA ALA I 310 9.74 0.37 -33.73
C ALA I 310 8.47 1.16 -34.00
N ILE I 311 7.65 1.39 -32.96
CA ILE I 311 6.44 2.17 -33.14
C ILE I 311 6.75 3.64 -33.42
N ASP I 312 7.94 4.10 -33.04
CA ASP I 312 8.25 5.51 -33.20
C ASP I 312 8.54 5.85 -34.65
N ILE I 313 9.08 4.91 -35.42
CA ILE I 313 9.36 5.15 -36.83
C ILE I 313 8.16 4.73 -37.67
N TRP I 314 7.06 4.37 -37.00
CA TRP I 314 5.77 4.18 -37.64
C TRP I 314 4.89 5.42 -37.51
N MET I 315 4.76 5.95 -36.30
CA MET I 315 4.00 7.19 -36.12
C MET I 315 4.66 8.35 -36.83
N ALA I 316 6.00 8.38 -36.84
CA ALA I 316 6.72 9.45 -37.52
C ALA I 316 6.52 9.38 -39.03
N VAL I 317 6.53 8.17 -39.59
CA VAL I 317 6.40 8.02 -41.03
C VAL I 317 4.97 8.26 -41.48
N CYS I 318 3.99 7.82 -40.69
CA CYS I 318 2.61 8.16 -40.98
C CYS I 318 2.38 9.65 -40.84
N LEU I 319 3.03 10.27 -39.85
CA LEU I 319 2.97 11.72 -39.73
C LEU I 319 3.60 12.40 -40.93
N LEU I 320 4.69 11.84 -41.45
CA LEU I 320 5.35 12.42 -42.62
C LEU I 320 4.47 12.31 -43.86
N PHE I 321 3.80 11.17 -44.04
CA PHE I 321 2.93 11.02 -45.20
C PHE I 321 1.70 11.90 -45.09
N VAL I 322 1.10 11.97 -43.90
CA VAL I 322 -0.05 12.85 -43.72
C VAL I 322 0.39 14.31 -43.79
N PHE I 323 1.64 14.60 -43.41
CA PHE I 323 2.15 15.96 -43.54
C PHE I 323 2.35 16.33 -45.00
N SER I 324 2.86 15.40 -45.81
CA SER I 324 3.06 15.67 -47.22
C SER I 324 1.74 15.74 -47.98
N ALA I 325 0.68 15.15 -47.45
CA ALA I 325 -0.63 15.25 -48.09
C ALA I 325 -1.12 16.70 -48.12
N LEU I 326 -1.13 17.35 -46.95
CA LEU I 326 -1.48 18.76 -46.91
C LEU I 326 -0.48 19.61 -47.67
N LEU I 327 0.79 19.21 -47.68
CA LEU I 327 1.80 19.98 -48.39
C LEU I 327 1.62 19.93 -49.90
N GLU I 328 0.85 18.96 -50.41
CA GLU I 328 0.68 18.85 -51.86
C GLU I 328 -0.23 19.95 -52.38
N TYR I 329 -1.40 20.13 -51.76
CA TYR I 329 -2.33 21.15 -52.23
C TYR I 329 -1.76 22.56 -52.08
N ALA I 330 -0.84 22.77 -51.15
CA ALA I 330 -0.08 24.02 -51.16
C ALA I 330 0.79 24.14 -52.41
N ALA I 331 1.16 23.01 -53.01
CA ALA I 331 1.84 23.02 -54.30
C ALA I 331 0.87 23.05 -55.48
N VAL I 332 -0.42 22.86 -55.22
CA VAL I 332 -1.41 22.92 -56.30
C VAL I 332 -1.92 24.34 -56.48
N ASN I 333 -2.13 25.07 -55.38
CA ASN I 333 -2.58 26.45 -55.48
C ASN I 333 -1.53 27.31 -56.19
N PHE I 334 -0.26 27.09 -55.90
CA PHE I 334 0.80 27.80 -56.61
C PHE I 334 0.76 27.47 -58.10
N VAL I 335 0.54 26.20 -58.44
CA VAL I 335 0.49 25.80 -59.84
C VAL I 335 -0.85 26.18 -60.45
N SER I 336 -1.95 25.70 -59.86
CA SER I 336 -3.29 25.96 -60.37
C SER I 336 -3.66 27.40 -60.03
N ARG I 337 -3.10 28.34 -60.81
CA ARG I 337 -3.32 29.75 -60.60
C ARG I 337 -4.77 30.14 -60.88
N LEU I 414 -1.57 26.47 -70.44
CA LEU I 414 -2.43 26.64 -69.28
C LEU I 414 -1.97 25.79 -68.11
N PHE I 415 -1.95 26.39 -66.92
CA PHE I 415 -1.40 25.74 -65.73
C PHE I 415 -2.34 24.70 -65.15
N ILE I 416 -3.65 24.85 -65.37
CA ILE I 416 -4.62 23.94 -64.76
C ILE I 416 -4.44 22.51 -65.26
N GLN I 417 -3.85 22.34 -66.44
CA GLN I 417 -3.47 21.02 -66.88
C GLN I 417 -2.34 20.46 -66.03
N ARG I 418 -1.39 21.31 -65.64
CA ARG I 418 -0.28 20.86 -64.81
C ARG I 418 -0.74 20.46 -63.41
N ALA I 419 -1.59 21.29 -62.79
CA ALA I 419 -2.06 20.97 -61.45
C ALA I 419 -2.91 19.71 -61.44
N LYS I 420 -3.77 19.53 -62.45
CA LYS I 420 -4.57 18.33 -62.53
C LYS I 420 -3.71 17.09 -62.73
N LYS I 421 -2.52 17.25 -63.31
CA LYS I 421 -1.63 16.11 -63.49
C LYS I 421 -1.02 15.67 -62.17
N ILE I 422 -0.51 16.62 -61.38
CA ILE I 422 0.06 16.26 -60.08
C ILE I 422 -1.00 15.75 -59.12
N ASP I 423 -2.26 16.16 -59.31
CA ASP I 423 -3.35 15.59 -58.54
C ASP I 423 -3.71 14.21 -59.06
N LYS I 424 -3.68 14.03 -60.38
CA LYS I 424 -3.97 12.72 -60.96
C LYS I 424 -2.93 11.68 -60.57
N ILE I 425 -1.68 12.10 -60.37
CA ILE I 425 -0.61 11.17 -60.08
C ILE I 425 -0.59 10.74 -58.62
N SER I 426 -1.14 11.56 -57.71
CA SER I 426 -1.02 11.26 -56.29
C SER I 426 -1.86 10.06 -55.88
N ARG I 427 -3.05 9.84 -56.41
CA ARG I 427 -3.80 8.67 -55.93
C ARG I 427 -3.07 7.37 -56.18
N ILE I 428 -2.24 7.28 -57.20
CA ILE I 428 -1.43 6.07 -57.32
C ILE I 428 -0.13 6.26 -56.55
N GLY I 429 0.30 7.51 -56.40
CA GLY I 429 1.58 7.80 -55.77
C GLY I 429 1.62 7.52 -54.29
N PHE I 430 0.74 8.19 -53.53
CA PHE I 430 0.77 8.03 -52.07
C PHE I 430 0.40 6.63 -51.64
N PRO I 431 -0.72 6.04 -52.05
CA PRO I 431 -1.04 4.68 -51.61
C PRO I 431 -0.02 3.64 -52.01
N MET I 432 0.62 3.80 -53.17
CA MET I 432 1.69 2.88 -53.54
C MET I 432 2.93 3.10 -52.68
N ALA I 433 3.22 4.35 -52.33
CA ALA I 433 4.38 4.63 -51.48
C ALA I 433 4.13 4.13 -50.07
N PHE I 434 2.93 4.35 -49.53
CA PHE I 434 2.62 3.86 -48.19
C PHE I 434 2.46 2.35 -48.18
N LEU I 435 2.07 1.75 -49.30
CA LEU I 435 1.93 0.30 -49.33
C LEU I 435 3.29 -0.37 -49.35
N ILE I 436 4.22 0.14 -50.16
CA ILE I 436 5.57 -0.44 -50.18
C ILE I 436 6.26 -0.26 -48.84
N PHE I 437 5.96 0.84 -48.14
CA PHE I 437 6.48 1.00 -46.79
C PHE I 437 5.85 -0.03 -45.85
N ASN I 438 4.52 -0.16 -45.90
CA ASN I 438 3.82 -1.05 -44.98
C ASN I 438 4.20 -2.49 -45.20
N MET I 439 4.67 -2.85 -46.40
CA MET I 439 5.25 -4.16 -46.61
C MET I 439 6.67 -4.22 -46.08
N PHE I 440 7.45 -3.16 -46.31
CA PHE I 440 8.84 -3.11 -45.90
C PHE I 440 9.00 -2.93 -44.40
N TYR I 441 7.94 -2.54 -43.69
CA TYR I 441 8.01 -2.37 -42.24
C TYR I 441 7.86 -3.71 -41.52
N TRP I 442 6.77 -4.42 -41.77
CA TRP I 442 6.49 -5.66 -41.05
C TRP I 442 7.46 -6.77 -41.41
N ILE I 443 8.05 -6.71 -42.61
CA ILE I 443 9.03 -7.72 -42.99
C ILE I 443 10.29 -7.59 -42.14
N ILE I 444 10.59 -6.38 -41.67
CA ILE I 444 11.80 -6.18 -40.88
C ILE I 444 11.55 -6.56 -39.42
N TYR I 445 10.43 -6.12 -38.86
CA TYR I 445 10.15 -6.32 -37.44
C TYR I 445 9.46 -7.67 -37.20
N LYS I 446 10.16 -8.72 -37.64
CA LYS I 446 9.75 -10.09 -37.35
C LYS I 446 10.92 -10.97 -36.92
N ILE I 447 12.16 -10.48 -37.00
CA ILE I 447 13.33 -11.28 -36.73
C ILE I 447 13.65 -11.28 -35.24
N MET J 36 34.55 3.63 37.35
CA MET J 36 35.97 3.34 37.13
C MET J 36 36.23 2.90 35.70
N SER J 37 35.25 2.23 35.11
CA SER J 37 35.34 1.72 33.74
C SER J 37 34.23 2.33 32.91
N PRO J 38 34.41 2.40 31.59
CA PRO J 38 33.35 2.97 30.74
C PRO J 38 32.06 2.18 30.77
N SER J 39 32.13 0.88 31.06
CA SER J 39 30.92 0.08 31.16
C SER J 39 30.30 0.14 32.55
N ASP J 40 31.12 0.16 33.59
CA ASP J 40 30.59 0.31 34.94
C ASP J 40 29.94 1.68 35.13
N PHE J 41 30.41 2.69 34.39
CA PHE J 41 29.82 4.02 34.50
C PHE J 41 28.39 4.02 33.95
N LEU J 42 28.19 3.47 32.76
CA LEU J 42 26.85 3.40 32.20
C LEU J 42 25.94 2.49 33.02
N ASP J 43 26.51 1.49 33.70
CA ASP J 43 25.73 0.64 34.58
C ASP J 43 25.41 1.32 35.91
N LYS J 44 26.23 2.28 36.34
CA LYS J 44 25.94 3.06 37.53
C LYS J 44 25.04 4.25 37.25
N LEU J 45 25.02 4.72 36.00
CA LEU J 45 24.17 5.83 35.60
C LEU J 45 22.80 5.35 35.12
N MET J 46 22.73 4.14 34.56
CA MET J 46 21.51 3.57 33.99
C MET J 46 21.60 2.06 34.12
N GLY J 47 20.73 1.36 33.43
CA GLY J 47 20.88 -0.07 33.27
C GLY J 47 20.69 -0.84 34.57
N ARG J 48 21.72 -1.60 34.96
CA ARG J 48 21.56 -2.58 36.02
C ARG J 48 21.66 -1.97 37.41
N THR J 49 22.82 -1.41 37.75
CA THR J 49 23.11 -0.97 39.10
C THR J 49 22.85 0.52 39.28
N SER J 50 21.84 1.06 38.59
CA SER J 50 21.57 2.48 38.63
C SER J 50 20.45 2.85 39.59
N GLY J 51 19.35 2.10 39.57
CA GLY J 51 18.14 2.53 40.22
C GLY J 51 17.35 3.57 39.45
N TYR J 52 17.85 3.99 38.30
CA TYR J 52 17.13 4.95 37.47
C TYR J 52 15.87 4.32 36.91
N ASP J 53 14.76 5.03 37.02
CA ASP J 53 13.46 4.55 36.55
C ASP J 53 12.98 5.49 35.45
N ALA J 54 13.00 4.99 34.20
CA ALA J 54 12.61 5.81 33.06
C ALA J 54 11.12 6.08 32.97
N ARG J 55 10.33 5.59 33.92
CA ARG J 55 8.89 5.81 33.94
C ARG J 55 8.49 6.98 34.82
N ILE J 56 9.46 7.63 35.47
CA ILE J 56 9.21 8.72 36.41
C ILE J 56 9.94 9.94 35.91
N ARG J 57 9.22 11.03 35.64
CA ARG J 57 9.83 12.22 35.12
C ARG J 57 10.78 12.83 36.15
N PRO J 58 11.75 13.63 35.70
CA PRO J 58 12.66 14.30 36.64
C PRO J 58 11.90 15.25 37.54
N ASN J 59 12.25 15.21 38.83
CA ASN J 59 11.54 15.99 39.85
C ASN J 59 10.07 15.56 39.91
N PHE J 60 9.87 14.28 40.21
CA PHE J 60 8.52 13.75 40.33
C PHE J 60 7.83 14.37 41.54
N LYS J 61 6.59 14.81 41.34
CA LYS J 61 5.86 15.55 42.36
C LYS J 61 6.62 16.83 42.74
N GLY J 62 7.23 17.45 41.73
CA GLY J 62 7.93 18.69 41.92
C GLY J 62 7.59 19.66 40.80
N PRO J 63 8.48 20.61 40.54
CA PRO J 63 8.24 21.55 39.46
C PRO J 63 8.18 20.81 38.13
N PRO J 64 7.44 21.33 37.16
CA PRO J 64 7.36 20.66 35.86
C PRO J 64 8.69 20.70 35.14
N VAL J 65 8.94 19.65 34.34
CA VAL J 65 10.17 19.53 33.58
C VAL J 65 10.05 20.46 32.37
N ASN J 66 10.72 21.61 32.40
CA ASN J 66 10.72 22.47 31.24
C ASN J 66 11.65 21.92 30.17
N VAL J 67 11.23 21.99 28.92
CA VAL J 67 11.93 21.37 27.81
C VAL J 67 12.20 22.45 26.78
N SER J 68 13.42 22.97 26.79
CA SER J 68 13.87 23.91 25.76
C SER J 68 14.24 23.13 24.51
N CYS J 69 13.57 23.42 23.40
CA CYS J 69 13.75 22.63 22.18
C CYS J 69 13.85 23.53 20.97
N ASN J 70 14.76 23.19 20.07
CA ASN J 70 14.96 23.87 18.80
C ASN J 70 14.98 22.84 17.68
N ILE J 71 14.85 23.32 16.44
CA ILE J 71 14.79 22.45 15.28
C ILE J 71 15.82 22.91 14.25
N PHE J 72 16.15 21.99 13.34
CA PHE J 72 17.07 22.28 12.23
C PHE J 72 16.49 21.61 10.99
N ILE J 73 15.90 22.38 10.10
CA ILE J 73 15.27 21.82 8.91
C ILE J 73 16.34 21.53 7.86
N ASN J 74 16.32 20.31 7.34
CA ASN J 74 17.26 19.93 6.29
C ASN J 74 16.68 20.13 4.90
N SER J 75 15.57 19.46 4.60
CA SER J 75 14.95 19.49 3.28
C SER J 75 13.50 19.93 3.46
N PHE J 76 13.30 21.24 3.49
CA PHE J 76 11.95 21.80 3.44
C PHE J 76 11.51 21.85 1.98
N GLY J 77 10.25 21.58 1.74
CA GLY J 77 9.72 21.67 0.40
C GLY J 77 8.63 20.64 0.17
N SER J 78 8.30 20.45 -1.11
CA SER J 78 7.21 19.58 -1.54
C SER J 78 5.88 20.06 -0.96
N ILE J 79 5.64 21.36 -1.07
CA ILE J 79 4.40 21.95 -0.59
C ILE J 79 3.28 21.50 -1.52
N ALA J 80 2.44 20.57 -1.05
CA ALA J 80 1.36 20.02 -1.85
C ALA J 80 0.13 20.90 -1.71
N GLU J 81 -0.47 21.25 -2.85
CA GLU J 81 -1.68 22.07 -2.86
C GLU J 81 -2.95 21.23 -2.94
N THR J 82 -2.91 20.14 -3.71
CA THR J 82 -4.07 19.24 -3.74
C THR J 82 -4.30 18.58 -2.39
N THR J 83 -3.22 18.35 -1.63
CA THR J 83 -3.34 17.77 -0.30
C THR J 83 -3.27 18.82 0.81
N MET J 84 -2.76 20.01 0.51
CA MET J 84 -2.60 21.08 1.50
C MET J 84 -1.72 20.62 2.67
N ASP J 85 -0.47 20.30 2.34
CA ASP J 85 0.50 19.88 3.33
C ASP J 85 1.89 20.05 2.74
N TYR J 86 2.90 19.97 3.61
CA TYR J 86 4.29 20.10 3.20
C TYR J 86 5.10 19.05 3.94
N ARG J 87 6.29 18.75 3.39
CA ARG J 87 7.18 17.75 3.94
C ARG J 87 8.48 18.41 4.34
N VAL J 88 8.90 18.16 5.59
CA VAL J 88 10.10 18.79 6.14
C VAL J 88 10.95 17.72 6.81
N ASN J 89 12.26 17.88 6.72
CA ASN J 89 13.22 17.02 7.39
C ASN J 89 13.98 17.87 8.41
N ILE J 90 13.85 17.52 9.69
CA ILE J 90 14.37 18.35 10.77
C ILE J 90 15.11 17.47 11.78
N PHE J 91 16.01 18.11 12.53
CA PHE J 91 16.61 17.51 13.71
C PHE J 91 15.95 18.13 14.93
N LEU J 92 15.04 17.40 15.58
CA LEU J 92 14.36 17.92 16.74
C LEU J 92 15.28 17.75 17.96
N ARG J 93 15.87 18.85 18.41
CA ARG J 93 16.69 18.87 19.60
C ARG J 93 15.86 19.41 20.76
N GLN J 94 15.90 18.72 21.90
CA GLN J 94 15.15 19.17 23.07
C GLN J 94 15.96 18.90 24.33
N GLN J 95 16.12 19.93 25.15
CA GLN J 95 16.99 19.90 26.30
C GLN J 95 16.15 20.02 27.57
N TRP J 96 16.56 19.30 28.61
CA TRP J 96 15.92 19.40 29.91
C TRP J 96 16.95 19.05 30.97
N ASN J 97 16.49 18.92 32.22
CA ASN J 97 17.38 18.66 33.34
C ASN J 97 16.82 17.49 34.15
N ASP J 98 17.57 16.40 34.19
CA ASP J 98 17.21 15.24 35.01
C ASP J 98 18.22 15.14 36.14
N PRO J 99 17.85 15.50 37.37
CA PRO J 99 18.86 15.66 38.43
C PRO J 99 19.54 14.38 38.84
N ARG J 100 18.98 13.22 38.51
CA ARG J 100 19.56 11.94 38.88
C ARG J 100 20.44 11.37 37.78
N LEU J 101 20.90 12.20 36.84
CA LEU J 101 21.92 11.84 35.88
C LEU J 101 23.19 12.68 36.08
N ALA J 102 23.40 13.15 37.30
CA ALA J 102 24.56 13.97 37.63
C ALA J 102 25.69 13.06 38.11
N TYR J 103 26.80 13.09 37.38
CA TYR J 103 27.96 12.25 37.68
C TYR J 103 29.13 13.10 38.18
N ASN J 104 30.05 12.44 38.88
CA ASN J 104 31.28 13.06 39.34
C ASN J 104 32.52 12.34 38.86
N GLU J 105 32.37 11.19 38.20
CA GLU J 105 33.54 10.41 37.80
C GLU J 105 34.32 11.10 36.70
N TYR J 106 33.65 11.48 35.63
CA TYR J 106 34.46 12.04 34.55
C TYR J 106 34.49 13.57 34.66
N PRO J 107 35.65 14.18 34.48
CA PRO J 107 35.76 15.64 34.55
C PRO J 107 35.20 16.38 33.35
N ASP J 108 34.60 15.68 32.39
CA ASP J 108 34.13 16.32 31.18
C ASP J 108 32.90 17.18 31.47
N ASP J 109 32.78 18.28 30.71
CA ASP J 109 31.62 19.14 30.85
C ASP J 109 30.36 18.44 30.36
N SER J 110 30.40 17.92 29.14
CA SER J 110 29.34 17.09 28.59
C SER J 110 29.92 15.71 28.26
N LEU J 111 29.06 14.80 27.81
CA LEU J 111 29.51 13.44 27.55
C LEU J 111 28.54 12.82 26.54
N ASP J 112 28.99 12.72 25.29
CA ASP J 112 28.17 12.15 24.22
C ASP J 112 28.04 10.65 24.42
N LEU J 113 26.91 10.23 24.99
CA LEU J 113 26.65 8.81 25.17
C LEU J 113 26.37 8.14 23.84
N ASP J 114 26.11 6.84 23.90
CA ASP J 114 25.79 6.06 22.72
C ASP J 114 24.34 6.32 22.29
N PRO J 115 24.07 6.31 20.98
CA PRO J 115 22.71 6.52 20.49
C PRO J 115 21.77 5.35 20.70
N SER J 116 22.14 4.36 21.52
CA SER J 116 21.24 3.29 21.91
C SER J 116 20.87 3.35 23.39
N MET J 117 21.47 4.25 24.16
CA MET J 117 21.13 4.42 25.57
C MET J 117 20.10 5.49 25.82
N LEU J 118 19.60 6.15 24.77
CA LEU J 118 18.46 7.05 24.94
C LEU J 118 17.15 6.31 24.71
N ASP J 119 17.05 5.15 25.38
CA ASP J 119 15.82 4.38 25.47
C ASP J 119 15.56 3.91 26.89
N SER J 120 16.52 4.07 27.80
CA SER J 120 16.34 3.77 29.21
C SER J 120 16.30 5.02 30.07
N ILE J 121 16.19 6.20 29.45
CA ILE J 121 16.06 7.46 30.17
C ILE J 121 14.67 8.04 29.90
N TRP J 122 14.24 8.92 30.80
CA TRP J 122 12.99 9.64 30.58
C TRP J 122 13.12 10.55 29.36
N LYS J 123 12.02 10.72 28.64
CA LYS J 123 12.02 11.58 27.48
C LYS J 123 10.67 12.24 27.37
N PRO J 124 10.61 13.55 27.11
CA PRO J 124 9.32 14.21 26.93
C PRO J 124 8.59 13.64 25.71
N ASP J 125 7.32 13.32 25.91
CA ASP J 125 6.53 12.60 24.89
C ASP J 125 5.77 13.58 23.99
N LEU J 126 6.53 14.41 23.28
CA LEU J 126 5.90 15.40 22.41
C LEU J 126 5.59 14.80 21.05
N PHE J 127 4.46 15.20 20.49
CA PHE J 127 4.08 14.87 19.13
C PHE J 127 3.89 16.17 18.35
N PHE J 128 3.59 16.03 17.08
CA PHE J 128 3.29 17.17 16.21
C PHE J 128 1.79 17.20 15.97
N ALA J 129 1.14 18.26 16.45
CA ALA J 129 -0.32 18.33 16.43
C ALA J 129 -0.89 18.27 15.03
N ASN J 130 -0.11 18.65 14.01
CA ASN J 130 -0.52 18.56 12.61
C ASN J 130 0.51 17.82 11.81
N GLU J 131 1.03 16.72 12.35
CA GLU J 131 2.13 16.02 11.69
C GLU J 131 1.66 15.28 10.45
N LYS J 132 0.50 14.62 10.51
CA LYS J 132 -0.14 14.03 9.34
C LYS J 132 0.70 12.91 8.71
N GLY J 133 1.62 12.34 9.47
CA GLY J 133 2.54 11.35 8.94
C GLY J 133 3.98 11.67 9.27
N ALA J 134 4.67 10.74 9.92
CA ALA J 134 6.04 10.98 10.36
C ALA J 134 6.71 9.64 10.58
N HIS J 135 8.03 9.64 10.49
CA HIS J 135 8.78 8.40 10.64
C HIS J 135 10.21 8.72 11.01
N PHE J 136 10.74 7.99 12.00
CA PHE J 136 12.15 8.06 12.33
C PHE J 136 12.99 7.59 11.14
N HIS J 137 14.28 7.90 11.20
CA HIS J 137 15.25 7.38 10.26
C HIS J 137 16.14 6.38 10.97
N GLU J 138 16.28 5.18 10.39
CA GLU J 138 16.96 4.06 11.02
C GLU J 138 17.94 3.43 10.06
N ILE J 139 18.74 4.24 9.38
CA ILE J 139 19.63 3.77 8.33
C ILE J 139 21.03 3.62 8.91
N THR J 140 21.45 2.36 9.09
CA THR J 140 22.73 1.94 9.62
C THR J 140 22.84 2.15 11.12
N THR J 141 21.88 2.87 11.71
CA THR J 141 21.73 3.07 13.14
C THR J 141 20.52 3.96 13.35
N ASP J 142 19.86 3.86 14.50
CA ASP J 142 18.84 4.84 14.85
C ASP J 142 19.48 6.21 14.94
N ASN J 143 18.97 7.17 14.15
CA ASN J 143 19.53 8.51 14.10
C ASN J 143 19.12 9.29 15.36
N LYS J 144 19.72 8.91 16.48
CA LYS J 144 19.46 9.50 17.78
C LYS J 144 20.75 10.03 18.37
N LEU J 145 20.64 11.11 19.13
CA LEU J 145 21.78 11.76 19.76
C LEU J 145 21.49 11.94 21.24
N LEU J 146 22.49 11.65 22.08
CA LEU J 146 22.35 11.79 23.52
C LEU J 146 23.61 12.42 24.08
N ARG J 147 23.43 13.41 24.94
CA ARG J 147 24.56 14.14 25.51
C ARG J 147 24.16 14.61 26.91
N ILE J 148 24.67 13.94 27.94
CA ILE J 148 24.29 14.21 29.32
C ILE J 148 25.41 15.00 29.97
N SER J 149 25.15 16.28 30.23
CA SER J 149 26.14 17.12 30.88
C SER J 149 26.40 16.65 32.31
N ARG J 150 27.37 17.29 32.96
CA ARG J 150 27.80 16.82 34.27
C ARG J 150 26.78 17.13 35.38
N ASN J 151 25.89 18.09 35.16
CA ASN J 151 24.88 18.45 36.14
C ASN J 151 23.51 17.83 35.83
N GLY J 152 23.41 17.02 34.80
CA GLY J 152 22.17 16.36 34.43
C GLY J 152 21.53 16.87 33.17
N ASN J 153 22.01 17.98 32.60
CA ASN J 153 21.40 18.55 31.42
C ASN J 153 21.46 17.60 30.24
N VAL J 154 20.32 17.08 29.82
CA VAL J 154 20.25 16.11 28.75
C VAL J 154 19.99 16.83 27.44
N LEU J 155 20.66 16.37 26.38
CA LEU J 155 20.37 16.78 25.02
C LEU J 155 19.78 15.60 24.27
N TYR J 156 18.97 15.89 23.26
CA TYR J 156 18.22 14.85 22.56
C TYR J 156 17.93 15.35 21.15
N SER J 157 18.69 14.85 20.18
CA SER J 157 18.51 15.21 18.78
C SER J 157 18.14 13.96 17.99
N ILE J 158 17.00 14.02 17.31
CA ILE J 158 16.54 12.91 16.48
C ILE J 158 16.13 13.48 15.12
N ARG J 159 16.41 12.72 14.08
CA ARG J 159 16.12 13.13 12.71
C ARG J 159 14.74 12.62 12.31
N ILE J 160 13.86 13.53 11.92
CA ILE J 160 12.46 13.21 11.66
C ILE J 160 12.05 13.82 10.33
N THR J 161 11.38 13.02 9.50
CA THR J 161 10.80 13.49 8.24
C THR J 161 9.31 13.62 8.43
N LEU J 162 8.81 14.85 8.38
CA LEU J 162 7.41 15.15 8.64
C LEU J 162 6.67 15.49 7.36
N THR J 163 5.36 15.24 7.37
CA THR J 163 4.50 15.62 6.26
C THR J 163 3.38 16.49 6.78
N LEU J 164 3.77 17.51 7.55
CA LEU J 164 2.86 18.42 8.24
C LEU J 164 1.80 18.99 7.30
N ALA J 165 0.64 19.29 7.86
CA ALA J 165 -0.49 19.82 7.11
C ALA J 165 -0.68 21.29 7.47
N CYS J 166 -0.69 22.16 6.46
CA CYS J 166 -0.96 23.57 6.66
C CYS J 166 -2.13 23.99 5.77
N PRO J 167 -3.24 24.44 6.33
CA PRO J 167 -4.38 24.86 5.50
C PRO J 167 -4.03 26.11 4.71
N MET J 168 -4.09 25.99 3.39
CA MET J 168 -3.69 27.06 2.49
C MET J 168 -4.88 27.91 2.07
N ASP J 169 -4.67 29.22 2.04
CA ASP J 169 -5.68 30.18 1.60
C ASP J 169 -5.33 30.61 0.18
N LEU J 170 -6.12 30.16 -0.79
CA LEU J 170 -5.85 30.38 -2.21
C LEU J 170 -6.72 31.49 -2.79
N LYS J 171 -7.04 32.50 -1.99
CA LYS J 171 -7.89 33.59 -2.47
C LYS J 171 -7.25 34.32 -3.63
N ASN J 172 -5.93 34.48 -3.60
CA ASN J 172 -5.16 35.06 -4.70
C ASN J 172 -4.03 34.07 -5.01
N PHE J 173 -4.32 33.09 -5.88
CA PHE J 173 -3.50 31.88 -5.95
C PHE J 173 -2.09 32.14 -6.45
N PRO J 174 -1.88 32.60 -7.69
CA PRO J 174 -0.50 32.69 -8.20
C PRO J 174 0.38 33.65 -7.44
N MET J 175 -0.21 34.56 -6.65
CA MET J 175 0.51 35.59 -5.95
C MET J 175 0.26 35.55 -4.45
N ASP J 176 -0.19 34.41 -3.94
CA ASP J 176 -0.51 34.28 -2.53
C ASP J 176 0.77 34.27 -1.69
N VAL J 177 0.58 34.35 -0.38
CA VAL J 177 1.66 34.25 0.59
C VAL J 177 1.17 33.30 1.68
N GLN J 178 1.80 32.14 1.78
CA GLN J 178 1.33 31.11 2.69
C GLN J 178 1.93 31.27 4.08
N THR J 179 1.39 30.50 5.02
CA THR J 179 1.90 30.46 6.39
C THR J 179 1.64 29.05 6.91
N CYS J 180 2.65 28.19 6.78
CA CYS J 180 2.55 26.80 7.20
C CYS J 180 3.27 26.64 8.53
N ILE J 181 2.64 25.93 9.47
CA ILE J 181 3.08 25.88 10.85
C ILE J 181 3.33 24.45 11.27
N MET J 182 4.16 24.29 12.30
CA MET J 182 4.32 23.01 12.99
C MET J 182 4.16 23.26 14.48
N GLN J 183 3.50 22.31 15.16
CA GLN J 183 3.15 22.45 16.57
C GLN J 183 3.80 21.32 17.35
N LEU J 184 4.75 21.65 18.22
CA LEU J 184 5.41 20.68 19.09
C LEU J 184 4.62 20.59 20.38
N GLU J 185 3.73 19.62 20.45
CA GLU J 185 2.77 19.50 21.54
C GLU J 185 3.07 18.25 22.37
N SER J 186 2.80 18.36 23.67
CA SER J 186 2.86 17.22 24.58
C SER J 186 1.51 16.51 24.59
N PHE J 187 1.53 15.23 24.92
CA PHE J 187 0.33 14.40 24.85
C PHE J 187 -0.13 13.91 26.21
N GLY J 188 0.74 13.21 26.95
CA GLY J 188 0.35 12.57 28.19
C GLY J 188 0.77 13.28 29.45
N TYR J 189 1.21 14.54 29.37
CA TYR J 189 1.59 15.32 30.53
C TYR J 189 0.93 16.69 30.45
N THR J 190 0.32 17.11 31.55
CA THR J 190 -0.29 18.43 31.63
C THR J 190 0.78 19.48 31.93
N MET J 191 0.37 20.75 31.96
CA MET J 191 1.31 21.84 32.17
C MET J 191 1.70 22.02 33.63
N ASN J 192 1.40 21.07 34.50
CA ASN J 192 2.04 20.99 35.80
C ASN J 192 2.92 19.76 35.91
N ASP J 193 3.22 19.12 34.79
CA ASP J 193 4.15 18.00 34.67
C ASP J 193 5.20 18.21 33.61
N LEU J 194 4.85 18.84 32.49
CA LEU J 194 5.78 19.00 31.37
C LEU J 194 5.45 20.30 30.64
N ILE J 195 6.42 21.21 30.60
CA ILE J 195 6.27 22.50 29.94
C ILE J 195 7.33 22.62 28.86
N PHE J 196 6.92 23.01 27.66
CA PHE J 196 7.82 23.21 26.54
C PHE J 196 8.12 24.69 26.37
N GLU J 197 9.26 24.95 25.72
CA GLU J 197 9.70 26.31 25.45
C GLU J 197 10.52 26.26 24.17
N TRP J 198 10.88 27.44 23.66
CA TRP J 198 11.83 27.52 22.57
C TRP J 198 13.19 27.93 23.09
N GLN J 199 14.22 27.59 22.32
CA GLN J 199 15.55 28.12 22.57
C GLN J 199 15.50 29.64 22.49
N GLU J 200 16.14 30.31 23.44
CA GLU J 200 16.06 31.76 23.52
C GLU J 200 16.66 32.41 22.28
N GLN J 201 17.84 31.95 21.87
CA GLN J 201 18.52 32.49 20.68
C GLN J 201 18.58 31.39 19.63
N GLY J 202 18.04 31.69 18.45
CA GLY J 202 18.07 30.74 17.35
C GLY J 202 17.31 29.46 17.64
N ALA J 203 15.99 29.56 17.77
CA ALA J 203 15.19 28.38 18.09
C ALA J 203 14.86 27.55 16.86
N VAL J 204 14.83 28.17 15.68
CA VAL J 204 14.62 27.46 14.43
C VAL J 204 15.76 27.81 13.48
N GLN J 205 16.37 26.79 12.90
CA GLN J 205 17.58 26.95 12.09
C GLN J 205 17.38 26.26 10.76
N VAL J 206 17.77 26.92 9.68
CA VAL J 206 17.60 26.42 8.33
C VAL J 206 18.96 26.09 7.75
N ALA J 207 19.04 24.98 7.02
CA ALA J 207 20.28 24.57 6.40
C ALA J 207 20.68 25.56 5.31
N ASP J 208 21.99 25.69 5.11
CA ASP J 208 22.50 26.61 4.12
C ASP J 208 22.10 26.17 2.72
N GLY J 209 21.77 27.15 1.87
CA GLY J 209 21.37 26.84 0.52
C GLY J 209 20.09 26.06 0.39
N LEU J 210 19.21 26.16 1.38
CA LEU J 210 17.92 25.47 1.35
C LEU J 210 16.98 26.26 0.45
N THR J 211 16.80 25.78 -0.78
CA THR J 211 15.95 26.44 -1.75
C THR J 211 14.60 25.76 -1.83
N LEU J 212 13.65 26.42 -2.51
CA LEU J 212 12.31 25.92 -2.68
C LEU J 212 11.82 26.25 -4.09
N PRO J 213 11.32 25.26 -4.83
CA PRO J 213 10.66 25.56 -6.10
C PRO J 213 9.25 26.08 -5.87
N GLN J 214 8.89 27.15 -6.56
CA GLN J 214 7.65 27.90 -6.47
C GLN J 214 7.62 28.81 -5.24
N PHE J 215 8.57 28.71 -4.32
CA PHE J 215 8.47 29.40 -3.04
C PHE J 215 9.82 29.97 -2.64
N ILE J 216 9.76 30.93 -1.71
CA ILE J 216 10.96 31.50 -1.11
C ILE J 216 10.72 31.66 0.38
N LEU J 217 11.26 30.74 1.17
CA LEU J 217 11.06 30.75 2.61
C LEU J 217 11.65 32.00 3.23
N LYS J 218 10.79 32.88 3.74
CA LYS J 218 11.25 34.13 4.32
C LYS J 218 12.04 33.85 5.61
N GLU J 219 13.10 34.62 5.81
CA GLU J 219 13.99 34.40 6.94
C GLU J 219 13.34 34.72 8.28
N GLU J 220 12.21 35.44 8.28
CA GLU J 220 11.48 35.71 9.51
C GLU J 220 10.57 34.53 9.83
N LYS J 221 10.61 34.07 11.07
CA LYS J 221 9.81 32.93 11.49
C LYS J 221 9.17 33.25 12.83
N ASP J 222 7.84 33.19 12.89
CA ASP J 222 7.12 33.50 14.11
C ASP J 222 7.18 32.30 15.06
N LEU J 223 7.46 32.57 16.32
CA LEU J 223 7.54 31.53 17.36
C LEU J 223 6.61 31.94 18.49
N ARG J 224 5.42 31.36 18.53
CA ARG J 224 4.40 31.74 19.50
C ARG J 224 4.00 30.52 20.33
N TYR J 225 3.21 30.79 21.37
CA TYR J 225 2.73 29.75 22.27
C TYR J 225 1.33 29.32 21.84
N CYS J 226 1.25 28.26 21.05
CA CYS J 226 0.02 27.49 21.00
C CYS J 226 -0.16 26.76 22.31
N THR J 227 -1.40 26.57 22.73
CA THR J 227 -1.69 25.86 23.97
C THR J 227 -3.01 25.15 23.81
N LYS J 228 -3.02 23.85 24.04
CA LYS J 228 -4.19 23.03 23.81
C LYS J 228 -4.88 22.74 25.15
N HIS J 229 -6.13 23.17 25.25
CA HIS J 229 -6.99 22.79 26.37
C HIS J 229 -7.95 21.73 25.88
N TYR J 230 -7.73 20.50 26.30
CA TYR J 230 -8.52 19.37 25.87
C TYR J 230 -9.51 18.98 26.97
N ASN J 231 -10.24 17.90 26.73
CA ASN J 231 -11.16 17.40 27.74
C ASN J 231 -10.45 16.87 28.98
N THR J 232 -9.15 16.64 28.90
CA THR J 232 -8.38 16.06 30.00
C THR J 232 -7.59 17.08 30.79
N GLY J 233 -7.33 18.26 30.25
CA GLY J 233 -6.67 19.30 31.00
C GLY J 233 -5.77 20.15 30.12
N LYS J 234 -4.93 20.94 30.78
CA LYS J 234 -3.97 21.79 30.08
C LYS J 234 -2.85 20.95 29.49
N PHE J 235 -2.56 21.16 28.21
CA PHE J 235 -1.47 20.46 27.53
C PHE J 235 -0.57 21.46 26.83
N THR J 236 0.72 21.15 26.78
CA THR J 236 1.73 22.07 26.29
C THR J 236 1.77 22.07 24.76
N CYS J 237 2.17 23.20 24.20
CA CYS J 237 2.27 23.34 22.75
C CYS J 237 3.18 24.52 22.46
N ILE J 238 3.92 24.43 21.35
CA ILE J 238 4.70 25.54 20.83
C ILE J 238 4.80 25.40 19.32
N GLU J 239 4.31 26.39 18.59
CA GLU J 239 4.33 26.33 17.13
C GLU J 239 5.33 27.33 16.57
N ALA J 240 5.70 27.10 15.31
CA ALA J 240 6.68 27.94 14.62
C ALA J 240 6.12 28.27 13.24
N ARG J 241 5.67 29.51 13.07
CA ARG J 241 5.13 29.95 11.79
C ARG J 241 6.21 29.92 10.73
N PHE J 242 5.84 29.48 9.53
CA PHE J 242 6.70 29.57 8.36
C PHE J 242 5.99 30.35 7.28
N HIS J 243 6.60 31.45 6.85
CA HIS J 243 6.02 32.27 5.78
C HIS J 243 6.63 31.84 4.45
N LEU J 244 5.77 31.56 3.47
CA LEU J 244 6.20 31.05 2.17
C LEU J 244 5.60 31.95 1.09
N GLU J 245 6.38 32.90 0.61
CA GLU J 245 5.99 33.71 -0.53
C GLU J 245 6.12 32.89 -1.80
N ARG J 246 5.09 32.92 -2.64
CA ARG J 246 5.07 32.11 -3.85
C ARG J 246 5.80 32.81 -4.98
N GLN J 247 6.57 32.05 -5.75
CA GLN J 247 7.26 32.57 -6.92
C GLN J 247 6.37 32.35 -8.14
N MET J 248 5.89 33.44 -8.74
CA MET J 248 4.95 33.38 -9.86
C MET J 248 5.66 33.30 -11.20
N GLY J 249 6.90 32.82 -11.24
CA GLY J 249 7.56 32.64 -12.52
C GLY J 249 6.93 31.55 -13.35
N TYR J 250 6.55 30.44 -12.71
CA TYR J 250 5.94 29.33 -13.44
C TYR J 250 4.60 29.73 -14.04
N TYR J 251 3.70 30.27 -13.22
CA TYR J 251 2.35 30.58 -13.68
C TYR J 251 2.34 31.70 -14.70
N LEU J 252 3.35 32.58 -14.66
CA LEU J 252 3.41 33.66 -15.63
C LEU J 252 3.90 33.18 -16.99
N ILE J 253 4.47 31.99 -17.08
CA ILE J 253 4.96 31.44 -18.34
C ILE J 253 4.01 30.36 -18.84
N GLN J 254 3.38 29.65 -17.91
CA GLN J 254 2.51 28.53 -18.24
C GLN J 254 1.05 28.93 -18.39
N MET J 255 0.52 29.74 -17.49
CA MET J 255 -0.90 30.05 -17.44
C MET J 255 -1.25 31.41 -18.05
N TYR J 256 -0.38 32.40 -17.90
CA TYR J 256 -0.70 33.76 -18.31
C TYR J 256 -0.35 34.04 -19.76
N ILE J 257 0.89 33.77 -20.16
CA ILE J 257 1.31 34.05 -21.54
C ILE J 257 0.50 33.27 -22.57
N PRO J 258 0.29 31.96 -22.42
CA PRO J 258 -0.58 31.26 -23.38
C PRO J 258 -1.99 31.84 -23.43
N SER J 259 -2.58 32.17 -22.29
CA SER J 259 -3.87 32.84 -22.30
C SER J 259 -3.76 34.27 -22.78
N LEU J 260 -2.66 34.95 -22.42
CA LEU J 260 -2.42 36.30 -22.93
C LEU J 260 -2.26 36.29 -24.45
N LEU J 261 -1.76 35.19 -25.01
CA LEU J 261 -1.53 35.12 -26.44
C LEU J 261 -2.80 34.72 -27.19
N ILE J 262 -3.58 33.80 -26.64
CA ILE J 262 -4.81 33.37 -27.29
C ILE J 262 -5.82 34.51 -27.36
N VAL J 263 -5.85 35.36 -26.34
CA VAL J 263 -6.77 36.50 -26.36
C VAL J 263 -6.40 37.46 -27.48
N ILE J 264 -5.11 37.82 -27.56
CA ILE J 264 -4.66 38.72 -28.61
C ILE J 264 -4.69 38.03 -29.97
N LEU J 265 -4.77 36.69 -30.00
CA LEU J 265 -4.92 35.98 -31.26
C LEU J 265 -6.23 36.34 -31.95
N SER J 266 -7.33 36.34 -31.20
CA SER J 266 -8.63 36.63 -31.78
C SER J 266 -8.78 38.09 -32.20
N TRP J 267 -7.91 38.98 -31.71
CA TRP J 267 -8.02 40.39 -32.07
C TRP J 267 -7.82 40.61 -33.55
N ILE J 268 -7.01 39.77 -34.20
CA ILE J 268 -6.75 39.92 -35.63
C ILE J 268 -7.96 39.55 -36.47
N SER J 269 -9.00 38.98 -35.86
CA SER J 269 -10.25 38.74 -36.56
C SER J 269 -10.89 40.04 -37.03
N PHE J 270 -10.55 41.16 -36.40
CA PHE J 270 -11.10 42.46 -36.72
C PHE J 270 -10.49 43.06 -37.98
N TRP J 271 -9.52 42.40 -38.59
CA TRP J 271 -8.79 42.96 -39.72
C TRP J 271 -9.18 42.36 -41.06
N ILE J 272 -9.50 41.07 -41.09
CA ILE J 272 -9.92 40.45 -42.34
C ILE J 272 -11.25 41.04 -42.79
N ASN J 273 -11.54 40.90 -44.08
CA ASN J 273 -12.78 41.45 -44.61
C ASN J 273 -13.98 40.73 -44.01
N MET J 274 -15.06 41.49 -43.83
CA MET J 274 -16.27 40.94 -43.20
C MET J 274 -16.87 39.81 -44.04
N ASP J 275 -16.64 39.81 -45.35
CA ASP J 275 -17.21 38.77 -46.21
C ASP J 275 -16.62 37.40 -45.92
N ALA J 276 -15.44 37.32 -45.30
CA ALA J 276 -14.80 36.04 -44.99
C ALA J 276 -15.50 35.44 -43.77
N ALA J 277 -16.72 34.97 -44.00
CA ALA J 277 -17.53 34.40 -42.92
C ALA J 277 -16.90 33.15 -42.32
N PRO J 278 -16.60 32.09 -43.09
CA PRO J 278 -16.10 30.86 -42.47
C PRO J 278 -14.74 31.02 -41.84
N ALA J 279 -13.85 31.79 -42.47
CA ALA J 279 -12.51 31.97 -41.91
C ALA J 279 -12.56 32.77 -40.62
N ARG J 280 -13.32 33.86 -40.61
CA ARG J 280 -13.39 34.70 -39.42
C ARG J 280 -14.04 33.96 -38.26
N VAL J 281 -15.16 33.27 -38.52
CA VAL J 281 -15.82 32.55 -37.44
C VAL J 281 -14.98 31.38 -36.97
N GLY J 282 -14.18 30.78 -37.86
CA GLY J 282 -13.27 29.75 -37.43
C GLY J 282 -12.23 30.28 -36.45
N LEU J 283 -11.81 31.52 -36.64
CA LEU J 283 -10.86 32.13 -35.72
C LEU J 283 -11.50 32.36 -34.35
N GLY J 284 -12.77 32.79 -34.33
CA GLY J 284 -13.42 33.04 -33.07
C GLY J 284 -13.78 31.78 -32.32
N ILE J 285 -14.24 30.76 -33.03
CA ILE J 285 -14.68 29.53 -32.38
C ILE J 285 -13.50 28.81 -31.73
N THR J 286 -12.37 28.75 -32.43
CA THR J 286 -11.20 28.06 -31.87
C THR J 286 -10.64 28.82 -30.67
N THR J 287 -10.54 30.15 -30.77
CA THR J 287 -10.00 30.92 -29.67
C THR J 287 -10.92 30.87 -28.46
N VAL J 288 -12.24 30.99 -28.66
CA VAL J 288 -13.16 30.89 -27.54
C VAL J 288 -13.21 29.47 -27.00
N LEU J 289 -12.85 28.48 -27.82
CA LEU J 289 -12.81 27.10 -27.35
C LEU J 289 -11.49 26.79 -26.65
N THR J 290 -10.39 27.35 -27.13
CA THR J 290 -9.10 27.07 -26.52
C THR J 290 -8.99 27.68 -25.12
N MET J 291 -9.65 28.82 -24.89
CA MET J 291 -9.66 29.40 -23.56
C MET J 291 -10.38 28.51 -22.56
N THR J 292 -11.38 27.76 -23.02
CA THR J 292 -12.06 26.82 -22.13
C THR J 292 -11.10 25.71 -21.68
N THR J 293 -10.27 25.21 -22.60
CA THR J 293 -9.30 24.19 -22.22
C THR J 293 -8.24 24.75 -21.28
N GLN J 294 -7.84 26.00 -21.51
CA GLN J 294 -6.85 26.62 -20.64
C GLN J 294 -7.38 26.77 -19.21
N SER J 295 -8.61 27.26 -19.08
CA SER J 295 -9.20 27.41 -17.74
C SER J 295 -9.36 26.07 -17.05
N SER J 296 -9.78 25.04 -17.80
CA SER J 296 -9.88 23.71 -17.22
C SER J 296 -8.51 23.18 -16.81
N GLY J 297 -7.47 23.48 -17.61
CA GLY J 297 -6.13 23.07 -17.27
C GLY J 297 -5.49 23.89 -16.16
N SER J 298 -6.16 24.95 -15.70
CA SER J 298 -5.65 25.79 -14.62
C SER J 298 -5.90 25.19 -13.24
N ARG J 299 -6.39 23.96 -13.16
CA ARG J 299 -6.66 23.29 -11.90
C ARG J 299 -5.96 21.95 -11.86
N ALA J 300 -4.69 21.92 -12.27
CA ALA J 300 -3.91 20.69 -12.24
C ALA J 300 -3.75 20.18 -10.81
N SER J 301 -3.09 20.97 -9.96
CA SER J 301 -2.86 20.60 -8.57
C SER J 301 -3.66 21.44 -7.60
N LEU J 302 -4.40 22.44 -8.06
CA LEU J 302 -5.19 23.27 -7.17
C LEU J 302 -6.29 22.44 -6.54
N PRO J 303 -6.49 22.48 -5.23
CA PRO J 303 -7.61 21.77 -4.63
C PRO J 303 -8.92 22.37 -5.09
N LYS J 304 -9.92 21.49 -5.25
CA LYS J 304 -11.22 21.94 -5.72
C LYS J 304 -11.92 22.71 -4.60
N VAL J 305 -11.77 24.03 -4.61
CA VAL J 305 -12.16 24.87 -3.49
C VAL J 305 -13.34 25.73 -3.90
N SER J 306 -14.17 26.09 -2.92
CA SER J 306 -15.43 26.77 -3.19
C SER J 306 -15.22 28.16 -3.79
N TYR J 307 -14.52 29.04 -3.06
CA TYR J 307 -14.41 30.43 -3.46
C TYR J 307 -13.62 30.56 -4.76
N VAL J 308 -13.61 31.77 -5.31
CA VAL J 308 -12.94 32.07 -6.56
C VAL J 308 -11.53 32.54 -6.28
N LYS J 309 -10.59 32.12 -7.11
CA LYS J 309 -9.18 32.42 -6.90
C LYS J 309 -8.80 33.69 -7.67
N ALA J 310 -7.51 33.97 -7.74
CA ALA J 310 -7.02 35.09 -8.55
C ALA J 310 -6.62 34.66 -9.95
N ILE J 311 -6.41 33.36 -10.18
CA ILE J 311 -6.08 32.87 -11.51
C ILE J 311 -7.31 32.49 -12.32
N ASP J 312 -8.43 32.21 -11.66
CA ASP J 312 -9.65 31.83 -12.36
C ASP J 312 -10.57 33.01 -12.64
N ILE J 313 -10.17 34.22 -12.24
CA ILE J 313 -10.82 35.43 -12.73
C ILE J 313 -9.95 36.21 -13.71
N TRP J 314 -8.71 35.77 -13.94
CA TRP J 314 -7.98 36.14 -15.14
C TRP J 314 -8.40 35.28 -16.32
N MET J 315 -8.67 34.00 -16.07
CA MET J 315 -9.13 33.12 -17.13
C MET J 315 -10.56 33.43 -17.53
N ALA J 316 -11.44 33.68 -16.55
CA ALA J 316 -12.82 34.00 -16.86
C ALA J 316 -12.93 35.31 -17.63
N VAL J 317 -12.08 36.27 -17.32
CA VAL J 317 -12.13 37.55 -18.01
C VAL J 317 -11.53 37.44 -19.41
N CYS J 318 -10.42 36.71 -19.57
CA CYS J 318 -9.89 36.47 -20.90
C CYS J 318 -10.84 35.60 -21.71
N LEU J 319 -11.51 34.66 -21.06
CA LEU J 319 -12.55 33.90 -21.72
C LEU J 319 -13.70 34.79 -22.17
N LEU J 320 -13.90 35.91 -21.46
CA LEU J 320 -14.97 36.84 -21.83
C LEU J 320 -14.62 37.62 -23.08
N PHE J 321 -13.39 38.14 -23.16
CA PHE J 321 -12.99 38.94 -24.32
C PHE J 321 -12.95 38.09 -25.58
N VAL J 322 -12.30 36.93 -25.51
CA VAL J 322 -12.25 36.04 -26.67
C VAL J 322 -13.66 35.59 -27.06
N PHE J 323 -14.53 35.43 -26.07
CA PHE J 323 -15.93 35.14 -26.37
C PHE J 323 -16.67 36.38 -26.86
N SER J 324 -16.36 37.54 -26.27
CA SER J 324 -17.04 38.77 -26.66
C SER J 324 -16.71 39.14 -28.11
N ALA J 325 -15.45 39.03 -28.50
CA ALA J 325 -15.09 39.25 -29.89
C ALA J 325 -15.65 38.17 -30.80
N LEU J 326 -15.97 37.00 -30.25
CA LEU J 326 -16.59 35.94 -31.05
C LEU J 326 -17.97 36.38 -31.54
N LEU J 327 -18.86 36.75 -30.61
CA LEU J 327 -20.17 37.21 -31.01
C LEU J 327 -20.16 38.65 -31.52
N GLU J 328 -19.00 39.32 -31.45
CA GLU J 328 -18.90 40.66 -32.02
C GLU J 328 -19.15 40.63 -33.52
N TYR J 329 -18.71 39.57 -34.19
CA TYR J 329 -18.98 39.44 -35.62
C TYR J 329 -20.38 38.93 -35.88
N ALA J 330 -20.99 38.24 -34.91
CA ALA J 330 -22.42 37.95 -35.01
C ALA J 330 -23.22 39.23 -35.15
N ALA J 331 -22.77 40.29 -34.49
CA ALA J 331 -23.35 41.62 -34.65
C ALA J 331 -22.81 42.34 -35.89
N VAL J 332 -22.14 41.64 -36.79
CA VAL J 332 -21.63 42.22 -38.02
C VAL J 332 -22.34 41.66 -39.25
N ASN J 333 -22.55 40.35 -39.30
CA ASN J 333 -23.40 39.79 -40.35
C ASN J 333 -24.82 40.31 -40.24
N PHE J 334 -25.35 40.36 -39.01
CA PHE J 334 -26.69 40.89 -38.79
C PHE J 334 -26.79 42.34 -39.22
N VAL J 335 -25.68 43.08 -39.17
CA VAL J 335 -25.65 44.46 -39.62
C VAL J 335 -25.27 44.56 -41.09
N SER J 336 -24.25 43.81 -41.51
CA SER J 336 -23.82 43.86 -42.90
C SER J 336 -24.89 43.31 -43.83
N ARG J 337 -25.69 42.41 -43.33
CA ARG J 337 -26.76 41.95 -44.15
C ARG J 337 -28.03 42.18 -43.41
N GLN J 338 -28.38 43.44 -43.20
CA GLN J 338 -29.74 43.77 -42.81
C GLN J 338 -30.41 44.50 -43.93
N HIS J 339 -29.81 44.48 -45.10
CA HIS J 339 -30.45 45.07 -46.24
C HIS J 339 -31.85 44.51 -46.32
N ARG J 412 -28.55 50.61 -47.54
CA ARG J 412 -27.76 50.31 -48.74
C ARG J 412 -26.27 50.29 -48.44
N LYS J 413 -25.48 50.73 -49.42
CA LYS J 413 -24.03 50.84 -49.21
C LYS J 413 -23.71 51.78 -48.06
N LEU J 414 -24.48 52.86 -47.93
CA LEU J 414 -24.33 53.73 -46.76
C LEU J 414 -24.67 52.99 -45.48
N PHE J 415 -25.66 52.08 -45.55
CA PHE J 415 -25.96 51.24 -44.40
C PHE J 415 -24.84 50.25 -44.13
N ILE J 416 -24.05 49.91 -45.15
CA ILE J 416 -22.92 49.00 -44.97
C ILE J 416 -21.83 49.68 -44.16
N GLN J 417 -21.76 51.01 -44.19
CA GLN J 417 -20.72 51.73 -43.47
C GLN J 417 -20.79 51.47 -41.97
N ARG J 418 -21.99 51.22 -41.44
CA ARG J 418 -22.09 50.79 -40.05
C ARG J 418 -21.48 49.42 -39.85
N ALA J 419 -21.53 48.57 -40.88
CA ALA J 419 -20.85 47.29 -40.81
C ALA J 419 -19.33 47.44 -40.83
N LYS J 420 -18.83 48.57 -41.31
CA LYS J 420 -17.40 48.83 -41.23
C LYS J 420 -17.01 49.41 -39.88
N LYS J 421 -17.73 50.44 -39.43
CA LYS J 421 -17.45 51.04 -38.14
C LYS J 421 -17.74 50.09 -36.99
N ILE J 422 -18.60 49.09 -37.19
CA ILE J 422 -18.86 48.10 -36.16
C ILE J 422 -17.61 47.30 -35.85
N ASP J 423 -16.71 47.19 -36.81
CA ASP J 423 -15.43 46.52 -36.64
C ASP J 423 -14.27 47.49 -36.46
N LYS J 424 -14.35 48.67 -37.07
CA LYS J 424 -13.33 49.69 -36.89
C LYS J 424 -13.30 50.19 -35.45
N ILE J 425 -14.45 50.19 -34.77
CA ILE J 425 -14.46 50.57 -33.36
C ILE J 425 -13.85 49.47 -32.51
N SER J 426 -14.17 48.21 -32.82
CA SER J 426 -13.57 47.11 -32.07
C SER J 426 -12.08 47.03 -32.31
N ARG J 427 -11.65 47.24 -33.55
CA ARG J 427 -10.23 47.16 -33.88
C ARG J 427 -9.39 48.16 -33.11
N ILE J 428 -9.99 49.27 -32.69
CA ILE J 428 -9.27 50.27 -31.90
C ILE J 428 -9.67 50.25 -30.43
N GLY J 429 -10.88 49.83 -30.10
CA GLY J 429 -11.34 49.86 -28.73
C GLY J 429 -11.25 48.53 -28.01
N PHE J 430 -11.38 47.43 -28.75
CA PHE J 430 -11.38 46.12 -28.10
C PHE J 430 -10.04 45.79 -27.46
N PRO J 431 -8.89 45.95 -28.14
CA PRO J 431 -7.62 45.72 -27.44
C PRO J 431 -7.36 46.72 -26.34
N MET J 432 -7.93 47.92 -26.42
CA MET J 432 -7.80 48.87 -25.31
C MET J 432 -8.55 48.38 -24.08
N ALA J 433 -9.71 47.75 -24.28
CA ALA J 433 -10.48 47.23 -23.15
C ALA J 433 -9.73 46.13 -22.40
N PHE J 434 -8.81 45.45 -23.07
CA PHE J 434 -7.98 44.44 -22.40
C PHE J 434 -6.72 45.06 -21.79
N LEU J 435 -6.28 46.20 -22.30
CA LEU J 435 -5.14 46.88 -21.69
C LEU J 435 -5.54 47.61 -20.43
N ILE J 436 -6.72 48.24 -20.44
CA ILE J 436 -7.20 48.91 -19.23
C ILE J 436 -7.54 47.89 -18.16
N PHE J 437 -8.00 46.71 -18.55
CA PHE J 437 -8.17 45.64 -17.57
C PHE J 437 -6.84 45.17 -17.04
N ASN J 438 -5.84 45.04 -17.91
CA ASN J 438 -4.56 44.49 -17.50
C ASN J 438 -3.87 45.39 -16.50
N MET J 439 -4.05 46.71 -16.62
CA MET J 439 -3.52 47.63 -15.61
C MET J 439 -4.25 47.44 -14.29
N PHE J 440 -5.56 47.22 -14.36
CA PHE J 440 -6.41 47.14 -13.16
C PHE J 440 -6.34 45.80 -12.46
N TYR J 441 -5.80 44.77 -13.13
CA TYR J 441 -5.71 43.45 -12.51
C TYR J 441 -4.49 43.32 -11.62
N TRP J 442 -3.34 43.81 -12.08
CA TRP J 442 -2.11 43.62 -11.32
C TRP J 442 -1.99 44.61 -10.17
N ILE J 443 -2.62 45.78 -10.28
CA ILE J 443 -2.59 46.74 -9.19
C ILE J 443 -3.32 46.19 -7.97
N ILE J 444 -4.30 45.33 -8.19
CA ILE J 444 -5.11 44.81 -7.07
C ILE J 444 -4.41 43.63 -6.41
N TYR J 445 -4.07 42.61 -7.19
CA TYR J 445 -3.53 41.38 -6.63
C TYR J 445 -2.05 41.48 -6.28
N LYS J 446 -1.40 42.62 -6.51
CA LYS J 446 -0.05 42.81 -6.03
C LYS J 446 -0.01 43.20 -4.56
N ILE J 447 -1.16 43.55 -3.98
CA ILE J 447 -1.22 44.00 -2.59
C ILE J 447 -1.33 42.81 -1.65
N MET K 36 5.94 7.19 48.11
CA MET K 36 6.65 6.02 48.63
C MET K 36 7.63 5.46 47.60
N SER K 37 8.50 6.32 47.05
CA SER K 37 9.40 5.92 45.98
C SER K 37 8.60 5.32 44.83
N PRO K 38 7.95 6.16 44.01
CA PRO K 38 6.95 5.67 43.02
C PRO K 38 7.43 4.56 42.09
N SER K 39 8.75 4.40 41.95
CA SER K 39 9.25 3.17 41.33
C SER K 39 8.81 1.95 42.11
N ASP K 40 8.71 2.07 43.43
CA ASP K 40 8.20 0.99 44.26
C ASP K 40 6.67 0.95 44.26
N PHE K 41 6.01 2.05 43.93
CA PHE K 41 4.56 2.09 43.85
C PHE K 41 4.03 1.57 42.52
N LEU K 42 4.71 1.91 41.41
CA LEU K 42 4.29 1.40 40.12
C LEU K 42 4.47 -0.11 40.02
N ASP K 43 5.33 -0.70 40.85
CA ASP K 43 5.50 -2.14 40.87
C ASP K 43 4.50 -2.84 41.79
N LYS K 44 3.94 -2.12 42.75
CA LYS K 44 2.93 -2.68 43.64
C LYS K 44 1.51 -2.44 43.14
N LEU K 45 1.31 -1.45 42.28
CA LEU K 45 0.01 -1.27 41.64
C LEU K 45 -0.16 -2.21 40.46
N MET K 46 0.92 -2.49 39.75
CA MET K 46 0.93 -3.31 38.54
C MET K 46 2.38 -3.66 38.24
N GLY K 47 2.62 -4.25 37.08
CA GLY K 47 3.98 -4.51 36.66
C GLY K 47 4.62 -5.71 37.32
N ARG K 48 5.55 -5.46 38.24
CA ARG K 48 6.38 -6.54 38.76
C ARG K 48 5.67 -7.33 39.86
N THR K 49 5.11 -6.63 40.85
CA THR K 49 4.50 -7.29 42.00
C THR K 49 2.99 -7.08 41.99
N SER K 50 2.34 -7.57 43.04
CA SER K 50 0.91 -7.50 43.31
C SER K 50 0.11 -8.48 42.46
N GLY K 51 0.71 -9.17 41.51
CA GLY K 51 0.01 -10.16 40.72
C GLY K 51 -1.13 -9.60 39.89
N TYR K 52 -0.82 -8.64 39.03
CA TYR K 52 -1.80 -8.07 38.11
C TYR K 52 -1.69 -8.76 36.77
N ASP K 53 -2.77 -9.41 36.33
CA ASP K 53 -2.82 -10.06 35.05
C ASP K 53 -3.56 -9.17 34.06
N ALA K 54 -2.85 -8.66 33.06
CA ALA K 54 -3.47 -7.87 32.01
C ALA K 54 -4.29 -8.72 31.05
N ARG K 55 -4.27 -10.03 31.21
CA ARG K 55 -5.07 -10.93 30.39
C ARG K 55 -6.47 -11.13 30.94
N ILE K 56 -6.66 -10.95 32.24
CA ILE K 56 -7.96 -11.13 32.88
C ILE K 56 -8.72 -9.82 32.86
N ARG K 57 -9.94 -9.86 32.35
CA ARG K 57 -10.80 -8.69 32.34
C ARG K 57 -11.12 -8.25 33.76
N PRO K 58 -11.31 -6.95 33.99
CA PRO K 58 -11.78 -6.51 35.31
C PRO K 58 -13.20 -6.98 35.56
N ASN K 59 -13.48 -7.31 36.82
CA ASN K 59 -14.76 -7.91 37.20
C ASN K 59 -14.95 -9.23 36.46
N PHE K 60 -13.95 -10.10 36.59
CA PHE K 60 -13.99 -11.38 35.89
C PHE K 60 -15.09 -12.26 36.44
N LYS K 61 -15.90 -12.82 35.54
CA LYS K 61 -17.11 -13.55 35.92
C LYS K 61 -18.06 -12.65 36.69
N GLY K 62 -18.11 -11.38 36.30
CA GLY K 62 -19.01 -10.43 36.90
C GLY K 62 -19.74 -9.64 35.84
N PRO K 63 -20.19 -8.44 36.18
CA PRO K 63 -20.88 -7.59 35.21
C PRO K 63 -19.95 -7.23 34.07
N PRO K 64 -20.48 -6.87 32.92
CA PRO K 64 -19.62 -6.47 31.80
C PRO K 64 -18.92 -5.15 32.11
N VAL K 65 -17.75 -4.98 31.51
CA VAL K 65 -16.94 -3.77 31.72
C VAL K 65 -17.48 -2.70 30.78
N ASN K 66 -18.34 -1.81 31.28
CA ASN K 66 -18.83 -0.74 30.44
C ASN K 66 -17.72 0.26 30.19
N VAL K 67 -17.66 0.78 28.97
CA VAL K 67 -16.57 1.65 28.54
C VAL K 67 -17.19 2.91 27.97
N SER K 68 -17.17 3.99 28.74
CA SER K 68 -17.61 5.30 28.26
C SER K 68 -16.47 5.91 27.45
N CYS K 69 -16.67 6.07 26.15
CA CYS K 69 -15.60 6.53 25.28
C CYS K 69 -16.09 7.68 24.40
N ASN K 70 -15.23 8.69 24.24
CA ASN K 70 -15.47 9.82 23.37
C ASN K 70 -14.27 10.02 22.45
N ILE K 71 -14.42 10.91 21.46
CA ILE K 71 -13.38 11.16 20.49
C ILE K 71 -13.19 12.67 20.33
N PHE K 72 -11.99 13.03 19.87
CA PHE K 72 -11.64 14.41 19.53
C PHE K 72 -10.97 14.40 18.17
N ILE K 73 -11.62 14.97 17.17
CA ILE K 73 -11.12 14.91 15.80
C ILE K 73 -10.22 16.11 15.54
N ASN K 74 -8.95 15.83 15.21
CA ASN K 74 -8.02 16.90 14.86
C ASN K 74 -8.34 17.48 13.48
N SER K 75 -8.58 16.62 12.50
CA SER K 75 -8.76 17.11 11.15
C SER K 75 -9.38 16.04 10.27
N PHE K 76 -10.46 16.40 9.57
CA PHE K 76 -10.90 15.64 8.41
C PHE K 76 -10.00 15.96 7.22
N GLY K 77 -10.38 15.46 6.06
CA GLY K 77 -9.66 15.74 4.84
C GLY K 77 -9.59 14.52 3.96
N SER K 78 -9.31 14.77 2.68
CA SER K 78 -9.18 13.71 1.67
C SER K 78 -10.46 12.89 1.59
N ILE K 79 -11.59 13.59 1.54
CA ILE K 79 -12.89 12.93 1.36
C ILE K 79 -13.03 12.62 -0.13
N ALA K 80 -12.57 11.44 -0.53
CA ALA K 80 -12.49 11.08 -1.94
C ALA K 80 -13.76 10.37 -2.37
N GLU K 81 -14.34 10.83 -3.48
CA GLU K 81 -15.48 10.14 -4.07
C GLU K 81 -15.03 8.93 -4.88
N THR K 82 -13.81 8.96 -5.41
CA THR K 82 -13.30 7.82 -6.16
C THR K 82 -13.18 6.59 -5.27
N THR K 83 -12.39 6.68 -4.20
CA THR K 83 -12.28 5.60 -3.25
C THR K 83 -13.47 5.51 -2.31
N MET K 84 -14.21 6.62 -2.15
CA MET K 84 -15.36 6.68 -1.24
C MET K 84 -14.91 6.41 0.20
N ASP K 85 -14.00 7.25 0.67
CA ASP K 85 -13.47 7.15 2.03
C ASP K 85 -13.00 8.54 2.46
N TYR K 86 -12.39 8.59 3.64
CA TYR K 86 -11.92 9.84 4.21
C TYR K 86 -11.06 9.53 5.42
N ARG K 87 -9.93 10.22 5.54
CA ARG K 87 -9.04 10.01 6.66
C ARG K 87 -9.26 11.07 7.72
N VAL K 88 -8.96 10.71 8.97
CA VAL K 88 -9.08 11.62 10.09
C VAL K 88 -8.26 11.04 11.23
N ASN K 89 -7.52 11.91 11.91
CA ASN K 89 -6.84 11.54 13.15
C ASN K 89 -7.62 12.06 14.34
N ILE K 90 -7.72 11.24 15.38
CA ILE K 90 -8.57 11.51 16.53
C ILE K 90 -7.81 11.13 17.78
N PHE K 91 -8.30 11.61 18.92
CA PHE K 91 -7.81 11.20 20.22
C PHE K 91 -8.91 10.35 20.85
N LEU K 92 -8.90 9.06 20.55
CA LEU K 92 -9.92 8.15 21.06
C LEU K 92 -9.71 7.97 22.56
N ARG K 93 -10.57 8.61 23.35
CA ARG K 93 -10.53 8.50 24.79
C ARG K 93 -11.59 7.49 25.24
N GLN K 94 -11.21 6.62 26.17
CA GLN K 94 -12.14 5.62 26.66
C GLN K 94 -11.85 5.34 28.12
N GLN K 95 -12.90 5.33 28.93
CA GLN K 95 -12.78 5.18 30.38
C GLN K 95 -13.50 3.92 30.84
N TRP K 96 -12.91 3.25 31.81
CA TRP K 96 -13.51 2.05 32.38
C TRP K 96 -13.02 1.92 33.82
N ASN K 97 -13.79 1.21 34.63
CA ASN K 97 -13.46 1.00 36.03
C ASN K 97 -12.79 -0.35 36.19
N ASP K 98 -11.55 -0.35 36.65
CA ASP K 98 -10.80 -1.57 36.91
C ASP K 98 -10.54 -1.66 38.41
N PRO K 99 -11.33 -2.45 39.15
CA PRO K 99 -11.29 -2.37 40.63
C PRO K 99 -9.95 -2.75 41.25
N ARG K 100 -9.09 -3.45 40.53
CA ARG K 100 -7.79 -3.82 41.07
C ARG K 100 -6.69 -2.82 40.71
N LEU K 101 -7.06 -1.58 40.39
CA LEU K 101 -6.13 -0.47 40.22
C LEU K 101 -6.43 0.64 41.21
N ALA K 102 -7.07 0.30 42.33
CA ALA K 102 -7.37 1.27 43.38
C ALA K 102 -6.22 1.33 44.36
N TYR K 103 -5.79 2.54 44.70
CA TYR K 103 -4.63 2.75 45.55
C TYR K 103 -4.97 3.65 46.72
N ASN K 104 -4.36 3.37 47.87
CA ASN K 104 -4.55 4.17 49.08
C ASN K 104 -3.25 4.82 49.53
N GLU K 105 -2.27 4.95 48.64
CA GLU K 105 -0.98 5.52 49.01
C GLU K 105 -0.93 7.02 48.73
N TYR K 106 -1.12 7.41 47.48
CA TYR K 106 -1.08 8.82 47.15
C TYR K 106 -2.46 9.43 47.32
N PRO K 107 -2.59 10.54 48.05
CA PRO K 107 -3.92 11.14 48.28
C PRO K 107 -4.47 11.93 47.10
N ASP K 108 -3.88 11.81 45.92
CA ASP K 108 -4.37 12.55 44.76
C ASP K 108 -5.68 11.97 44.26
N ASP K 109 -6.52 12.84 43.70
CA ASP K 109 -7.76 12.38 43.10
C ASP K 109 -7.48 11.43 41.94
N SER K 110 -6.82 11.93 40.90
CA SER K 110 -6.31 11.12 39.82
C SER K 110 -4.79 11.03 39.95
N LEU K 111 -4.16 10.33 39.01
CA LEU K 111 -2.71 10.14 39.07
C LEU K 111 -2.22 9.87 37.65
N ASP K 112 -1.66 10.89 37.00
CA ASP K 112 -1.24 10.76 35.62
C ASP K 112 0.03 9.92 35.53
N LEU K 113 -0.04 8.82 34.81
CA LEU K 113 1.06 7.88 34.69
C LEU K 113 1.79 8.06 33.36
N ASP K 114 2.81 7.23 33.15
CA ASP K 114 3.68 7.15 31.99
C ASP K 114 3.09 6.18 30.96
N PRO K 115 3.07 6.56 29.68
CA PRO K 115 2.51 5.67 28.66
C PRO K 115 3.22 4.33 28.53
N SER K 116 4.43 4.18 29.05
CA SER K 116 5.08 2.88 29.05
C SER K 116 4.43 1.93 30.04
N MET K 117 3.72 2.45 31.04
CA MET K 117 2.92 1.64 31.95
C MET K 117 1.52 1.38 31.41
N LEU K 118 1.35 1.45 30.10
CA LEU K 118 0.07 1.25 29.44
C LEU K 118 -0.04 -0.10 28.75
N ASP K 119 1.07 -0.81 28.58
CA ASP K 119 1.06 -2.13 27.97
C ASP K 119 0.95 -3.24 29.00
N SER K 120 0.85 -2.91 30.28
CA SER K 120 0.76 -3.89 31.35
C SER K 120 -0.58 -3.87 32.07
N ILE K 121 -1.60 -3.24 31.48
CA ILE K 121 -2.93 -3.21 32.06
C ILE K 121 -3.92 -3.70 31.02
N TRP K 122 -5.11 -4.08 31.50
CA TRP K 122 -6.17 -4.48 30.58
C TRP K 122 -6.61 -3.28 29.75
N LYS K 123 -6.96 -3.55 28.49
CA LYS K 123 -7.47 -2.52 27.60
C LYS K 123 -8.53 -3.13 26.72
N PRO K 124 -9.70 -2.48 26.58
CA PRO K 124 -10.72 -3.01 25.68
C PRO K 124 -10.23 -2.98 24.23
N ASP K 125 -10.45 -4.08 23.53
CA ASP K 125 -9.92 -4.25 22.18
C ASP K 125 -10.97 -3.86 21.14
N LEU K 126 -11.18 -2.56 21.02
CA LEU K 126 -12.12 -2.05 20.04
C LEU K 126 -11.41 -1.77 18.73
N PHE K 127 -12.08 -2.11 17.63
CA PHE K 127 -11.60 -1.80 16.30
C PHE K 127 -12.61 -0.88 15.62
N PHE K 128 -12.40 -0.62 14.34
CA PHE K 128 -13.30 0.19 13.55
C PHE K 128 -13.87 -0.67 12.44
N ALA K 129 -15.19 -0.88 12.45
CA ALA K 129 -15.82 -1.74 11.46
C ALA K 129 -15.62 -1.23 10.04
N ASN K 130 -15.44 0.07 9.88
CA ASN K 130 -15.05 0.67 8.60
C ASN K 130 -13.65 1.28 8.71
N GLU K 131 -12.74 0.52 9.34
CA GLU K 131 -11.38 0.99 9.59
C GLU K 131 -10.66 1.33 8.28
N LYS K 132 -10.46 0.34 7.42
CA LYS K 132 -9.94 0.55 6.06
C LYS K 132 -8.56 1.22 6.07
N GLY K 133 -7.75 0.95 7.10
CA GLY K 133 -6.43 1.52 7.18
C GLY K 133 -6.30 2.56 8.28
N ALA K 134 -5.72 2.14 9.41
CA ALA K 134 -5.50 3.03 10.54
C ALA K 134 -4.21 2.63 11.23
N HIS K 135 -3.54 3.61 11.84
CA HIS K 135 -2.24 3.37 12.45
C HIS K 135 -2.04 4.29 13.63
N PHE K 136 -1.39 3.77 14.68
CA PHE K 136 -0.94 4.59 15.78
C PHE K 136 0.07 5.63 15.30
N HIS K 137 0.39 6.56 16.17
CA HIS K 137 1.41 7.57 15.89
C HIS K 137 2.55 7.41 16.89
N GLU K 138 3.73 7.09 16.36
CA GLU K 138 4.89 6.77 17.16
C GLU K 138 5.92 7.90 17.19
N ILE K 139 5.55 9.09 16.71
CA ILE K 139 6.54 10.14 16.46
C ILE K 139 7.09 10.65 17.79
N THR K 140 8.38 10.35 18.04
CA THR K 140 9.16 10.82 19.17
C THR K 140 8.78 10.14 20.48
N THR K 141 7.69 9.37 20.47
CA THR K 141 7.23 8.66 21.66
C THR K 141 5.96 7.90 21.29
N ASP K 142 5.46 7.12 22.23
CA ASP K 142 4.11 6.57 22.13
C ASP K 142 3.11 7.66 22.45
N ASN K 143 2.20 7.94 21.52
CA ASN K 143 1.16 8.94 21.74
C ASN K 143 -0.01 8.33 22.52
N LYS K 144 0.30 7.91 23.73
CA LYS K 144 -0.65 7.27 24.62
C LYS K 144 -0.77 8.09 25.91
N LEU K 145 -1.95 8.03 26.52
CA LEU K 145 -2.20 8.72 27.78
C LEU K 145 -2.87 7.76 28.75
N LEU K 146 -2.46 7.82 30.02
CA LEU K 146 -2.97 6.90 31.03
C LEU K 146 -2.95 7.61 32.38
N ARG K 147 -4.13 7.86 32.93
CA ARG K 147 -4.26 8.34 34.30
C ARG K 147 -5.25 7.46 35.03
N ILE K 148 -4.85 6.96 36.18
CA ILE K 148 -5.63 6.01 36.96
C ILE K 148 -6.18 6.74 38.18
N SER K 149 -7.50 6.88 38.24
CA SER K 149 -8.14 7.57 39.35
C SER K 149 -7.95 6.77 40.64
N ARG K 150 -8.36 7.39 41.76
CA ARG K 150 -8.11 6.81 43.07
C ARG K 150 -9.00 5.61 43.36
N ASN K 151 -10.08 5.44 42.60
CA ASN K 151 -11.02 4.35 42.83
C ASN K 151 -10.87 3.20 41.84
N GLY K 152 -10.12 3.40 40.77
CA GLY K 152 -9.91 2.34 39.80
C GLY K 152 -10.16 2.79 38.37
N ASN K 153 -10.72 3.98 38.21
CA ASN K 153 -11.01 4.50 36.87
C ASN K 153 -9.73 4.60 36.06
N VAL K 154 -9.88 4.51 34.74
CA VAL K 154 -8.74 4.48 33.82
C VAL K 154 -9.10 5.30 32.60
N LEU K 155 -8.45 6.44 32.42
CA LEU K 155 -8.57 7.23 31.21
C LEU K 155 -7.49 6.78 30.22
N TYR K 156 -7.93 6.35 29.05
CA TYR K 156 -7.04 5.83 28.01
C TYR K 156 -7.24 6.67 26.75
N SER K 157 -6.30 7.58 26.49
CA SER K 157 -6.35 8.42 25.31
C SER K 157 -5.27 7.97 24.34
N ILE K 158 -5.64 7.82 23.06
CA ILE K 158 -4.72 7.36 22.03
C ILE K 158 -4.97 8.18 20.77
N ARG K 159 -3.91 8.51 20.07
CA ARG K 159 -3.99 9.29 18.84
C ARG K 159 -3.94 8.35 17.65
N ILE K 160 -4.96 8.40 16.80
CA ILE K 160 -5.14 7.41 15.75
C ILE K 160 -5.60 8.10 14.48
N THR K 161 -4.88 7.87 13.39
CA THR K 161 -5.33 8.22 12.05
C THR K 161 -5.94 7.00 11.39
N LEU K 162 -7.05 7.20 10.69
CA LEU K 162 -7.82 6.09 10.14
C LEU K 162 -8.63 6.57 8.95
N THR K 163 -8.56 5.82 7.85
CA THR K 163 -9.23 6.16 6.60
C THR K 163 -10.56 5.41 6.57
N LEU K 164 -11.60 6.04 7.11
CA LEU K 164 -12.90 5.41 7.23
C LEU K 164 -13.56 5.25 5.87
N ALA K 165 -14.40 4.22 5.76
CA ALA K 165 -15.14 3.96 4.53
C ALA K 165 -16.51 4.64 4.62
N CYS K 166 -16.77 5.56 3.69
CA CYS K 166 -17.99 6.38 3.71
C CYS K 166 -18.76 6.13 2.43
N PRO K 167 -19.61 5.10 2.38
CA PRO K 167 -20.40 4.87 1.16
C PRO K 167 -21.41 5.98 0.94
N MET K 168 -21.19 6.77 -0.09
CA MET K 168 -21.96 7.98 -0.35
C MET K 168 -22.94 7.77 -1.49
N ASP K 169 -24.05 8.48 -1.43
CA ASP K 169 -25.08 8.45 -2.47
C ASP K 169 -24.94 9.71 -3.30
N LEU K 170 -24.46 9.56 -4.53
CA LEU K 170 -24.19 10.67 -5.42
C LEU K 170 -25.33 10.93 -6.41
N LYS K 171 -26.57 10.65 -6.01
CA LYS K 171 -27.71 10.88 -6.89
C LYS K 171 -27.85 12.34 -7.25
N ASN K 172 -27.46 13.24 -6.34
CA ASN K 172 -27.48 14.68 -6.55
C ASN K 172 -26.12 15.27 -6.19
N PHE K 173 -25.07 14.68 -6.77
CA PHE K 173 -23.65 14.89 -6.48
C PHE K 173 -23.24 16.33 -6.21
N PRO K 174 -23.48 17.27 -7.12
CA PRO K 174 -23.04 18.66 -6.85
C PRO K 174 -23.74 19.27 -5.66
N MET K 175 -24.96 18.84 -5.34
CA MET K 175 -25.70 19.38 -4.21
C MET K 175 -25.95 18.34 -3.12
N ASP K 176 -25.20 17.24 -3.14
CA ASP K 176 -25.46 16.16 -2.20
C ASP K 176 -25.09 16.57 -0.78
N VAL K 177 -25.65 15.83 0.18
CA VAL K 177 -25.34 15.99 1.59
C VAL K 177 -25.04 14.60 2.13
N GLN K 178 -23.76 14.24 2.19
CA GLN K 178 -23.36 12.88 2.52
C GLN K 178 -23.45 12.67 4.03
N THR K 179 -23.14 11.45 4.45
CA THR K 179 -23.16 11.10 5.87
C THR K 179 -22.09 10.04 6.10
N CYS K 180 -20.99 10.45 6.73
CA CYS K 180 -19.87 9.57 7.01
C CYS K 180 -19.90 9.15 8.47
N ILE K 181 -19.47 7.93 8.73
CA ILE K 181 -19.61 7.30 10.04
C ILE K 181 -18.28 6.74 10.50
N MET K 182 -18.20 6.41 11.79
CA MET K 182 -17.13 5.60 12.34
C MET K 182 -17.72 4.71 13.41
N GLN K 183 -17.51 3.41 13.28
CA GLN K 183 -18.11 2.41 14.15
C GLN K 183 -17.05 1.89 15.10
N LEU K 184 -17.21 2.19 16.40
CA LEU K 184 -16.28 1.75 17.43
C LEU K 184 -16.80 0.44 18.00
N GLU K 185 -16.32 -0.67 17.44
CA GLU K 185 -16.83 -2.00 17.75
C GLU K 185 -15.80 -2.81 18.52
N SER K 186 -16.29 -3.74 19.34
CA SER K 186 -15.43 -4.70 20.01
C SER K 186 -15.33 -5.97 19.18
N PHE K 187 -14.23 -6.69 19.36
CA PHE K 187 -13.94 -7.85 18.53
C PHE K 187 -13.84 -9.15 19.30
N GLY K 188 -13.07 -9.18 20.38
CA GLY K 188 -12.79 -10.42 21.07
C GLY K 188 -13.69 -10.71 22.26
N TYR K 189 -14.36 -9.68 22.76
CA TYR K 189 -15.25 -9.81 23.91
C TYR K 189 -16.70 -9.62 23.44
N THR K 190 -17.57 -10.54 23.87
CA THR K 190 -18.97 -10.47 23.49
C THR K 190 -19.67 -9.36 24.27
N MET K 191 -20.98 -9.26 24.05
CA MET K 191 -21.80 -8.31 24.80
C MET K 191 -21.93 -8.68 26.27
N ASN K 192 -21.56 -9.91 26.64
CA ASN K 192 -21.66 -10.41 28.00
C ASN K 192 -20.38 -10.16 28.79
N ASP K 193 -19.37 -9.56 28.18
CA ASP K 193 -18.12 -9.28 28.87
C ASP K 193 -17.69 -7.82 28.73
N LEU K 194 -17.93 -7.20 27.58
CA LEU K 194 -17.52 -5.82 27.34
C LEU K 194 -18.65 -5.07 26.66
N ILE K 195 -18.93 -3.86 27.13
CA ILE K 195 -19.98 -3.02 26.56
C ILE K 195 -19.44 -1.61 26.36
N PHE K 196 -19.78 -1.01 25.22
CA PHE K 196 -19.39 0.34 24.91
C PHE K 196 -20.58 1.29 25.05
N GLU K 197 -20.28 2.52 25.45
CA GLU K 197 -21.29 3.56 25.58
C GLU K 197 -20.63 4.89 25.29
N TRP K 198 -21.32 5.74 24.53
CA TRP K 198 -20.80 7.08 24.33
C TRP K 198 -20.84 7.85 25.64
N GLN K 199 -19.99 8.87 25.73
CA GLN K 199 -20.02 9.75 26.87
C GLN K 199 -21.32 10.54 26.88
N GLU K 200 -21.87 10.77 28.07
CA GLU K 200 -23.18 11.39 28.17
C GLU K 200 -23.16 12.83 27.66
N GLN K 201 -22.14 13.60 28.01
CA GLN K 201 -22.02 14.99 27.63
C GLN K 201 -20.84 15.16 26.69
N GLY K 202 -21.11 15.61 25.47
CA GLY K 202 -20.06 15.90 24.51
C GLY K 202 -19.18 14.71 24.17
N ALA K 203 -19.75 13.72 23.48
CA ALA K 203 -19.02 12.51 23.14
C ALA K 203 -18.12 12.69 21.92
N VAL K 204 -18.38 13.70 21.09
CA VAL K 204 -17.57 13.98 19.92
C VAL K 204 -17.19 15.46 19.95
N GLN K 205 -15.90 15.73 19.74
CA GLN K 205 -15.34 17.06 19.98
C GLN K 205 -14.53 17.45 18.76
N VAL K 206 -14.96 18.47 18.05
CA VAL K 206 -14.28 18.93 16.85
C VAL K 206 -13.25 19.98 17.25
N ALA K 207 -12.18 20.07 16.47
CA ALA K 207 -11.13 21.05 16.73
C ALA K 207 -11.67 22.46 16.54
N ASP K 208 -10.83 23.45 16.85
CA ASP K 208 -11.29 24.84 16.85
C ASP K 208 -11.53 25.35 15.43
N GLY K 209 -10.48 25.38 14.61
CA GLY K 209 -10.60 25.95 13.29
C GLY K 209 -10.69 24.89 12.20
N LEU K 210 -11.25 23.74 12.54
CA LEU K 210 -11.34 22.63 11.60
C LEU K 210 -12.27 23.01 10.46
N THR K 211 -11.70 23.20 9.27
CA THR K 211 -12.45 23.49 8.06
C THR K 211 -12.28 22.34 7.07
N LEU K 212 -12.94 22.46 5.92
CA LEU K 212 -12.87 21.44 4.91
C LEU K 212 -13.14 22.06 3.54
N PRO K 213 -12.34 21.73 2.53
CA PRO K 213 -12.70 22.15 1.17
C PRO K 213 -13.86 21.32 0.64
N GLN K 214 -14.77 21.99 -0.06
CA GLN K 214 -15.97 21.39 -0.65
C GLN K 214 -17.04 21.03 0.36
N PHE K 215 -16.74 21.12 1.66
CA PHE K 215 -17.64 20.59 2.67
C PHE K 215 -17.72 21.54 3.85
N ILE K 216 -18.77 21.36 4.64
CA ILE K 216 -18.93 22.04 5.92
C ILE K 216 -19.46 21.02 6.92
N LEU K 217 -18.66 20.69 7.94
CA LEU K 217 -19.06 19.71 8.92
C LEU K 217 -20.16 20.28 9.79
N LYS K 218 -21.39 19.79 9.61
CA LYS K 218 -22.52 20.29 10.39
C LYS K 218 -22.32 19.98 11.86
N GLU K 219 -22.75 20.92 12.72
CA GLU K 219 -22.44 20.82 14.14
C GLU K 219 -23.18 19.66 14.80
N GLU K 220 -24.35 19.28 14.27
CA GLU K 220 -25.10 18.17 14.82
C GLU K 220 -24.46 16.86 14.39
N LYS K 221 -24.26 15.96 15.36
CA LYS K 221 -23.60 14.69 15.11
C LYS K 221 -24.42 13.58 15.76
N ASP K 222 -24.89 12.64 14.95
CA ASP K 222 -25.72 11.56 15.45
C ASP K 222 -24.89 10.52 16.17
N LEU K 223 -25.39 10.03 17.30
CA LEU K 223 -24.72 9.01 18.09
C LEU K 223 -25.70 7.87 18.34
N ARG K 224 -25.78 6.95 17.39
CA ARG K 224 -26.67 5.80 17.51
C ARG K 224 -25.89 4.58 17.94
N TYR K 225 -26.63 3.51 18.22
CA TYR K 225 -26.00 2.23 18.54
C TYR K 225 -25.76 1.43 17.27
N CYS K 226 -24.92 0.41 17.40
CA CYS K 226 -24.36 -0.30 16.26
C CYS K 226 -24.24 -1.81 16.53
N THR K 227 -24.93 -2.33 17.56
CA THR K 227 -24.66 -3.66 18.10
C THR K 227 -24.69 -4.73 17.02
N LYS K 228 -23.55 -5.37 16.83
CA LYS K 228 -23.35 -6.34 15.76
C LYS K 228 -23.60 -7.74 16.28
N HIS K 229 -24.46 -8.49 15.59
CA HIS K 229 -24.69 -9.90 15.87
C HIS K 229 -23.94 -10.73 14.83
N TYR K 230 -22.99 -11.50 15.28
CA TYR K 230 -22.11 -12.30 14.44
C TYR K 230 -22.37 -13.78 14.68
N ASN K 231 -21.70 -14.60 13.87
CA ASN K 231 -21.81 -16.05 14.02
C ASN K 231 -21.25 -16.52 15.36
N THR K 232 -20.33 -15.75 15.94
CA THR K 232 -19.69 -16.11 17.20
C THR K 232 -20.39 -15.54 18.42
N GLY K 233 -21.41 -14.72 18.23
CA GLY K 233 -22.11 -14.11 19.34
C GLY K 233 -22.65 -12.75 18.93
N LYS K 234 -22.76 -11.86 19.92
CA LYS K 234 -23.25 -10.50 19.73
C LYS K 234 -22.28 -9.52 20.38
N PHE K 235 -21.80 -8.57 19.59
CA PHE K 235 -20.70 -7.70 19.97
C PHE K 235 -21.15 -6.25 20.01
N THR K 236 -20.50 -5.47 20.88
CA THR K 236 -20.84 -4.06 21.02
C THR K 236 -20.41 -3.27 19.78
N CYS K 237 -21.08 -2.14 19.57
CA CYS K 237 -20.67 -1.23 18.51
C CYS K 237 -21.41 0.09 18.71
N ILE K 238 -20.68 1.21 18.62
CA ILE K 238 -21.25 2.53 18.73
C ILE K 238 -20.70 3.37 17.58
N GLU K 239 -21.57 4.09 16.89
CA GLU K 239 -21.14 4.89 15.76
C GLU K 239 -21.42 6.36 16.01
N ALA K 240 -20.78 7.20 15.20
CA ALA K 240 -20.97 8.65 15.25
C ALA K 240 -21.22 9.12 13.82
N ARG K 241 -22.47 9.39 13.50
CA ARG K 241 -22.83 9.86 12.16
C ARG K 241 -22.33 11.28 11.97
N PHE K 242 -21.60 11.52 10.89
CA PHE K 242 -21.18 12.86 10.51
C PHE K 242 -21.94 13.30 9.27
N HIS K 243 -22.39 14.55 9.29
CA HIS K 243 -23.15 15.13 8.19
C HIS K 243 -22.25 16.12 7.47
N LEU K 244 -21.90 15.81 6.23
CA LEU K 244 -20.99 16.62 5.42
C LEU K 244 -21.76 17.17 4.24
N GLU K 245 -22.07 18.46 4.29
CA GLU K 245 -22.76 19.14 3.20
C GLU K 245 -21.74 19.66 2.20
N ARG K 246 -21.99 19.40 0.92
CA ARG K 246 -21.03 19.74 -0.12
C ARG K 246 -21.19 21.19 -0.55
N GLN K 247 -20.09 21.94 -0.53
CA GLN K 247 -20.09 23.33 -0.99
C GLN K 247 -19.92 23.34 -2.50
N MET K 248 -20.97 23.78 -3.21
CA MET K 248 -20.96 23.76 -4.67
C MET K 248 -20.30 24.98 -5.28
N GLY K 249 -19.44 25.68 -4.53
CA GLY K 249 -18.75 26.82 -5.10
C GLY K 249 -17.81 26.43 -6.23
N TYR K 250 -17.04 25.36 -6.03
CA TYR K 250 -16.12 24.91 -7.08
C TYR K 250 -16.88 24.42 -8.30
N TYR K 251 -17.88 23.56 -8.09
CA TYR K 251 -18.61 22.97 -9.20
C TYR K 251 -19.41 24.02 -9.97
N LEU K 252 -19.71 25.15 -9.33
CA LEU K 252 -20.44 26.21 -10.01
C LEU K 252 -19.57 26.99 -10.98
N ILE K 253 -18.25 26.85 -10.87
CA ILE K 253 -17.32 27.55 -11.75
C ILE K 253 -16.62 26.59 -12.71
N GLN K 254 -16.28 25.39 -12.25
CA GLN K 254 -15.57 24.43 -13.10
C GLN K 254 -16.51 23.66 -14.02
N MET K 255 -17.77 23.47 -13.61
CA MET K 255 -18.71 22.63 -14.34
C MET K 255 -19.84 23.41 -14.99
N TYR K 256 -20.52 24.28 -14.24
CA TYR K 256 -21.77 24.87 -14.72
C TYR K 256 -21.55 26.07 -15.62
N ILE K 257 -20.53 26.88 -15.34
CA ILE K 257 -20.27 28.08 -16.14
C ILE K 257 -19.70 27.73 -17.52
N PRO K 258 -18.66 26.89 -17.62
CA PRO K 258 -18.15 26.54 -18.95
C PRO K 258 -19.18 25.87 -19.84
N SER K 259 -19.96 24.94 -19.29
CA SER K 259 -21.03 24.34 -20.07
C SER K 259 -22.11 25.37 -20.41
N LEU K 260 -22.36 26.31 -19.49
CA LEU K 260 -23.32 27.38 -19.76
C LEU K 260 -22.82 28.28 -20.88
N LEU K 261 -21.51 28.53 -20.93
CA LEU K 261 -20.96 29.43 -21.94
C LEU K 261 -21.03 28.80 -23.32
N ILE K 262 -20.73 27.51 -23.43
CA ILE K 262 -20.74 26.84 -24.72
C ILE K 262 -22.16 26.77 -25.27
N VAL K 263 -23.14 26.59 -24.39
CA VAL K 263 -24.52 26.53 -24.85
C VAL K 263 -24.95 27.86 -25.45
N ILE K 264 -24.48 28.97 -24.86
CA ILE K 264 -24.76 30.28 -25.43
C ILE K 264 -23.87 30.56 -26.65
N LEU K 265 -22.73 29.89 -26.74
CA LEU K 265 -21.85 30.06 -27.89
C LEU K 265 -22.55 29.65 -29.18
N SER K 266 -23.19 28.48 -29.18
CA SER K 266 -23.80 27.93 -30.38
C SER K 266 -24.99 28.74 -30.87
N TRP K 267 -25.51 29.67 -30.07
CA TRP K 267 -26.70 30.42 -30.44
C TRP K 267 -26.41 31.54 -31.43
N ILE K 268 -25.15 31.92 -31.61
CA ILE K 268 -24.86 33.03 -32.52
C ILE K 268 -25.09 32.64 -33.97
N SER K 269 -25.19 31.33 -34.26
CA SER K 269 -25.52 30.90 -35.61
C SER K 269 -26.88 31.41 -36.05
N PHE K 270 -27.79 31.66 -35.11
CA PHE K 270 -29.13 32.10 -35.45
C PHE K 270 -29.17 33.53 -35.96
N TRP K 271 -28.12 34.31 -35.74
CA TRP K 271 -28.07 35.67 -36.24
C TRP K 271 -27.31 35.80 -37.55
N ILE K 272 -26.17 35.11 -37.70
CA ILE K 272 -25.40 35.23 -38.93
C ILE K 272 -26.19 34.65 -40.11
N ASN K 273 -25.78 35.03 -41.31
CA ASN K 273 -26.55 34.73 -42.51
C ASN K 273 -26.64 33.22 -42.75
N MET K 274 -27.72 32.82 -43.42
CA MET K 274 -27.91 31.41 -43.74
C MET K 274 -26.95 30.93 -44.82
N ASP K 275 -26.69 31.78 -45.81
CA ASP K 275 -25.83 31.39 -46.93
C ASP K 275 -24.39 31.11 -46.49
N ALA K 276 -23.96 31.63 -45.34
CA ALA K 276 -22.62 31.35 -44.82
C ALA K 276 -22.63 29.92 -44.26
N ALA K 277 -22.52 28.97 -45.18
CA ALA K 277 -22.64 27.56 -44.79
C ALA K 277 -21.52 27.10 -43.88
N PRO K 278 -20.24 27.23 -44.25
CA PRO K 278 -19.18 26.76 -43.35
C PRO K 278 -19.14 27.46 -42.00
N ALA K 279 -19.70 28.66 -41.91
CA ALA K 279 -19.73 29.36 -40.63
C ALA K 279 -20.67 28.67 -39.64
N ARG K 280 -21.95 28.56 -39.99
CA ARG K 280 -22.92 28.00 -39.06
C ARG K 280 -22.74 26.50 -38.90
N VAL K 281 -22.19 25.81 -39.91
CA VAL K 281 -21.97 24.38 -39.80
C VAL K 281 -20.90 24.07 -38.76
N GLY K 282 -19.70 24.61 -38.97
CA GLY K 282 -18.60 24.33 -38.05
C GLY K 282 -18.85 24.84 -36.64
N LEU K 283 -19.63 25.92 -36.51
CA LEU K 283 -19.94 26.45 -35.19
C LEU K 283 -20.78 25.47 -34.38
N GLY K 284 -21.92 25.05 -34.95
CA GLY K 284 -22.75 24.08 -34.25
C GLY K 284 -22.08 22.74 -34.04
N ILE K 285 -21.12 22.39 -34.90
CA ILE K 285 -20.41 21.14 -34.75
C ILE K 285 -19.34 21.25 -33.68
N THR K 286 -18.63 22.38 -33.62
CA THR K 286 -17.59 22.56 -32.62
C THR K 286 -18.18 22.63 -31.22
N THR K 287 -19.32 23.32 -31.08
CA THR K 287 -19.95 23.44 -29.77
C THR K 287 -20.43 22.09 -29.25
N VAL K 288 -21.11 21.31 -30.11
CA VAL K 288 -21.53 19.98 -29.71
C VAL K 288 -20.32 19.08 -29.50
N LEU K 289 -19.23 19.32 -30.22
CA LEU K 289 -18.00 18.56 -30.00
C LEU K 289 -17.41 18.85 -28.62
N THR K 290 -17.50 20.10 -28.18
CA THR K 290 -16.89 20.48 -26.90
C THR K 290 -17.71 19.98 -25.72
N MET K 291 -19.05 20.08 -25.81
CA MET K 291 -19.88 19.58 -24.72
C MET K 291 -19.72 18.07 -24.56
N THR K 292 -19.44 17.36 -25.65
CA THR K 292 -19.13 15.93 -25.53
C THR K 292 -17.86 15.71 -24.72
N THR K 293 -16.92 16.65 -24.79
CA THR K 293 -15.71 16.56 -23.97
C THR K 293 -15.92 17.15 -22.58
N GLN K 294 -16.75 18.17 -22.45
CA GLN K 294 -17.02 18.76 -21.15
C GLN K 294 -17.73 17.76 -20.24
N SER K 295 -18.73 17.05 -20.77
CA SER K 295 -19.41 16.04 -19.98
C SER K 295 -18.48 14.92 -19.57
N SER K 296 -17.60 14.50 -20.49
CA SER K 296 -16.60 13.49 -20.15
C SER K 296 -15.62 14.01 -19.10
N GLY K 297 -15.41 15.32 -19.06
CA GLY K 297 -14.55 15.92 -18.05
C GLY K 297 -15.16 15.97 -16.66
N SER K 298 -16.43 15.61 -16.53
CA SER K 298 -17.11 15.60 -15.24
C SER K 298 -16.94 14.29 -14.49
N ARG K 299 -15.91 13.52 -14.83
CA ARG K 299 -15.62 12.24 -14.19
C ARG K 299 -14.13 12.13 -13.88
N ALA K 300 -13.57 13.20 -13.33
CA ALA K 300 -12.17 13.19 -12.93
C ALA K 300 -11.97 12.33 -11.69
N SER K 301 -12.78 12.55 -10.67
CA SER K 301 -12.70 11.77 -9.43
C SER K 301 -13.99 11.04 -9.12
N LEU K 302 -15.05 11.25 -9.88
CA LEU K 302 -16.32 10.58 -9.61
C LEU K 302 -16.16 9.08 -9.86
N PRO K 303 -16.70 8.24 -8.98
CA PRO K 303 -16.60 6.79 -9.19
C PRO K 303 -17.49 6.35 -10.34
N LYS K 304 -17.20 5.13 -10.82
CA LYS K 304 -17.94 4.54 -11.93
C LYS K 304 -19.31 4.09 -11.40
N VAL K 305 -20.21 5.06 -11.30
CA VAL K 305 -21.51 4.86 -10.67
C VAL K 305 -22.53 4.54 -11.76
N SER K 306 -23.49 3.67 -11.41
CA SER K 306 -24.46 3.21 -12.39
C SER K 306 -25.55 4.24 -12.64
N TYR K 307 -26.20 4.71 -11.58
CA TYR K 307 -27.30 5.65 -11.75
C TYR K 307 -26.80 6.99 -12.26
N VAL K 308 -27.76 7.83 -12.66
CA VAL K 308 -27.49 9.17 -13.17
C VAL K 308 -27.40 10.14 -12.01
N LYS K 309 -26.43 11.05 -12.08
CA LYS K 309 -26.19 12.01 -11.02
C LYS K 309 -26.99 13.28 -11.28
N ALA K 310 -26.73 14.33 -10.49
CA ALA K 310 -27.41 15.60 -10.71
C ALA K 310 -26.69 16.45 -11.75
N ILE K 311 -25.36 16.36 -11.82
CA ILE K 311 -24.62 17.05 -12.86
C ILE K 311 -24.68 16.32 -14.19
N ASP K 312 -24.99 15.02 -14.18
CA ASP K 312 -25.09 14.27 -15.43
C ASP K 312 -26.26 14.75 -16.26
N ILE K 313 -27.40 15.04 -15.62
CA ILE K 313 -28.56 15.53 -16.36
C ILE K 313 -28.48 17.02 -16.64
N TRP K 314 -27.42 17.69 -16.19
CA TRP K 314 -27.15 19.06 -16.60
C TRP K 314 -26.26 19.10 -17.84
N MET K 315 -25.15 18.37 -17.81
CA MET K 315 -24.29 18.30 -18.98
C MET K 315 -25.00 17.62 -20.14
N ALA K 316 -25.86 16.64 -19.84
CA ALA K 316 -26.58 15.94 -20.90
C ALA K 316 -27.60 16.86 -21.56
N VAL K 317 -28.34 17.64 -20.77
CA VAL K 317 -29.34 18.53 -21.33
C VAL K 317 -28.67 19.68 -22.09
N CYS K 318 -27.57 20.20 -21.55
CA CYS K 318 -26.81 21.22 -22.27
C CYS K 318 -26.22 20.64 -23.55
N LEU K 319 -25.75 19.39 -23.48
CA LEU K 319 -25.36 18.69 -24.70
C LEU K 319 -26.56 18.53 -25.62
N LEU K 320 -27.72 18.17 -25.06
CA LEU K 320 -28.92 17.97 -25.87
C LEU K 320 -29.39 19.26 -26.53
N PHE K 321 -28.99 20.42 -26.02
CA PHE K 321 -29.39 21.69 -26.61
C PHE K 321 -28.37 22.22 -27.62
N VAL K 322 -27.15 21.69 -27.63
CA VAL K 322 -26.11 22.24 -28.49
C VAL K 322 -26.18 21.67 -29.91
N PHE K 323 -26.43 20.36 -30.05
CA PHE K 323 -26.57 19.81 -31.39
C PHE K 323 -28.00 19.94 -31.91
N SER K 324 -28.97 20.20 -31.02
CA SER K 324 -30.31 20.55 -31.48
C SER K 324 -30.26 21.80 -32.35
N ALA K 325 -29.45 22.78 -31.96
CA ALA K 325 -29.22 23.94 -32.82
C ALA K 325 -28.42 23.55 -34.06
N LEU K 326 -27.57 22.51 -33.96
CA LEU K 326 -26.84 22.05 -35.12
C LEU K 326 -27.79 21.52 -36.19
N LEU K 327 -28.55 20.47 -35.86
CA LEU K 327 -29.52 19.94 -36.80
C LEU K 327 -30.61 20.93 -37.13
N GLU K 328 -30.86 21.91 -36.26
CA GLU K 328 -31.75 23.02 -36.60
C GLU K 328 -31.25 23.72 -37.86
N TYR K 329 -29.95 24.02 -37.91
CA TYR K 329 -29.38 24.58 -39.13
C TYR K 329 -29.44 23.59 -40.29
N ALA K 330 -29.37 22.29 -39.99
CA ALA K 330 -29.49 21.29 -41.04
C ALA K 330 -30.84 21.39 -41.75
N ALA K 331 -31.88 21.75 -41.01
CA ALA K 331 -33.19 21.93 -41.63
C ALA K 331 -33.28 23.25 -42.38
N VAL K 332 -32.50 24.25 -41.97
CA VAL K 332 -32.62 25.57 -42.58
C VAL K 332 -32.19 25.53 -44.04
N ASN K 333 -31.01 24.97 -44.33
CA ASN K 333 -30.62 24.79 -45.72
C ASN K 333 -31.57 23.84 -46.45
N PHE K 334 -32.04 22.81 -45.74
CA PHE K 334 -33.01 21.89 -46.34
C PHE K 334 -34.33 22.59 -46.63
N VAL K 335 -34.82 23.38 -45.68
CA VAL K 335 -36.03 24.16 -45.92
C VAL K 335 -35.79 25.25 -46.96
N SER K 336 -34.53 25.66 -47.15
CA SER K 336 -34.24 26.70 -48.15
C SER K 336 -34.59 26.25 -49.55
N ARG K 337 -34.57 24.94 -49.81
CA ARG K 337 -34.94 24.42 -51.11
C ARG K 337 -35.72 23.11 -50.97
N LEU K 414 -39.68 32.84 -52.56
CA LEU K 414 -40.80 31.91 -52.40
C LEU K 414 -40.65 31.10 -51.12
N PHE K 415 -39.70 30.17 -51.11
CA PHE K 415 -39.44 29.35 -49.93
C PHE K 415 -38.62 30.07 -48.88
N ILE K 416 -38.02 31.22 -49.23
CA ILE K 416 -37.17 31.93 -48.29
C ILE K 416 -37.97 32.47 -47.11
N GLN K 417 -39.27 32.66 -47.26
CA GLN K 417 -40.09 33.14 -46.15
C GLN K 417 -40.11 32.14 -45.01
N ARG K 418 -40.49 30.89 -45.31
CA ARG K 418 -40.45 29.84 -44.29
C ARG K 418 -39.02 29.45 -43.95
N ALA K 419 -38.07 29.73 -44.84
CA ALA K 419 -36.67 29.44 -44.53
C ALA K 419 -36.13 30.38 -43.47
N LYS K 420 -36.57 31.63 -43.47
CA LYS K 420 -36.11 32.60 -42.47
C LYS K 420 -36.92 32.55 -41.19
N LYS K 421 -38.18 32.11 -41.26
CA LYS K 421 -38.97 31.98 -40.04
C LYS K 421 -38.39 30.91 -39.12
N ILE K 422 -37.76 29.88 -39.68
CA ILE K 422 -37.19 28.83 -38.85
C ILE K 422 -36.00 29.33 -38.05
N ASP K 423 -35.38 30.43 -38.49
CA ASP K 423 -34.30 31.06 -37.76
C ASP K 423 -34.77 32.22 -36.89
N LYS K 424 -35.70 33.04 -37.40
CA LYS K 424 -36.28 34.10 -36.58
C LYS K 424 -37.04 33.54 -35.39
N ILE K 425 -37.67 32.37 -35.56
CA ILE K 425 -38.38 31.75 -34.45
C ILE K 425 -37.42 31.01 -33.54
N SER K 426 -36.41 30.35 -34.11
CA SER K 426 -35.43 29.63 -33.30
C SER K 426 -34.61 30.57 -32.44
N ARG K 427 -34.51 31.85 -32.83
CA ARG K 427 -33.77 32.83 -32.06
C ARG K 427 -34.45 33.11 -30.73
N ILE K 428 -35.76 32.90 -30.63
CA ILE K 428 -36.50 33.16 -29.39
C ILE K 428 -36.76 31.84 -28.68
N GLY K 429 -36.85 30.74 -29.44
CA GLY K 429 -37.20 29.47 -28.83
C GLY K 429 -36.08 28.91 -27.96
N PHE K 430 -34.87 28.80 -28.52
CA PHE K 430 -33.76 28.18 -27.80
C PHE K 430 -33.40 28.94 -26.52
N PRO K 431 -33.05 30.24 -26.57
CA PRO K 431 -32.65 30.92 -25.34
C PRO K 431 -33.77 31.06 -24.32
N MET K 432 -35.03 30.85 -24.72
CA MET K 432 -36.12 30.83 -23.75
C MET K 432 -36.41 29.42 -23.24
N ALA K 433 -36.29 28.42 -24.12
CA ALA K 433 -36.45 27.04 -23.67
C ALA K 433 -35.30 26.62 -22.76
N PHE K 434 -34.13 27.24 -22.91
CA PHE K 434 -33.01 26.96 -22.02
C PHE K 434 -33.26 27.56 -20.64
N LEU K 435 -33.83 28.76 -20.59
CA LEU K 435 -34.11 29.39 -19.30
C LEU K 435 -35.27 28.70 -18.60
N ILE K 436 -36.29 28.30 -19.36
CA ILE K 436 -37.42 27.59 -18.75
C ILE K 436 -36.97 26.25 -18.19
N PHE K 437 -35.94 25.65 -18.78
CA PHE K 437 -35.30 24.51 -18.15
C PHE K 437 -34.48 24.92 -16.94
N ASN K 438 -33.68 25.98 -17.08
CA ASN K 438 -32.78 26.39 -16.01
C ASN K 438 -33.56 26.89 -14.80
N MET K 439 -34.78 27.38 -15.01
CA MET K 439 -35.64 27.73 -13.89
C MET K 439 -36.19 26.50 -13.20
N PHE K 440 -36.28 25.38 -13.92
CA PHE K 440 -36.89 24.16 -13.41
C PHE K 440 -35.87 23.16 -12.89
N TYR K 441 -34.59 23.34 -13.20
CA TYR K 441 -33.56 22.42 -12.75
C TYR K 441 -33.15 22.70 -11.29
N TRP K 442 -33.08 23.97 -10.91
CA TRP K 442 -32.55 24.31 -9.59
C TRP K 442 -33.60 24.19 -8.50
N ILE K 443 -34.88 24.41 -8.84
CA ILE K 443 -35.93 24.30 -7.83
C ILE K 443 -36.12 22.86 -7.39
N ILE K 444 -35.69 21.89 -8.20
CA ILE K 444 -35.90 20.49 -7.86
C ILE K 444 -34.88 20.02 -6.84
N TYR K 445 -33.61 20.37 -7.04
CA TYR K 445 -32.56 19.88 -6.16
C TYR K 445 -32.44 20.66 -4.86
N LYS K 446 -33.06 21.83 -4.77
CA LYS K 446 -33.16 22.55 -3.50
C LYS K 446 -34.50 22.26 -2.83
N ILE K 447 -34.67 20.98 -2.48
CA ILE K 447 -35.88 20.50 -1.83
C ILE K 447 -35.53 19.54 -0.70
N SER L 37 -9.02 -20.55 41.61
CA SER L 37 -8.16 -20.61 40.43
C SER L 37 -8.63 -19.62 39.36
N PRO L 38 -8.48 -18.33 39.64
CA PRO L 38 -8.96 -17.32 38.67
C PRO L 38 -7.97 -17.03 37.57
N SER L 39 -6.68 -17.17 37.89
CA SER L 39 -5.60 -16.88 36.95
C SER L 39 -4.60 -18.01 36.82
N ASP L 40 -4.49 -18.90 37.80
CA ASP L 40 -3.66 -20.08 37.64
C ASP L 40 -4.22 -21.01 36.56
N PHE L 41 -5.50 -20.89 36.25
CA PHE L 41 -6.08 -21.69 35.16
C PHE L 41 -5.40 -21.38 33.83
N LEU L 42 -5.20 -20.09 33.53
CA LEU L 42 -4.53 -19.73 32.28
C LEU L 42 -3.09 -20.20 32.25
N ASP L 43 -2.46 -20.34 33.42
CA ASP L 43 -1.10 -20.86 33.46
C ASP L 43 -1.08 -22.38 33.31
N LYS L 44 -1.97 -23.08 34.03
CA LYS L 44 -2.02 -24.52 33.92
C LYS L 44 -2.63 -25.00 32.61
N LEU L 45 -3.35 -24.11 31.90
CA LEU L 45 -3.94 -24.51 30.63
C LEU L 45 -2.89 -24.51 29.53
N MET L 46 -2.30 -23.35 29.24
CA MET L 46 -1.21 -23.25 28.28
C MET L 46 -0.31 -22.10 28.68
N GLY L 47 0.98 -22.39 28.82
CA GLY L 47 1.94 -21.36 29.18
C GLY L 47 2.33 -21.37 30.64
N ARG L 48 3.60 -21.62 30.91
CA ARG L 48 4.25 -21.58 32.21
C ARG L 48 3.90 -22.79 33.09
N THR L 49 2.94 -23.63 32.68
CA THR L 49 2.56 -24.78 33.49
C THR L 49 1.89 -25.80 32.59
N SER L 50 1.98 -27.07 32.99
CA SER L 50 1.40 -28.23 32.32
C SER L 50 2.20 -28.64 31.08
N GLY L 51 3.22 -27.88 30.69
CA GLY L 51 4.04 -28.26 29.56
C GLY L 51 3.32 -28.28 28.24
N TYR L 52 2.59 -27.22 27.94
CA TYR L 52 1.99 -27.06 26.62
C TYR L 52 3.05 -26.61 25.63
N ASP L 53 3.17 -27.33 24.53
CA ASP L 53 4.18 -27.05 23.52
C ASP L 53 3.46 -26.56 22.27
N ALA L 54 3.49 -25.25 22.04
CA ALA L 54 2.79 -24.63 20.92
C ALA L 54 3.44 -24.94 19.57
N ARG L 55 4.54 -25.69 19.55
CA ARG L 55 5.21 -26.05 18.31
C ARG L 55 4.75 -27.39 17.77
N ILE L 56 4.11 -28.21 18.60
CA ILE L 56 3.67 -29.54 18.22
C ILE L 56 2.16 -29.47 17.99
N ARG L 57 1.73 -29.89 16.80
CA ARG L 57 0.33 -29.79 16.44
C ARG L 57 -0.52 -30.70 17.33
N PRO L 58 -1.83 -30.46 17.38
CA PRO L 58 -2.69 -31.32 18.20
C PRO L 58 -2.73 -32.74 17.67
N ASN L 59 -2.68 -33.68 18.61
CA ASN L 59 -2.73 -35.11 18.28
C ASN L 59 -1.56 -35.48 17.37
N PHE L 60 -0.35 -35.25 17.89
CA PHE L 60 0.86 -35.45 17.11
C PHE L 60 1.07 -36.92 16.82
N LYS L 61 1.55 -37.22 15.61
CA LYS L 61 1.69 -38.59 15.13
C LYS L 61 0.35 -39.32 15.17
N GLY L 62 -0.72 -38.59 14.86
CA GLY L 62 -2.03 -39.16 14.76
C GLY L 62 -2.70 -38.71 13.47
N PRO L 63 -4.03 -38.75 13.44
CA PRO L 63 -4.74 -38.29 12.25
C PRO L 63 -4.52 -36.80 12.04
N PRO L 64 -4.81 -36.28 10.85
CA PRO L 64 -4.59 -34.86 10.59
C PRO L 64 -5.54 -34.00 11.41
N VAL L 65 -5.37 -32.69 11.25
CA VAL L 65 -6.12 -31.71 12.02
C VAL L 65 -7.12 -31.05 11.07
N ASN L 66 -8.36 -31.53 11.08
CA ASN L 66 -9.41 -30.91 10.27
C ASN L 66 -9.76 -29.54 10.84
N VAL L 67 -9.53 -28.50 10.06
CA VAL L 67 -9.73 -27.12 10.49
C VAL L 67 -10.93 -26.59 9.73
N SER L 68 -12.10 -26.64 10.37
CA SER L 68 -13.31 -26.10 9.78
C SER L 68 -13.28 -24.59 9.86
N CYS L 69 -13.28 -23.93 8.70
CA CYS L 69 -13.13 -22.48 8.63
C CYS L 69 -14.22 -21.86 7.78
N ASN L 70 -14.69 -20.69 8.22
CA ASN L 70 -15.69 -19.91 7.51
C ASN L 70 -15.24 -18.45 7.45
N ILE L 71 -15.91 -17.67 6.60
CA ILE L 71 -15.48 -16.32 6.27
C ILE L 71 -16.64 -15.35 6.43
N PHE L 72 -16.36 -14.17 6.98
CA PHE L 72 -17.31 -13.06 7.05
C PHE L 72 -16.66 -11.85 6.40
N ILE L 73 -17.25 -11.34 5.33
CA ILE L 73 -16.67 -10.24 4.57
C ILE L 73 -17.35 -8.94 5.01
N ASN L 74 -16.54 -7.98 5.47
CA ASN L 74 -17.07 -6.66 5.82
C ASN L 74 -17.22 -5.80 4.58
N SER L 75 -16.12 -5.52 3.89
CA SER L 75 -16.11 -4.70 2.70
C SER L 75 -15.61 -5.52 1.53
N PHE L 76 -16.12 -5.20 0.35
CA PHE L 76 -15.75 -5.91 -0.87
C PHE L 76 -15.78 -4.90 -2.01
N GLY L 77 -14.63 -4.30 -2.30
CA GLY L 77 -14.57 -3.25 -3.29
C GLY L 77 -13.17 -3.07 -3.82
N SER L 78 -12.99 -1.94 -4.53
CA SER L 78 -11.72 -1.61 -5.17
C SER L 78 -11.32 -2.69 -6.16
N ILE L 79 -12.27 -3.08 -7.01
CA ILE L 79 -12.04 -4.10 -8.03
C ILE L 79 -11.52 -3.38 -9.27
N ALA L 80 -10.19 -3.38 -9.45
CA ALA L 80 -9.54 -2.67 -10.53
C ALA L 80 -9.22 -3.63 -11.66
N GLU L 81 -9.62 -3.26 -12.88
CA GLU L 81 -9.25 -4.05 -14.04
C GLU L 81 -7.79 -3.85 -14.41
N THR L 82 -7.23 -2.68 -14.06
CA THR L 82 -5.85 -2.40 -14.41
C THR L 82 -4.88 -3.31 -13.65
N THR L 83 -5.17 -3.58 -12.38
CA THR L 83 -4.29 -4.37 -11.54
C THR L 83 -4.74 -5.83 -11.44
N MET L 84 -5.98 -6.13 -11.82
CA MET L 84 -6.51 -7.50 -11.77
C MET L 84 -6.61 -8.00 -10.33
N ASP L 85 -7.07 -7.15 -9.43
CA ASP L 85 -7.13 -7.48 -8.01
C ASP L 85 -8.35 -6.83 -7.38
N TYR L 86 -8.64 -7.24 -6.15
CA TYR L 86 -9.74 -6.67 -5.37
C TYR L 86 -9.40 -6.78 -3.89
N ARG L 87 -9.90 -5.82 -3.12
CA ARG L 87 -9.65 -5.76 -1.69
C ARG L 87 -10.93 -6.15 -0.94
N VAL L 88 -10.81 -7.10 -0.02
CA VAL L 88 -11.97 -7.64 0.69
C VAL L 88 -11.63 -7.80 2.17
N ASN L 89 -12.13 -6.90 3.00
CA ASN L 89 -11.98 -7.03 4.45
C ASN L 89 -12.85 -8.16 4.95
N ILE L 90 -12.24 -9.14 5.63
CA ILE L 90 -12.95 -10.33 6.08
C ILE L 90 -12.51 -10.65 7.50
N PHE L 91 -13.37 -11.39 8.20
CA PHE L 91 -13.00 -12.02 9.47
C PHE L 91 -12.85 -13.51 9.20
N LEU L 92 -11.62 -14.01 9.26
CA LEU L 92 -11.35 -15.42 9.01
C LEU L 92 -11.47 -16.19 10.33
N ARG L 93 -12.45 -17.09 10.39
CA ARG L 93 -12.67 -17.92 11.56
C ARG L 93 -12.29 -19.36 11.22
N GLN L 94 -11.90 -20.12 12.24
CA GLN L 94 -11.52 -21.50 12.01
C GLN L 94 -11.45 -22.30 13.32
N GLN L 95 -12.10 -23.46 13.33
CA GLN L 95 -12.19 -24.30 14.51
C GLN L 95 -11.37 -25.57 14.29
N TRP L 96 -10.74 -26.05 15.35
CA TRP L 96 -9.99 -27.29 15.29
C TRP L 96 -9.92 -27.87 16.69
N ASN L 97 -10.12 -29.17 16.81
CA ASN L 97 -9.99 -29.81 18.10
C ASN L 97 -8.52 -29.83 18.53
N ASP L 98 -8.30 -29.70 19.84
CA ASP L 98 -6.96 -29.71 20.41
C ASP L 98 -7.06 -30.41 21.75
N PRO L 99 -6.82 -31.73 21.78
CA PRO L 99 -7.16 -32.52 22.97
C PRO L 99 -6.41 -32.15 24.23
N ARG L 100 -5.37 -31.32 24.16
CA ARG L 100 -4.65 -30.89 25.34
C ARG L 100 -5.02 -29.47 25.76
N LEU L 101 -6.21 -29.01 25.38
CA LEU L 101 -6.80 -27.77 25.88
C LEU L 101 -8.18 -28.03 26.46
N ALA L 102 -8.42 -29.23 26.96
CA ALA L 102 -9.67 -29.61 27.58
C ALA L 102 -9.56 -29.46 29.09
N TYR L 103 -10.46 -28.67 29.67
CA TYR L 103 -10.41 -28.33 31.08
C TYR L 103 -11.60 -28.93 31.82
N ASN L 104 -11.41 -29.18 33.11
CA ASN L 104 -12.45 -29.69 33.99
C ASN L 104 -12.75 -28.75 35.14
N GLU L 105 -12.23 -27.52 35.11
CA GLU L 105 -12.40 -26.59 36.22
C GLU L 105 -13.62 -25.70 36.04
N TYR L 106 -13.67 -24.95 34.94
CA TYR L 106 -14.84 -24.10 34.90
C TYR L 106 -16.02 -24.83 34.27
N PRO L 107 -17.22 -24.70 34.84
CA PRO L 107 -18.38 -25.42 34.30
C PRO L 107 -18.91 -24.84 33.00
N ASP L 108 -18.30 -23.79 32.47
CA ASP L 108 -18.80 -23.18 31.23
C ASP L 108 -18.54 -24.10 30.04
N ASP L 109 -19.50 -24.12 29.12
CA ASP L 109 -19.32 -24.88 27.88
C ASP L 109 -18.13 -24.34 27.09
N SER L 110 -18.23 -23.10 26.64
CA SER L 110 -17.12 -22.39 26.02
C SER L 110 -16.48 -21.48 27.05
N LEU L 111 -15.40 -20.81 26.64
CA LEU L 111 -14.68 -19.95 27.58
C LEU L 111 -13.89 -18.92 26.76
N ASP L 112 -14.41 -17.70 26.67
CA ASP L 112 -13.70 -16.64 25.99
C ASP L 112 -12.39 -16.33 26.68
N LEU L 113 -11.37 -16.00 25.88
CA LEU L 113 -10.05 -15.71 26.40
C LEU L 113 -9.53 -14.41 25.80
N ASP L 114 -8.43 -13.93 26.37
CA ASP L 114 -7.78 -12.72 25.88
C ASP L 114 -6.91 -13.05 24.67
N PRO L 115 -6.92 -12.19 23.65
CA PRO L 115 -6.09 -12.45 22.45
C PRO L 115 -4.60 -12.51 22.74
N SER L 116 -4.13 -12.03 23.90
CA SER L 116 -2.73 -12.20 24.24
C SER L 116 -2.37 -13.66 24.50
N MET L 117 -3.34 -14.48 24.91
CA MET L 117 -3.18 -15.91 25.04
C MET L 117 -3.39 -16.64 23.72
N LEU L 118 -3.37 -15.92 22.60
CA LEU L 118 -3.54 -16.50 21.28
C LEU L 118 -2.22 -16.77 20.58
N ASP L 119 -1.10 -16.29 21.12
CA ASP L 119 0.22 -16.55 20.59
C ASP L 119 0.92 -17.70 21.30
N SER L 120 0.28 -18.31 22.29
CA SER L 120 0.88 -19.39 23.05
C SER L 120 0.25 -20.74 22.77
N ILE L 121 -0.58 -20.84 21.73
CA ILE L 121 -1.24 -22.09 21.36
C ILE L 121 -0.97 -22.37 19.90
N TRP L 122 -1.18 -23.62 19.49
CA TRP L 122 -1.03 -23.99 18.10
C TRP L 122 -2.09 -23.27 17.25
N LYS L 123 -1.73 -22.98 16.00
CA LYS L 123 -2.65 -22.38 15.07
C LYS L 123 -2.32 -22.92 13.68
N PRO L 124 -3.32 -23.23 12.86
CA PRO L 124 -3.03 -23.68 11.49
C PRO L 124 -2.38 -22.58 10.70
N ASP L 125 -1.33 -22.94 9.94
CA ASP L 125 -0.53 -21.98 9.22
C ASP L 125 -1.05 -21.79 7.79
N LEU L 126 -2.31 -21.37 7.69
CA LEU L 126 -2.86 -21.20 6.37
C LEU L 126 -2.44 -19.85 5.79
N PHE L 127 -2.58 -19.72 4.49
CA PHE L 127 -2.34 -18.47 3.79
C PHE L 127 -3.33 -18.37 2.65
N PHE L 128 -3.14 -17.37 1.80
CA PHE L 128 -4.00 -17.15 0.64
C PHE L 128 -3.15 -17.28 -0.61
N ALA L 129 -3.41 -18.33 -1.40
CA ALA L 129 -2.57 -18.62 -2.55
C ALA L 129 -2.56 -17.48 -3.57
N ASN L 130 -3.61 -16.67 -3.59
CA ASN L 130 -3.67 -15.46 -4.41
C ASN L 130 -3.74 -14.22 -3.53
N GLU L 131 -2.90 -14.20 -2.49
CA GLU L 131 -2.93 -13.10 -1.52
C GLU L 131 -2.64 -11.76 -2.17
N LYS L 132 -1.44 -11.60 -2.72
CA LYS L 132 -1.04 -10.36 -3.39
C LYS L 132 -1.05 -9.18 -2.41
N GLY L 133 -0.77 -9.46 -1.14
CA GLY L 133 -0.79 -8.41 -0.12
C GLY L 133 -1.93 -8.56 0.86
N ALA L 134 -1.61 -8.70 2.14
CA ALA L 134 -2.62 -8.87 3.17
C ALA L 134 -1.99 -8.58 4.52
N HIS L 135 -2.66 -7.74 5.31
CA HIS L 135 -2.12 -7.30 6.59
C HIS L 135 -3.17 -7.48 7.70
N PHE L 136 -2.68 -7.73 8.90
CA PHE L 136 -3.54 -7.78 10.08
C PHE L 136 -4.06 -6.39 10.41
N HIS L 137 -4.82 -6.31 11.50
CA HIS L 137 -5.32 -5.05 12.02
C HIS L 137 -5.00 -4.98 13.51
N GLU L 138 -4.18 -4.01 13.90
CA GLU L 138 -3.78 -3.83 15.28
C GLU L 138 -4.31 -2.50 15.84
N ILE L 139 -5.50 -2.11 15.41
CA ILE L 139 -6.05 -0.80 15.78
C ILE L 139 -6.54 -0.88 17.23
N THR L 140 -5.75 -0.34 18.15
CA THR L 140 -6.02 -0.23 19.57
C THR L 140 -5.89 -1.58 20.29
N THR L 141 -5.73 -2.66 19.54
CA THR L 141 -5.43 -4.00 20.04
C THR L 141 -5.40 -4.92 18.82
N ASP L 142 -4.68 -6.04 18.96
CA ASP L 142 -4.75 -7.08 17.94
C ASP L 142 -6.18 -7.56 17.79
N ASN L 143 -6.74 -7.41 16.60
CA ASN L 143 -8.11 -7.84 16.33
C ASN L 143 -8.16 -9.36 16.20
N LYS L 144 -8.01 -10.03 17.34
CA LYS L 144 -7.99 -11.47 17.41
C LYS L 144 -9.02 -11.94 18.43
N LEU L 145 -9.56 -13.14 18.20
CA LEU L 145 -10.57 -13.72 19.07
C LEU L 145 -10.21 -15.17 19.34
N LEU L 146 -10.15 -15.52 20.62
CA LEU L 146 -9.87 -16.89 21.04
C LEU L 146 -11.00 -17.40 21.91
N ARG L 147 -11.33 -18.68 21.76
CA ARG L 147 -12.41 -19.28 22.53
C ARG L 147 -12.17 -20.78 22.59
N ILE L 148 -11.79 -21.28 23.75
CA ILE L 148 -11.46 -22.69 23.96
C ILE L 148 -12.66 -23.35 24.62
N SER L 149 -13.31 -24.26 23.90
CA SER L 149 -14.51 -24.91 24.40
C SER L 149 -14.16 -25.87 25.53
N ARG L 150 -15.18 -26.56 26.04
CA ARG L 150 -15.00 -27.43 27.20
C ARG L 150 -14.17 -28.66 26.86
N ASN L 151 -14.25 -29.14 25.61
CA ASN L 151 -13.57 -30.36 25.20
C ASN L 151 -12.26 -30.11 24.46
N GLY L 152 -11.95 -28.87 24.12
CA GLY L 152 -10.73 -28.53 23.41
C GLY L 152 -10.94 -27.81 22.11
N ASN L 153 -12.16 -27.74 21.58
CA ASN L 153 -12.42 -27.04 20.34
C ASN L 153 -12.03 -25.58 20.48
N VAL L 154 -11.23 -25.10 19.53
CA VAL L 154 -10.63 -23.78 19.60
C VAL L 154 -11.18 -22.94 18.45
N LEU L 155 -12.07 -22.01 18.77
CA LEU L 155 -12.46 -21.00 17.79
C LEU L 155 -11.36 -19.96 17.65
N TYR L 156 -11.22 -19.43 16.44
CA TYR L 156 -10.13 -18.51 16.13
C TYR L 156 -10.58 -17.58 15.02
N SER L 157 -10.84 -16.33 15.38
CA SER L 157 -11.30 -15.32 14.43
C SER L 157 -10.29 -14.19 14.37
N ILE L 158 -9.92 -13.78 13.16
CA ILE L 158 -8.99 -12.69 12.95
C ILE L 158 -9.46 -11.86 11.75
N ARG L 159 -9.13 -10.58 11.77
CA ARG L 159 -9.51 -9.67 10.70
C ARG L 159 -8.35 -9.48 9.74
N ILE L 160 -8.66 -9.45 8.44
CA ILE L 160 -7.64 -9.37 7.39
C ILE L 160 -8.17 -8.51 6.26
N THR L 161 -7.28 -7.74 5.63
CA THR L 161 -7.69 -6.90 4.50
C THR L 161 -7.60 -7.64 3.17
N LEU L 162 -6.44 -8.24 2.87
CA LEU L 162 -6.34 -9.31 1.88
C LEU L 162 -6.76 -8.84 0.48
N THR L 163 -5.93 -7.97 -0.10
CA THR L 163 -6.15 -7.51 -1.48
C THR L 163 -5.81 -8.63 -2.46
N LEU L 164 -6.78 -9.52 -2.65
CA LEU L 164 -6.59 -10.72 -3.45
C LEU L 164 -6.43 -10.37 -4.93
N ALA L 165 -6.07 -11.39 -5.71
CA ALA L 165 -5.85 -11.26 -7.15
C ALA L 165 -6.97 -11.95 -7.90
N CYS L 166 -7.55 -11.25 -8.88
CA CYS L 166 -8.73 -11.74 -9.60
C CYS L 166 -8.49 -11.60 -11.10
N PRO L 167 -7.86 -12.60 -11.72
CA PRO L 167 -7.65 -12.54 -13.18
C PRO L 167 -8.98 -12.62 -13.91
N MET L 168 -9.34 -11.54 -14.59
CA MET L 168 -10.68 -11.36 -15.13
C MET L 168 -10.64 -11.32 -16.66
N ASP L 169 -11.52 -12.09 -17.28
CA ASP L 169 -11.65 -12.13 -18.73
C ASP L 169 -12.55 -10.99 -19.18
N LEU L 170 -12.01 -10.12 -20.03
CA LEU L 170 -12.73 -8.93 -20.49
C LEU L 170 -13.17 -9.05 -21.95
N LYS L 171 -13.51 -10.26 -22.40
CA LYS L 171 -13.94 -10.46 -23.77
C LYS L 171 -15.21 -9.69 -24.09
N ASN L 172 -16.04 -9.46 -23.09
CA ASN L 172 -17.29 -8.71 -23.21
C ASN L 172 -17.40 -7.70 -22.07
N PHE L 173 -16.32 -6.93 -21.89
CA PHE L 173 -16.02 -6.03 -20.78
C PHE L 173 -17.19 -5.25 -20.21
N PRO L 174 -17.92 -4.46 -21.02
CA PRO L 174 -18.95 -3.59 -20.44
C PRO L 174 -20.07 -4.36 -19.75
N MET L 175 -20.29 -5.62 -20.12
CA MET L 175 -21.38 -6.41 -19.59
C MET L 175 -20.91 -7.82 -19.29
N ASP L 176 -19.73 -7.94 -18.69
CA ASP L 176 -19.17 -9.23 -18.32
C ASP L 176 -19.59 -9.63 -16.91
N VAL L 177 -19.26 -10.86 -16.55
CA VAL L 177 -19.58 -11.41 -15.24
C VAL L 177 -18.36 -12.18 -14.77
N GLN L 178 -17.61 -11.61 -13.84
CA GLN L 178 -16.34 -12.19 -13.44
C GLN L 178 -16.54 -13.18 -12.30
N THR L 179 -15.43 -13.81 -11.88
CA THR L 179 -15.44 -14.78 -10.78
C THR L 179 -14.14 -14.60 -10.01
N CYS L 180 -14.20 -13.80 -8.95
CA CYS L 180 -13.04 -13.57 -8.10
C CYS L 180 -12.97 -14.64 -7.03
N ILE L 181 -11.80 -15.26 -6.91
CA ILE L 181 -11.63 -16.43 -6.08
C ILE L 181 -10.92 -16.06 -4.79
N MET L 182 -10.91 -16.99 -3.84
CA MET L 182 -10.24 -16.79 -2.55
C MET L 182 -9.76 -18.17 -2.08
N GLN L 183 -8.45 -18.41 -2.20
CA GLN L 183 -7.88 -19.73 -1.93
C GLN L 183 -7.23 -19.74 -0.56
N LEU L 184 -7.81 -20.50 0.37
CA LEU L 184 -7.24 -20.71 1.70
C LEU L 184 -6.42 -21.99 1.68
N GLU L 185 -5.12 -21.86 1.91
CA GLU L 185 -4.19 -22.96 1.70
C GLU L 185 -3.23 -23.08 2.88
N SER L 186 -2.82 -24.30 3.17
CA SER L 186 -1.79 -24.56 4.16
C SER L 186 -0.42 -24.52 3.48
N PHE L 187 0.60 -24.18 4.26
CA PHE L 187 1.93 -24.00 3.71
C PHE L 187 2.95 -24.99 4.24
N GLY L 188 3.09 -25.09 5.56
CA GLY L 188 4.11 -25.92 6.17
C GLY L 188 3.67 -27.30 6.58
N TYR L 189 2.39 -27.64 6.43
CA TYR L 189 1.89 -28.96 6.80
C TYR L 189 1.24 -29.61 5.59
N THR L 190 1.67 -30.82 5.27
CA THR L 190 1.09 -31.57 4.16
C THR L 190 -0.30 -32.04 4.54
N MET L 191 -0.94 -32.78 3.64
CA MET L 191 -2.25 -33.36 3.95
C MET L 191 -2.09 -34.72 4.65
N ASN L 192 -1.22 -34.72 5.65
CA ASN L 192 -1.13 -35.80 6.62
C ASN L 192 -1.06 -35.22 8.02
N ASP L 193 -1.05 -33.90 8.15
CA ASP L 193 -1.00 -33.22 9.44
C ASP L 193 -2.00 -32.09 9.56
N LEU L 194 -2.51 -31.55 8.46
CA LEU L 194 -3.43 -30.42 8.51
C LEU L 194 -4.35 -30.47 7.29
N ILE L 195 -5.65 -30.54 7.54
CA ILE L 195 -6.66 -30.56 6.48
C ILE L 195 -7.69 -29.47 6.77
N PHE L 196 -8.10 -28.77 5.71
CA PHE L 196 -9.04 -27.67 5.81
C PHE L 196 -10.35 -28.06 5.13
N GLU L 197 -11.46 -27.66 5.72
CA GLU L 197 -12.76 -27.84 5.11
C GLU L 197 -13.67 -26.70 5.53
N TRP L 198 -14.55 -26.27 4.62
CA TRP L 198 -15.44 -25.17 4.93
C TRP L 198 -16.44 -25.57 6.01
N GLN L 199 -17.04 -24.55 6.62
CA GLN L 199 -18.18 -24.77 7.49
C GLN L 199 -19.27 -25.47 6.70
N GLU L 200 -19.91 -26.47 7.33
CA GLU L 200 -20.89 -27.28 6.61
C GLU L 200 -22.06 -26.44 6.11
N GLN L 201 -22.50 -25.48 6.91
CA GLN L 201 -23.58 -24.58 6.52
C GLN L 201 -23.20 -23.15 6.88
N GLY L 202 -23.43 -22.23 5.95
CA GLY L 202 -23.07 -20.84 6.16
C GLY L 202 -21.58 -20.66 6.35
N ALA L 203 -20.81 -20.88 5.29
CA ALA L 203 -19.36 -20.74 5.35
C ALA L 203 -18.91 -19.33 4.99
N VAL L 204 -19.44 -18.77 3.90
CA VAL L 204 -19.14 -17.40 3.50
C VAL L 204 -20.32 -16.52 3.88
N GLN L 205 -20.03 -15.42 4.56
CA GLN L 205 -21.05 -14.57 5.15
C GLN L 205 -20.79 -13.14 4.73
N VAL L 206 -21.81 -12.49 4.16
CA VAL L 206 -21.69 -11.14 3.67
C VAL L 206 -22.38 -10.19 4.64
N ALA L 207 -21.81 -9.00 4.82
CA ALA L 207 -22.44 -8.00 5.66
C ALA L 207 -23.77 -7.56 5.04
N ASP L 208 -24.57 -6.86 5.84
CA ASP L 208 -25.93 -6.53 5.43
C ASP L 208 -25.94 -5.51 4.30
N GLY L 209 -25.41 -4.32 4.55
CA GLY L 209 -25.48 -3.26 3.58
C GLY L 209 -24.31 -3.23 2.62
N LEU L 210 -23.64 -4.36 2.46
CA LEU L 210 -22.47 -4.44 1.59
C LEU L 210 -22.93 -4.35 0.14
N THR L 211 -22.78 -3.17 -0.46
CA THR L 211 -23.14 -2.94 -1.86
C THR L 211 -21.98 -2.21 -2.52
N LEU L 212 -21.18 -2.95 -3.27
CA LEU L 212 -20.05 -2.32 -3.96
C LEU L 212 -20.53 -1.65 -5.24
N PRO L 213 -19.99 -0.47 -5.56
CA PRO L 213 -20.43 0.23 -6.78
C PRO L 213 -19.82 -0.39 -8.03
N GLN L 214 -20.57 -0.29 -9.13
CA GLN L 214 -20.23 -0.77 -10.46
C GLN L 214 -20.37 -2.28 -10.57
N PHE L 215 -20.62 -3.00 -9.47
CA PHE L 215 -20.82 -4.44 -9.49
C PHE L 215 -21.98 -4.79 -8.57
N ILE L 216 -22.41 -6.04 -8.63
CA ILE L 216 -23.38 -6.58 -7.68
C ILE L 216 -22.95 -7.99 -7.35
N LEU L 217 -22.69 -8.26 -6.07
CA LEU L 217 -22.23 -9.57 -5.64
C LEU L 217 -23.41 -10.53 -5.55
N LYS L 218 -23.40 -11.56 -6.39
CA LYS L 218 -24.48 -12.53 -6.37
C LYS L 218 -24.51 -13.29 -5.05
N GLU L 219 -25.72 -13.65 -4.61
CA GLU L 219 -25.87 -14.32 -3.33
C GLU L 219 -25.33 -15.74 -3.34
N GLU L 220 -25.13 -16.33 -4.52
CA GLU L 220 -24.57 -17.67 -4.62
C GLU L 220 -23.06 -17.60 -4.69
N LYS L 221 -22.39 -18.39 -3.85
CA LYS L 221 -20.94 -18.39 -3.75
C LYS L 221 -20.48 -19.84 -3.77
N ASP L 222 -19.70 -20.20 -4.78
CA ASP L 222 -19.30 -21.59 -4.97
C ASP L 222 -18.13 -21.92 -4.07
N LEU L 223 -18.29 -22.97 -3.27
CA LEU L 223 -17.26 -23.44 -2.36
C LEU L 223 -16.75 -24.79 -2.88
N ARG L 224 -15.50 -24.82 -3.33
CA ARG L 224 -14.92 -26.02 -3.89
C ARG L 224 -13.51 -26.20 -3.33
N TYR L 225 -12.93 -27.37 -3.61
CA TYR L 225 -11.57 -27.68 -3.22
C TYR L 225 -10.59 -27.19 -4.28
N CYS L 226 -9.38 -26.86 -3.84
CA CYS L 226 -8.31 -26.38 -4.70
C CYS L 226 -7.00 -27.02 -4.31
N THR L 227 -7.05 -28.30 -3.93
CA THR L 227 -5.90 -29.00 -3.35
C THR L 227 -4.66 -28.89 -4.22
N LYS L 228 -3.56 -28.47 -3.60
CA LYS L 228 -2.34 -28.12 -4.31
C LYS L 228 -1.31 -29.23 -4.12
N HIS L 229 -0.91 -29.86 -5.22
CA HIS L 229 0.20 -30.79 -5.23
C HIS L 229 1.44 -30.04 -5.69
N TYR L 230 2.32 -29.76 -4.75
CA TYR L 230 3.57 -29.05 -5.03
C TYR L 230 4.71 -30.06 -5.09
N ASN L 231 5.92 -29.53 -5.27
CA ASN L 231 7.10 -30.38 -5.32
C ASN L 231 7.37 -31.07 -4.00
N THR L 232 6.84 -30.56 -2.89
CA THR L 232 7.14 -31.05 -1.56
C THR L 232 6.04 -31.91 -0.96
N GLY L 233 4.95 -32.15 -1.69
CA GLY L 233 3.96 -33.11 -1.23
C GLY L 233 2.56 -32.59 -1.43
N LYS L 234 1.65 -33.18 -0.66
CA LYS L 234 0.22 -32.87 -0.74
C LYS L 234 -0.10 -31.73 0.21
N PHE L 235 -0.72 -30.67 -0.31
CA PHE L 235 -0.99 -29.48 0.49
C PHE L 235 -2.45 -29.11 0.40
N THR L 236 -3.01 -28.74 1.55
CA THR L 236 -4.43 -28.46 1.68
C THR L 236 -4.79 -27.14 1.02
N CYS L 237 -5.99 -27.09 0.45
CA CYS L 237 -6.48 -25.87 -0.16
C CYS L 237 -7.99 -25.97 -0.27
N ILE L 238 -8.66 -24.85 -0.02
CA ILE L 238 -10.11 -24.73 -0.17
C ILE L 238 -10.41 -23.29 -0.57
N GLU L 239 -11.13 -23.12 -1.68
CA GLU L 239 -11.38 -21.80 -2.21
C GLU L 239 -12.87 -21.46 -2.16
N ALA L 240 -13.16 -20.18 -2.34
CA ALA L 240 -14.52 -19.67 -2.38
C ALA L 240 -14.67 -18.82 -3.63
N ARG L 241 -15.64 -19.17 -4.46
CA ARG L 241 -15.88 -18.47 -5.72
C ARG L 241 -16.84 -17.32 -5.48
N PHE L 242 -16.48 -16.14 -5.97
CA PHE L 242 -17.35 -14.97 -5.91
C PHE L 242 -17.74 -14.58 -7.33
N HIS L 243 -19.03 -14.57 -7.60
CA HIS L 243 -19.55 -14.22 -8.92
C HIS L 243 -19.99 -12.75 -8.89
N LEU L 244 -19.42 -11.95 -9.79
CA LEU L 244 -19.71 -10.52 -9.86
C LEU L 244 -20.28 -10.20 -11.23
N GLU L 245 -21.29 -9.33 -11.25
CA GLU L 245 -21.90 -8.87 -12.49
C GLU L 245 -21.72 -7.37 -12.62
N ARG L 246 -21.21 -6.93 -13.76
CA ARG L 246 -20.85 -5.53 -13.93
C ARG L 246 -22.09 -4.69 -14.20
N GLN L 247 -22.29 -3.65 -13.39
CA GLN L 247 -23.39 -2.73 -13.58
C GLN L 247 -23.14 -1.92 -14.85
N MET L 248 -23.96 -2.14 -15.86
CA MET L 248 -23.75 -1.53 -17.17
C MET L 248 -24.21 -0.07 -17.23
N GLY L 249 -24.85 0.43 -16.18
CA GLY L 249 -25.40 1.78 -16.23
C GLY L 249 -24.35 2.85 -16.44
N TYR L 250 -23.18 2.68 -15.83
CA TYR L 250 -22.12 3.68 -15.98
C TYR L 250 -21.63 3.75 -17.41
N TYR L 251 -21.22 2.60 -17.97
CA TYR L 251 -20.68 2.59 -19.33
C TYR L 251 -21.75 2.97 -20.36
N LEU L 252 -23.02 2.78 -20.02
CA LEU L 252 -24.09 3.19 -20.91
C LEU L 252 -24.13 4.71 -21.06
N ILE L 253 -23.57 5.44 -20.11
CA ILE L 253 -23.60 6.90 -20.15
C ILE L 253 -22.33 7.46 -20.77
N GLN L 254 -21.17 6.99 -20.31
CA GLN L 254 -19.90 7.57 -20.74
C GLN L 254 -19.44 7.02 -22.08
N MET L 255 -19.69 5.73 -22.34
CA MET L 255 -19.15 5.05 -23.51
C MET L 255 -20.11 5.07 -24.70
N TYR L 256 -21.32 4.55 -24.52
CA TYR L 256 -22.18 4.25 -25.66
C TYR L 256 -22.95 5.47 -26.15
N ILE L 257 -23.50 6.26 -25.24
CA ILE L 257 -24.30 7.42 -25.65
C ILE L 257 -23.49 8.46 -26.41
N PRO L 258 -22.33 8.92 -25.91
CA PRO L 258 -21.56 9.91 -26.69
C PRO L 258 -21.14 9.42 -28.07
N SER L 259 -20.60 8.20 -28.16
CA SER L 259 -20.26 7.65 -29.47
C SER L 259 -21.51 7.44 -30.31
N LEU L 260 -22.63 7.06 -29.70
CA LEU L 260 -23.89 6.99 -30.41
C LEU L 260 -24.30 8.36 -30.93
N LEU L 261 -24.13 9.40 -30.11
CA LEU L 261 -24.47 10.75 -30.54
C LEU L 261 -23.54 11.23 -31.64
N ILE L 262 -22.25 10.86 -31.56
CA ILE L 262 -21.29 11.29 -32.57
C ILE L 262 -21.59 10.64 -33.91
N VAL L 263 -22.19 9.46 -33.91
CA VAL L 263 -22.55 8.82 -35.17
C VAL L 263 -23.80 9.45 -35.76
N ILE L 264 -24.65 10.05 -34.92
CA ILE L 264 -25.92 10.59 -35.40
C ILE L 264 -25.70 11.82 -36.25
N LEU L 265 -24.92 12.79 -35.74
CA LEU L 265 -24.71 14.02 -36.49
C LEU L 265 -23.87 13.79 -37.75
N SER L 266 -23.16 12.67 -37.84
CA SER L 266 -22.54 12.31 -39.10
C SER L 266 -23.56 12.02 -40.18
N TRP L 267 -24.79 11.67 -39.80
CA TRP L 267 -25.85 11.40 -40.76
C TRP L 267 -26.49 12.66 -41.32
N ILE L 268 -26.46 13.78 -40.59
CA ILE L 268 -27.16 14.97 -41.03
C ILE L 268 -26.37 15.76 -42.07
N SER L 269 -25.22 15.25 -42.49
CA SER L 269 -24.52 15.86 -43.63
C SER L 269 -25.23 15.56 -44.94
N PHE L 270 -26.08 14.53 -44.97
CA PHE L 270 -26.82 14.22 -46.19
C PHE L 270 -27.97 15.20 -46.41
N TRP L 271 -28.48 15.78 -45.33
CA TRP L 271 -29.56 16.75 -45.45
C TRP L 271 -29.06 18.12 -45.88
N ILE L 272 -27.79 18.43 -45.59
CA ILE L 272 -27.24 19.70 -46.03
C ILE L 272 -26.97 19.66 -47.54
N ASN L 273 -26.85 20.84 -48.14
CA ASN L 273 -26.64 20.93 -49.57
C ASN L 273 -25.31 20.28 -49.96
N MET L 274 -25.29 19.66 -51.14
CA MET L 274 -24.11 18.97 -51.62
C MET L 274 -23.09 19.93 -52.23
N ASP L 275 -23.53 21.09 -52.71
CA ASP L 275 -22.59 22.05 -53.28
C ASP L 275 -21.71 22.70 -52.21
N ALA L 276 -22.15 22.74 -50.96
CA ALA L 276 -21.37 23.32 -49.87
C ALA L 276 -20.28 22.31 -49.50
N ALA L 277 -19.22 22.32 -50.31
CA ALA L 277 -18.11 21.38 -50.11
C ALA L 277 -17.43 21.57 -48.77
N PRO L 278 -16.94 22.76 -48.40
CA PRO L 278 -16.24 22.88 -47.10
C PRO L 278 -17.15 22.67 -45.92
N ALA L 279 -18.40 23.13 -45.99
CA ALA L 279 -19.33 22.94 -44.89
C ALA L 279 -19.63 21.46 -44.68
N ARG L 280 -19.87 20.73 -45.77
CA ARG L 280 -20.18 19.32 -45.66
C ARG L 280 -18.97 18.52 -45.17
N VAL L 281 -17.78 18.86 -45.67
CA VAL L 281 -16.58 18.15 -45.23
C VAL L 281 -16.26 18.46 -43.78
N GLY L 282 -16.71 19.60 -43.27
CA GLY L 282 -16.43 19.96 -41.88
C GLY L 282 -17.04 19.00 -40.89
N LEU L 283 -18.16 18.36 -41.26
CA LEU L 283 -18.82 17.42 -40.35
C LEU L 283 -17.94 16.19 -40.14
N GLY L 284 -17.59 15.51 -41.22
CA GLY L 284 -16.85 14.26 -41.08
C GLY L 284 -15.45 14.45 -40.53
N ILE L 285 -14.77 15.52 -40.95
CA ILE L 285 -13.37 15.72 -40.57
C ILE L 285 -13.24 15.88 -39.07
N THR L 286 -14.25 16.43 -38.41
CA THR L 286 -14.23 16.56 -36.96
C THR L 286 -14.81 15.35 -36.25
N THR L 287 -15.77 14.66 -36.87
CA THR L 287 -16.36 13.48 -36.27
C THR L 287 -15.45 12.27 -36.38
N VAL L 288 -14.61 12.21 -37.43
CA VAL L 288 -13.63 11.12 -37.54
C VAL L 288 -12.64 11.18 -36.39
N LEU L 289 -12.09 12.36 -36.13
CA LEU L 289 -11.24 12.53 -34.96
C LEU L 289 -12.04 12.42 -33.67
N THR L 290 -13.33 12.77 -33.71
CA THR L 290 -14.16 12.73 -32.52
C THR L 290 -14.32 11.29 -32.03
N MET L 291 -14.66 10.37 -32.93
CA MET L 291 -14.73 8.97 -32.55
C MET L 291 -13.36 8.41 -32.21
N THR L 292 -12.30 8.97 -32.81
CA THR L 292 -10.95 8.49 -32.51
C THR L 292 -10.58 8.78 -31.06
N THR L 293 -10.88 9.98 -30.58
CA THR L 293 -10.60 10.30 -29.18
C THR L 293 -11.55 9.56 -28.25
N GLN L 294 -12.76 9.24 -28.71
CA GLN L 294 -13.68 8.46 -27.90
C GLN L 294 -13.20 7.03 -27.75
N SER L 295 -12.71 6.42 -28.83
CA SER L 295 -12.20 5.06 -28.75
C SER L 295 -10.98 4.97 -27.85
N SER L 296 -10.13 6.00 -27.87
CA SER L 296 -8.96 6.01 -27.00
C SER L 296 -9.37 6.11 -25.53
N GLY L 297 -10.43 6.87 -25.24
CA GLY L 297 -10.88 7.03 -23.88
C GLY L 297 -11.38 5.75 -23.23
N SER L 298 -11.73 4.75 -24.04
CA SER L 298 -12.19 3.47 -23.54
C SER L 298 -11.04 2.53 -23.20
N ARG L 299 -9.83 3.06 -23.03
CA ARG L 299 -8.65 2.26 -22.74
C ARG L 299 -8.06 2.54 -21.36
N ALA L 300 -8.04 3.79 -20.93
CA ALA L 300 -7.49 4.12 -19.62
C ALA L 300 -8.28 3.44 -18.50
N SER L 301 -9.58 3.23 -18.72
CA SER L 301 -10.40 2.53 -17.73
C SER L 301 -10.17 1.02 -17.74
N LEU L 302 -9.35 0.51 -18.64
CA LEU L 302 -9.15 -0.92 -18.84
C LEU L 302 -7.66 -1.23 -18.87
N PRO L 303 -7.30 -2.49 -18.75
CA PRO L 303 -5.90 -2.90 -18.94
C PRO L 303 -5.58 -2.98 -20.43
N LYS L 304 -4.32 -3.28 -20.73
CA LYS L 304 -3.85 -3.40 -22.11
C LYS L 304 -3.87 -4.87 -22.49
N VAL L 305 -5.07 -5.35 -22.85
CA VAL L 305 -5.30 -6.75 -23.13
C VAL L 305 -5.22 -6.96 -24.63
N SER L 306 -4.77 -8.16 -25.03
CA SER L 306 -4.46 -8.41 -26.43
C SER L 306 -5.73 -8.50 -27.29
N TYR L 307 -6.65 -9.39 -26.91
CA TYR L 307 -7.82 -9.62 -27.74
C TYR L 307 -8.76 -8.41 -27.75
N VAL L 308 -9.77 -8.49 -28.62
CA VAL L 308 -10.76 -7.44 -28.80
C VAL L 308 -11.88 -7.66 -27.79
N LYS L 309 -12.48 -6.56 -27.34
CA LYS L 309 -13.50 -6.58 -26.31
C LYS L 309 -14.87 -6.29 -26.92
N ALA L 310 -15.89 -6.30 -26.07
CA ALA L 310 -17.23 -6.01 -26.54
C ALA L 310 -17.41 -4.53 -26.86
N ILE L 311 -16.68 -3.66 -26.19
CA ILE L 311 -16.79 -2.23 -26.46
C ILE L 311 -15.90 -1.79 -27.62
N ASP L 312 -14.80 -2.52 -27.86
CA ASP L 312 -13.92 -2.15 -28.97
C ASP L 312 -14.59 -2.38 -30.32
N ILE L 313 -15.36 -3.46 -30.45
CA ILE L 313 -16.08 -3.71 -31.69
C ILE L 313 -17.37 -2.92 -31.78
N TRP L 314 -17.70 -2.13 -30.75
CA TRP L 314 -18.71 -1.09 -30.85
C TRP L 314 -18.09 0.25 -31.25
N MET L 315 -17.01 0.64 -30.57
CA MET L 315 -16.36 1.90 -30.92
C MET L 315 -15.73 1.83 -32.31
N ALA L 316 -15.20 0.66 -32.68
CA ALA L 316 -14.59 0.52 -34.00
C ALA L 316 -15.64 0.62 -35.11
N VAL L 317 -16.76 -0.08 -34.95
CA VAL L 317 -17.80 -0.04 -35.97
C VAL L 317 -18.42 1.34 -36.06
N CYS L 318 -18.59 2.02 -34.93
CA CYS L 318 -19.07 3.40 -34.97
C CYS L 318 -18.04 4.31 -35.62
N LEU L 319 -16.75 4.04 -35.37
CA LEU L 319 -15.70 4.76 -36.08
C LEU L 319 -15.77 4.49 -37.58
N LEU L 320 -16.28 3.32 -37.97
CA LEU L 320 -16.37 3.00 -39.39
C LEU L 320 -17.51 3.74 -40.07
N PHE L 321 -18.67 3.82 -39.42
CA PHE L 321 -19.79 4.53 -40.03
C PHE L 321 -19.50 6.02 -40.15
N VAL L 322 -18.95 6.62 -39.10
CA VAL L 322 -18.57 8.02 -39.16
C VAL L 322 -17.46 8.22 -40.18
N PHE L 323 -16.61 7.21 -40.38
CA PHE L 323 -15.58 7.31 -41.40
C PHE L 323 -16.16 7.15 -42.79
N SER L 324 -17.10 6.22 -42.97
CA SER L 324 -17.69 6.00 -44.29
C SER L 324 -18.53 7.19 -44.73
N ALA L 325 -19.15 7.90 -43.79
CA ALA L 325 -19.89 9.11 -44.14
C ALA L 325 -18.96 10.16 -44.72
N LEU L 326 -17.79 10.33 -44.12
CA LEU L 326 -16.78 11.22 -44.69
C LEU L 326 -16.30 10.72 -46.04
N LEU L 327 -15.96 9.43 -46.12
CA LEU L 327 -15.54 8.85 -47.40
C LEU L 327 -16.68 8.78 -48.39
N GLU L 328 -17.92 8.85 -47.93
CA GLU L 328 -19.07 8.83 -48.84
C GLU L 328 -19.05 10.03 -49.76
N TYR L 329 -18.95 11.24 -49.19
CA TYR L 329 -18.92 12.44 -50.01
C TYR L 329 -17.63 12.56 -50.82
N ALA L 330 -16.57 11.86 -50.43
CA ALA L 330 -15.34 11.85 -51.22
C ALA L 330 -15.59 11.39 -52.64
N ALA L 331 -16.55 10.48 -52.83
CA ALA L 331 -16.97 10.08 -54.17
C ALA L 331 -18.14 10.93 -54.68
N VAL L 332 -18.93 11.51 -53.79
CA VAL L 332 -20.07 12.32 -54.23
C VAL L 332 -19.59 13.58 -54.91
N ASN L 333 -18.65 14.29 -54.28
CA ASN L 333 -18.12 15.51 -54.89
C ASN L 333 -17.37 15.20 -56.17
N PHE L 334 -16.68 14.06 -56.22
CA PHE L 334 -16.04 13.65 -57.47
C PHE L 334 -17.10 13.39 -58.54
N VAL L 335 -18.13 12.61 -58.20
CA VAL L 335 -19.21 12.34 -59.15
C VAL L 335 -19.95 13.63 -59.49
N SER L 336 -20.08 14.52 -58.51
CA SER L 336 -20.82 15.76 -58.75
C SER L 336 -20.06 16.66 -59.73
N ARG L 337 -18.81 16.97 -59.42
CA ARG L 337 -18.04 17.84 -60.30
C ARG L 337 -17.76 17.17 -61.64
N GLN L 338 -17.59 15.84 -61.63
CA GLN L 338 -17.43 15.12 -62.89
C GLN L 338 -18.68 15.24 -63.75
N HIS L 339 -19.85 15.43 -63.13
CA HIS L 339 -21.05 15.74 -63.88
C HIS L 339 -20.89 17.05 -64.63
N LYS L 340 -20.18 18.01 -64.04
CA LYS L 340 -19.85 19.26 -64.71
C LYS L 340 -18.48 19.24 -65.36
N GLU L 341 -17.53 18.47 -64.82
CA GLU L 341 -16.25 18.28 -65.49
C GLU L 341 -16.41 17.55 -66.83
N LEU L 342 -17.46 16.74 -66.97
CA LEU L 342 -17.83 16.15 -68.24
C LEU L 342 -18.74 17.05 -69.07
N LEU L 343 -18.81 18.33 -68.73
CA LEU L 343 -19.66 19.27 -69.44
C LEU L 343 -18.82 20.16 -70.37
N PRO L 408 -23.87 15.90 -74.77
CA PRO L 408 -23.20 15.68 -73.49
C PRO L 408 -23.98 16.26 -72.32
N GLU L 409 -24.68 17.38 -72.56
CA GLU L 409 -25.49 17.97 -71.51
C GLU L 409 -26.64 17.07 -71.10
N GLU L 410 -27.09 16.19 -72.00
CA GLU L 410 -28.18 15.27 -71.71
C GLU L 410 -27.73 14.08 -70.87
N MET L 411 -26.46 14.01 -70.49
CA MET L 411 -25.94 12.90 -69.71
C MET L 411 -25.79 13.20 -68.24
N ARG L 412 -26.00 14.45 -67.82
CA ARG L 412 -25.85 14.78 -66.40
C ARG L 412 -26.95 14.19 -65.53
N LYS L 413 -28.05 13.72 -66.12
CA LYS L 413 -28.99 12.93 -65.34
C LYS L 413 -28.39 11.57 -64.96
N LEU L 414 -27.47 11.07 -65.77
CA LEU L 414 -26.69 9.90 -65.40
C LEU L 414 -25.63 10.22 -64.36
N PHE L 415 -25.37 11.51 -64.11
CA PHE L 415 -24.40 11.93 -63.10
C PHE L 415 -25.05 12.73 -61.98
N ILE L 416 -25.81 13.77 -62.30
CA ILE L 416 -26.43 14.59 -61.26
C ILE L 416 -27.45 13.77 -60.47
N GLN L 417 -28.37 13.11 -61.18
CA GLN L 417 -29.28 12.19 -60.50
C GLN L 417 -28.55 10.99 -59.90
N ARG L 418 -27.36 10.68 -60.40
CA ARG L 418 -26.55 9.64 -59.76
C ARG L 418 -26.11 10.08 -58.36
N ALA L 419 -25.44 11.23 -58.28
CA ALA L 419 -25.12 11.79 -56.97
C ALA L 419 -26.40 12.15 -56.20
N LYS L 420 -27.44 12.56 -56.92
CA LYS L 420 -28.73 12.80 -56.27
C LYS L 420 -29.28 11.51 -55.67
N LYS L 421 -29.21 10.42 -56.43
CA LYS L 421 -29.72 9.14 -55.93
C LYS L 421 -28.85 8.58 -54.81
N ILE L 422 -27.58 8.99 -54.73
CA ILE L 422 -26.71 8.50 -53.67
C ILE L 422 -27.20 8.97 -52.31
N ASP L 423 -27.52 10.27 -52.20
CA ASP L 423 -28.02 10.79 -50.94
C ASP L 423 -29.37 10.17 -50.58
N LYS L 424 -30.28 10.07 -51.56
CA LYS L 424 -31.58 9.45 -51.31
C LYS L 424 -31.42 7.99 -50.89
N ILE L 425 -30.37 7.32 -51.36
CA ILE L 425 -30.10 5.96 -50.94
C ILE L 425 -29.25 5.92 -49.68
N SER L 426 -28.28 6.81 -49.56
CA SER L 426 -27.39 6.79 -48.40
C SER L 426 -28.06 7.39 -47.17
N ARG L 427 -29.00 8.30 -47.36
CA ARG L 427 -29.70 8.91 -46.22
C ARG L 427 -30.55 7.90 -45.48
N ILE L 428 -30.94 6.79 -46.12
CA ILE L 428 -31.67 5.73 -45.46
C ILE L 428 -30.78 4.52 -45.16
N GLY L 429 -29.67 4.36 -45.89
CA GLY L 429 -28.80 3.22 -45.63
C GLY L 429 -28.18 3.27 -44.24
N PHE L 430 -27.59 4.40 -43.88
CA PHE L 430 -26.95 4.53 -42.58
C PHE L 430 -27.93 4.35 -41.42
N PRO L 431 -29.04 5.09 -41.34
CA PRO L 431 -29.97 4.88 -40.21
C PRO L 431 -30.62 3.50 -40.20
N MET L 432 -30.52 2.73 -41.28
CA MET L 432 -30.94 1.33 -41.28
C MET L 432 -29.77 0.37 -41.10
N ALA L 433 -28.62 0.67 -41.69
CA ALA L 433 -27.45 -0.18 -41.50
C ALA L 433 -27.00 -0.15 -40.05
N PHE L 434 -26.91 1.05 -39.47
CA PHE L 434 -26.56 1.15 -38.05
C PHE L 434 -27.67 0.59 -37.17
N LEU L 435 -28.92 0.65 -37.63
CA LEU L 435 -30.01 0.12 -36.84
C LEU L 435 -29.97 -1.41 -36.82
N ILE L 436 -29.71 -2.03 -37.97
CA ILE L 436 -29.63 -3.48 -38.01
C ILE L 436 -28.42 -3.97 -37.22
N PHE L 437 -27.33 -3.19 -37.22
CA PHE L 437 -26.20 -3.52 -36.36
C PHE L 437 -26.57 -3.38 -34.89
N ASN L 438 -27.24 -2.27 -34.55
CA ASN L 438 -27.60 -2.03 -33.16
C ASN L 438 -28.56 -3.10 -32.64
N MET L 439 -29.34 -3.70 -33.53
CA MET L 439 -30.14 -4.87 -33.16
C MET L 439 -29.27 -6.12 -33.14
N PHE L 440 -28.41 -6.29 -34.14
CA PHE L 440 -27.53 -7.44 -34.22
C PHE L 440 -26.46 -7.42 -33.13
N TYR L 441 -26.20 -6.26 -32.53
CA TYR L 441 -25.14 -6.11 -31.55
C TYR L 441 -25.57 -6.61 -30.17
N TRP L 442 -26.64 -6.03 -29.63
CA TRP L 442 -27.04 -6.33 -28.25
C TRP L 442 -27.58 -7.75 -28.11
N ILE L 443 -28.15 -8.30 -29.19
CA ILE L 443 -28.68 -9.66 -29.11
C ILE L 443 -27.55 -10.66 -28.92
N ILE L 444 -26.37 -10.38 -29.46
CA ILE L 444 -25.25 -11.30 -29.31
C ILE L 444 -24.71 -11.26 -27.89
N TYR L 445 -24.85 -10.13 -27.20
CA TYR L 445 -24.30 -9.96 -25.86
C TYR L 445 -25.36 -10.08 -24.77
N LYS L 446 -26.52 -10.66 -25.09
CA LYS L 446 -27.52 -11.01 -24.09
C LYS L 446 -27.55 -12.51 -23.82
N ILE L 447 -26.41 -13.17 -23.91
CA ILE L 447 -26.33 -14.62 -23.76
C ILE L 447 -25.40 -14.98 -22.61
N SER M 55 38.06 -24.10 20.85
CA SER M 55 36.98 -24.84 20.22
C SER M 55 36.51 -24.15 18.94
N THR M 56 35.23 -24.31 18.62
CA THR M 56 34.63 -23.71 17.43
C THR M 56 33.86 -22.44 17.73
N SER M 57 32.98 -22.48 18.74
CA SER M 57 32.26 -21.29 19.16
C SER M 57 33.11 -20.36 20.03
N ASN M 58 34.17 -20.88 20.64
CA ASN M 58 35.00 -20.09 21.53
C ASN M 58 35.89 -19.09 20.80
N ILE M 59 35.95 -19.15 19.47
CA ILE M 59 36.71 -18.13 18.74
C ILE M 59 35.99 -16.79 18.79
N LEU M 60 34.66 -16.82 18.90
CA LEU M 60 33.85 -15.60 18.94
C LEU M 60 33.24 -15.34 20.31
N ASN M 61 32.74 -16.39 20.99
CA ASN M 61 32.17 -16.20 22.31
C ASN M 61 33.21 -15.78 23.34
N ARG M 62 34.49 -16.04 23.08
CA ARG M 62 35.54 -15.59 23.98
C ARG M 62 35.86 -14.11 23.78
N LEU M 63 35.50 -13.54 22.64
CA LEU M 63 35.73 -12.13 22.38
C LEU M 63 34.57 -11.27 22.89
N LEU M 64 33.34 -11.63 22.54
CA LEU M 64 32.19 -10.82 22.92
C LEU M 64 31.95 -10.83 24.43
N VAL M 65 32.43 -11.85 25.15
CA VAL M 65 32.40 -11.80 26.61
C VAL M 65 33.30 -10.68 27.08
N SER M 66 32.80 -9.85 28.00
CA SER M 66 33.43 -8.63 28.48
C SER M 66 33.48 -7.55 27.41
N TYR M 67 32.75 -7.72 26.31
CA TYR M 67 32.67 -6.74 25.25
C TYR M 67 31.41 -5.89 25.44
N ASP M 68 31.54 -4.60 25.21
CA ASP M 68 30.44 -3.66 25.45
C ASP M 68 30.13 -2.91 24.16
N PRO M 69 29.03 -3.21 23.47
CA PRO M 69 28.72 -2.53 22.21
C PRO M 69 28.29 -1.08 22.39
N ARG M 70 28.17 -0.59 23.61
CA ARG M 70 27.81 0.79 23.87
C ARG M 70 29.02 1.71 23.94
N ILE M 71 30.22 1.15 23.92
CA ILE M 71 31.46 1.91 24.04
C ILE M 71 32.26 1.74 22.75
N ARG M 72 32.65 2.85 22.15
CA ARG M 72 33.41 2.77 20.91
C ARG M 72 34.84 2.34 21.20
N PRO M 73 35.56 1.86 20.20
CA PRO M 73 36.98 1.55 20.38
C PRO M 73 37.77 2.80 20.72
N ASN M 74 38.67 2.67 21.70
CA ASN M 74 39.46 3.81 22.17
C ASN M 74 38.53 4.91 22.69
N PHE M 75 37.88 4.59 23.80
CA PHE M 75 36.80 5.43 24.33
C PHE M 75 37.28 6.86 24.59
N LYS M 76 38.26 7.01 25.47
CA LYS M 76 38.80 8.33 25.76
C LYS M 76 40.02 8.67 24.93
N GLY M 77 40.48 7.76 24.08
CA GLY M 77 41.65 8.00 23.26
C GLY M 77 41.34 8.69 21.96
N ILE M 78 42.08 8.35 20.91
CA ILE M 78 41.95 9.00 19.61
C ILE M 78 40.58 8.69 19.02
N PRO M 79 40.14 9.42 17.99
CA PRO M 79 38.85 9.10 17.36
C PRO M 79 38.93 7.76 16.64
N VAL M 80 37.76 7.28 16.24
CA VAL M 80 37.65 6.02 15.50
C VAL M 80 37.66 6.34 14.01
N ASP M 81 38.52 5.65 13.28
CA ASP M 81 38.68 5.87 11.85
C ASP M 81 37.82 4.87 11.08
N VAL M 82 36.97 5.39 10.20
CA VAL M 82 36.07 4.57 9.39
C VAL M 82 36.37 4.84 7.93
N VAL M 83 36.84 3.82 7.22
CA VAL M 83 37.18 3.93 5.81
C VAL M 83 35.95 3.52 5.03
N VAL M 84 35.20 4.50 4.55
CA VAL M 84 33.92 4.24 3.88
C VAL M 84 34.18 3.78 2.45
N ASN M 85 33.35 2.84 1.99
CA ASN M 85 33.44 2.28 0.66
C ASN M 85 32.03 1.97 0.18
N ILE M 86 31.81 2.06 -1.13
CA ILE M 86 30.48 1.91 -1.70
C ILE M 86 30.57 1.19 -3.03
N PHE M 87 29.62 0.27 -3.26
CA PHE M 87 29.44 -0.38 -4.55
C PHE M 87 28.02 -0.11 -5.02
N ILE M 88 27.89 0.52 -6.17
CA ILE M 88 26.57 0.88 -6.70
C ILE M 88 26.00 -0.33 -7.43
N ASN M 89 24.98 -0.95 -6.84
CA ASN M 89 24.35 -2.12 -7.45
C ASN M 89 23.37 -1.72 -8.54
N SER M 90 22.61 -0.65 -8.31
CA SER M 90 21.72 -0.09 -9.33
C SER M 90 21.57 1.39 -9.07
N PHE M 91 21.43 2.16 -10.13
CA PHE M 91 21.35 3.62 -10.06
C PHE M 91 20.11 4.07 -10.81
N GLY M 92 19.00 4.26 -10.09
CA GLY M 92 17.78 4.68 -10.73
C GLY M 92 17.90 6.05 -11.36
N SER M 93 17.00 6.31 -12.30
CA SER M 93 17.02 7.58 -13.02
C SER M 93 16.44 8.69 -12.14
N ILE M 94 16.83 9.92 -12.47
CA ILE M 94 16.36 11.08 -11.72
C ILE M 94 14.86 11.25 -11.90
N GLN M 95 14.17 11.55 -10.80
CA GLN M 95 12.76 11.90 -10.83
C GLN M 95 12.68 13.43 -10.82
N GLU M 96 12.51 14.03 -12.01
CA GLU M 96 12.46 15.48 -12.10
C GLU M 96 11.27 16.05 -11.33
N THR M 97 10.18 15.29 -11.21
CA THR M 97 9.02 15.79 -10.50
C THR M 97 9.30 15.95 -9.01
N THR M 98 10.05 15.02 -8.43
CA THR M 98 10.34 15.04 -7.00
C THR M 98 11.79 15.41 -6.66
N MET M 99 12.62 15.69 -7.67
CA MET M 99 13.99 16.15 -7.45
C MET M 99 14.87 15.12 -6.77
N ASP M 100 14.56 13.83 -6.93
CA ASP M 100 15.30 12.78 -6.26
C ASP M 100 15.65 11.67 -7.24
N TYR M 101 16.27 10.62 -6.72
CA TYR M 101 16.66 9.47 -7.53
C TYR M 101 16.89 8.29 -6.59
N ARG M 102 16.54 7.09 -7.04
CA ARG M 102 16.60 5.89 -6.23
C ARG M 102 17.87 5.11 -6.57
N VAL M 103 18.63 4.75 -5.55
CA VAL M 103 19.90 4.05 -5.73
C VAL M 103 19.95 2.84 -4.81
N ASN M 104 20.53 1.74 -5.30
CA ASN M 104 20.74 0.52 -4.54
C ASN M 104 22.24 0.28 -4.46
N ILE M 105 22.80 0.38 -3.25
CA ILE M 105 24.24 0.35 -3.06
C ILE M 105 24.59 -0.68 -2.01
N PHE M 106 25.87 -1.03 -1.96
CA PHE M 106 26.44 -1.88 -0.92
C PHE M 106 27.39 -1.00 -0.11
N LEU M 107 26.90 -0.45 0.99
CA LEU M 107 27.73 0.40 1.84
C LEU M 107 28.69 -0.46 2.63
N ARG M 108 29.98 -0.16 2.52
CA ARG M 108 31.02 -0.88 3.24
C ARG M 108 31.72 0.04 4.22
N GLN M 109 32.06 -0.49 5.39
CA GLN M 109 32.72 0.27 6.44
C GLN M 109 33.85 -0.59 6.99
N LYS M 110 34.94 0.06 7.37
CA LYS M 110 36.12 -0.67 7.83
C LYS M 110 36.84 0.18 8.86
N TRP M 111 36.68 -0.16 10.14
CA TRP M 111 37.29 0.55 11.25
C TRP M 111 38.10 -0.42 12.07
N ASN M 112 38.79 0.11 13.09
CA ASN M 112 39.56 -0.72 14.00
C ASN M 112 38.83 -0.82 15.33
N ASP M 113 38.91 -2.00 15.96
CA ASP M 113 38.29 -2.23 17.26
C ASP M 113 39.19 -3.19 18.02
N PRO M 114 40.08 -2.66 18.87
CA PRO M 114 41.13 -3.50 19.47
C PRO M 114 40.61 -4.57 20.41
N ARG M 115 39.36 -4.50 20.84
CA ARG M 115 38.78 -5.56 21.67
C ARG M 115 38.42 -6.79 20.86
N LEU M 116 38.34 -6.67 19.53
CA LEU M 116 38.04 -7.78 18.64
C LEU M 116 39.30 -8.40 18.06
N LYS M 117 40.43 -8.27 18.75
CA LYS M 117 41.69 -8.81 18.26
C LYS M 117 41.67 -10.32 18.43
N LEU M 118 41.65 -11.05 17.32
CA LEU M 118 41.57 -12.50 17.36
C LEU M 118 42.79 -13.08 18.06
N PRO M 119 42.62 -14.18 18.80
CA PRO M 119 43.73 -14.73 19.59
C PRO M 119 44.87 -15.23 18.74
N SER M 120 45.97 -15.63 19.38
CA SER M 120 47.10 -16.22 18.66
C SER M 120 46.86 -17.67 18.28
N ASP M 121 45.82 -18.29 18.83
CA ASP M 121 45.48 -19.68 18.51
C ASP M 121 44.43 -19.78 17.41
N PHE M 122 44.31 -18.75 16.57
CA PHE M 122 43.38 -18.73 15.45
C PHE M 122 44.20 -18.65 14.17
N ARG M 123 44.17 -19.72 13.36
CA ARG M 123 44.87 -19.69 12.09
C ARG M 123 44.07 -18.94 11.04
N GLY M 124 42.89 -19.47 10.69
CA GLY M 124 42.01 -18.89 9.69
C GLY M 124 42.70 -18.74 8.33
N SER M 125 41.96 -18.17 7.38
CA SER M 125 42.59 -17.88 6.10
C SER M 125 43.31 -16.54 6.20
N ASP M 126 42.54 -15.46 6.28
CA ASP M 126 43.03 -14.17 6.76
C ASP M 126 42.00 -13.43 7.61
N ALA M 127 40.73 -13.83 7.56
CA ALA M 127 39.65 -13.13 8.24
C ALA M 127 38.82 -14.12 9.03
N LEU M 128 37.75 -13.62 9.63
CA LEU M 128 36.89 -14.37 10.53
C LEU M 128 35.43 -14.15 10.15
N THR M 129 35.10 -14.43 8.88
CA THR M 129 33.73 -14.32 8.39
C THR M 129 32.75 -14.98 9.34
N VAL M 130 31.87 -14.17 9.94
CA VAL M 130 30.97 -14.63 10.99
C VAL M 130 29.53 -14.58 10.50
N ASP M 131 28.61 -15.01 11.35
CA ASP M 131 27.21 -14.97 11.02
C ASP M 131 26.79 -13.52 10.79
N PRO M 132 26.19 -13.20 9.65
CA PRO M 132 25.75 -11.80 9.40
C PRO M 132 24.82 -11.26 10.47
N THR M 133 24.07 -12.13 11.16
CA THR M 133 23.20 -11.71 12.25
C THR M 133 23.95 -11.39 13.52
N MET M 134 25.28 -11.47 13.52
CA MET M 134 26.09 -11.18 14.69
C MET M 134 26.46 -9.71 14.80
N TYR M 135 26.00 -8.87 13.86
CA TYR M 135 26.32 -7.45 13.89
C TYR M 135 25.72 -6.75 15.10
N LYS M 136 24.67 -7.31 15.69
CA LYS M 136 23.97 -6.65 16.78
C LYS M 136 24.76 -6.66 18.09
N CYS M 137 25.89 -7.35 18.14
CA CYS M 137 26.69 -7.44 19.36
C CYS M 137 27.99 -6.65 19.26
N LEU M 138 28.17 -5.86 18.21
CA LEU M 138 29.38 -5.09 18.02
C LEU M 138 29.05 -3.60 17.93
N TRP M 139 30.06 -2.77 18.14
CA TRP M 139 29.92 -1.34 17.91
C TRP M 139 29.89 -1.07 16.42
N LYS M 140 29.08 -0.09 16.01
CA LYS M 140 28.95 0.27 14.61
C LYS M 140 28.86 1.79 14.47
N PRO M 141 29.59 2.38 13.53
CA PRO M 141 29.44 3.82 13.28
C PRO M 141 28.03 4.14 12.80
N ASP M 142 27.44 5.17 13.37
CA ASP M 142 26.06 5.54 13.07
C ASP M 142 26.01 6.64 12.01
N LEU M 143 26.34 6.26 10.78
CA LEU M 143 26.33 7.21 9.68
C LEU M 143 24.98 7.16 8.97
N PHE M 144 24.39 8.33 8.79
CA PHE M 144 23.17 8.49 8.01
C PHE M 144 23.51 9.20 6.71
N PHE M 145 22.51 9.30 5.84
CA PHE M 145 22.65 9.95 4.55
C PHE M 145 21.90 11.27 4.61
N ALA M 146 22.65 12.37 4.59
CA ALA M 146 22.05 13.70 4.79
C ALA M 146 21.16 14.13 3.63
N ASN M 147 21.12 13.38 2.52
CA ASN M 147 20.27 13.72 1.40
C ASN M 147 19.09 12.77 1.22
N GLU M 148 19.10 11.62 1.88
CA GLU M 148 18.09 10.60 1.61
C GLU M 148 16.72 11.05 2.09
N LYS M 149 15.73 10.97 1.20
CA LYS M 149 14.35 11.23 1.59
C LYS M 149 13.77 10.05 2.34
N SER M 150 14.01 8.85 1.84
CA SER M 150 13.53 7.62 2.49
C SER M 150 14.44 6.48 2.05
N ALA M 151 15.22 5.95 2.99
CA ALA M 151 16.10 4.83 2.72
C ALA M 151 15.44 3.53 3.18
N ASN M 152 16.20 2.43 3.07
CA ASN M 152 15.61 1.12 3.28
C ASN M 152 16.70 0.08 3.45
N PHE M 153 16.58 -0.75 4.49
CA PHE M 153 17.39 -1.96 4.58
C PHE M 153 16.88 -3.00 3.59
N HIS M 154 17.46 -4.19 3.64
CA HIS M 154 17.00 -5.28 2.79
C HIS M 154 17.15 -6.59 3.55
N ASP M 155 16.04 -7.29 3.73
CA ASP M 155 16.00 -8.63 4.28
C ASP M 155 15.06 -9.46 3.40
N VAL M 156 15.62 -10.05 2.35
CA VAL M 156 14.80 -10.79 1.39
C VAL M 156 14.74 -12.28 1.74
N THR M 157 15.81 -12.84 2.28
CA THR M 157 15.76 -14.11 2.99
C THR M 157 16.20 -13.95 4.44
N GLN M 158 17.32 -13.27 4.68
CA GLN M 158 17.61 -12.69 5.96
C GLN M 158 18.43 -11.43 5.71
N GLU M 159 18.71 -10.70 6.78
CA GLU M 159 19.24 -9.34 6.64
C GLU M 159 20.60 -9.34 5.96
N ASN M 160 20.74 -8.49 4.95
CA ASN M 160 21.92 -8.48 4.08
C ASN M 160 23.03 -7.71 4.76
N ILE M 161 23.95 -8.43 5.41
CA ILE M 161 25.05 -7.80 6.13
C ILE M 161 26.27 -8.72 6.06
N LEU M 162 27.44 -8.11 5.89
CA LEU M 162 28.72 -8.80 6.09
C LEU M 162 29.26 -8.50 7.47
N LEU M 163 30.19 -9.34 7.93
CA LEU M 163 30.94 -9.04 9.13
C LEU M 163 32.25 -9.83 9.07
N PHE M 164 33.32 -9.16 8.66
CA PHE M 164 34.66 -9.72 8.70
C PHE M 164 35.40 -9.11 9.88
N ILE M 165 36.10 -9.96 10.64
CA ILE M 165 36.87 -9.51 11.79
C ILE M 165 38.29 -10.03 11.60
N PHE M 166 39.18 -9.17 11.12
CA PHE M 166 40.54 -9.57 10.81
C PHE M 166 41.31 -9.84 12.10
N ARG M 167 42.57 -10.24 11.95
CA ARG M 167 43.35 -10.69 13.10
C ARG M 167 43.78 -9.56 14.02
N ASP M 168 43.83 -8.31 13.54
CA ASP M 168 44.29 -7.19 14.33
C ASP M 168 43.13 -6.33 14.82
N GLY M 169 41.96 -6.93 15.00
CA GLY M 169 40.80 -6.19 15.45
C GLY M 169 40.08 -5.41 14.38
N ASP M 170 40.64 -5.34 13.17
CA ASP M 170 39.99 -4.63 12.08
C ASP M 170 38.66 -5.29 11.75
N VAL M 171 37.68 -4.47 11.38
CA VAL M 171 36.31 -4.92 11.17
C VAL M 171 35.81 -4.41 9.83
N LEU M 172 35.04 -5.25 9.14
CA LEU M 172 34.41 -4.87 7.89
C LEU M 172 32.91 -5.14 8.01
N VAL M 173 32.10 -4.14 7.64
CA VAL M 173 30.66 -4.27 7.66
C VAL M 173 30.12 -3.74 6.35
N SER M 174 29.34 -4.54 5.65
CA SER M 174 28.84 -4.20 4.32
C SER M 174 27.32 -4.27 4.36
N MET M 175 26.68 -3.16 4.71
CA MET M 175 25.24 -3.08 4.61
C MET M 175 24.82 -3.09 3.14
N ARG M 176 23.54 -3.37 2.91
CA ARG M 176 22.98 -3.38 1.56
C ARG M 176 21.75 -2.47 1.61
N LEU M 177 21.86 -1.28 1.04
CA LEU M 177 20.84 -0.25 1.18
C LEU M 177 20.20 0.08 -0.16
N SER M 178 19.04 0.72 -0.08
CA SER M 178 18.36 1.30 -1.24
C SER M 178 17.93 2.70 -0.83
N ILE M 179 18.63 3.72 -1.32
CA ILE M 179 18.48 5.08 -0.86
C ILE M 179 17.72 5.87 -1.92
N THR M 180 16.84 6.75 -1.45
CA THR M 180 16.13 7.71 -2.32
C THR M 180 16.73 9.08 -2.02
N LEU M 181 17.83 9.39 -2.67
CA LEU M 181 18.55 10.62 -2.40
C LEU M 181 17.90 11.80 -3.11
N SER M 182 17.99 12.96 -2.50
CA SER M 182 17.44 14.19 -3.05
C SER M 182 18.56 15.06 -3.56
N CYS M 183 18.51 15.39 -4.85
CA CYS M 183 19.49 16.30 -5.46
C CYS M 183 18.72 17.39 -6.20
N PRO M 184 18.90 18.66 -5.86
CA PRO M 184 18.17 19.72 -6.54
C PRO M 184 18.59 19.84 -7.99
N LEU M 185 17.63 20.09 -8.86
CA LEU M 185 17.86 20.16 -10.29
C LEU M 185 17.92 21.61 -10.75
N ASP M 186 18.87 21.90 -11.62
CA ASP M 186 19.03 23.23 -12.22
C ASP M 186 18.60 23.10 -13.68
N LEU M 187 17.31 23.25 -13.94
CA LEU M 187 16.72 22.93 -15.23
C LEU M 187 16.90 24.04 -16.26
N THR M 188 17.71 25.05 -15.99
CA THR M 188 18.11 25.96 -17.05
C THR M 188 18.83 25.15 -18.11
N LEU M 189 18.60 25.50 -19.38
CA LEU M 189 18.98 24.67 -20.52
C LEU M 189 18.57 23.21 -20.28
N PHE M 190 17.24 23.01 -20.25
CA PHE M 190 16.67 21.77 -19.75
C PHE M 190 17.11 20.53 -20.52
N PRO M 191 16.77 20.37 -21.81
CA PRO M 191 17.12 19.10 -22.48
C PRO M 191 18.61 18.91 -22.65
N MET M 192 19.40 19.97 -22.63
CA MET M 192 20.86 19.88 -22.81
C MET M 192 21.60 20.23 -21.52
N ASP M 193 21.05 19.87 -20.37
CA ASP M 193 21.66 20.22 -19.10
C ASP M 193 22.57 19.10 -18.61
N THR M 194 23.00 19.22 -17.36
CA THR M 194 23.77 18.18 -16.69
C THR M 194 23.73 18.45 -15.20
N GLN M 195 23.24 17.49 -14.43
CA GLN M 195 23.06 17.68 -12.99
C GLN M 195 24.23 17.08 -12.22
N ARG M 196 24.21 17.32 -10.91
CA ARG M 196 25.21 16.79 -9.99
C ARG M 196 24.49 16.42 -8.71
N CYS M 197 24.28 15.13 -8.50
CA CYS M 197 23.53 14.64 -7.35
C CYS M 197 24.50 14.11 -6.29
N LYS M 198 24.24 14.47 -5.04
CA LYS M 198 25.14 14.17 -3.94
C LYS M 198 24.70 12.89 -3.21
N MET M 199 25.66 12.30 -2.51
CA MET M 199 25.42 11.12 -1.67
C MET M 199 26.12 11.29 -0.33
N GLN M 200 25.87 12.43 0.33
CA GLN M 200 26.57 12.79 1.55
C GLN M 200 26.37 11.72 2.63
N LEU M 201 27.49 11.16 3.09
CA LEU M 201 27.51 10.32 4.28
C LEU M 201 27.92 11.18 5.47
N GLU M 202 27.37 10.88 6.65
CA GLU M 202 27.58 11.76 7.79
C GLU M 202 27.31 11.01 9.08
N SER M 203 28.07 11.33 10.11
CA SER M 203 27.81 10.83 11.45
C SER M 203 26.78 11.72 12.14
N PHE M 204 26.05 11.13 13.08
CA PHE M 204 24.96 11.83 13.76
C PHE M 204 25.24 12.03 15.24
N GLY M 205 25.52 10.97 15.98
CA GLY M 205 25.68 11.04 17.41
C GLY M 205 27.10 11.11 17.91
N TYR M 206 28.08 11.18 17.02
CA TYR M 206 29.49 11.24 17.41
C TYR M 206 30.13 12.43 16.73
N THR M 207 30.70 13.34 17.52
CA THR M 207 31.40 14.48 16.97
C THR M 207 32.71 14.02 16.32
N THR M 208 33.46 14.99 15.79
CA THR M 208 34.74 14.66 15.16
C THR M 208 35.79 14.26 16.19
N ASP M 209 35.59 14.58 17.48
CA ASP M 209 36.48 14.08 18.51
C ASP M 209 36.39 12.57 18.64
N ASP M 210 35.23 12.00 18.33
CA ASP M 210 34.97 10.57 18.56
C ASP M 210 35.00 9.74 17.28
N LEU M 211 34.29 10.18 16.25
CA LEU M 211 34.16 9.40 15.03
C LEU M 211 34.58 10.26 13.85
N ARG M 212 35.12 9.62 12.82
CA ARG M 212 35.75 10.34 11.71
C ARG M 212 35.79 9.44 10.49
N PHE M 213 35.14 9.86 9.41
CA PHE M 213 35.08 9.10 8.17
C PHE M 213 36.14 9.58 7.18
N ILE M 214 36.42 8.74 6.20
CA ILE M 214 37.32 9.06 5.10
C ILE M 214 37.13 8.02 4.00
N TRP M 215 37.21 8.45 2.75
CA TRP M 215 36.95 7.53 1.66
C TRP M 215 38.08 6.51 1.52
N GLN M 216 37.77 5.42 0.83
CA GLN M 216 38.78 4.45 0.44
C GLN M 216 39.84 5.13 -0.42
N SER M 217 41.10 4.81 -0.14
CA SER M 217 42.20 5.46 -0.87
C SER M 217 42.26 5.04 -2.33
N GLY M 218 41.61 3.95 -2.70
CA GLY M 218 41.62 3.49 -4.08
C GLY M 218 40.42 3.97 -4.85
N ASP M 219 39.46 3.08 -5.09
CA ASP M 219 38.20 3.45 -5.73
C ASP M 219 37.08 3.41 -4.71
N PRO M 220 36.66 4.56 -4.16
CA PRO M 220 35.54 4.53 -3.21
C PRO M 220 34.24 4.07 -3.82
N VAL M 221 33.82 4.68 -4.93
CA VAL M 221 32.60 4.28 -5.63
C VAL M 221 32.99 3.30 -6.73
N GLN M 222 32.29 2.17 -6.79
CA GLN M 222 32.68 1.05 -7.62
C GLN M 222 31.59 0.69 -8.62
N LEU M 223 31.00 1.70 -9.25
CA LEU M 223 29.98 1.46 -10.26
C LEU M 223 30.60 0.79 -11.48
N GLU M 224 29.95 -0.24 -11.99
CA GLU M 224 30.47 -1.02 -13.11
C GLU M 224 29.71 -0.78 -14.41
N LYS M 225 28.38 -0.88 -14.39
CA LYS M 225 27.55 -0.72 -15.57
C LYS M 225 26.15 -0.38 -15.10
N ILE M 226 25.69 0.83 -15.43
CA ILE M 226 24.38 1.27 -14.97
C ILE M 226 23.48 1.53 -16.18
N ALA M 227 23.91 2.43 -17.06
CA ALA M 227 23.20 2.71 -18.31
C ALA M 227 21.76 3.16 -18.04
N LEU M 228 21.67 4.34 -17.43
CA LEU M 228 20.37 4.94 -17.13
C LEU M 228 19.57 5.12 -18.42
N PRO M 229 18.25 5.32 -18.30
CA PRO M 229 17.43 5.51 -19.51
C PRO M 229 17.85 6.71 -20.34
N GLN M 230 18.03 7.87 -19.70
CA GLN M 230 18.43 9.09 -20.40
C GLN M 230 19.51 9.83 -19.61
N PHE M 231 20.46 9.08 -19.05
CA PHE M 231 21.58 9.67 -18.34
C PHE M 231 22.81 8.80 -18.55
N ASP M 232 23.92 9.19 -17.93
CA ASP M 232 25.16 8.44 -18.04
C ASP M 232 26.18 9.00 -17.07
N ILE M 233 27.01 8.12 -16.51
CA ILE M 233 28.05 8.50 -15.56
C ILE M 233 29.31 7.69 -15.88
N LYS M 234 30.44 8.40 -16.04
CA LYS M 234 31.69 7.76 -16.38
C LYS M 234 32.74 7.91 -15.27
N LYS M 235 33.08 9.15 -14.90
CA LYS M 235 34.07 9.41 -13.88
C LYS M 235 33.80 10.77 -13.28
N GLU M 236 34.01 10.90 -11.98
CA GLU M 236 33.53 12.04 -11.23
C GLU M 236 34.52 12.33 -10.09
N ASP M 237 34.10 13.17 -9.15
CA ASP M 237 34.97 13.67 -8.09
C ASP M 237 34.44 13.27 -6.73
N ILE M 238 35.11 12.33 -6.08
CA ILE M 238 34.75 11.91 -4.72
C ILE M 238 35.45 12.88 -3.79
N GLU M 239 34.82 14.04 -3.60
CA GLU M 239 35.50 15.19 -3.02
C GLU M 239 34.97 15.48 -1.63
N TYR M 240 35.58 16.49 -1.02
CA TYR M 240 35.11 17.08 0.23
C TYR M 240 35.09 16.06 1.38
N GLY M 241 36.28 15.52 1.65
CA GLY M 241 36.49 14.86 2.92
C GLY M 241 36.45 15.81 4.09
N ASN M 242 36.61 17.11 3.83
CA ASN M 242 36.39 18.16 4.80
C ASN M 242 34.95 18.64 4.81
N CYS M 243 34.00 17.78 4.40
CA CYS M 243 32.57 18.06 4.37
C CYS M 243 31.96 18.20 5.76
N THR M 244 32.77 18.07 6.82
CA THR M 244 32.33 18.05 8.20
C THR M 244 31.33 19.15 8.52
N LYS M 245 30.13 18.75 8.91
CA LYS M 245 29.07 19.69 9.22
C LYS M 245 29.30 20.30 10.59
N TYR M 246 28.91 21.58 10.72
CA TYR M 246 28.91 22.27 12.00
C TYR M 246 27.47 22.60 12.36
N TYR M 247 27.05 22.19 13.56
CA TYR M 247 25.71 22.46 14.04
C TYR M 247 25.81 23.19 15.37
N LYS M 248 25.10 24.32 15.49
CA LYS M 248 25.17 25.12 16.69
C LYS M 248 24.65 24.34 17.89
N GLY M 249 25.44 24.31 18.95
CA GLY M 249 25.09 23.63 20.17
C GLY M 249 25.58 22.20 20.27
N THR M 250 25.71 21.51 19.14
CA THR M 250 26.16 20.13 19.12
C THR M 250 27.64 20.01 18.78
N GLY M 251 28.05 20.54 17.64
CA GLY M 251 29.45 20.53 17.27
C GLY M 251 29.74 20.21 15.81
N TYR M 252 30.90 19.63 15.56
CA TYR M 252 31.33 19.25 14.21
C TYR M 252 31.06 17.78 13.98
N TYR M 253 30.42 17.46 12.86
CA TYR M 253 30.05 16.10 12.51
C TYR M 253 30.65 15.73 11.17
N THR M 254 31.15 14.50 11.07
CA THR M 254 31.90 14.08 9.90
C THR M 254 30.99 13.97 8.68
N CYS M 255 31.55 14.30 7.51
CA CYS M 255 30.83 14.19 6.26
C CYS M 255 31.79 13.81 5.15
N VAL M 256 31.33 12.96 4.24
CA VAL M 256 32.05 12.61 3.02
C VAL M 256 31.02 12.39 1.93
N GLU M 257 31.22 12.99 0.77
CA GLU M 257 30.21 12.97 -0.28
C GLU M 257 30.83 12.62 -1.63
N VAL M 258 29.99 12.08 -2.50
CA VAL M 258 30.31 11.83 -3.90
C VAL M 258 29.25 12.54 -4.72
N ILE M 259 29.68 13.46 -5.59
CA ILE M 259 28.76 14.22 -6.42
C ILE M 259 28.86 13.66 -7.84
N PHE M 260 27.93 12.78 -8.19
CA PHE M 260 27.89 12.24 -9.53
C PHE M 260 27.50 13.33 -10.52
N THR M 261 27.95 13.16 -11.77
CA THR M 261 27.53 14.02 -12.87
C THR M 261 26.65 13.21 -13.82
N LEU M 262 25.54 13.80 -14.23
CA LEU M 262 24.52 13.09 -15.01
C LEU M 262 24.17 13.89 -16.26
N ARG M 263 24.91 13.66 -17.33
CA ARG M 263 24.54 14.25 -18.61
C ARG M 263 23.23 13.65 -19.09
N ARG M 264 22.47 14.44 -19.85
CA ARG M 264 21.16 14.03 -20.32
C ARG M 264 21.21 13.77 -21.83
N GLN M 265 20.59 12.67 -22.24
CA GLN M 265 20.51 12.31 -23.65
C GLN M 265 19.39 13.10 -24.31
N VAL M 266 19.72 13.89 -25.32
CA VAL M 266 18.74 14.75 -25.97
C VAL M 266 18.06 13.97 -27.10
N GLY M 267 18.34 12.67 -27.20
CA GLY M 267 17.75 11.88 -28.27
C GLY M 267 16.24 11.76 -28.13
N PHE M 268 15.76 11.62 -26.89
CA PHE M 268 14.32 11.50 -26.68
C PHE M 268 13.59 12.79 -27.07
N TYR M 269 14.24 13.93 -26.86
CA TYR M 269 13.59 15.21 -27.12
C TYR M 269 13.75 15.68 -28.55
N MET M 270 14.77 15.20 -29.27
CA MET M 270 14.91 15.56 -30.66
C MET M 270 13.86 14.91 -31.55
N MET M 271 13.18 13.87 -31.07
CA MET M 271 12.14 13.20 -31.82
C MET M 271 10.79 13.23 -31.12
N GLY M 272 10.68 13.91 -29.98
CA GLY M 272 9.42 13.98 -29.26
C GLY M 272 8.96 15.40 -29.03
N VAL M 273 9.88 16.36 -29.12
CA VAL M 273 9.55 17.76 -28.87
C VAL M 273 10.00 18.63 -30.04
N TYR M 274 11.30 18.56 -30.37
CA TYR M 274 11.84 19.43 -31.39
C TYR M 274 11.42 19.00 -32.79
N ALA M 275 11.37 17.69 -33.04
CA ALA M 275 11.00 17.21 -34.38
C ALA M 275 9.56 17.55 -34.71
N PRO M 276 8.55 17.14 -33.93
CA PRO M 276 7.18 17.48 -34.31
C PRO M 276 6.88 18.97 -34.25
N THR M 277 7.51 19.70 -33.33
CA THR M 277 7.29 21.14 -33.26
C THR M 277 7.86 21.85 -34.48
N LEU M 278 8.96 21.35 -35.04
CA LEU M 278 9.58 21.99 -36.18
C LEU M 278 8.70 21.91 -37.42
N LEU M 279 8.06 20.76 -37.64
CA LEU M 279 7.21 20.62 -38.82
C LEU M 279 5.95 21.47 -38.70
N ILE M 280 5.45 21.68 -37.49
CA ILE M 280 4.26 22.52 -37.32
C ILE M 280 4.58 23.97 -37.68
N VAL M 281 5.77 24.44 -37.30
CA VAL M 281 6.16 25.79 -37.69
C VAL M 281 6.34 25.88 -39.21
N VAL M 282 6.80 24.81 -39.84
CA VAL M 282 6.84 24.77 -41.30
C VAL M 282 5.44 24.61 -41.86
N LEU M 283 4.53 24.00 -41.09
CA LEU M 283 3.15 23.86 -41.52
C LEU M 283 2.48 25.23 -41.66
N SER M 284 2.88 26.20 -40.84
CA SER M 284 2.31 27.53 -40.95
C SER M 284 2.75 28.21 -42.23
N TRP M 285 3.93 27.87 -42.73
CA TRP M 285 4.48 28.53 -43.92
C TRP M 285 3.81 28.10 -45.21
N LEU M 286 2.98 27.04 -45.17
CA LEU M 286 2.26 26.63 -46.36
C LEU M 286 1.26 27.68 -46.81
N SER M 287 0.82 28.54 -45.91
CA SER M 287 -0.20 29.54 -46.21
C SER M 287 0.33 30.73 -47.00
N PHE M 288 1.60 30.74 -47.37
CA PHE M 288 2.15 31.86 -48.12
C PHE M 288 2.01 31.69 -49.63
N TRP M 289 2.09 30.47 -50.13
CA TRP M 289 1.93 30.22 -51.55
C TRP M 289 0.48 30.04 -51.96
N ILE M 290 -0.42 29.82 -51.00
CA ILE M 290 -1.84 29.69 -51.32
C ILE M 290 -2.38 31.04 -51.76
N ASN M 291 -3.36 31.00 -52.67
CA ASN M 291 -3.98 32.21 -53.19
C ASN M 291 -4.60 33.02 -52.04
N PRO M 292 -4.21 34.28 -51.86
CA PRO M 292 -4.69 35.03 -50.69
C PRO M 292 -6.19 35.29 -50.67
N ASP M 293 -6.89 35.07 -51.78
CA ASP M 293 -8.35 35.20 -51.76
C ASP M 293 -9.02 34.11 -50.94
N ALA M 294 -8.35 32.96 -50.76
CA ALA M 294 -8.89 31.86 -49.98
C ALA M 294 -8.74 32.20 -48.49
N SER M 295 -9.68 33.01 -48.01
CA SER M 295 -9.62 33.45 -46.62
C SER M 295 -9.81 32.30 -45.66
N ALA M 296 -10.68 31.35 -45.99
CA ALA M 296 -11.00 30.23 -45.13
C ALA M 296 -9.93 29.14 -45.12
N ALA M 297 -8.79 29.37 -45.75
CA ALA M 297 -7.70 28.41 -45.77
C ALA M 297 -6.49 28.90 -44.99
N ARG M 298 -5.97 30.08 -45.32
CA ARG M 298 -4.78 30.59 -44.65
C ARG M 298 -5.04 30.95 -43.19
N VAL M 299 -6.29 31.26 -42.84
CA VAL M 299 -6.64 31.59 -41.46
C VAL M 299 -6.69 30.31 -40.63
N PRO M 300 -7.45 29.29 -41.03
CA PRO M 300 -7.40 28.02 -40.28
C PRO M 300 -6.03 27.38 -40.31
N LEU M 301 -5.27 27.59 -41.38
CA LEU M 301 -3.93 27.04 -41.45
C LEU M 301 -2.99 27.73 -40.46
N GLY M 302 -3.28 28.96 -40.05
CA GLY M 302 -2.47 29.67 -39.09
C GLY M 302 -2.89 29.43 -37.66
N ILE M 303 -4.19 29.24 -37.43
CA ILE M 303 -4.66 28.99 -36.08
C ILE M 303 -4.16 27.64 -35.58
N PHE M 304 -3.99 26.67 -36.49
CA PHE M 304 -3.43 25.38 -36.10
C PHE M 304 -2.00 25.53 -35.58
N SER M 305 -1.23 26.44 -36.16
CA SER M 305 0.16 26.59 -35.76
C SER M 305 0.31 27.19 -34.37
N VAL M 306 -0.73 27.82 -33.83
CA VAL M 306 -0.67 28.38 -32.49
C VAL M 306 -1.36 27.44 -31.52
N LEU M 307 -2.40 26.75 -31.99
CA LEU M 307 -3.13 25.82 -31.13
C LEU M 307 -2.26 24.63 -30.76
N SER M 308 -1.64 23.99 -31.76
CA SER M 308 -0.82 22.82 -31.49
C SER M 308 0.42 23.19 -30.68
N LEU M 309 1.02 24.35 -30.98
CA LEU M 309 2.16 24.80 -30.19
C LEU M 309 1.74 25.12 -28.75
N ALA M 310 0.59 25.75 -28.58
CA ALA M 310 0.09 26.02 -27.23
C ALA M 310 -0.18 24.71 -26.49
N SER M 311 -0.68 23.70 -27.20
CA SER M 311 -0.92 22.41 -26.56
C SER M 311 0.38 21.75 -26.14
N GLU M 312 1.43 21.86 -26.95
CA GLU M 312 2.69 21.22 -26.61
C GLU M 312 3.36 21.90 -25.42
N CYS M 313 3.09 23.18 -25.21
CA CYS M 313 3.68 23.88 -24.06
C CYS M 313 3.19 23.27 -22.76
N THR M 314 1.90 22.90 -22.69
CA THR M 314 1.35 22.33 -21.47
C THR M 314 1.68 20.86 -21.33
N THR M 315 1.68 20.12 -22.44
CA THR M 315 1.92 18.68 -22.38
C THR M 315 3.35 18.37 -21.94
N LEU M 316 4.31 19.24 -22.26
CA LEU M 316 5.70 18.97 -21.88
C LEU M 316 5.96 19.31 -20.42
N ALA M 317 5.48 20.45 -19.95
CA ALA M 317 5.70 20.85 -18.57
C ALA M 317 4.83 20.08 -17.59
N ALA M 318 3.94 19.21 -18.05
CA ALA M 318 3.07 18.48 -17.15
C ALA M 318 3.82 17.42 -16.35
N GLU M 319 4.97 16.95 -16.85
CA GLU M 319 5.74 15.91 -16.19
C GLU M 319 7.10 16.40 -15.73
N LEU M 320 7.19 17.68 -15.38
CA LEU M 320 8.42 18.29 -14.90
C LEU M 320 8.11 19.12 -13.67
N PRO M 321 9.12 19.43 -12.87
CA PRO M 321 8.89 20.31 -11.72
C PRO M 321 8.53 21.71 -12.18
N LYS M 322 7.82 22.43 -11.32
CA LYS M 322 7.29 23.74 -11.68
C LYS M 322 8.26 24.85 -11.25
N VAL M 323 9.46 24.79 -11.83
CA VAL M 323 10.49 25.78 -11.56
C VAL M 323 10.10 27.11 -12.20
N SER M 324 10.36 28.20 -11.50
CA SER M 324 9.96 29.53 -11.95
C SER M 324 11.12 30.26 -12.63
N TYR M 325 11.55 29.72 -13.77
CA TYR M 325 12.56 30.38 -14.59
C TYR M 325 12.58 29.72 -15.96
N VAL M 326 12.79 30.54 -16.99
CA VAL M 326 12.73 30.05 -18.36
C VAL M 326 13.87 29.07 -18.60
N LYS M 327 13.53 27.87 -19.06
CA LYS M 327 14.50 26.86 -19.44
C LYS M 327 14.58 26.75 -20.96
N ALA M 328 15.60 26.01 -21.43
CA ALA M 328 15.87 25.96 -22.86
C ALA M 328 14.71 25.34 -23.63
N LEU M 329 13.96 24.43 -23.01
CA LEU M 329 12.84 23.82 -23.70
C LEU M 329 11.67 24.79 -23.84
N ASP M 330 11.64 25.86 -23.05
CA ASP M 330 10.59 26.86 -23.17
C ASP M 330 10.93 27.97 -24.15
N VAL M 331 12.22 28.30 -24.30
CA VAL M 331 12.62 29.29 -25.29
C VAL M 331 12.33 28.78 -26.70
N TRP M 332 12.44 27.46 -26.91
CA TRP M 332 12.13 26.88 -28.20
C TRP M 332 10.62 26.96 -28.48
N LEU M 333 9.82 26.48 -27.54
CA LEU M 333 8.37 26.45 -27.77
C LEU M 333 7.80 27.85 -27.84
N ILE M 334 8.25 28.75 -26.97
CA ILE M 334 7.74 30.12 -27.01
C ILE M 334 8.18 30.82 -28.28
N ALA M 335 9.35 30.46 -28.83
CA ALA M 335 9.78 31.04 -30.09
C ALA M 335 8.95 30.51 -31.25
N CYS M 336 8.80 29.19 -31.33
CA CYS M 336 7.99 28.59 -32.39
C CYS M 336 6.54 29.04 -32.29
N LEU M 337 6.04 29.24 -31.07
CA LEU M 337 4.69 29.75 -30.89
C LEU M 337 4.53 31.16 -31.46
N LEU M 338 5.63 31.91 -31.55
CA LEU M 338 5.57 33.25 -32.11
C LEU M 338 5.75 33.26 -33.62
N PHE M 339 6.58 32.35 -34.16
CA PHE M 339 6.68 32.24 -35.61
C PHE M 339 5.37 31.80 -36.22
N GLY M 340 4.64 30.92 -35.55
CA GLY M 340 3.31 30.56 -36.02
C GLY M 340 2.35 31.73 -35.95
N PHE M 341 2.28 32.38 -34.78
CA PHE M 341 1.43 33.55 -34.63
C PHE M 341 1.84 34.68 -35.55
N ALA M 342 3.15 34.80 -35.83
CA ALA M 342 3.61 35.86 -36.71
C ALA M 342 3.16 35.62 -38.15
N SER M 343 3.10 34.36 -38.56
CA SER M 343 2.61 34.06 -39.91
C SER M 343 1.13 34.42 -40.05
N LEU M 344 0.34 34.13 -39.02
CA LEU M 344 -1.08 34.48 -39.06
C LEU M 344 -1.26 36.00 -39.05
N VAL M 345 -0.46 36.71 -38.26
CA VAL M 345 -0.49 38.17 -38.30
C VAL M 345 -0.06 38.69 -39.66
N GLU M 346 0.82 37.95 -40.35
CA GLU M 346 1.22 38.34 -41.69
C GLU M 346 0.03 38.35 -42.63
N TYR M 347 -0.89 37.40 -42.46
CA TYR M 347 -2.07 37.35 -43.33
C TYR M 347 -2.95 38.57 -43.11
N ALA M 348 -3.11 39.00 -41.86
CA ALA M 348 -3.92 40.19 -41.59
C ALA M 348 -3.33 41.42 -42.27
N VAL M 349 -2.00 41.49 -42.34
CA VAL M 349 -1.36 42.60 -43.05
C VAL M 349 -1.64 42.49 -44.55
N VAL M 350 -1.73 41.26 -45.06
CA VAL M 350 -2.02 41.09 -46.49
C VAL M 350 -3.51 41.26 -46.76
N GLN M 351 -4.36 40.84 -45.83
CA GLN M 351 -5.80 41.00 -46.01
C GLN M 351 -6.18 42.47 -46.06
N VAL M 352 -5.52 43.30 -45.25
CA VAL M 352 -5.80 44.72 -45.25
C VAL M 352 -5.36 45.35 -46.57
N MET M 353 -4.24 44.88 -47.14
CA MET M 353 -3.74 45.45 -48.38
C MET M 353 -4.74 45.27 -49.51
N LEU M 354 -5.50 44.17 -49.49
CA LEU M 354 -6.57 43.99 -50.46
C LEU M 354 -7.70 44.99 -50.27
N ASN M 355 -7.83 45.55 -49.07
CA ASN M 355 -8.86 46.54 -48.76
C ASN M 355 -8.31 47.91 -49.09
N ASN M 356 -8.53 48.34 -50.33
CA ASN M 356 -8.00 49.61 -50.80
C ASN M 356 -8.58 49.97 -52.17
N ALA M 469 -1.56 45.55 -54.80
CA ALA M 469 -0.87 44.31 -55.06
C ALA M 469 -0.22 43.76 -53.80
N ALA M 470 -0.98 43.04 -53.00
CA ALA M 470 -0.50 42.49 -51.74
C ALA M 470 0.33 41.23 -51.92
N LYS M 471 0.49 40.74 -53.16
CA LYS M 471 1.31 39.54 -53.37
C LYS M 471 2.77 39.79 -53.04
N ARG M 472 3.22 41.04 -53.13
CA ARG M 472 4.61 41.35 -52.80
C ARG M 472 4.90 41.07 -51.33
N ILE M 473 3.92 41.27 -50.45
CA ILE M 473 4.12 40.99 -49.03
C ILE M 473 4.31 39.51 -48.79
N ASP M 474 3.48 38.68 -49.42
CA ASP M 474 3.69 37.23 -49.33
C ASP M 474 5.01 36.84 -49.98
N LEU M 475 5.32 37.40 -51.14
CA LEU M 475 6.59 37.12 -51.80
C LEU M 475 7.75 37.49 -50.90
N TYR M 476 7.70 38.68 -50.31
CA TYR M 476 8.73 39.10 -49.36
C TYR M 476 8.69 38.26 -48.09
N ALA M 477 7.57 37.59 -47.81
CA ALA M 477 7.45 36.72 -46.65
C ALA M 477 7.69 35.26 -46.96
N ARG M 478 7.69 34.87 -48.24
CA ARG M 478 7.99 33.49 -48.60
C ARG M 478 9.42 33.13 -48.22
N ALA M 479 10.37 34.01 -48.56
CA ALA M 479 11.79 33.77 -48.30
C ALA M 479 12.32 34.69 -47.20
N LEU M 480 11.49 35.02 -46.22
CA LEU M 480 11.92 35.80 -45.07
C LEU M 480 11.78 35.02 -43.77
N PHE M 481 10.60 34.46 -43.49
CA PHE M 481 10.46 33.62 -42.30
C PHE M 481 11.37 32.41 -42.30
N PRO M 482 11.55 31.66 -43.41
CA PRO M 482 12.57 30.61 -43.40
C PRO M 482 13.95 31.13 -43.10
N PHE M 483 14.29 32.33 -43.59
CA PHE M 483 15.55 32.95 -43.21
C PHE M 483 15.49 33.47 -41.77
N CYS M 484 14.37 34.11 -41.41
CA CYS M 484 14.22 34.59 -40.04
C CYS M 484 14.11 33.46 -39.03
N PHE M 485 13.74 32.26 -39.47
CA PHE M 485 13.62 31.11 -38.58
C PHE M 485 14.88 30.26 -38.55
N LEU M 486 15.48 29.98 -39.72
CA LEU M 486 16.75 29.25 -39.72
C LEU M 486 17.84 30.04 -39.03
N PHE M 487 17.76 31.38 -39.07
CA PHE M 487 18.66 32.20 -38.28
C PHE M 487 18.47 31.94 -36.80
N PHE M 488 17.23 31.62 -36.39
CA PHE M 488 16.99 31.29 -34.99
C PHE M 488 17.67 29.99 -34.59
N ASN M 489 17.66 28.98 -35.47
CA ASN M 489 18.25 27.70 -35.14
C ASN M 489 19.76 27.83 -34.90
N VAL M 490 20.43 28.68 -35.68
CA VAL M 490 21.86 28.88 -35.49
C VAL M 490 22.12 29.52 -34.13
N ILE M 491 21.30 30.51 -33.76
CA ILE M 491 21.50 31.19 -32.48
C ILE M 491 21.11 30.27 -31.33
N TYR M 492 20.03 29.52 -31.48
CA TYR M 492 19.54 28.69 -30.39
C TYR M 492 20.49 27.53 -30.12
N TRP M 493 20.74 26.69 -31.13
CA TRP M 493 21.54 25.50 -30.91
C TRP M 493 23.01 25.80 -30.65
N SER M 494 23.47 27.00 -30.93
CA SER M 494 24.84 27.36 -30.59
C SER M 494 24.97 27.80 -29.14
N ILE M 495 23.90 28.38 -28.57
CA ILE M 495 23.95 28.80 -27.17
C ILE M 495 23.81 27.59 -26.25
N TYR M 496 22.73 26.82 -26.42
CA TYR M 496 22.43 25.73 -25.51
C TYR M 496 23.16 24.44 -25.85
N LEU M 497 23.80 24.36 -27.02
CA LEU M 497 24.50 23.15 -27.40
C LEU M 497 25.84 23.48 -28.05
C1 NAG N . 27.56 -29.68 -4.11
C2 NAG N . 26.44 -29.98 -5.11
C3 NAG N . 26.86 -31.06 -6.13
C4 NAG N . 28.21 -30.70 -6.75
C5 NAG N . 29.22 -30.48 -5.64
C6 NAG N . 30.58 -30.06 -6.17
C7 NAG N . 25.11 -31.50 -3.70
C8 NAG N . 23.78 -31.75 -3.07
N2 NAG N . 25.21 -30.38 -4.44
O3 NAG N . 25.84 -31.12 -7.12
O4 NAG N . 28.75 -31.70 -7.60
O5 NAG N . 28.77 -29.42 -4.79
O6 NAG N . 30.90 -28.74 -5.76
O7 NAG N . 26.07 -32.26 -3.54
C1 NAG N . 27.93 -32.68 -8.27
C2 NAG N . 27.52 -32.19 -9.66
C3 NAG N . 26.83 -33.30 -10.44
C4 NAG N . 27.67 -34.56 -10.46
C5 NAG N . 27.99 -34.97 -9.02
C6 NAG N . 28.90 -36.17 -8.94
C7 NAG N . 26.41 -30.22 -10.61
C8 NAG N . 25.50 -29.05 -10.32
N2 NAG N . 26.68 -31.01 -9.57
O3 NAG N . 26.58 -32.88 -11.78
O4 NAG N . 27.01 -35.62 -11.13
O5 NAG N . 28.68 -33.89 -8.38
O6 NAG N . 29.13 -36.54 -7.58
O7 NAG N . 26.85 -30.44 -11.73
C1 BMA N . 27.92 -36.13 -12.13
C2 BMA N . 28.06 -37.64 -11.95
C3 BMA N . 29.06 -38.12 -13.01
C4 BMA N . 28.55 -37.78 -14.42
C5 BMA N . 28.35 -36.25 -14.51
C6 BMA N . 27.78 -35.81 -15.84
O2 BMA N . 26.80 -38.25 -12.20
O3 BMA N . 29.52 -39.50 -12.89
O4 BMA N . 29.49 -38.19 -15.39
O5 BMA N . 27.44 -35.83 -13.45
O6 BMA N . 28.00 -34.42 -15.98
C1 MAN N . 28.48 -40.50 -12.79
C2 MAN N . 29.18 -41.82 -12.39
C3 MAN N . 30.02 -42.35 -13.55
C4 MAN N . 29.19 -42.43 -14.84
C5 MAN N . 28.56 -41.07 -15.14
C6 MAN N . 27.64 -41.10 -16.35
O2 MAN N . 28.22 -42.84 -12.13
O3 MAN N . 30.61 -43.61 -13.27
O4 MAN N . 30.01 -42.82 -15.92
O5 MAN N . 27.78 -40.63 -14.01
O6 MAN N . 26.46 -41.83 -15.97
C1 MAN N . 28.29 -43.21 -10.73
C2 MAN N . 28.43 -44.74 -10.65
C3 MAN N . 27.14 -45.37 -10.10
C4 MAN N . 25.84 -44.73 -10.65
C5 MAN N . 25.93 -43.18 -10.68
C6 MAN N . 24.78 -42.50 -9.96
O2 MAN N . 29.48 -45.11 -9.75
O3 MAN N . 27.13 -45.40 -8.67
O4 MAN N . 25.55 -45.23 -11.94
O5 MAN N . 27.15 -42.76 -10.06
O6 MAN N . 25.05 -42.55 -8.56
C1 NAG O . 14.25 25.62 32.82
C2 NAG O . 14.98 26.44 31.74
C3 NAG O . 16.35 26.92 32.22
C4 NAG O . 16.22 27.63 33.56
C5 NAG O . 15.49 26.73 34.56
C6 NAG O . 15.25 27.40 35.89
C7 NAG O . 15.72 24.58 30.21
C8 NAG O . 16.42 23.92 31.37
N2 NAG O . 15.08 25.75 30.46
O3 NAG O . 16.90 27.82 31.26
O4 NAG O . 17.51 27.95 34.06
O5 NAG O . 14.21 26.37 34.04
O6 NAG O . 13.92 27.85 36.01
O7 NAG O . 15.74 24.09 29.09
C1 NAG O . 17.56 29.34 34.43
C2 NAG O . 18.83 29.57 35.25
C3 NAG O . 18.93 31.03 35.65
C4 NAG O . 18.78 31.96 34.46
C5 NAG O . 17.56 31.59 33.62
C6 NAG O . 17.49 32.36 32.31
C7 NAG O . 17.97 28.75 37.39
C8 NAG O . 18.17 27.77 38.51
N2 NAG O . 18.87 28.70 36.40
O3 NAG O . 20.19 31.25 36.29
O4 NAG O . 18.58 33.28 34.95
O5 NAG O . 17.57 30.19 33.28
O6 NAG O . 17.20 31.49 31.22
O7 NAG O . 17.03 29.55 37.38
C1 BMA O . 19.45 34.29 34.40
C2 BMA O . 19.81 35.22 35.56
C3 BMA O . 20.67 36.38 35.10
C4 BMA O . 21.79 35.97 34.11
C5 BMA O . 21.40 34.80 33.14
C6 BMA O . 22.62 34.14 32.50
O2 BMA O . 20.58 34.52 36.54
O3 BMA O . 21.24 37.04 36.23
O4 BMA O . 22.15 37.09 33.32
O5 BMA O . 20.65 33.78 33.84
O6 BMA O . 23.02 34.89 31.34
C1 MAN O . 21.65 38.38 35.90
C2 MAN O . 22.26 39.00 37.19
C3 MAN O . 21.15 39.29 38.20
C4 MAN O . 20.02 40.09 37.55
C5 MAN O . 19.48 39.33 36.32
C6 MAN O . 18.40 40.10 35.58
O2 MAN O . 22.87 40.25 36.92
O3 MAN O . 21.64 39.96 39.35
O4 MAN O . 18.96 40.28 38.48
O5 MAN O . 20.56 39.13 35.40
O6 MAN O . 19.00 41.24 34.97
C1 MAN O . 24.12 35.78 31.62
C2 MAN O . 24.82 35.35 32.94
C3 MAN O . 25.10 36.58 33.79
C4 MAN O . 25.67 37.70 32.94
C5 MAN O . 24.60 38.18 31.95
C6 MAN O . 25.17 38.67 30.63
O2 MAN O . 26.09 34.77 32.68
O3 MAN O . 25.98 36.28 34.87
O4 MAN O . 26.07 38.78 33.76
O5 MAN O . 23.63 37.12 31.67
O6 MAN O . 26.08 37.69 30.15
C1 NAG P . -20.60 2.10 34.10
C2 NAG P . -20.79 3.60 33.92
C3 NAG P . -22.28 3.93 33.79
C4 NAG P . -23.04 3.43 35.01
C5 NAG P . -22.78 1.95 35.27
C6 NAG P . -23.51 1.02 34.32
C7 NAG P . -20.17 5.69 35.05
C8 NAG P . -19.52 6.29 36.26
N2 NAG P . -20.20 4.35 35.01
O3 NAG P . -22.80 3.34 32.61
O4 NAG P . -22.64 4.18 36.16
O5 NAG P . -21.39 1.62 35.23
O6 NAG P . -23.19 1.28 32.96
O7 NAG P . -20.65 6.38 34.16
C1 NAG P . -23.67 5.09 36.56
C2 NAG P . -23.52 5.29 38.07
C3 NAG P . -24.55 6.30 38.58
C4 NAG P . -24.55 7.57 37.74
C5 NAG P . -24.59 7.25 36.24
C6 NAG P . -24.41 8.47 35.37
C7 NAG P . -23.07 3.83 39.98
C8 NAG P . -23.28 2.47 40.57
N2 NAG P . -23.63 4.03 38.78
O3 NAG P . -24.19 6.59 39.92
O4 NAG P . -25.69 8.40 37.99
O5 NAG P . -23.55 6.33 35.90
O6 NAG P . -24.44 8.12 33.99
O7 NAG P . -22.43 4.69 40.56
C1 BMA P . -26.29 8.37 39.30
C2 BMA P . -25.46 9.27 40.24
C3 BMA P . -26.14 9.36 41.61
C4 BMA P . -27.60 9.75 41.47
C5 BMA P . -28.32 8.76 40.53
C6 BMA P . -29.78 9.10 40.32
O2 BMA P . -25.39 10.60 39.74
O3 BMA P . -25.47 10.27 42.47
O4 BMA P . -28.24 9.73 42.74
O5 BMA P . -27.65 8.80 39.26
O6 BMA P . -29.96 10.47 40.63
C1 MAN P . -30.70 11.10 39.56
C2 MAN P . -30.61 12.64 39.75
C3 MAN P . -31.39 13.37 38.66
C4 MAN P . -32.34 12.40 37.95
C5 MAN P . -33.03 11.53 39.00
C6 MAN P . -34.16 10.70 38.44
O2 MAN P . -29.26 13.10 39.62
O3 MAN P . -30.54 14.02 37.72
O4 MAN P . -33.32 13.12 37.22
O5 MAN P . -32.05 10.63 39.55
O6 MAN P . -34.83 10.08 39.53
C1 NAG Q . -13.05 -33.58 10.55
C2 NAG Q . -14.26 -32.67 10.41
C3 NAG Q . -14.67 -32.52 8.95
C4 NAG Q . -14.66 -33.87 8.23
C5 NAG Q . -13.32 -34.58 8.41
C6 NAG Q . -12.59 -34.79 7.11
C7 NAG Q . -15.33 -33.29 12.54
C8 NAG Q . -16.57 -33.84 13.18
N2 NAG Q . -15.37 -33.17 11.20
O3 NAG Q . -13.76 -31.64 8.30
O4 NAG Q . -15.71 -34.69 8.75
O5 NAG Q . -12.47 -33.80 9.26
O6 NAG Q . -11.62 -35.82 7.22
O7 NAG Q . -14.34 -32.96 13.19
C1 NAG Q . -16.59 -35.10 7.69
C2 NAG Q . -17.70 -35.94 8.31
C3 NAG Q . -18.72 -36.35 7.24
C4 NAG Q . -19.22 -35.12 6.49
C5 NAG Q . -18.04 -34.33 5.94
C6 NAG Q . -18.47 -33.04 5.26
C7 NAG Q . -17.79 -37.78 9.95
C8 NAG Q . -17.08 -38.96 10.52
N2 NAG Q . -17.16 -37.12 8.97
O3 NAG Q . -19.81 -37.03 7.85
O4 NAG Q . -20.08 -35.52 5.43
O5 NAG Q . -17.17 -33.97 7.02
O6 NAG Q . -17.65 -31.96 5.67
O7 NAG Q . -18.89 -37.42 10.35
C1 BMA Q . -21.45 -35.29 5.87
C2 BMA Q . -22.38 -35.32 4.60
C3 BMA Q . -23.04 -36.71 4.32
C4 BMA Q . -23.23 -37.58 5.57
C5 BMA Q . -23.15 -36.69 6.80
C6 BMA Q . -23.48 -37.44 8.09
O2 BMA Q . -21.66 -34.97 3.43
O3 BMA Q . -22.34 -37.42 3.32
O4 BMA Q . -24.48 -38.23 5.53
O5 BMA Q . -21.81 -36.26 6.88
O6 BMA Q . -24.86 -37.80 8.05
C1 MAN Q . -25.21 -38.42 9.31
C2 MAN Q . -26.52 -39.23 9.09
C3 MAN Q . -27.16 -39.54 10.44
C4 MAN Q . -26.14 -39.38 11.57
C5 MAN Q . -25.71 -37.91 11.65
C6 MAN Q . -24.53 -37.67 12.56
O2 MAN Q . -26.24 -40.50 8.49
O3 MAN Q . -27.73 -40.85 10.46
O4 MAN Q . -26.73 -39.77 12.80
O5 MAN Q . -25.36 -37.42 10.32
O6 MAN Q . -24.83 -38.22 13.84
C1 NAG R . 38.98 18.74 7.15
C2 NAG R . 37.81 19.59 7.61
C3 NAG R . 37.63 19.51 9.14
C4 NAG R . 38.62 18.60 9.86
C5 NAG R . 39.24 17.45 9.03
C6 NAG R . 38.85 16.09 9.56
C7 NAG R . 38.82 21.89 7.44
C8 NAG R . 39.94 21.46 8.35
N2 NAG R . 37.88 20.97 7.14
O3 NAG R . 36.29 19.09 9.43
O4 NAG R . 39.64 19.39 10.44
O5 NAG R . 38.85 17.49 7.65
O6 NAG R . 39.95 15.49 10.24
O7 NAG R . 38.79 23.02 6.97
C1 NAG R . 40.75 18.61 10.91
C2 NAG R . 41.87 19.57 11.29
C3 NAG R . 42.68 19.00 12.43
C4 NAG R . 41.84 18.93 13.68
C5 NAG R . 40.46 18.34 13.37
C6 NAG R . 39.35 19.37 13.41
C7 NAG R . 43.17 21.13 9.92
C8 NAG R . 42.77 22.18 10.90
N2 NAG R . 42.71 19.90 10.15
O3 NAG R . 43.83 19.81 12.65
O4 NAG R . 42.48 18.12 14.67
O5 NAG R . 40.42 17.75 12.05
O6 NAG R . 38.08 18.77 13.28
O7 NAG R . 43.88 21.37 8.95
C1 BMA R . 43.39 18.93 15.44
C2 BMA R . 42.96 18.88 16.92
C3 BMA R . 44.01 19.53 17.83
C4 BMA R . 45.41 19.00 17.49
C5 BMA R . 45.70 19.23 16.02
C6 BMA R . 47.09 18.75 15.62
O2 BMA R . 42.82 17.53 17.36
O3 BMA R . 43.73 19.33 19.20
O4 BMA R . 46.38 19.66 18.29
O5 BMA R . 44.73 18.49 15.26
O6 BMA R . 48.02 19.25 16.55
C20 HP6 S . -6.44 3.64 -56.78
C21 HP6 S . -7.41 3.68 -55.60
C22 HP6 S . -6.63 3.39 -54.33
C23 HP6 S . -7.59 3.22 -53.15
C24 HP6 S . -6.96 2.26 -52.14
C25 HP6 S . -7.79 2.24 -50.86
C26 HP6 S . -7.11 1.31 -49.85
H201 HP6 S . -6.06 2.76 -56.86
H202 HP6 S . -5.73 4.28 -56.62
H203 HP6 S . -6.91 3.87 -57.59
H211 HP6 S . -7.82 4.55 -55.55
H212 HP6 S . -8.09 3.00 -55.74
H221 HP6 S . -6.11 2.59 -54.44
H222 HP6 S . -6.04 4.14 -54.15
H231 HP6 S . -7.75 4.07 -52.73
H232 HP6 S . -8.43 2.85 -53.45
H241 HP6 S . -6.92 1.37 -52.51
H242 HP6 S . -6.06 2.55 -51.93
H251 HP6 S . -7.84 3.13 -50.49
H252 HP6 S . -8.68 1.91 -51.05
H261 HP6 S . -7.60 1.35 -49.01
H262 HP6 S . -7.12 0.41 -50.20
H263 HP6 S . -6.20 1.60 -49.71
C20 HP6 T . 5.40 18.61 -57.15
C21 HP6 T . 5.08 17.35 -56.35
C22 HP6 T . 5.43 17.57 -54.88
C23 HP6 T . 4.65 16.58 -54.01
C24 HP6 T . 5.09 16.73 -52.56
C25 HP6 T . 6.32 15.86 -52.29
C26 HP6 T . 7.15 16.48 -51.18
H201 HP6 T . 6.33 18.83 -57.04
H202 HP6 T . 4.85 19.34 -56.83
H203 HP6 T . 5.22 18.45 -58.09
H211 HP6 T . 4.13 17.15 -56.43
H212 HP6 T . 5.59 16.60 -56.71
H221 HP6 T . 6.38 17.43 -54.76
H222 HP6 T . 5.20 18.47 -54.64
H231 HP6 T . 3.71 16.78 -54.08
H232 HP6 T . 4.83 15.68 -54.30
H241 HP6 T . 5.33 17.66 -52.39
H242 HP6 T . 4.37 16.47 -51.97
H251 HP6 T . 6.03 14.97 -52.03
H252 HP6 T . 6.86 15.81 -53.10
H261 HP6 T . 7.82 15.83 -50.88
H262 HP6 T . 7.59 17.28 -51.49
H263 HP6 T . 6.57 16.70 -50.43
C1 DD9 U . 5.36 12.88 -59.21
C2 DD9 U . 4.71 11.95 -58.20
C3 DD9 U . 4.92 12.48 -56.79
C4 DD9 U . 5.08 11.30 -55.84
C5 DD9 U . 5.21 11.81 -54.41
C6 DD9 U . 5.62 10.65 -53.51
C7 DD9 U . 5.57 11.13 -52.06
C8 DD9 U . 5.88 9.95 -51.15
C9 DD9 U . 5.87 10.43 -49.70
H1 DD9 U . 5.00 13.78 -59.12
H1A DD9 U . 5.20 12.56 -60.11
H1B DD9 U . 6.32 12.90 -59.06
H2 DD9 U . 3.76 11.91 -58.38
H2A DD9 U . 5.08 11.06 -58.27
H3 DD9 U . 5.73 13.02 -56.77
H3A DD9 U . 4.16 13.02 -56.52
H4 DD9 U . 4.30 10.72 -55.91
H4A DD9 U . 5.88 10.80 -56.07
H5 DD9 U . 5.89 12.50 -54.38
H5A DD9 U . 4.36 12.17 -54.12
H6 DD9 U . 5.00 9.91 -53.64
H6A DD9 U . 6.51 10.38 -53.73
H7 DD9 U . 6.23 11.82 -51.93
H7A DD9 U . 4.68 11.46 -51.87
H8 DD9 U . 5.21 9.26 -51.26
H8A DD9 U . 6.76 9.60 -51.36
H9 DD9 U . 6.35 11.27 -49.64
H9A DD9 U . 4.95 10.56 -49.41
H9B DD9 U . 6.30 9.77 -49.14
C1 LNK V . 0.41 -9.01 -39.35
C2 LNK V . -0.44 -7.75 -39.19
C3 LNK V . -0.72 -7.15 -40.57
C4 LNK V . -1.40 -5.79 -40.40
C5 LNK V . -1.50 -5.09 -41.76
H11 LNK V . 0.67 -9.33 -38.47
H12 LNK V . 1.20 -8.80 -39.87
H13 LNK V . -0.11 -9.70 -39.80
H21 LNK V . -1.29 -7.99 -38.77
H22 LNK V . 0.03 -7.11 -38.65
H31 LNK V . 0.12 -7.05 -41.05
H32 LNK V . -1.30 -7.75 -41.07
H41 LNK V . -2.30 -5.93 -40.05
H42 LNK V . -0.89 -5.25 -39.80
H51 LNK V . -1.71 -4.15 -41.61
H52 LNK V . -0.65 -5.16 -42.22
H23 LNK V . -2.19 -5.50 -42.29
C1 MYS W . 4.02 -12.74 -41.00
C2 MYS W . 4.46 -11.34 -41.42
C3 MYS W . 3.46 -10.75 -42.40
C4 MYS W . 4.18 -9.83 -43.39
C5 MYS W . 3.22 -9.36 -44.48
C6 MYS W . 2.14 -8.45 -43.91
C7 MYS W . 1.80 -7.36 -44.93
C8 MYS W . 0.68 -6.47 -44.40
C9 MYS W . 0.06 -5.71 -45.56
C10 MYS W . -0.98 -4.73 -45.01
C11 MYS W . -1.54 -3.92 -46.18
C12 MYS W . -2.36 -2.73 -45.67
C13 MYS W . -2.07 -1.55 -46.59
C14 MYS W . -3.00 -0.38 -46.28
C15 MYS W . -3.15 0.46 -47.55
H11 MYS W . 4.02 -13.33 -41.78
H12 MYS W . 3.12 -12.69 -40.63
H13 MYS W . 4.62 -13.09 -40.33
H21 MYS W . 4.51 -10.78 -40.63
H22 MYS W . 5.34 -11.40 -41.84
H31 MYS W . 3.02 -11.46 -42.89
H32 MYS W . 2.80 -10.24 -41.90
H41 MYS W . 4.53 -9.06 -42.92
H42 MYS W . 4.90 -10.31 -43.81
H51 MYS W . 3.72 -8.88 -45.16
H52 MYS W . 2.80 -10.13 -44.89
H61 MYS W . 1.35 -8.96 -43.72
H62 MYS W . 2.46 -8.04 -43.10
H71 MYS W . 2.59 -6.82 -45.10
H72 MYS W . 1.52 -7.78 -45.76
H81 MYS W . 0.01 -7.02 -43.96
H82 MYS W . 1.06 -5.84 -43.76
H91 MYS W . 0.75 -5.23 -46.03
H92 MYS W . -0.38 -6.34 -46.15
H101 MYS W . -1.69 -5.22 -44.57
H102 MYS W . -0.54 -4.14 -44.37
H111 MYS W . -0.81 -3.60 -46.73
H112 MYS W . -2.12 -4.50 -46.70
H121 MYS W . -3.30 -2.95 -45.71
H122 MYS W . -2.10 -2.50 -44.76
H131 MYS W . -1.15 -1.25 -46.46
H132 MYS W . -2.19 -1.81 -47.52
H141 MYS W . -3.87 -0.71 -46.01
H142 MYS W . -2.62 0.16 -45.57
H151 MYS W . -3.57 1.31 -47.33
H152 MYS W . -2.27 0.62 -47.93
H153 MYS W . -3.70 -0.01 -48.19
C1 D10 X . 12.13 1.22 -41.08
C2 D10 X . 12.30 1.15 -42.59
C3 D10 X . 11.95 2.50 -43.22
C4 D10 X . 11.55 2.28 -44.67
C5 D10 X . 11.26 3.61 -45.36
C6 D10 X . 11.03 3.36 -46.84
C7 D10 X . 9.98 4.32 -47.39
C8 D10 X . 9.89 4.13 -48.90
C9 D10 X . 8.84 5.08 -49.46
C10 D10 X . 8.98 5.11 -50.98
H11 D10 X . 12.37 0.37 -40.69
H12 D10 X . 11.20 1.42 -40.88
H13 D10 X . 12.70 1.92 -40.71
H21 D10 X . 13.23 0.94 -42.80
H22 D10 X . 11.73 0.46 -42.95
H31 D10 X . 11.21 2.89 -42.73
H32 D10 X . 12.71 3.09 -43.18
H41 D10 X . 12.28 1.84 -45.13
H42 D10 X . 10.76 1.73 -44.70
H51 D10 X . 10.48 4.02 -44.96
H52 D10 X . 12.02 4.20 -45.24
H61 D10 X . 11.86 3.48 -47.32
H62 D10 X . 10.72 2.44 -46.96
H71 D10 X . 9.11 4.12 -46.98
H72 D10 X . 10.23 5.23 -47.18
H81 D10 X . 10.75 4.32 -49.30
H82 D10 X . 9.63 3.21 -49.09
H91 D10 X . 7.96 4.76 -49.22
H92 D10 X . 8.98 5.96 -49.10
H101 D10 X . 8.31 5.70 -51.36
H102 D10 X . 9.86 5.45 -51.22
H103 D10 X . 8.87 4.22 -51.34
C1 LNK Y . 5.10 7.27 -59.90
C2 LNK Y . 4.82 6.33 -58.73
C3 LNK Y . 5.87 6.56 -57.63
C4 LNK Y . 6.09 5.26 -56.87
C5 LNK Y . 6.92 5.55 -55.63
H11 LNK Y . 4.37 7.21 -60.54
H12 LNK Y . 5.93 7.02 -60.33
H13 LNK Y . 5.16 8.18 -59.57
H21 LNK Y . 3.94 6.50 -58.37
H22 LNK Y . 4.86 5.40 -59.03
H31 LNK Y . 6.70 6.83 -58.05
H32 LNK Y . 5.55 7.24 -57.04
H41 LNK Y . 5.24 4.89 -56.60
H42 LNK Y . 6.55 4.62 -57.44
H51 LNK Y . 7.08 4.72 -55.14
H52 LNK Y . 7.78 5.92 -55.90
H23 LNK Y . 6.47 6.18 -55.06
C1 NBU Z . -6.32 -9.40 -33.27
C2 NBU Z . -6.79 -7.95 -33.44
C3 NBU Z . -7.54 -7.81 -34.76
C4 NBU Z . -8.19 -6.43 -34.83
H11 NBU Z . -5.68 -9.61 -33.97
H12 NBU Z . -7.08 -10.00 -33.37
H13 NBU Z . -5.92 -9.51 -32.41
H21 NBU Z . -7.37 -7.71 -32.71
H22 NBU Z . -6.02 -7.36 -33.45
H31 NBU Z . -6.91 -7.90 -35.50
H32 NBU Z . -8.21 -8.49 -34.83
H41 NBU Z . -8.64 -6.32 -35.68
H42 NBU Z . -8.84 -6.35 -34.11
H43 NBU Z . -7.52 -5.75 -34.73
C1 NBU AA . -5.06 -8.88 -38.44
C2 NBU AA . -5.89 -7.75 -39.02
C3 NBU AA . -5.43 -7.46 -40.45
C4 NBU AA . -5.96 -6.11 -40.90
H11 NBU AA . -4.13 -8.62 -38.41
H12 NBU AA . -5.16 -9.68 -38.98
H13 NBU AA . -5.37 -9.07 -37.54
H21 NBU AA . -6.83 -8.01 -39.05
H22 NBU AA . -5.80 -6.96 -38.49
H31 NBU AA . -4.45 -7.44 -40.47
H32 NBU AA . -5.74 -8.15 -41.04
H41 NBU AA . -5.73 -5.96 -41.83
H42 NBU AA . -6.94 -6.10 -40.82
H43 NBU AA . -5.59 -5.40 -40.35
N GLY BA . -3.67 15.17 24.17
CA GLY BA . -4.88 14.47 23.78
C GLY BA . -5.52 13.69 24.91
O GLY BA . -6.61 13.15 24.77
OXT GLY BA . -4.97 13.59 26.00
N GLY CA . 23.48 16.20 13.11
CA GLY CA . 22.29 16.84 13.64
C GLY CA . 22.24 16.85 15.15
O GLY CA . 21.41 17.50 15.77
OXT GLY CA . 23.05 16.19 15.80
C1 D12 DA . -15.60 43.73 -23.22
C2 D12 DA . -15.34 44.61 -24.44
C3 D12 DA . -15.85 46.01 -24.16
C4 D12 DA . -15.46 46.96 -25.29
C5 D12 DA . -16.24 46.63 -26.56
C6 D12 DA . -16.53 47.92 -27.32
C7 D12 DA . -17.29 47.60 -28.60
C8 D12 DA . -18.10 48.83 -29.02
C9 D12 DA . -18.86 48.53 -30.30
C10 D12 DA . -19.47 49.83 -30.82
C11 D12 DA . -20.82 49.52 -31.47
C12 D12 DA . -21.30 50.74 -32.25
H11 D12 DA . -16.56 43.71 -23.04
H12 D12 DA . -15.13 44.10 -22.46
H13 D12 DA . -15.28 42.84 -23.40
H21 D12 DA . -14.39 44.64 -24.63
H22 D12 DA . -15.81 44.24 -25.21
H31 D12 DA . -16.82 46.00 -24.07
H32 D12 DA . -15.47 46.33 -23.33
H41 D12 DA . -15.64 47.87 -25.02
H42 D12 DA . -14.52 46.86 -25.47
H51 D12 DA . -15.71 46.05 -27.13
H52 D12 DA . -17.08 46.19 -26.35
H61 D12 DA . -17.07 48.51 -26.76
H62 D12 DA . -15.70 48.37 -27.53
H71 D12 DA . -16.65 47.39 -29.31
H72 D12 DA . -17.88 46.85 -28.46
H81 D12 DA . -18.74 49.04 -28.31
H82 D12 DA . -17.52 49.58 -29.15
H91 D12 DA . -18.24 48.18 -30.97
H92 D12 DA . -19.56 47.88 -30.14
H101 D12 DA . -19.60 50.44 -30.09
H102 D12 DA . -18.88 50.22 -31.48
H111 D12 DA . -20.73 48.77 -32.06
H112 D12 DA . -21.46 49.31 -30.77
H121 D12 DA . -22.13 50.53 -32.69
H122 D12 DA . -21.45 51.48 -31.64
H123 D12 DA . -20.63 50.99 -32.90
C20 HP6 EA . -22.99 46.46 -31.57
C21 HP6 EA . -23.02 45.34 -30.52
C22 HP6 EA . -21.62 45.09 -30.00
C23 HP6 EA . -21.67 43.95 -28.99
C24 HP6 EA . -20.32 43.77 -28.33
C25 HP6 EA . -20.51 42.89 -27.09
C26 HP6 EA . -19.15 42.64 -26.43
H201 HP6 EA . -22.94 46.06 -32.45
H202 HP6 EA . -22.21 47.01 -31.42
H203 HP6 EA . -23.79 46.99 -31.50
H211 HP6 EA . -23.60 45.61 -29.79
H212 HP6 EA . -23.37 44.53 -30.93
H221 HP6 EA . -21.03 44.84 -30.74
H222 HP6 EA . -21.28 45.88 -29.57
H231 HP6 EA . -22.34 44.15 -28.32
H232 HP6 EA . -21.91 43.13 -29.46
H241 HP6 EA . -19.70 43.34 -28.94
H242 HP6 EA . -19.97 44.63 -28.06
H251 HP6 EA . -21.10 43.34 -26.46
H252 HP6 EA . -20.90 42.05 -27.35
H261 HP6 EA . -19.29 42.14 -25.61
H262 HP6 EA . -18.59 42.14 -27.03
H263 HP6 EA . -18.73 43.49 -26.23
C20 HP6 FA . -1.81 45.77 -31.05
C21 HP6 FA . -2.65 47.02 -31.36
C22 HP6 FA . -2.51 47.39 -32.83
C23 HP6 FA . -3.57 48.42 -33.20
C24 HP6 FA . -3.29 48.96 -34.60
C25 HP6 FA . -4.29 50.07 -34.92
C26 HP6 FA . -3.95 50.67 -36.28
H201 HP6 FA . -0.90 45.93 -31.32
H202 HP6 FA . -2.18 45.02 -31.54
H203 HP6 FA . -1.86 45.59 -30.10
H211 HP6 FA . -3.58 46.85 -31.16
H212 HP6 FA . -2.34 47.75 -30.81
H221 HP6 FA . -1.63 47.77 -32.99
H222 HP6 FA . -2.62 46.60 -33.37
H231 HP6 FA . -4.45 48.00 -33.18
H232 HP6 FA . -3.56 49.15 -32.57
H241 HP6 FA . -2.39 49.31 -34.64
H242 HP6 FA . -3.40 48.25 -35.25
H251 HP6 FA . -5.18 49.71 -34.94
H252 HP6 FA . -4.23 50.77 -34.24
H261 HP6 FA . -4.58 51.40 -36.48
H262 HP6 FA . -3.05 51.03 -36.27
H263 HP6 FA . -4.03 50.00 -36.96
C1 LNK GA . -26.28 39.15 -31.68
C2 LNK GA . -26.70 40.51 -31.18
C3 LNK GA . -27.13 41.39 -32.36
C4 LNK GA . -27.74 42.67 -31.84
C5 LNK GA . -27.55 43.77 -32.87
H11 LNK GA . -26.05 38.59 -30.94
H12 LNK GA . -25.52 39.24 -32.27
H13 LNK GA . -27.02 38.75 -32.17
H21 LNK GA . -27.45 40.42 -30.57
H22 LNK GA . -25.96 40.94 -30.72
H31 LNK GA . -26.34 41.60 -32.89
H32 LNK GA . -27.77 40.90 -32.90
H41 LNK GA . -28.69 42.53 -31.69
H42 LNK GA . -27.31 42.92 -31.01
H51 LNK GA . -27.99 44.58 -32.58
H52 LNK GA . -26.60 43.95 -32.97
H23 LNK GA . -27.90 43.48 -33.72
C1 OCT HA . -3.21 42.62 -35.36
C2 OCT HA . -2.21 42.96 -36.46
C3 OCT HA . -2.77 44.09 -37.31
C4 OCT HA . -1.66 44.64 -38.21
C5 OCT HA . -2.24 45.70 -39.14
C6 OCT HA . -1.10 46.31 -39.96
C7 OCT HA . -1.66 47.44 -40.83
C8 OCT HA . -0.51 48.09 -41.60
H11 OCT HA . -4.08 42.43 -35.75
H12 OCT HA . -3.30 43.37 -34.75
H13 OCT HA . -2.90 41.85 -34.86
H21 OCT HA . -1.37 43.24 -36.05
H22 OCT HA . -2.06 42.18 -37.01
H31 OCT HA . -3.50 43.76 -37.85
H32 OCT HA . -3.09 44.80 -36.73
H41 OCT HA . -0.97 45.02 -37.67
H42 OCT HA . -1.30 43.91 -38.74
H51 OCT HA . -2.88 45.30 -39.74
H52 OCT HA . -2.65 46.40 -38.62
H61 OCT HA . -0.42 46.66 -39.37
H62 OCT HA . -0.71 45.63 -40.53
H71 OCT HA . -2.30 47.07 -41.45
H72 OCT HA . -2.09 48.09 -40.26
H81 OCT HA . -0.87 48.66 -42.30
H82 OCT HA . 0.01 48.63 -40.99
H83 OCT HA . 0.05 47.41 -41.98
C1 OCT IA . 1.53 43.63 -19.12
C2 OCT IA . 1.45 45.11 -18.78
C3 OCT IA . 1.62 45.30 -17.28
C4 OCT IA . 1.58 46.79 -16.95
C5 OCT IA . 1.12 47.02 -15.50
C6 OCT IA . 2.17 46.53 -14.51
C7 OCT IA . 1.78 46.98 -13.10
C8 OCT IA . 2.71 46.35 -12.07
H11 OCT IA . 1.00 43.12 -18.50
H12 OCT IA . 2.45 43.33 -19.09
H13 OCT IA . 1.18 43.49 -20.02
H21 OCT IA . 2.14 45.59 -19.25
H22 OCT IA . 0.59 45.45 -19.06
H31 OCT IA . 0.90 44.84 -16.82
H32 OCT IA . 2.47 44.93 -17.00
H41 OCT IA . 2.46 47.16 -17.06
H42 OCT IA . 0.96 47.23 -17.55
H51 OCT IA . 0.98 47.96 -15.37
H52 OCT IA . 0.29 46.54 -15.35
H61 OCT IA . 2.23 45.56 -14.53
H62 OCT IA . 3.04 46.92 -14.74
H71 OCT IA . 1.84 47.94 -13.04
H72 OCT IA . 0.87 46.70 -12.92
H81 OCT IA . 2.40 46.58 -11.18
H82 OCT IA . 2.71 45.39 -12.18
H83 OCT IA . 3.61 46.69 -12.19
C1 LNK JA . 9.13 36.15 -21.36
C2 LNK JA . 9.16 35.20 -20.16
C3 LNK JA . 9.58 35.97 -18.92
C4 LNK JA . 9.43 35.08 -17.70
C5 LNK JA . 9.78 35.87 -16.45
H11 LNK JA . 8.86 35.66 -22.16
H12 LNK JA . 10.01 36.52 -21.50
H13 LNK JA . 8.50 36.86 -21.19
H21 LNK JA . 8.28 34.82 -20.03
H22 LNK JA . 9.79 34.48 -20.34
H31 LNK JA . 10.51 36.24 -19.01
H32 LNK JA . 9.03 36.76 -18.82
H41 LNK JA . 8.51 34.76 -17.64
H42 LNK JA . 10.02 34.31 -17.77
H51 LNK JA . 9.80 35.28 -15.68
H52 LNK JA . 10.65 36.29 -16.56
H23 LNK JA . 9.11 36.56 -16.31
C1 HEX KA . -16.61 37.67 -6.88
C2 HEX KA . -15.93 38.29 -8.10
C3 HEX KA . -16.55 37.73 -9.37
C4 HEX KA . -15.99 38.46 -10.59
C5 HEX KA . -16.28 37.66 -11.86
C6 HEX KA . -15.80 38.42 -13.08
H11 HEX KA . -16.63 36.71 -6.98
H12 HEX KA . -17.52 38.00 -6.82
H13 HEX KA . -16.12 37.90 -6.09
H21 HEX KA . -16.05 39.26 -8.07
H22 HEX KA . -14.99 38.08 -8.08
H31 HEX KA . -16.34 36.78 -9.45
H32 HEX KA . -17.51 37.84 -9.34
H41 HEX KA . -16.41 39.34 -10.66
H42 HEX KA . -15.04 38.58 -10.49
H51 HEX KA . -15.82 36.80 -11.80
H52 HEX KA . -17.24 37.50 -11.93
H61 HEX KA . -15.98 37.90 -13.88
H62 HEX KA . -16.24 39.28 -13.13
H63 HEX KA . -14.84 38.57 -13.01
C1 OCT LA . -12.16 40.39 -6.34
C2 OCT LA . -11.41 41.60 -6.89
C3 OCT LA . -11.46 41.59 -8.41
C4 OCT LA . -10.56 42.71 -8.94
C5 OCT LA . -10.47 42.65 -10.47
C6 OCT LA . -11.75 43.21 -11.08
C7 OCT LA . -11.58 43.34 -12.59
C8 OCT LA . -12.66 44.26 -13.16
H11 OCT LA . -11.79 39.57 -6.73
H12 OCT LA . -13.10 40.45 -6.57
H13 OCT LA . -12.06 40.36 -5.38
H21 OCT LA . -11.82 42.41 -6.55
H22 OCT LA . -10.48 41.56 -6.60
H31 OCT LA . -11.14 40.74 -8.74
H32 OCT LA . -12.37 41.75 -8.71
H41 OCT LA . -10.91 43.56 -8.67
H42 OCT LA . -9.67 42.60 -8.56
H51 OCT LA . -9.71 43.16 -10.77
H52 OCT LA . -10.37 41.72 -10.75
H61 OCT LA . -12.49 42.62 -10.89
H62 OCT LA . -11.92 44.09 -10.72
H71 OCT LA . -10.71 43.70 -12.79
H72 OCT LA . -11.67 42.46 -13.00
H81 OCT LA . -12.56 44.31 -14.12
H82 OCT LA . -13.53 43.88 -12.94
H83 OCT LA . -12.57 45.14 -12.77
C1 DD9 MA . -14.51 54.40 -29.08
C2 DD9 MA . -13.42 53.92 -28.12
C3 DD9 MA . -14.01 52.89 -27.18
C4 DD9 MA . -13.10 52.68 -25.97
C5 DD9 MA . -13.85 51.90 -24.90
C6 DD9 MA . -12.98 51.78 -23.66
C7 DD9 MA . -13.68 50.88 -22.63
C8 DD9 MA . -12.83 50.78 -21.37
C9 DD9 MA . -13.43 49.72 -20.45
H1 DD9 MA . -14.88 53.65 -29.55
H1A DD9 MA . -14.12 55.02 -29.72
H1B DD9 MA . -15.20 54.85 -28.58
H2 DD9 MA . -12.70 53.52 -28.63
H2A DD9 MA . -13.08 54.68 -27.62
H3 DD9 MA . -14.89 53.18 -26.87
H3A DD9 MA . -14.12 52.04 -27.65
H4 DD9 MA . -12.32 52.17 -26.24
H4A DD9 MA . -12.83 53.54 -25.62
H5 DD9 MA . -14.67 52.37 -24.67
H5A DD9 MA . -14.07 51.01 -25.23
H6 DD9 MA . -12.12 51.38 -23.89
H6A DD9 MA . -12.83 52.65 -23.27
H7 DD9 MA . -14.54 51.27 -22.41
H7A DD9 MA . -13.82 50.00 -23.01
H8 DD9 MA . -12.81 51.63 -20.92
H8A DD9 MA . -11.93 50.53 -21.61
H9 DD9 MA . -12.89 49.65 -19.65
H9A DD9 MA . -13.43 48.86 -20.90
H9B DD9 MA . -14.33 49.96 -20.22
N GLY NA . -15.93 -10.06 15.24
CA GLY NA . -16.12 -11.31 14.51
C GLY NA . -15.79 -12.53 15.33
O GLY NA . -16.51 -13.52 15.30
OXT GLY NA . -14.79 -12.55 16.04
C20 HP6 OA . -36.07 22.78 -27.77
C21 HP6 OA . -37.19 23.65 -28.34
C22 HP6 OA . -36.84 24.05 -29.77
C23 HP6 OA . -38.06 24.64 -30.47
C24 HP6 OA . -37.72 24.91 -31.92
C25 HP6 OA . -38.64 25.98 -32.50
C26 HP6 OA . -40.11 25.61 -32.28
H201 HP6 OA . -35.22 23.25 -27.86
H202 HP6 OA . -36.02 21.95 -28.27
H203 HP6 OA . -36.25 22.59 -26.83
H211 HP6 OA . -38.02 23.15 -28.34
H212 HP6 OA . -37.28 24.44 -27.79
H221 HP6 OA . -36.13 24.72 -29.74
H222 HP6 OA . -36.54 23.27 -30.25
H231 HP6 OA . -38.79 24.01 -30.41
H232 HP6 OA . -38.31 25.47 -30.03
H241 HP6 OA . -36.80 25.20 -31.99
H242 HP6 OA . -37.83 24.10 -32.43
H251 HP6 OA . -38.46 26.83 -32.06
H252 HP6 OA . -38.46 26.07 -33.44
H261 HP6 OA . -40.65 26.05 -32.95
H262 HP6 OA . -40.20 24.65 -32.35
H263 HP6 OA . -40.39 25.90 -31.40
C1 DD9 PA . -35.48 21.42 -34.33
C2 DD9 PA . -36.32 22.37 -35.18
C3 DD9 PA . -36.86 21.62 -36.39
C4 DD9 PA . -37.98 22.41 -37.05
C5 DD9 PA . -38.08 22.00 -38.51
C6 DD9 PA . -39.44 22.38 -39.09
C7 DD9 PA . -39.55 21.83 -40.50
C8 DD9 PA . -40.90 22.21 -41.11
C9 DD9 PA . -40.96 21.72 -42.55
H1 DD9 PA . -36.04 20.69 -34.03
H1A DD9 PA . -35.12 21.89 -33.57
H1B DD9 PA . -34.74 21.07 -34.87
H2 DD9 PA . -37.06 22.71 -34.65
H2A DD9 PA . -35.77 23.11 -35.48
H3 DD9 PA . -36.14 21.48 -37.03
H3A DD9 PA . -37.20 20.76 -36.10
H4 DD9 PA . -38.81 22.23 -36.59
H4A DD9 PA . -37.78 23.37 -36.98
H5 DD9 PA . -37.38 22.45 -39.02
H5A DD9 PA . -37.96 21.04 -38.58
H6 DD9 PA . -40.14 22.01 -38.54
H6A DD9 PA . -39.52 23.35 -39.11
H7 DD9 PA . -38.84 22.18 -41.05
H7A DD9 PA . -39.47 20.86 -40.47
H8 DD9 PA . -41.61 21.79 -40.60
H8A DD9 PA . -41.00 23.17 -41.08
H9 DD9 PA . -40.18 22.04 -43.04
H9A DD9 PA . -40.97 20.75 -42.57
H9B DD9 PA . -41.77 22.05 -42.97
C1 LNK QA . -35.08 15.85 -12.89
C2 LNK QA . -34.90 17.16 -13.67
C3 LNK QA . -35.79 17.13 -14.91
C4 LNK QA . -35.57 18.41 -15.71
C5 LNK QA . -36.21 18.30 -17.08
H11 LNK QA . -34.49 15.86 -12.13
H12 LNK QA . -34.85 15.11 -13.47
H13 LNK QA . -35.99 15.78 -12.60
H21 LNK QA . -35.15 17.90 -13.11
H22 LNK QA . -33.98 17.25 -13.93
H31 LNK QA . -35.56 16.36 -15.46
H32 LNK QA . -36.72 17.07 -14.65
H41 LNK QA . -35.95 19.17 -15.24
H42 LNK QA . -34.61 18.57 -15.83
H51 LNK QA . -36.29 19.18 -17.48
H52 LNK QA . -35.68 17.74 -17.66
H23 LNK QA . -37.11 17.92 -16.99
C1 HEX RA . -32.97 31.00 -11.53
C2 HEX RA . -32.17 30.75 -10.26
C3 HEX RA . -33.13 30.40 -9.12
C4 HEX RA . -32.34 30.03 -7.87
C5 HEX RA . -33.29 29.50 -6.81
C6 HEX RA . -32.48 28.94 -5.64
H11 HEX RA . -33.59 31.73 -11.39
H12 HEX RA . -33.48 30.19 -11.75
H13 HEX RA . -32.37 31.21 -12.26
H21 HEX RA . -31.55 30.02 -10.41
H22 HEX RA . -31.68 31.56 -10.03
H31 HEX RA . -33.71 31.16 -8.94
H32 HEX RA . -33.67 29.64 -9.39
H41 HEX RA . -31.68 29.36 -8.08
H42 HEX RA . -31.89 30.83 -7.53
H51 HEX RA . -33.84 28.80 -7.18
H52 HEX RA . -33.86 30.22 -6.50
H61 HEX RA . -33.08 28.52 -5.01
H62 HEX RA . -31.99 29.65 -5.21
H63 HEX RA . -31.85 28.28 -5.97
C1 LNK SA . -20.48 31.15 -3.64
C2 LNK SA . -19.20 31.47 -4.40
C3 LNK SA . -19.56 32.10 -5.74
C4 LNK SA . -18.51 31.75 -6.79
C5 LNK SA . -18.90 32.36 -8.13
H11 LNK SA . -20.25 30.80 -2.76
H12 LNK SA . -21.00 30.49 -4.13
H13 LNK SA . -21.01 31.95 -3.54
H21 LNK SA . -18.66 32.08 -3.89
H22 LNK SA . -18.70 30.65 -4.55
H31 LNK SA . -20.42 31.79 -6.03
H32 LNK SA . -19.60 33.07 -5.65
H41 LNK SA . -17.65 32.09 -6.52
H42 LNK SA . -18.46 30.78 -6.88
H51 LNK SA . -18.30 32.05 -8.82
H52 LNK SA . -19.81 32.10 -8.36
H23 LNK SA . -18.85 33.33 -8.07
C1 NBU TA . -33.77 8.81 -15.05
C2 NBU TA . -34.13 10.27 -15.31
C3 NBU TA . -33.40 10.76 -16.56
C4 NBU TA . -33.87 12.17 -16.89
H11 NBU TA . -32.80 8.71 -15.01
H12 NBU TA . -34.11 8.26 -15.78
H13 NBU TA . -34.15 8.52 -14.21
H21 NBU TA . -35.08 10.35 -15.43
H22 NBU TA . -33.86 10.80 -14.54
H31 NBU TA . -32.45 10.78 -16.40
H32 NBU TA . -33.60 10.17 -17.30
H41 NBU TA . -33.37 12.51 -17.65
H42 NBU TA . -34.82 12.15 -17.13
H43 NBU TA . -33.76 12.75 -16.12
C1 NBU UA . -27.41 29.90 -10.63
C2 NBU UA . -27.16 29.22 -9.29
C3 NBU UA . -28.17 29.72 -8.25
C4 NBU UA . -28.03 28.92 -6.97
H11 NBU UA . -27.21 30.84 -10.55
H12 NBU UA . -28.35 29.79 -10.87
H13 NBU UA . -26.85 29.50 -11.30
H21 NBU UA . -27.27 28.26 -9.39
H22 NBU UA . -26.27 29.42 -8.98
H31 NBU UA . -28.00 30.66 -8.07
H32 NBU UA . -29.07 29.63 -8.60
H41 NBU UA . -28.71 29.20 -6.34
H42 NBU UA . -28.15 27.98 -7.16
H43 NBU UA . -27.15 29.07 -6.58
C1 NBU VA . -24.49 33.31 -7.47
C2 NBU VA . -23.90 33.17 -8.88
C3 NBU VA . -25.02 33.17 -9.90
C4 NBU VA . -24.43 33.19 -11.31
H11 NBU VA . -25.11 32.59 -7.31
H12 NBU VA . -24.94 34.17 -7.40
H13 NBU VA . -23.77 33.26 -6.81
H21 NBU VA . -23.30 33.92 -9.05
H22 NBU VA . -23.40 32.33 -8.93
H31 NBU VA . -25.56 32.37 -9.79
H32 NBU VA . -25.57 33.95 -9.78
H41 NBU VA . -25.15 33.25 -11.96
H42 NBU VA . -23.85 33.96 -11.40
H43 NBU VA . -23.92 32.38 -11.47
C20 HP6 WA . -31.55 37.80 -26.40
C21 HP6 WA . -31.72 38.51 -27.74
C22 HP6 WA . -33.17 38.36 -28.20
C23 HP6 WA . -33.37 39.09 -29.52
C24 HP6 WA . -34.84 39.04 -29.92
C25 HP6 WA . -35.03 39.77 -31.24
C26 HP6 WA . -36.52 39.83 -31.58
H201 HP6 WA . -31.72 36.85 -26.52
H202 HP6 WA . -32.17 38.17 -25.75
H203 HP6 WA . -30.63 37.92 -26.09
H211 HP6 WA . -31.52 39.46 -27.64
H212 HP6 WA . -31.14 38.12 -28.39
H221 HP6 WA . -33.38 37.41 -28.31
H222 HP6 WA . -33.76 38.73 -27.53
H231 HP6 WA . -33.09 40.02 -29.42
H232 HP6 WA . -32.84 38.66 -30.21
H241 HP6 WA . -35.11 38.11 -30.02
H242 HP6 WA . -35.38 39.46 -29.23
H251 HP6 WA . -34.69 40.68 -31.17
H252 HP6 WA . -34.56 39.31 -31.95
H261 HP6 WA . -36.64 40.22 -32.46
H262 HP6 WA . -36.88 38.93 -31.58
H263 HP6 WA . -36.98 40.37 -30.93
N GLY XA . 3.53 -24.99 1.17
CA GLY XA . 3.89 -24.59 -0.18
C GLY XA . 5.28 -25.05 -0.59
O GLY XA . 5.73 -24.80 -1.70
OXT GLY XA . 5.99 -25.69 0.18
C1 D12 YA . -22.22 1.16 -43.88
C2 D12 YA . -23.40 1.69 -44.70
C3 D12 YA . -23.26 1.22 -46.15
C4 D12 YA . -24.33 1.88 -47.01
C5 D12 YA . -24.01 1.67 -48.48
C6 D12 YA . -24.93 2.52 -49.34
C7 D12 YA . -24.41 2.50 -50.77
C8 D12 YA . -25.32 3.34 -51.67
C9 D12 YA . -24.92 3.15 -53.11
C10 D12 YA . -25.88 3.93 -54.01
C11 D12 YA . -25.60 3.60 -55.48
C12 D12 YA . -26.75 4.11 -56.34
H11 D12 YA . -21.39 1.32 -44.37
H12 D12 YA . -22.33 0.21 -43.73
H13 D12 YA . -22.19 1.63 -43.04
H21 D12 YA . -24.23 1.34 -44.33
H22 D12 YA . -23.41 2.66 -44.67
H31 D12 YA . -22.38 1.47 -46.48
H32 D12 YA . -23.36 0.26 -46.18
H41 D12 YA . -25.19 1.49 -46.80
H42 D12 YA . -24.37 2.83 -46.81
H51 D12 YA . -23.10 1.94 -48.65
H52 D12 YA . -24.12 0.74 -48.70
H61 D12 YA . -25.83 2.14 -49.32
H62 D12 YA . -24.96 3.42 -49.01
H71 D12 YA . -23.52 2.88 -50.79
H72 D12 YA . -24.39 1.59 -51.10
H81 D12 YA . -26.24 3.04 -51.54
H82 D12 YA . -25.25 4.27 -51.42
H91 D12 YA . -24.02 3.48 -53.24
H92 D12 YA . -24.96 2.21 -53.34
H101 D12 YA . -26.79 3.69 -53.79
H102 D12 YA . -25.75 4.88 -53.86
H111 D12 YA . -24.78 4.02 -55.74
H112 D12 YA . -25.53 2.64 -55.58
H121 D12 YA . -26.47 4.13 -57.27
H122 D12 YA . -27.51 3.53 -56.24
H123 D12 YA . -27.00 5.01 -56.05
C1 LNK ZA . -20.10 4.41 -50.97
C2 LNK ZA . -19.95 5.54 -51.97
C3 LNK ZA . -20.52 5.14 -53.33
C4 LNK ZA . -19.55 5.52 -54.44
C5 LNK ZA . -20.10 5.08 -55.78
H11 LNK ZA . -19.77 4.69 -50.11
H12 LNK ZA . -19.60 3.64 -51.28
H13 LNK ZA . -21.04 4.16 -50.90
H21 LNK ZA . -20.44 6.32 -51.64
H22 LNK ZA . -19.02 5.77 -52.06
H31 LNK ZA . -20.65 4.18 -53.34
H32 LNK ZA . -21.37 5.58 -53.47
H41 LNK ZA . -19.43 6.48 -54.44
H42 LNK ZA . -18.69 5.09 -54.28
H51 LNK ZA . -19.48 5.34 -56.49
H52 LNK ZA . -20.21 4.13 -55.79
H23 LNK ZA . -20.96 5.51 -55.93
C1 OCT AB . -32.07 -6.43 -25.78
C2 OCT AB . -32.96 -5.92 -26.91
C3 OCT AB . -32.60 -4.47 -27.23
C4 OCT AB . -33.65 -3.89 -28.17
C5 OCT AB . -33.01 -2.99 -29.23
C6 OCT AB . -32.44 -1.73 -28.58
C7 OCT AB . -32.21 -0.68 -29.67
C8 OCT AB . -31.68 0.60 -29.05
H11 OCT AB . -32.10 -5.81 -25.04
H12 OCT AB . -31.15 -6.49 -26.11
H13 OCT AB . -32.37 -7.30 -25.50
H21 OCT AB . -32.84 -6.47 -27.70
H22 OCT AB . -33.89 -5.96 -26.62
H31 OCT AB . -32.58 -3.96 -26.41
H32 OCT AB . -31.73 -4.45 -27.65
H41 OCT AB . -34.11 -4.63 -28.62
H42 OCT AB . -34.29 -3.37 -27.66
H51 OCT AB . -32.30 -3.46 -29.68
H52 OCT AB . -33.68 -2.74 -29.88
H61 OCT AB . -33.07 -1.37 -27.93
H62 OCT AB . -31.61 -1.93 -28.15
H71 OCT AB . -31.56 -1.02 -30.31
H72 OCT AB . -33.04 -0.49 -30.13
H81 OCT AB . -31.46 1.24 -29.76
H82 OCT AB . -32.35 0.98 -28.47
H83 OCT AB . -30.87 0.41 -28.54
C1 LNK BB . -30.50 -3.08 -22.23
C2 LNK BB . -31.01 -2.52 -23.56
C3 LNK BB . -30.23 -1.25 -23.90
C4 LNK BB . -30.83 -0.58 -25.14
C5 LNK BB . -30.03 0.68 -25.44
H11 LNK BB . -30.97 -3.91 -22.03
H12 LNK BB . -29.55 -3.24 -22.30
H13 LNK BB . -30.67 -2.43 -21.52
H21 LNK BB . -31.96 -2.31 -23.48
H22 LNK BB . -30.89 -3.19 -24.25
H31 LNK BB . -30.26 -0.65 -23.15
H32 LNK BB . -29.31 -1.49 -24.07
H41 LNK BB . -30.78 -1.18 -25.90
H42 LNK BB . -31.75 -0.34 -24.97
H51 LNK BB . -30.35 1.08 -26.27
H52 LNK BB . -30.13 1.31 -24.72
H23 LNK BB . -29.09 0.46 -25.53
C1 NBU CB . -14.92 -7.38 -36.25
C2 NBU CB . -14.67 -5.90 -36.49
C3 NBU CB . -15.38 -5.48 -37.77
C4 NBU CB . -15.18 -3.98 -38.00
H11 NBU CB . -14.43 -7.91 -36.91
H12 NBU CB . -15.86 -7.57 -36.34
H13 NBU CB . -14.63 -7.61 -35.36
H21 NBU CB . -15.02 -5.38 -35.75
H22 NBU CB . -13.72 -5.75 -36.59
H31 NBU CB . -15.01 -5.97 -38.53
H32 NBU CB . -16.32 -5.67 -37.70
H41 NBU CB . -15.70 -3.70 -38.76
H42 NBU CB . -15.47 -3.51 -37.20
H43 NBU CB . -14.24 -3.81 -38.16
C1 NBU DB . -14.50 -10.71 -33.51
C2 NBU DB . -13.48 -10.01 -34.41
C3 NBU DB . -12.20 -10.82 -34.46
C4 NBU DB . -11.16 -10.07 -35.28
H11 NBU DB . -14.14 -10.76 -32.60
H12 NBU DB . -14.65 -11.61 -33.84
H13 NBU DB . -15.33 -10.22 -33.50
H21 NBU DB . -13.85 -9.92 -35.30
H22 NBU DB . -13.31 -9.12 -34.05
H31 NBU DB . -11.87 -10.95 -33.56
H32 NBU DB . -12.37 -11.68 -34.86
H41 NBU DB . -10.29 -10.47 -35.15
H42 NBU DB . -11.40 -10.10 -36.22
H43 NBU DB . -11.14 -9.14 -34.99
C1 NBU EB . -20.67 -8.68 -34.04
C2 NBU EB . -20.85 -7.57 -35.09
C3 NBU EB . -20.07 -7.94 -36.35
C4 NBU EB . -19.90 -6.71 -37.23
H11 NBU EB . -19.73 -8.83 -33.88
H12 NBU EB . -21.09 -9.49 -34.36
H13 NBU EB . -21.09 -8.40 -33.21
H21 NBU EB . -21.78 -7.48 -35.30
H22 NBU EB . -20.51 -6.74 -34.73
H31 NBU EB . -19.19 -8.29 -36.11
H32 NBU EB . -20.56 -8.63 -36.84
H41 NBU EB . -19.40 -6.95 -38.03
H42 NBU EB . -20.77 -6.38 -37.49
H43 NBU EB . -19.42 -6.03 -36.74
C1 NBU FB . -33.40 1.30 -21.12
C2 NBU FB . -32.44 2.46 -21.36
C3 NBU FB . -32.43 2.80 -22.85
C4 NBU FB . -31.87 4.21 -23.05
H11 NBU FB . -33.14 0.55 -21.65
H12 NBU FB . -34.30 1.58 -21.37
H13 NBU FB . -33.39 1.06 -20.18
H21 NBU FB . -32.73 3.24 -20.85
H22 NBU FB . -31.55 2.20 -21.09
H31 NBU FB . -31.86 2.17 -23.32
H32 NBU FB . -33.32 2.76 -23.21
H41 NBU FB . -31.86 4.43 -24.00
H42 NBU FB . -32.43 4.85 -22.58
H43 NBU FB . -30.97 4.26 -22.69
C1 HEX GB . -30.70 2.03 -13.08
C2 HEX GB . -30.76 3.03 -14.22
C3 HEX GB . -29.88 2.54 -15.37
C4 HEX GB . -29.97 3.50 -16.56
C5 HEX GB . -29.05 4.70 -16.35
C6 HEX GB . -29.17 5.64 -17.53
H11 HEX GB . -29.79 1.96 -12.75
H12 HEX GB . -30.99 1.16 -13.40
H13 HEX GB . -31.29 2.32 -12.37
H21 HEX GB . -31.67 3.12 -14.53
H22 HEX GB . -30.44 3.89 -13.91
H31 HEX GB . -28.95 2.49 -15.08
H32 HEX GB . -30.18 1.66 -15.65
H41 HEX GB . -29.72 3.03 -17.37
H42 HEX GB . -30.89 3.82 -16.65
H51 HEX GB . -29.31 5.16 -15.54
H52 HEX GB . -28.13 4.39 -16.27
H61 HEX GB . -28.53 6.37 -17.43
H62 HEX GB . -28.97 5.16 -18.35
H63 HEX GB . -30.07 5.99 -17.58
N GLY HB . 28.50 -9.28 -0.86
CA GLY HB . 28.48 -7.83 -0.78
C GLY HB . 29.80 -7.25 -0.32
O GLY HB . 29.90 -6.06 -0.06
OXT GLY HB . 30.80 -7.96 -0.21
C20 HP6 IB . 12.45 34.82 -24.95
C21 HP6 IB . 11.98 34.31 -26.31
C22 HP6 IB . 12.20 35.39 -27.36
C23 HP6 IB . 11.93 34.78 -28.74
C24 HP6 IB . 11.93 35.87 -29.82
C25 HP6 IB . 11.19 35.37 -31.05
C26 HP6 IB . 11.18 36.45 -32.13
H201 HP6 IB . 12.00 35.65 -24.73
H202 HP6 IB . 13.41 34.99 -24.98
H203 HP6 IB . 12.27 34.16 -24.27
H211 HP6 IB . 12.47 33.51 -26.54
H212 HP6 IB . 11.03 34.11 -26.25
H221 HP6 IB . 11.59 36.12 -27.21
H222 HP6 IB . 13.11 35.70 -27.32
H231 HP6 IB . 12.63 34.13 -28.94
H232 HP6 IB . 11.08 34.33 -28.73
H241 HP6 IB . 11.51 36.67 -29.47
H242 HP6 IB . 12.85 36.07 -30.05
H251 HP6 IB . 11.63 34.58 -31.40
H252 HP6 IB . 10.28 35.15 -30.81
H261 HP6 IB . 10.64 36.16 -32.87
H262 HP6 IB . 10.82 37.27 -31.75
H263 HP6 IB . 12.09 36.60 -32.43
C20 HP6 JB . 16.27 35.90 -32.63
C21 HP6 JB . 16.51 36.08 -31.13
C22 HP6 JB . 16.86 34.74 -30.51
C23 HP6 JB . 17.13 34.92 -29.03
C24 HP6 JB . 17.56 33.58 -28.42
C25 HP6 JB . 18.01 33.80 -26.97
C26 HP6 JB . 17.98 32.46 -26.24
H201 HP6 JB . 15.47 35.36 -32.76
H202 HP6 JB . 17.04 35.46 -33.02
H203 HP6 JB . 16.15 36.77 -33.04
H211 HP6 JB . 17.24 36.71 -30.99
H212 HP6 JB . 15.70 36.43 -30.72
H221 HP6 JB . 16.12 34.12 -30.63
H222 HP6 JB . 17.65 34.38 -30.94
H231 HP6 JB . 17.84 35.57 -28.90
H232 HP6 JB . 16.33 35.23 -28.58
H241 HP6 JB . 16.81 32.97 -28.43
H242 HP6 JB . 18.29 33.21 -28.93
H251 HP6 JB . 18.92 34.15 -26.97
H252 HP6 JB . 17.41 34.42 -26.53
H261 HP6 JB . 18.41 32.55 -25.38
H262 HP6 JB . 17.06 32.19 -26.10
H263 HP6 JB . 18.43 31.79 -26.78
C20 HP6 KB . 11.87 31.72 -53.77
C21 HP6 KB . 12.78 31.04 -52.75
C22 HP6 KB . 12.14 29.74 -52.26
C23 HP6 KB . 12.51 29.49 -50.81
C24 HP6 KB . 11.85 28.20 -50.32
C25 HP6 KB . 12.09 28.06 -48.83
C26 HP6 KB . 11.46 26.75 -48.34
H201 HP6 KB . 11.02 31.95 -53.34
H202 HP6 KB . 11.71 31.12 -54.51
H203 HP6 KB . 12.30 32.53 -54.09
H211 HP6 KB . 13.64 30.84 -53.17
H212 HP6 KB . 12.92 31.63 -52.00
H221 HP6 KB . 11.18 29.80 -52.35
H222 HP6 KB . 12.46 28.99 -52.81
H231 HP6 KB . 13.47 29.40 -50.72
H232 HP6 KB . 12.20 30.23 -50.26
H241 HP6 KB . 10.90 28.25 -50.50
H242 HP6 KB . 12.22 27.45 -50.79
H251 HP6 KB . 13.04 28.04 -48.65
H252 HP6 KB . 11.68 28.80 -48.36
H261 HP6 KB . 11.68 26.62 -47.40
H262 HP6 KB . 10.50 26.81 -48.44
H263 HP6 KB . 11.80 26.02 -48.86
C1 LNK LB . 18.24 15.18 -37.09
C2 LNK LB . 18.69 16.60 -37.40
C3 LNK LB . 19.12 16.69 -38.87
C4 LNK LB . 19.67 18.09 -39.15
C5 LNK LB . 19.18 18.55 -40.52
H11 LNK LB . 17.79 15.16 -36.24
H12 LNK LB . 19.02 14.59 -37.07
H13 LNK LB . 17.63 14.87 -37.79
H21 LNK LB . 17.96 17.21 -37.25
H22 LNK LB . 19.44 16.83 -36.84
H31 LNK LB . 19.81 16.03 -39.05
H32 LNK LB . 18.36 16.52 -39.44
H41 LNK LB . 19.35 18.70 -38.47
H42 LNK LB . 20.63 18.07 -39.14
H51 LNK LB . 19.57 19.43 -40.72
H52 LNK LB . 19.46 17.92 -41.20
H23 LNK LB . 18.21 18.63 -40.51
C1 UND MB . 6.72 42.72 -44.43
C2 UND MB . 6.39 41.61 -43.43
C3 UND MB . 5.58 42.20 -42.28
C4 UND MB . 5.16 41.09 -41.34
C5 UND MB . 4.43 41.69 -40.14
C6 UND MB . 5.44 42.07 -39.06
C7 UND MB . 5.79 40.86 -38.20
C8 UND MB . 5.05 40.97 -36.87
C9 UND MB . 5.36 39.77 -35.99
C10 UND MB . 4.74 39.97 -34.61
C11 UND MB . 4.87 38.70 -33.78
H11 UND MB . 6.75 43.57 -43.97
H12 UND MB . 6.04 42.74 -45.11
H13 UND MB . 7.58 42.53 -44.83
H21 UND MB . 5.88 40.92 -43.86
H22 UND MB . 7.22 41.24 -43.08
H31 UND MB . 6.11 42.85 -41.80
H32 UND MB . 4.78 42.64 -42.63
H41 UND MB . 4.57 40.48 -41.80
H42 UND MB . 5.94 40.62 -41.02
H51 UND MB . 3.95 42.48 -40.43
H52 UND MB . 3.80 41.05 -39.78
H61 UND MB . 6.24 42.40 -39.49
H62 UND MB . 5.06 42.77 -38.51
H71 UND MB . 5.52 40.05 -38.65
H72 UND MB . 6.74 40.85 -38.04
H81 UND MB . 5.33 41.78 -36.41
H82 UND MB . 4.09 41.00 -37.04
H91 UND MB . 5.01 38.97 -36.40
H92 UND MB . 6.32 39.68 -35.89
H101 UND MB . 5.18 40.70 -34.16
H102 UND MB . 3.79 40.18 -34.72
H111 UND MB . 4.35 38.79 -32.97
H112 UND MB . 4.56 37.94 -34.29
H113 UND MB . 5.81 38.57 -33.55
C1 LNK NB . 21.35 14.44 -33.43
C2 LNK NB . 21.81 15.83 -32.99
C3 LNK NB . 21.34 16.87 -34.01
C4 LNK NB . 21.59 18.27 -33.46
C5 LNK NB . 20.87 19.30 -34.32
H11 LNK NB . 21.63 13.79 -32.78
H12 LNK NB . 21.74 14.23 -34.29
H13 LNK NB . 20.38 14.44 -33.51
H21 LNK NB . 21.42 16.03 -32.12
H22 LNK NB . 22.78 15.85 -32.93
H31 LNK NB . 21.83 16.75 -34.83
H32 LNK NB . 20.39 16.75 -34.17
H41 LNK NB . 21.26 18.33 -32.55
H42 LNK NB . 22.54 18.46 -33.47
H51 LNK NB . 21.25 20.18 -34.17
H52 LNK NB . 20.96 19.06 -35.26
H23 LNK NB . 19.93 19.32 -34.09
#